data_7ML3
#
_entry.id   7ML3
#
_cell.length_a   1.00
_cell.length_b   1.00
_cell.length_c   1.00
_cell.angle_alpha   90.00
_cell.angle_beta   90.00
_cell.angle_gamma   90.00
#
_symmetry.space_group_name_H-M   'P 1'
#
loop_
_entity.id
_entity.type
_entity.pdbx_description
1 polymer BJ4_G0050160.mRNA.1.CDS.1
2 polymer 'RNA polymerase II transcription factor B subunit 2'
3 polymer 'General transcription and DNA repair factor IIH helicase subunit XPD'
4 polymer Tfb1
5 polymer 'General transcription and DNA repair factor IIH subunit TFB4'
6 polymer 'General transcription and DNA repair factor IIH'
7 polymer 'General transcription and DNA repair factor IIH subunit TFB5'
8 polymer 'General transcription and DNA repair factor IIH helicase subunit XPB'
9 polymer 'non-template strand DNA'
10 polymer 'template strand DNA'
11 non-polymer 'ZINC ION'
12 non-polymer 'IRON/SULFUR CLUSTER'
#
loop_
_entity_poly.entity_id
_entity_poly.type
_entity_poly.pdbx_seq_one_letter_code
_entity_poly.pdbx_strand_id
1 'polypeptide(L)'
;MLMDEYEENKDMCPICKTDRYLSPDVKFLVNPECYHRICESCVDRIFSLGPAQCPYKGCDKILRKNKFKTQIFDDVEVEK
EVDIRKRVFNVFNKTIDDFNGDLVEYNKYLEEVEDIIYKLDHGIDVAKTEEKLRTYEELNKQLIMNNLERSRTEIESFEQ
RQKFEKEMKLKKRLLERQIEEEERMNKEWTKKEIVNRLSTTTQDINETIEGVKNTVKLKKSSARRKLEELNRVLKNNPYF
NSNVNVQNSRLKDAVPFTPFNGDREAHPRFTLKGSVYNDPFIKDLEHRKEFIASGFNTNYAYERVLTEAFMGLGCVISEE
L
;
3
2 'polypeptide(L)'
;MSDYSLKHSVTQYLEEIPQQVQNRLYTSPATCLAIYRILPPLAKFFIMAMVFNENEVPLLDLDKWVNSNGKLQFQNAIKS
MKSLHLLIPNKSSGTLMINLNPTFKISLRNALTGGEVQNSFGVVVEENVVSLDLLDEYSANKWETILHFMVGTPLAKIPS
EKVLNLLKHSKLMEEVNSTGEFKITNEGFQFLLQEINSQLWTLLLQYLKMIETSKMDLVDVLHFIFMLGALEVGKAYKID
ALSETQRIMLQDMRDYGLVFQKHSNDSIFYPTKLALMLTSDTKTIRSASNAMDSVLRQNREEPSVNEDGANGKSTTDITT
SDDLNKAGLKNQDIPDGSLIVETNFKIYSYSNSPLQIAVLSLFVHLKARFVNMVLGQITRESIRRALTNGITADQIIAYL
ETHAHPQMRRLAEEKLEKKLELDPNCKEPLQVLPPTVVDQIRLWQLELDRVITYEGSLYSDFETSQEYNLLSKYAQDIGV
LLWKDDKKKKFFISKEGNSQVLDFAKRKLKKKQ
;
2
3 'polypeptide(L)'
;MKFYIDDLPVLFPYPKIYPEQYNYMCDIKKTLDVGGNSILEMPSGTGKTVSLLSLTIAYQMHYPEHRKIIYCSRTMSEIE
KALVELENLMDYRTKELGYQEDFRGLGLTSRKNLCLHPEVSKERKGTVVDEKCRRMTNGQAKRKLEEDPEANVELCEYHE
NLYNIEVEDYLPKGVFSFEKLLKYCEEKTLCPYFIVRRMISLCNIIIYSYHYLLDPKIAERVSNEVSKDSIVIFDEAHNI
DNVCIESLSLDLTTDALRRATRGANALDERISEVRKVDSQKLQDEYEKLVQGLHSADILTDQEEPFVETPVLPQDLLTEA
IPGNIRRAEHFVSFLKRLIEYLKTRMKVLHVISETPKSFLQHLKQLTFIERKPLRFCSERLSLLVRTLEVTEVEDFTALK
DIATFATLISTYEEGFLLIIEPYEIENAAVPNPIMRFTCLDASIAIKPVFERFSSVIITSGTISPLDMYPRMLNFKTVLQ
KSYAMTLAKKSFLPMIITKGSDQVAISSRFEIRNDPSIVRNYGSMLVEFAKITPDGMVVFFPSYLYMESIVSMWQTMGIL
DEVWKHKLILVETPDAQETSLALETYRKACSNGRGAILLSVARGKVSEGIDFDHQYGRTVLMIGIPFQYTESRILKARLE
FMRENYRIRENDFLSFDAMRHAAQCLGRVLRGKDDYGVMVLADRRFSRKRSQLPKWIAQGLSDADLNLSTDMAISNTKQF
LRTMAQPTDPKDQEGVSVWSYEDLIKHQNSRKDQGGFIENENKEGEQDEDEDEDIEMQ
;
0
4 'polypeptide(L)'
;MSHSGAAIFEKVSGIIAINEDVSPAELTWRSTDGDKVHTVVLSTIDKLQATPASSEKMMLRLIGKVDESKKRKDNEGNEV
VPKPQRHMFSFNNRTVMDNIKMTLQQIISRYKDADIYEEKRRREESAQHTETPMSSSSVTAGTPTPHLDTPQLNNGAPLI
NTAKLDDSLSKEKLLTNLKLQQSLLKGNKVLMKVFQETVINAGLPPSEFWSTRIPLLR(UNK)FAL(UNK)(UNK)SQK
(UNK)GP(UNK)(UNK)V(UNK)(UNK)(UNK)(UNK)(UNK)P(UNK)(UNK)(UNK)(UNK)(UNK)(UNK)(UNK)
(UNK)(UNK)(UNK)NLSREKILNIFENYPIVKKAYTDNVPKNFKEPEFWARFFSSKLFRKL(UNK)(UNK)(UNK)
(UNK)(UNK)(UNK)(UNK)(UNK)(UNK)(UNK)(UNK)(UNK)(UNK)(UNK)(UNK)(UNK)(UNK)(UNK)L
(UNK)(UNK)(UNK)(UNK)(UNK)F(UNK)(UNK)K(UNK)(UNK)(UNK)(UNK)LLHPVKKII(UNK)LDGNI
(UNK)DDPVVRG(UNK)(UNK)(UNK)(UNK)(UNK)(UNK)(UNK)(UNK)VDILKGMNRLSEKMIM(UNK)LK(UNK)
(UNK)(UNK)(UNK)(UNK)(UNK)(UNK)(UNK)(UNK)(UNK)(UNK)(UNK)(UNK)(UNK)(UNK)(UNK)(UNK)
(UNK)(UNK)(UNK)(UNK)(UNK)(UNK)(UNK)(UNK)(UNK)(UNK)(UNK)(UNK)(UNK)(UNK)(UNK)(UNK)
(UNK)(UNK)(UNK)(UNK)(UNK)(UNK)(UNK)RVIT(UNK)IKINAKQA(UNK)H(UNK)(UNK)(UNK)EVKSTLP
IDLLESCRMLHTTCCEFLKHFAIHQKQASTVKKLYNHLKDCIEKLNELFQDVLNGDGESMSNTCTAYLKPVLNSITLATH
KYDEYFNEYNNNSN
;
1
5 'polypeptide(L)'
;MDAISDPTFKHARSRKQVTEESPSLLTVIIEIAPKLWTTFDEEGNEKGSIIKVLEALIVFLNAHLAFNSANKVAVIAAYS
QGIKYLYPESTSALKASESENKTRSDLKIINS(UNK)(UNK)YRRFRNVDETLVEEIYKLFELEKKQIEQNSQRSTLAGA
MSAGLTYVNRISKESVTTSLKSRLLVLTCGSGSSKDEIFQYIPIMNCIFSATKMKCPIDVVKIGGSKESTFLQQTTDATN
GVYLHVESTEGLIQYLATAMFIDPSLRPIIVKPNHGSVDFRTSCYLTGRVVAVGFICSVCLCVLSIIPPGNKCPACDSQF
DEHVIAKLKRKPVVPRLKAKKKVTKP
;
4
6 'polypeptide(L)'
;MAPVVISESEEDEDRVAITRRTKRQVHFDGEGDDRVDQQQQQHSSSHRDRDKHVQRKKKKRLSNRNLQGSNGGYAWEDEI
KRSWDLVKVDDEGDMASLVASIVEARKKRTAKKNITPYQRGIIRSLILTLDCSEAMLEKDLRPNRHAMIIQYAIDFVHEF
FDQNPISQMGIIIMRNGLAQLVSQVSGNPQDHIDALKSIRKQEPKGNPSLQNALEMARGLLLPVPAHCTREVLIVFGSLS
TTDPGDIHQTIDSLVSEKIRVKVLGLSAQVAICKELCKATNYGDESFYKILLDETHLKELFNEAVTPLPVNKINKGFTLV
KMGFPTRIFEDTPTFCSCHSKLVYGGYFCPNCHSKVCSLPTVCPCCDLMLILSTHLARSYHHLMPLKTFAEVPTTEKFRS
EDCFSCQSRFP(UNK)(UNK)(UNK)(UNK)(UNK)(UNK)(UNK)(UNK)(UNK)(UNK)(UNK)(UNK)(UNK)SRYR
CEDCKQEFCVDCDVFIHEILHNCPGCESKPVIT
;
6
7 'polypeptide(L)' MARARKGALVQCDPSIKALILQIDAKMSDIVLEELDDTHLLVNPSKVEFVKHELNRLLSKNIYNPMDEEENQ 5
8 'polypeptide(L)'
;MTDVEGYQPKSKGKIFPDMGESFFSSDEDSPATDAEIDENYDDNRETSEGRGERDTGAMVTGLKKPRKKTKSSRHTAADS
SMNQMDAKDKALLQDTNSDIPADFVPDSVSGMFRSHDFSYLRLRPDHASRPLWISPSDGRIILESFSPLAEQAQDFLVTI
AEPISRPSHIHEYKITAYSLYAAVSVGLETDDIISVLDRLSKVPVAESIINFIKGATISYGKVKLVIKHNRYFVETTQAD
ILQMLLNDSVIGPLRIDSDHQVQPPEDVLQQQLQQTAGKPATNVNPNDVEAVFSAVIGGDNEREEEDDDIDAVHSFEIAN
ESVEVVKKRCQEIDYPVLEEYDFRNDHRNPDLDIDLKPSTQIRPYQEKSLSKMFGNGRARSGIIVLPCGAGKTLVGITAA
CTIKKSVIVLCTSSVSVMQWRQQFLQWCTLQPENCAVFTSDNKEMFQTESGLVVSTYSMVANTRNRSHDSQKVMDFLTGR
EWGFIILDEVHVVPAAMFRRVVSTIAAHAKLGLTATLVREDDKIGDLNFLIGPKLYEANWMELSQKGHIANVQCAEVWCP
MTAEFYQEYLRETARKRMLLYIMNPTKFQACQFLIQYHERRGDKIIVFSDNVYALQEYALKMGKPFIYGSTPQQERMNIL
QNFQYNDQINTIFLSKVGDTSIDLPEATCLIQISSHYGSRRQEAQRLGRILRAKRRNDEGFNAFFYSLVSKDTQEMYYST
KRQAFLVDQGYAFKVITHLHGMENIPNLAYASPRERRELLQEVLLKNEEAAGIEVGDDADNSVGRGSNGHKRFKSKAVRG
EGSLSGLAGGEDMAYMEYSTNKNKELKEHHPLIRKMYYKNLKK
;
7
9 'polydeoxyribonucleotide'
;(DC)(DA)(DT)(DT)(DG)(DA)(DT)(DG)(DA)(DT)(DG)(DT)(DG)(DA)(DC)(DA)(DT)(DT)(DG)(DA)
(DT)(DG)(DA)(DT)(DG)(DT)(DG)(DA)(DT)(DG)
;
N
10 'polydeoxyribonucleotide'
;(DC)(DA)(DT)(DC)(DA)(DC)(DA)(DT)(DC)(DA)(DT)(DC)(DA)(DA)(DT)(DG)(DT)(DC)(DA)(DC)
(DA)(DT)(DC)(DA)(DT)(DC)(DA)(DA)(DT)(DG)
;
T
#
# COMPACT_ATOMS: atom_id res chain seq x y z
N GLU A 8 -43.38 -9.83 -59.17
CA GLU A 8 -42.18 -9.11 -59.59
C GLU A 8 -42.43 -7.61 -59.61
N ASN A 9 -41.36 -6.82 -59.78
CA ASN A 9 -41.45 -5.38 -59.73
C ASN A 9 -41.46 -4.73 -61.11
N LYS A 10 -41.34 -5.50 -62.18
CA LYS A 10 -41.37 -4.97 -63.54
C LYS A 10 -42.48 -5.59 -64.37
N ASP A 11 -43.50 -6.15 -63.72
CA ASP A 11 -44.64 -6.73 -64.43
C ASP A 11 -45.86 -6.54 -63.53
N MET A 12 -46.59 -5.44 -63.76
CA MET A 12 -47.81 -5.17 -63.01
C MET A 12 -48.95 -4.85 -63.96
N CYS A 13 -48.61 -4.36 -65.15
CA CYS A 13 -49.55 -4.02 -66.21
C CYS A 13 -48.74 -3.85 -67.47
N PRO A 14 -49.11 -4.48 -68.58
CA PRO A 14 -48.32 -4.33 -69.81
C PRO A 14 -48.10 -2.88 -70.18
N ILE A 15 -49.10 -2.03 -69.90
CA ILE A 15 -48.89 -0.59 -69.99
C ILE A 15 -48.21 -0.07 -68.73
N CYS A 16 -48.86 -0.25 -67.57
CA CYS A 16 -48.40 0.32 -66.30
C CYS A 16 -47.70 -0.73 -65.44
N LYS A 17 -46.59 -1.24 -65.96
CA LYS A 17 -45.86 -2.31 -65.28
C LYS A 17 -45.11 -1.80 -64.06
N THR A 18 -44.45 -0.66 -64.18
CA THR A 18 -43.60 -0.13 -63.11
C THR A 18 -44.34 1.01 -62.42
N ASP A 19 -45.18 0.64 -61.47
CA ASP A 19 -45.91 1.62 -60.67
C ASP A 19 -45.21 1.91 -59.35
N ARG A 20 -44.01 1.35 -59.13
CA ARG A 20 -43.31 1.53 -57.87
C ARG A 20 -42.99 3.01 -57.63
N TYR A 21 -42.40 3.66 -58.62
CA TYR A 21 -42.07 5.08 -58.51
C TYR A 21 -43.24 5.98 -58.86
N LEU A 22 -44.39 5.42 -59.24
CA LEU A 22 -45.52 6.19 -59.76
C LEU A 22 -46.80 5.79 -59.05
N SER A 23 -46.74 5.74 -57.72
CA SER A 23 -47.91 5.46 -56.89
C SER A 23 -48.58 4.14 -57.27
N PRO A 24 -48.03 2.99 -56.86
CA PRO A 24 -48.71 1.73 -57.18
C PRO A 24 -49.96 1.53 -56.35
N ASP A 25 -50.75 2.61 -56.24
CA ASP A 25 -52.10 2.54 -55.72
C ASP A 25 -53.06 2.03 -56.78
N VAL A 26 -52.66 2.05 -58.04
CA VAL A 26 -53.43 1.37 -59.07
C VAL A 26 -53.48 -0.09 -58.68
N LYS A 27 -54.66 -0.57 -58.31
CA LYS A 27 -54.76 -1.97 -57.96
C LYS A 27 -54.65 -2.82 -59.22
N PHE A 28 -54.06 -3.99 -59.06
CA PHE A 28 -53.89 -4.91 -60.17
C PHE A 28 -54.80 -6.11 -59.91
N LEU A 29 -56.07 -5.94 -60.30
CA LEU A 29 -57.06 -7.02 -60.23
C LEU A 29 -56.81 -8.02 -61.33
N VAL A 30 -57.67 -9.02 -61.34
CA VAL A 30 -57.69 -9.98 -62.43
C VAL A 30 -59.14 -10.32 -62.74
N ASN A 31 -59.50 -10.23 -64.01
CA ASN A 31 -60.66 -10.94 -64.47
C ASN A 31 -60.36 -12.42 -64.29
N PRO A 32 -61.16 -13.16 -63.55
CA PRO A 32 -60.81 -14.55 -63.20
C PRO A 32 -60.40 -15.38 -64.37
N GLU A 33 -60.96 -15.10 -65.54
CA GLU A 33 -60.66 -15.88 -66.72
C GLU A 33 -59.51 -15.29 -67.52
N CYS A 34 -58.86 -14.18 -67.05
CA CYS A 34 -57.65 -13.67 -67.73
C CYS A 34 -56.37 -13.94 -67.10
N TYR A 35 -56.37 -13.99 -65.81
CA TYR A 35 -55.17 -14.35 -65.09
C TYR A 35 -54.03 -13.41 -65.44
N HIS A 36 -54.31 -12.10 -65.41
CA HIS A 36 -53.36 -11.13 -65.93
C HIS A 36 -53.22 -9.95 -64.99
N ARG A 37 -52.08 -9.28 -65.09
CA ARG A 37 -51.72 -8.14 -64.26
C ARG A 37 -51.96 -6.86 -65.05
N ILE A 38 -52.95 -6.06 -64.62
CA ILE A 38 -53.22 -4.77 -65.23
C ILE A 38 -53.54 -3.78 -64.11
N CYS A 39 -53.10 -2.54 -64.28
CA CYS A 39 -53.38 -1.51 -63.30
C CYS A 39 -54.86 -1.11 -63.35
N GLU A 40 -55.34 -0.55 -62.24
CA GLU A 40 -56.76 -0.23 -62.12
C GLU A 40 -57.24 0.64 -63.27
N SER A 41 -56.46 1.68 -63.59
CA SER A 41 -56.85 2.59 -64.66
C SER A 41 -57.14 1.83 -65.95
N CYS A 42 -56.18 1.00 -66.36
CA CYS A 42 -56.33 0.29 -67.63
C CYS A 42 -57.50 -0.68 -67.60
N VAL A 43 -57.65 -1.45 -66.53
CA VAL A 43 -58.72 -2.44 -66.55
C VAL A 43 -60.07 -1.76 -66.46
N ASP A 44 -60.18 -0.70 -65.64
CA ASP A 44 -61.41 0.06 -65.52
C ASP A 44 -61.81 0.60 -66.88
N ARG A 45 -60.87 1.20 -67.57
CA ARG A 45 -61.14 1.66 -68.92
C ARG A 45 -61.58 0.51 -69.81
N ILE A 46 -60.90 -0.64 -69.72
CA ILE A 46 -61.14 -1.73 -70.67
C ILE A 46 -62.54 -2.25 -70.52
N PHE A 47 -62.93 -2.56 -69.29
CA PHE A 47 -64.30 -3.04 -69.11
C PHE A 47 -65.32 -1.95 -69.32
N SER A 48 -64.89 -0.68 -69.29
CA SER A 48 -65.76 0.39 -69.75
C SER A 48 -65.89 0.38 -71.27
N LEU A 49 -64.88 -0.13 -71.97
CA LEU A 49 -64.91 -0.26 -73.42
C LEU A 49 -65.66 -1.50 -73.87
N GLY A 50 -66.17 -2.29 -72.93
CA GLY A 50 -66.85 -3.52 -73.25
C GLY A 50 -65.97 -4.72 -73.02
N PRO A 51 -66.54 -5.91 -73.07
CA PRO A 51 -65.73 -7.12 -72.98
C PRO A 51 -64.87 -7.33 -74.21
N ALA A 52 -63.76 -6.60 -74.26
CA ALA A 52 -62.70 -6.87 -75.22
C ALA A 52 -61.75 -7.89 -74.59
N GLN A 53 -60.60 -8.10 -75.19
CA GLN A 53 -59.58 -8.97 -74.61
C GLN A 53 -58.45 -8.11 -74.06
N CYS A 54 -57.95 -8.48 -72.90
CA CYS A 54 -56.75 -7.79 -72.44
C CYS A 54 -55.58 -8.21 -73.30
N PRO A 55 -54.70 -7.29 -73.65
CA PRO A 55 -53.49 -7.63 -74.40
C PRO A 55 -52.30 -7.97 -73.52
N TYR A 56 -52.51 -8.87 -72.57
CA TYR A 56 -51.40 -9.28 -71.70
C TYR A 56 -50.43 -10.07 -72.54
N LYS A 57 -49.32 -9.42 -72.92
CA LYS A 57 -48.47 -9.88 -74.01
C LYS A 57 -49.32 -10.16 -75.24
N GLY A 58 -50.19 -9.20 -75.56
CA GLY A 58 -51.14 -9.40 -76.63
C GLY A 58 -52.07 -10.57 -76.40
N CYS A 59 -52.59 -10.70 -75.17
CA CYS A 59 -53.53 -11.79 -74.88
C CYS A 59 -54.80 -11.61 -75.70
N ASP A 60 -55.45 -12.74 -75.97
CA ASP A 60 -56.64 -12.77 -76.79
C ASP A 60 -57.89 -13.18 -76.03
N LYS A 61 -57.75 -13.71 -74.83
CA LYS A 61 -58.93 -14.05 -74.03
C LYS A 61 -59.72 -12.80 -73.75
N ILE A 62 -61.00 -12.81 -74.12
CA ILE A 62 -61.83 -11.62 -73.98
C ILE A 62 -61.98 -11.27 -72.51
N LEU A 63 -61.37 -10.16 -72.11
CA LEU A 63 -61.58 -9.61 -70.77
C LEU A 63 -63.04 -9.26 -70.63
N ARG A 64 -63.77 -10.04 -69.84
CA ARG A 64 -65.22 -9.85 -69.71
C ARG A 64 -65.52 -8.69 -68.78
N LYS A 65 -66.77 -8.61 -68.31
CA LYS A 65 -67.22 -7.56 -67.42
C LYS A 65 -66.70 -7.82 -66.00
N ASN A 66 -67.36 -7.25 -64.99
CA ASN A 66 -66.92 -7.25 -63.61
C ASN A 66 -66.94 -8.67 -63.08
N LYS A 67 -66.83 -8.80 -61.75
CA LYS A 67 -66.49 -10.02 -61.03
C LYS A 67 -64.99 -10.28 -61.12
N PHE A 68 -64.18 -9.22 -61.07
CA PHE A 68 -62.76 -9.36 -60.81
C PHE A 68 -62.58 -9.66 -59.33
N LYS A 69 -61.33 -9.75 -58.87
CA LYS A 69 -61.13 -10.37 -57.56
C LYS A 69 -59.88 -9.81 -56.91
N THR A 70 -59.45 -10.48 -55.84
CA THR A 70 -58.44 -9.97 -54.93
C THR A 70 -57.30 -10.96 -54.83
N GLN A 71 -56.40 -10.83 -55.78
CA GLN A 71 -55.03 -11.26 -55.64
C GLN A 71 -54.35 -10.62 -54.45
N ILE A 72 -54.18 -11.55 -53.55
CA ILE A 72 -52.97 -12.15 -53.03
C ILE A 72 -51.84 -12.63 -53.98
N PHE A 73 -52.06 -12.76 -55.29
CA PHE A 73 -50.99 -13.23 -56.18
C PHE A 73 -50.60 -14.69 -55.93
N ASP A 74 -51.50 -15.59 -56.25
CA ASP A 74 -51.43 -16.99 -55.82
C ASP A 74 -50.76 -17.87 -56.83
N ASP A 75 -49.70 -17.39 -57.47
CA ASP A 75 -48.89 -18.21 -58.37
C ASP A 75 -49.78 -18.77 -59.47
N VAL A 76 -50.15 -17.87 -60.39
CA VAL A 76 -51.39 -17.89 -61.14
C VAL A 76 -51.82 -19.29 -61.57
N GLU A 77 -50.87 -20.19 -61.82
CA GLU A 77 -51.24 -21.59 -61.92
C GLU A 77 -51.93 -22.06 -60.65
N VAL A 78 -51.31 -21.77 -59.50
CA VAL A 78 -51.90 -22.14 -58.23
C VAL A 78 -53.16 -21.34 -57.96
N GLU A 79 -53.22 -20.08 -58.39
CA GLU A 79 -54.44 -19.31 -58.22
C GLU A 79 -55.59 -19.93 -59.00
N LYS A 80 -55.30 -20.36 -60.24
CA LYS A 80 -56.31 -21.03 -61.03
C LYS A 80 -56.74 -22.32 -60.37
N GLU A 81 -55.78 -23.07 -59.82
CA GLU A 81 -56.12 -24.27 -59.10
C GLU A 81 -57.00 -23.96 -57.90
N VAL A 82 -56.76 -22.82 -57.25
CA VAL A 82 -57.54 -22.43 -56.09
C VAL A 82 -58.97 -22.15 -56.48
N ASP A 83 -59.15 -21.35 -57.53
CA ASP A 83 -60.50 -21.04 -58.00
C ASP A 83 -61.21 -22.31 -58.45
N ILE A 84 -60.48 -23.19 -59.16
CA ILE A 84 -61.07 -24.43 -59.64
C ILE A 84 -61.52 -25.29 -58.46
N ARG A 85 -60.66 -25.43 -57.46
CA ARG A 85 -61.01 -26.23 -56.30
C ARG A 85 -62.19 -25.64 -55.55
N LYS A 86 -62.23 -24.30 -55.44
CA LYS A 86 -63.34 -23.66 -54.74
C LYS A 86 -64.65 -23.93 -55.44
N ARG A 87 -64.69 -23.69 -56.75
CA ARG A 87 -65.92 -23.92 -57.50
C ARG A 87 -66.30 -25.40 -57.47
N VAL A 88 -65.32 -26.29 -57.61
CA VAL A 88 -65.62 -27.71 -57.62
C VAL A 88 -66.16 -28.15 -56.26
N PHE A 89 -65.59 -27.62 -55.18
CA PHE A 89 -66.08 -27.95 -53.84
C PHE A 89 -67.49 -27.45 -53.64
N ASN A 90 -67.78 -26.24 -54.10
CA ASN A 90 -69.15 -25.75 -54.06
C ASN A 90 -70.08 -26.68 -54.83
N VAL A 91 -69.60 -27.22 -55.95
CA VAL A 91 -70.39 -28.15 -56.74
C VAL A 91 -70.63 -29.45 -55.95
N PHE A 92 -69.61 -29.93 -55.25
CA PHE A 92 -69.68 -31.18 -54.50
C PHE A 92 -69.78 -30.92 -53.00
N ASN A 93 -70.53 -29.88 -52.62
CA ASN A 93 -70.60 -29.48 -51.22
C ASN A 93 -71.20 -30.58 -50.36
N LYS A 94 -72.44 -30.96 -50.63
CA LYS A 94 -73.24 -31.76 -49.70
C LYS A 94 -73.41 -33.21 -50.17
N THR A 95 -72.34 -33.80 -50.69
CA THR A 95 -72.35 -35.20 -51.05
C THR A 95 -71.74 -36.07 -49.94
N ILE A 96 -71.80 -37.37 -50.14
CA ILE A 96 -71.49 -38.36 -49.10
C ILE A 96 -69.96 -38.50 -48.98
N ASP A 97 -69.39 -37.80 -48.00
CA ASP A 97 -68.13 -38.20 -47.40
C ASP A 97 -68.34 -38.51 -45.93
N ASP A 98 -69.02 -37.61 -45.23
CA ASP A 98 -69.46 -37.81 -43.87
C ASP A 98 -70.96 -38.03 -43.76
N PHE A 99 -71.66 -38.18 -44.90
CA PHE A 99 -73.11 -38.39 -44.86
C PHE A 99 -73.44 -39.67 -44.10
N ASN A 100 -72.78 -40.76 -44.44
CA ASN A 100 -72.73 -41.94 -43.57
C ASN A 100 -71.46 -41.95 -42.73
N GLY A 101 -70.64 -40.91 -42.84
CA GLY A 101 -69.33 -40.93 -42.24
C GLY A 101 -68.38 -41.92 -42.86
N ASP A 102 -68.76 -42.52 -43.99
CA ASP A 102 -68.06 -43.69 -44.51
C ASP A 102 -66.60 -43.35 -44.73
N LEU A 103 -65.74 -43.92 -43.88
CA LEU A 103 -64.39 -43.40 -43.71
C LEU A 103 -63.59 -43.52 -45.00
N VAL A 104 -63.37 -44.74 -45.46
CA VAL A 104 -62.64 -44.92 -46.71
C VAL A 104 -63.40 -44.27 -47.86
N GLU A 105 -64.73 -44.19 -47.74
CA GLU A 105 -65.50 -43.48 -48.76
C GLU A 105 -65.39 -41.98 -48.61
N TYR A 106 -65.27 -41.47 -47.37
CA TYR A 106 -65.00 -40.05 -47.18
C TYR A 106 -63.73 -39.65 -47.90
N ASN A 107 -62.61 -40.26 -47.50
CA ASN A 107 -61.33 -39.97 -48.14
C ASN A 107 -61.32 -40.34 -49.60
N LYS A 108 -62.12 -41.33 -49.99
CA LYS A 108 -62.14 -41.76 -51.39
C LYS A 108 -62.83 -40.73 -52.27
N TYR A 109 -63.99 -40.22 -51.84
CA TYR A 109 -64.64 -39.15 -52.57
C TYR A 109 -63.79 -37.90 -52.56
N LEU A 110 -63.11 -37.62 -51.44
CA LEU A 110 -62.22 -36.47 -51.37
C LEU A 110 -61.09 -36.59 -52.39
N GLU A 111 -60.42 -37.75 -52.42
CA GLU A 111 -59.32 -37.96 -53.36
C GLU A 111 -59.82 -38.00 -54.78
N GLU A 112 -61.03 -38.50 -55.02
CA GLU A 112 -61.59 -38.49 -56.36
C GLU A 112 -61.82 -37.07 -56.84
N VAL A 113 -62.44 -36.24 -56.00
CA VAL A 113 -62.65 -34.85 -56.36
C VAL A 113 -61.32 -34.14 -56.57
N GLU A 114 -60.36 -34.45 -55.71
CA GLU A 114 -59.09 -33.79 -55.82
C GLU A 114 -58.38 -34.21 -57.11
N ASP A 115 -58.42 -35.51 -57.45
CA ASP A 115 -57.77 -35.98 -58.66
C ASP A 115 -58.46 -35.43 -59.89
N ILE A 116 -59.77 -35.24 -59.82
CA ILE A 116 -60.48 -34.57 -60.90
C ILE A 116 -60.02 -33.12 -61.01
N ILE A 117 -59.80 -32.48 -59.87
CA ILE A 117 -59.27 -31.12 -59.87
C ILE A 117 -57.86 -31.09 -60.45
N TYR A 118 -57.07 -32.12 -60.17
CA TYR A 118 -55.74 -32.20 -60.74
C TYR A 118 -55.81 -32.47 -62.24
N LYS A 119 -56.82 -33.22 -62.67
CA LYS A 119 -57.03 -33.44 -64.10
C LYS A 119 -57.41 -32.15 -64.81
N LEU A 120 -58.26 -31.35 -64.18
CA LEU A 120 -58.66 -30.07 -64.78
C LEU A 120 -57.50 -29.08 -64.75
N ASP A 121 -56.84 -28.95 -63.60
CA ASP A 121 -55.67 -28.08 -63.49
C ASP A 121 -54.55 -28.51 -64.42
N HIS A 122 -54.52 -29.79 -64.79
CA HIS A 122 -53.68 -30.23 -65.89
C HIS A 122 -54.42 -30.08 -67.21
N GLY A 123 -55.55 -30.76 -67.36
CA GLY A 123 -56.31 -30.66 -68.59
C GLY A 123 -55.47 -30.98 -69.82
N ILE A 124 -54.61 -32.00 -69.70
CA ILE A 124 -53.55 -32.22 -70.69
C ILE A 124 -54.12 -32.30 -72.09
N ASP A 125 -55.25 -33.00 -72.24
CA ASP A 125 -56.03 -33.01 -73.47
C ASP A 125 -57.49 -32.86 -73.10
N VAL A 126 -57.80 -31.83 -72.31
CA VAL A 126 -58.96 -31.83 -71.43
C VAL A 126 -60.25 -32.17 -72.16
N ALA A 127 -60.79 -33.34 -71.85
CA ALA A 127 -62.14 -33.74 -72.20
C ALA A 127 -62.73 -34.35 -70.94
N LYS A 128 -61.85 -34.89 -70.10
CA LYS A 128 -62.19 -35.16 -68.72
C LYS A 128 -62.51 -33.88 -67.98
N THR A 129 -62.04 -32.74 -68.48
CA THR A 129 -62.61 -31.47 -68.05
C THR A 129 -63.96 -31.22 -68.70
N GLU A 130 -64.13 -31.62 -69.96
CA GLU A 130 -65.44 -31.52 -70.59
C GLU A 130 -66.40 -32.55 -70.00
N GLU A 131 -65.96 -33.81 -69.91
CA GLU A 131 -66.78 -34.81 -69.23
C GLU A 131 -66.94 -34.46 -67.76
N LYS A 132 -65.98 -33.73 -67.19
CA LYS A 132 -66.10 -33.25 -65.83
C LYS A 132 -67.16 -32.16 -65.72
N LEU A 133 -67.25 -31.31 -66.74
CA LEU A 133 -68.34 -30.35 -66.80
C LEU A 133 -69.68 -31.05 -66.90
N ARG A 134 -69.74 -32.13 -67.68
CA ARG A 134 -70.95 -32.94 -67.73
C ARG A 134 -71.26 -33.55 -66.37
N THR A 135 -70.23 -34.02 -65.67
CA THR A 135 -70.44 -34.56 -64.33
C THR A 135 -70.90 -33.48 -63.38
N TYR A 136 -70.39 -32.26 -63.54
CA TYR A 136 -70.85 -31.14 -62.73
C TYR A 136 -72.30 -30.82 -63.03
N GLU A 137 -72.70 -30.93 -64.29
CA GLU A 137 -74.10 -30.73 -64.65
C GLU A 137 -74.97 -31.79 -64.00
N GLU A 138 -74.52 -33.04 -64.01
CA GLU A 138 -75.25 -34.11 -63.32
C GLU A 138 -75.29 -33.85 -61.82
N LEU A 139 -74.19 -33.35 -61.26
CA LEU A 139 -74.13 -33.07 -59.83
C LEU A 139 -75.07 -31.94 -59.44
N ASN A 140 -75.14 -30.89 -60.28
CA ASN A 140 -76.06 -29.79 -60.01
C ASN A 140 -77.50 -30.20 -60.23
N LYS A 141 -77.75 -31.13 -61.16
CA LYS A 141 -79.09 -31.69 -61.30
C LYS A 141 -79.46 -32.49 -60.06
N GLN A 142 -78.52 -33.26 -59.52
CA GLN A 142 -78.79 -34.07 -58.33
C GLN A 142 -79.03 -33.19 -57.10
N LEU A 143 -78.13 -32.22 -56.87
CA LEU A 143 -78.30 -31.31 -55.76
C LEU A 143 -79.52 -30.42 -55.92
N ILE A 144 -79.87 -30.08 -57.17
CA ILE A 144 -81.07 -29.28 -57.42
C ILE A 144 -82.30 -30.05 -57.00
N MET A 145 -82.37 -31.34 -57.33
CA MET A 145 -83.48 -32.18 -56.92
C MET A 145 -83.12 -32.95 -55.65
N LYS B 7 25.99 31.38 35.85
CA LYS B 7 26.29 30.46 36.95
C LYS B 7 27.64 30.78 37.58
N HIS B 8 27.71 30.66 38.91
CA HIS B 8 28.97 30.83 39.62
C HIS B 8 29.72 29.52 39.82
N SER B 9 29.10 28.38 39.50
CA SER B 9 29.81 27.11 39.34
C SER B 9 30.54 26.66 40.59
N VAL B 10 29.78 26.16 41.56
CA VAL B 10 30.21 25.87 42.93
C VAL B 10 31.60 25.25 42.97
N THR B 11 31.97 24.51 41.93
CA THR B 11 33.34 24.03 41.84
C THR B 11 34.33 25.19 41.85
N GLN B 12 34.01 26.25 41.13
CA GLN B 12 34.88 27.41 41.11
C GLN B 12 34.95 28.07 42.48
N TYR B 13 33.83 28.11 43.20
CA TYR B 13 33.92 28.63 44.56
C TYR B 13 34.76 27.70 45.43
N LEU B 14 34.67 26.41 45.21
CA LEU B 14 35.53 25.50 45.97
C LEU B 14 36.99 25.85 45.74
N GLU B 15 37.40 25.93 44.47
CA GLU B 15 38.78 26.28 44.18
C GLU B 15 39.13 27.66 44.65
N GLU B 16 38.14 28.53 44.80
CA GLU B 16 38.42 29.93 45.07
C GLU B 16 39.17 30.09 46.38
N ILE B 17 38.81 29.32 47.38
CA ILE B 17 39.41 29.43 48.71
C ILE B 17 40.89 29.10 48.52
N PRO B 18 41.82 29.66 49.30
CA PRO B 18 43.27 29.42 49.07
C PRO B 18 43.62 28.01 49.48
N GLN B 19 44.90 27.58 49.23
CA GLN B 19 45.36 26.18 49.31
C GLN B 19 45.26 25.62 50.73
N GLN B 20 45.71 26.38 51.71
CA GLN B 20 45.79 25.86 53.07
C GLN B 20 44.39 25.52 53.59
N VAL B 21 43.39 26.31 53.24
CA VAL B 21 42.04 25.98 53.67
C VAL B 21 41.47 24.84 52.83
N GLN B 22 41.91 24.70 51.58
CA GLN B 22 41.50 23.53 50.81
C GLN B 22 41.99 22.25 51.47
N ASN B 23 43.24 22.22 51.91
CA ASN B 23 43.71 21.07 52.65
C ASN B 23 43.10 21.00 54.04
N ARG B 24 42.68 22.14 54.58
CA ARG B 24 41.86 22.15 55.79
C ARG B 24 40.58 21.36 55.57
N LEU B 25 40.07 21.34 54.34
CA LEU B 25 38.85 20.59 54.07
C LEU B 25 39.10 19.18 53.52
N TYR B 26 40.25 18.91 52.93
CA TYR B 26 40.60 17.51 52.65
C TYR B 26 40.69 16.70 53.93
N THR B 27 40.69 17.37 55.08
CA THR B 27 40.78 16.69 56.37
C THR B 27 39.66 15.68 56.54
N SER B 28 38.53 15.89 55.87
CA SER B 28 37.46 14.91 55.90
C SER B 28 37.52 14.09 54.63
N PRO B 29 37.80 12.80 54.71
CA PRO B 29 37.73 11.96 53.50
C PRO B 29 36.37 11.97 52.85
N ALA B 30 35.30 12.18 53.62
CA ALA B 30 33.98 12.34 53.02
C ALA B 30 33.95 13.56 52.11
N THR B 31 34.52 14.68 52.56
CA THR B 31 34.66 15.83 51.69
C THR B 31 35.53 15.48 50.49
N CYS B 32 36.58 14.69 50.72
CA CYS B 32 37.46 14.27 49.63
C CYS B 32 36.67 13.59 48.53
N LEU B 33 35.85 12.61 48.89
CA LEU B 33 35.08 11.88 47.89
C LEU B 33 34.03 12.79 47.25
N ALA B 34 33.31 13.56 48.06
CA ALA B 34 32.26 14.40 47.51
C ALA B 34 32.83 15.35 46.47
N ILE B 35 33.94 16.01 46.78
CA ILE B 35 34.56 16.90 45.82
C ILE B 35 35.19 16.12 44.67
N TYR B 36 35.54 14.85 44.89
CA TYR B 36 35.97 14.01 43.78
C TYR B 36 34.83 13.80 42.79
N ARG B 37 33.60 13.76 43.28
CA ARG B 37 32.48 13.36 42.43
C ARG B 37 32.00 14.48 41.49
N ILE B 38 32.34 15.74 41.78
CA ILE B 38 32.03 16.79 40.82
C ILE B 38 32.99 16.74 39.63
N LEU B 39 34.11 16.02 39.76
CA LEU B 39 35.22 16.14 38.83
C LEU B 39 34.83 15.69 37.43
N PRO B 40 35.57 16.15 36.42
CA PRO B 40 35.46 15.55 35.11
C PRO B 40 35.88 14.09 35.16
N PRO B 41 35.19 13.23 34.41
CA PRO B 41 35.62 11.83 34.32
C PRO B 41 37.05 11.68 33.84
N LEU B 42 37.52 12.57 32.97
CA LEU B 42 38.95 12.66 32.71
C LEU B 42 39.72 12.73 34.02
N ALA B 43 39.46 13.79 34.77
CA ALA B 43 40.13 13.95 36.03
C ALA B 43 39.77 12.81 36.95
N LYS B 44 38.48 12.46 37.07
CA LYS B 44 38.14 11.39 38.00
C LYS B 44 39.00 10.15 37.79
N PHE B 45 39.09 9.70 36.54
CA PHE B 45 39.87 8.51 36.24
C PHE B 45 41.34 8.74 36.53
N PHE B 46 41.88 9.89 36.14
CA PHE B 46 43.30 10.13 36.38
C PHE B 46 43.60 10.17 37.87
N ILE B 47 42.70 10.76 38.65
CA ILE B 47 42.80 10.70 40.10
C ILE B 47 42.92 9.24 40.53
N MET B 48 41.92 8.43 40.17
CA MET B 48 41.94 7.04 40.60
C MET B 48 43.22 6.34 40.19
N ALA B 49 43.76 6.71 39.03
CA ALA B 49 45.06 6.19 38.61
C ALA B 49 46.13 6.58 39.61
N MET B 50 46.16 7.85 40.01
CA MET B 50 47.25 8.34 40.84
C MET B 50 47.12 7.99 42.31
N VAL B 51 45.90 7.71 42.80
CA VAL B 51 45.67 7.61 44.25
C VAL B 51 46.62 6.63 44.89
N PHE B 52 47.06 5.61 44.17
CA PHE B 52 47.73 4.50 44.82
C PHE B 52 49.07 4.11 44.22
N ASN B 53 49.44 4.54 43.03
CA ASN B 53 50.83 4.32 42.61
C ASN B 53 51.69 5.27 43.44
N GLU B 54 52.28 4.74 44.52
CA GLU B 54 52.97 5.60 45.46
C GLU B 54 54.27 6.10 44.86
N ASN B 55 54.13 6.93 43.82
CA ASN B 55 55.25 7.60 43.16
C ASN B 55 54.67 8.73 42.32
N GLU B 56 55.12 9.96 42.55
CA GLU B 56 54.61 11.04 41.78
C GLU B 56 54.91 10.76 40.27
N VAL B 57 54.34 11.57 39.39
CA VAL B 57 54.37 11.15 37.99
C VAL B 57 54.58 12.37 37.09
N PRO B 58 55.35 12.26 36.02
CA PRO B 58 55.46 13.38 35.07
C PRO B 58 54.20 13.52 34.23
N LEU B 59 54.03 14.71 33.65
CA LEU B 59 52.83 15.03 32.90
C LEU B 59 52.72 14.20 31.61
N LEU B 60 53.85 13.97 30.94
CA LEU B 60 53.81 13.39 29.60
C LEU B 60 53.09 12.05 29.59
N ASP B 61 53.10 11.34 30.71
CA ASP B 61 52.35 10.08 30.77
C ASP B 61 50.87 10.32 30.50
N LEU B 62 50.31 11.33 31.15
CA LEU B 62 48.92 11.69 30.90
C LEU B 62 48.76 12.39 29.57
N ASP B 63 49.81 13.03 29.07
CA ASP B 63 49.78 13.58 27.72
C ASP B 63 49.57 12.48 26.70
N LYS B 64 50.29 11.39 26.86
CA LYS B 64 50.16 10.23 25.99
C LYS B 64 48.95 9.39 26.34
N TRP B 65 48.29 9.64 27.47
CA TRP B 65 47.07 8.92 27.77
C TRP B 65 45.98 9.20 26.74
N VAL B 66 45.78 10.47 26.41
CA VAL B 66 44.74 10.84 25.44
C VAL B 66 45.28 10.62 24.04
N ASN B 67 44.51 9.89 23.22
CA ASN B 67 44.78 9.89 21.79
C ASN B 67 44.20 11.18 21.22
N SER B 68 43.88 11.20 19.93
CA SER B 68 43.42 12.44 19.30
C SER B 68 42.10 12.87 19.90
N ASN B 69 41.47 13.88 19.30
CA ASN B 69 40.72 14.94 19.97
C ASN B 69 40.11 14.54 21.31
N GLY B 70 40.39 15.36 22.33
CA GLY B 70 40.04 15.02 23.70
C GLY B 70 41.07 15.52 24.69
N LYS B 71 42.25 15.92 24.20
CA LYS B 71 43.19 16.61 25.07
C LYS B 71 42.62 17.91 25.60
N LEU B 72 41.58 18.44 24.95
CA LEU B 72 40.84 19.56 25.51
C LEU B 72 40.37 19.26 26.92
N GLN B 73 39.69 18.13 27.10
CA GLN B 73 39.22 17.76 28.42
C GLN B 73 40.38 17.33 29.30
N PHE B 74 41.49 16.90 28.70
CA PHE B 74 42.71 16.67 29.45
C PHE B 74 43.16 17.95 30.15
N GLN B 75 43.20 19.04 29.41
CA GLN B 75 43.56 20.32 30.02
C GLN B 75 42.45 20.81 30.94
N ASN B 76 41.20 20.50 30.63
CA ASN B 76 40.13 20.76 31.58
C ASN B 76 40.44 20.13 32.93
N ALA B 77 40.77 18.84 32.90
CA ALA B 77 41.09 18.12 34.12
C ALA B 77 42.28 18.75 34.84
N ILE B 78 43.37 18.98 34.11
CA ILE B 78 44.59 19.42 34.79
C ILE B 78 44.45 20.85 35.29
N LYS B 79 43.83 21.72 34.50
CA LYS B 79 43.65 23.10 34.93
C LYS B 79 42.67 23.20 36.09
N SER B 80 41.60 22.41 36.08
CA SER B 80 40.67 22.43 37.20
C SER B 80 41.31 21.88 38.46
N MET B 81 42.00 20.75 38.36
CA MET B 81 42.65 20.17 39.52
C MET B 81 43.71 21.12 40.06
N LYS B 82 44.43 21.82 39.17
CA LYS B 82 45.29 22.89 39.60
C LYS B 82 44.49 23.98 40.29
N SER B 83 43.29 24.26 39.78
CA SER B 83 42.49 25.37 40.30
C SER B 83 42.13 25.15 41.75
N LEU B 84 41.75 23.93 42.11
CA LEU B 84 41.51 23.63 43.53
C LEU B 84 42.72 23.01 44.18
N HIS B 85 43.86 22.97 43.47
CA HIS B 85 45.14 22.63 44.04
C HIS B 85 45.12 21.26 44.76
N LEU B 86 44.21 20.39 44.31
CA LEU B 86 44.14 19.05 44.88
C LEU B 86 45.46 18.33 44.72
N LEU B 87 46.22 18.71 43.70
CA LEU B 87 47.56 18.21 43.45
C LEU B 87 48.56 19.27 43.88
N ILE B 88 49.83 18.93 43.80
CA ILE B 88 50.88 19.95 43.82
C ILE B 88 51.75 19.73 42.58
N PRO B 89 51.68 20.62 41.60
CA PRO B 89 52.63 20.54 40.49
C PRO B 89 54.05 20.71 41.01
N ASN B 90 54.98 20.01 40.36
CA ASN B 90 56.34 19.88 40.88
C ASN B 90 57.33 19.93 39.73
N LYS B 91 58.05 21.05 39.62
CA LYS B 91 59.17 21.16 38.70
C LYS B 91 60.42 20.61 39.36
N SER B 92 60.33 19.36 39.84
CA SER B 92 61.44 18.77 40.60
C SER B 92 62.69 18.63 39.74
N SER B 93 62.61 17.80 38.70
CA SER B 93 63.70 17.62 37.76
C SER B 93 63.46 18.40 36.47
N GLY B 94 62.82 19.57 36.57
CA GLY B 94 62.36 20.27 35.40
C GLY B 94 61.14 19.65 34.77
N THR B 95 60.66 18.54 35.30
CA THR B 95 59.47 17.88 34.80
C THR B 95 58.25 18.46 35.52
N LEU B 96 57.10 17.83 35.36
CA LEU B 96 55.91 18.14 36.13
C LEU B 96 55.60 16.90 36.97
N MET B 97 56.26 16.81 38.12
CA MET B 97 56.17 15.64 38.99
C MET B 97 54.82 15.70 39.70
N ILE B 98 53.78 15.19 39.02
CA ILE B 98 52.42 15.34 39.52
C ILE B 98 52.23 14.50 40.76
N ASN B 99 51.70 15.12 41.81
CA ASN B 99 51.28 14.38 42.99
C ASN B 99 50.13 15.14 43.63
N LEU B 100 49.18 14.39 44.18
CA LEU B 100 47.99 14.95 44.76
C LEU B 100 48.35 15.76 46.01
N ASN B 101 47.33 16.29 46.66
CA ASN B 101 47.53 16.71 48.04
C ASN B 101 47.52 15.42 48.88
N PRO B 102 48.67 15.00 49.43
CA PRO B 102 48.68 13.69 50.15
C PRO B 102 47.67 13.62 51.24
N THR B 103 47.20 14.75 51.75
CA THR B 103 46.01 14.75 52.59
C THR B 103 44.79 14.29 51.82
N PHE B 104 44.56 14.89 50.65
CA PHE B 104 43.46 14.46 49.79
C PHE B 104 43.59 12.99 49.43
N LYS B 105 44.76 12.59 48.94
CA LYS B 105 44.94 11.21 48.49
C LYS B 105 44.83 10.24 49.63
N ILE B 106 45.39 10.58 50.79
CA ILE B 106 45.38 9.64 51.91
C ILE B 106 43.97 9.54 52.50
N SER B 107 43.24 10.65 52.58
CA SER B 107 41.88 10.60 53.09
C SER B 107 41.00 9.77 52.17
N LEU B 108 41.12 10.00 50.87
CA LEU B 108 40.36 9.19 49.91
C LEU B 108 40.77 7.73 50.00
N ARG B 109 42.06 7.44 50.10
CA ARG B 109 42.53 6.07 50.19
C ARG B 109 41.98 5.37 51.42
N ASN B 110 41.98 6.05 52.56
CA ASN B 110 41.37 5.48 53.74
C ASN B 110 39.89 5.20 53.49
N ALA B 111 39.20 6.15 52.86
CA ALA B 111 37.81 5.90 52.50
C ALA B 111 37.68 4.69 51.58
N LEU B 112 38.71 4.42 50.77
CA LEU B 112 38.68 3.26 49.88
C LEU B 112 38.70 1.96 50.67
N THR B 113 39.51 1.90 51.72
CA THR B 113 39.52 0.75 52.63
C THR B 113 39.33 1.26 54.05
N GLY B 114 38.08 1.51 54.42
CA GLY B 114 37.69 1.82 55.79
C GLY B 114 38.54 2.86 56.50
N GLY B 115 38.49 4.11 56.07
CA GLY B 115 39.28 5.15 56.68
C GLY B 115 38.78 5.52 58.07
N GLU B 116 39.48 6.50 58.65
CA GLU B 116 39.15 7.01 59.98
C GLU B 116 38.28 8.25 59.93
N VAL B 117 37.54 8.45 58.84
CA VAL B 117 36.68 9.64 58.71
C VAL B 117 35.36 9.28 59.36
N GLN B 118 35.32 9.43 60.70
CA GLN B 118 34.09 9.21 61.44
C GLN B 118 33.06 10.27 61.14
N ASN B 119 33.48 11.45 60.68
CA ASN B 119 32.52 12.45 60.21
C ASN B 119 31.84 12.00 58.93
N SER B 120 32.49 11.14 58.15
CA SER B 120 31.83 10.54 57.00
C SER B 120 30.69 9.64 57.42
N PHE B 121 30.70 9.14 58.66
CA PHE B 121 29.64 8.31 59.20
C PHE B 121 29.23 8.78 60.59
N GLY B 122 29.20 10.09 60.79
CA GLY B 122 28.81 10.64 62.09
C GLY B 122 27.37 10.35 62.46
N VAL B 123 26.55 9.95 61.50
CA VAL B 123 25.19 9.50 61.77
C VAL B 123 25.28 8.15 62.44
N VAL B 124 24.18 7.69 63.03
CA VAL B 124 24.14 6.43 63.74
C VAL B 124 22.95 5.63 63.23
N VAL B 125 23.13 4.32 63.10
CA VAL B 125 22.06 3.45 62.59
C VAL B 125 21.08 3.20 63.73
N GLU B 126 20.07 4.06 63.85
CA GLU B 126 19.03 3.94 64.85
C GLU B 126 17.68 3.80 64.16
N GLU B 127 16.65 3.59 64.95
CA GLU B 127 15.32 3.40 64.40
C GLU B 127 14.79 4.71 63.85
N ASN B 128 15.03 4.97 62.57
CA ASN B 128 14.58 6.19 61.91
C ASN B 128 13.13 6.01 61.49
N VAL B 129 12.23 6.76 62.14
CA VAL B 129 10.80 6.66 61.83
C VAL B 129 10.41 7.39 60.55
N VAL B 130 11.37 7.94 59.82
CA VAL B 130 11.08 8.75 58.65
C VAL B 130 10.82 7.82 57.46
N SER B 131 9.56 7.75 57.03
CA SER B 131 9.24 7.14 55.77
C SER B 131 9.50 8.13 54.64
N LEU B 132 9.46 7.64 53.40
CA LEU B 132 9.60 8.51 52.24
C LEU B 132 8.59 9.66 52.32
N ASP B 133 7.30 9.33 52.38
CA ASP B 133 6.30 10.33 52.66
C ASP B 133 6.37 10.83 54.10
N LEU B 134 7.10 10.13 54.97
CA LEU B 134 7.17 10.48 56.38
C LEU B 134 7.94 11.78 56.53
N LEU B 135 7.20 12.88 56.77
CA LEU B 135 7.73 14.22 57.03
C LEU B 135 8.28 14.70 55.80
N ASP B 136 8.33 13.74 54.96
CA ASP B 136 8.64 14.29 53.70
C ASP B 136 7.59 15.50 53.17
N GLU B 137 6.38 15.10 53.01
CA GLU B 137 5.48 16.02 52.28
C GLU B 137 5.54 17.32 53.00
N TYR B 138 5.92 17.27 54.25
CA TYR B 138 6.18 18.48 55.01
C TYR B 138 7.37 19.24 54.43
N SER B 139 8.45 18.54 54.08
CA SER B 139 9.59 19.20 53.48
C SER B 139 9.22 19.84 52.14
N ALA B 140 8.44 19.13 51.33
CA ALA B 140 7.98 19.68 50.06
C ALA B 140 7.08 20.89 50.29
N ASN B 141 6.24 20.83 51.32
CA ASN B 141 5.37 21.95 51.63
C ASN B 141 6.19 23.19 52.01
N LYS B 142 7.21 23.01 52.86
CA LYS B 142 8.03 24.15 53.25
C LYS B 142 8.86 24.68 52.07
N TRP B 143 9.38 23.78 51.23
CA TRP B 143 10.15 24.23 50.07
C TRP B 143 9.26 24.97 49.08
N GLU B 144 8.07 24.44 48.81
CA GLU B 144 7.12 25.18 48.00
C GLU B 144 6.75 26.50 48.66
N THR B 145 6.72 26.51 49.99
CA THR B 145 6.41 27.75 50.70
C THR B 145 7.48 28.80 50.46
N ILE B 146 8.74 28.41 50.48
CA ILE B 146 9.79 29.38 50.21
C ILE B 146 9.75 29.79 48.74
N LEU B 147 9.45 28.84 47.85
CA LEU B 147 9.32 29.19 46.43
C LEU B 147 8.24 30.25 46.25
N HIS B 148 7.08 30.04 46.85
CA HIS B 148 5.99 31.01 46.72
C HIS B 148 6.33 32.33 47.38
N PHE B 149 6.84 32.29 48.61
CA PHE B 149 7.09 33.52 49.35
C PHE B 149 8.14 34.37 48.66
N MET B 150 9.21 33.75 48.14
CA MET B 150 10.24 34.51 47.45
C MET B 150 9.76 34.99 46.08
N VAL B 151 9.12 34.10 45.31
CA VAL B 151 8.58 34.51 44.02
C VAL B 151 7.35 35.37 44.15
N GLY B 152 6.76 35.42 45.35
CA GLY B 152 5.59 36.22 45.61
C GLY B 152 4.36 35.33 45.70
N THR B 153 4.00 35.00 46.90
CA THR B 153 2.80 34.21 47.11
C THR B 153 1.63 35.13 47.37
N PRO B 154 0.40 34.63 47.23
CA PRO B 154 -0.76 35.43 47.65
C PRO B 154 -0.57 35.98 49.05
N LEU B 155 0.01 35.17 49.93
CA LEU B 155 0.71 35.66 51.11
C LEU B 155 2.15 35.23 50.96
N ALA B 156 3.08 36.19 51.01
CA ALA B 156 4.51 35.88 50.98
C ALA B 156 4.93 35.47 52.39
N LYS B 157 4.50 34.28 52.78
CA LYS B 157 4.46 33.86 54.17
C LYS B 157 5.82 33.51 54.74
N ILE B 158 6.91 33.89 54.10
CA ILE B 158 8.23 33.54 54.59
C ILE B 158 8.46 34.22 55.93
N PRO B 159 8.36 33.48 57.05
CA PRO B 159 8.73 34.04 58.35
C PRO B 159 10.22 33.92 58.64
N SER B 160 11.00 33.41 57.69
CA SER B 160 12.44 33.26 57.84
C SER B 160 13.06 34.64 57.75
N GLU B 161 12.94 35.40 58.83
CA GLU B 161 13.68 36.65 58.94
C GLU B 161 15.15 36.39 58.71
N LYS B 162 15.67 35.26 59.22
CA LYS B 162 16.99 34.82 58.84
C LYS B 162 17.03 34.43 57.36
N VAL B 163 16.01 33.73 56.88
CA VAL B 163 15.98 33.33 55.47
C VAL B 163 15.81 34.55 54.57
N LEU B 164 14.88 35.43 54.93
CA LEU B 164 14.71 36.67 54.18
C LEU B 164 15.97 37.50 54.21
N ASN B 165 16.69 37.48 55.34
CA ASN B 165 17.94 38.23 55.44
C ASN B 165 19.01 37.62 54.55
N LEU B 166 19.07 36.29 54.48
CA LEU B 166 20.01 35.65 53.58
C LEU B 166 19.70 36.00 52.13
N LEU B 167 18.41 36.02 51.77
CA LEU B 167 18.03 36.38 50.42
C LEU B 167 18.35 37.83 50.11
N LYS B 168 18.06 38.74 51.04
CA LYS B 168 18.22 40.16 50.77
C LYS B 168 19.68 40.58 50.80
N HIS B 169 20.45 40.06 51.75
CA HIS B 169 21.83 40.52 51.94
C HIS B 169 22.66 40.34 50.68
N SER B 170 22.29 39.40 49.83
CA SER B 170 22.94 39.25 48.53
C SER B 170 22.21 40.01 47.43
N LYS B 171 21.10 40.67 47.74
CA LYS B 171 20.27 41.32 46.74
C LYS B 171 19.78 40.32 45.70
N LEU B 172 19.09 39.29 46.19
CA LEU B 172 18.61 38.22 45.32
C LEU B 172 17.34 38.63 44.58
N MET B 173 16.26 38.90 45.32
CA MET B 173 14.94 39.17 44.75
C MET B 173 14.63 40.65 44.86
N GLU B 174 14.24 41.26 43.75
CA GLU B 174 14.23 42.71 43.61
C GLU B 174 12.80 43.25 43.54
N GLU B 175 12.39 43.92 44.62
CA GLU B 175 11.26 44.83 44.62
C GLU B 175 11.68 46.02 45.46
N VAL B 176 10.74 46.87 45.86
CA VAL B 176 11.10 47.99 46.72
C VAL B 176 11.29 47.43 48.11
N ASN B 177 12.50 46.97 48.41
CA ASN B 177 12.75 46.25 49.66
C ASN B 177 12.60 47.15 50.86
N SER B 178 13.04 48.40 50.77
CA SER B 178 12.81 49.34 51.86
C SER B 178 11.33 49.50 52.12
N THR B 179 10.53 49.58 51.06
CA THR B 179 9.08 49.51 51.17
C THR B 179 8.58 48.08 51.27
N GLY B 180 9.48 47.10 51.24
CA GLY B 180 9.11 45.71 51.39
C GLY B 180 8.99 44.94 50.09
N GLU B 181 9.00 45.62 48.96
CA GLU B 181 8.90 44.92 47.69
C GLU B 181 10.07 43.96 47.54
N PHE B 182 9.77 42.71 47.24
CA PHE B 182 10.77 41.73 46.83
C PHE B 182 10.15 40.99 45.65
N LYS B 183 10.28 41.57 44.47
CA LYS B 183 9.85 40.91 43.26
C LYS B 183 11.00 40.09 42.71
N ILE B 184 10.71 39.30 41.67
CA ILE B 184 11.78 38.52 41.06
C ILE B 184 12.70 39.53 40.38
N THR B 185 13.83 39.82 41.00
CA THR B 185 14.80 40.73 40.43
C THR B 185 15.57 39.98 39.34
N ASN B 186 16.65 40.57 38.84
CA ASN B 186 17.55 39.82 37.99
C ASN B 186 17.99 38.56 38.71
N GLU B 187 18.40 38.70 39.97
CA GLU B 187 18.59 37.53 40.81
C GLU B 187 17.28 36.79 41.01
N GLY B 188 16.18 37.52 41.20
CA GLY B 188 14.88 36.86 41.39
C GLY B 188 14.38 36.18 40.14
N PHE B 189 14.58 36.79 38.97
CA PHE B 189 14.25 36.11 37.74
C PHE B 189 15.10 34.86 37.55
N GLN B 190 16.40 34.97 37.81
CA GLN B 190 17.25 33.79 37.73
C GLN B 190 16.80 32.73 38.72
N PHE B 191 16.29 33.15 39.87
CA PHE B 191 15.70 32.20 40.81
C PHE B 191 14.49 31.53 40.19
N LEU B 192 13.70 32.30 39.45
CA LEU B 192 12.66 31.71 38.61
C LEU B 192 13.26 30.76 37.61
N LEU B 193 14.56 30.87 37.37
CA LEU B 193 15.10 29.94 36.44
C LEU B 193 15.80 28.73 37.00
N GLN B 194 16.77 28.90 37.91
CA GLN B 194 17.51 27.77 38.44
C GLN B 194 16.55 26.86 39.21
N GLU B 195 16.19 25.73 38.60
CA GLU B 195 15.09 24.92 39.12
C GLU B 195 15.33 24.32 40.50
N ILE B 196 16.25 23.36 40.61
CA ILE B 196 16.53 22.74 41.89
C ILE B 196 18.01 22.85 42.16
N ASN B 197 18.82 22.23 41.30
CA ASN B 197 20.26 22.40 41.42
C ASN B 197 20.63 23.87 41.24
N SER B 198 20.03 24.53 40.28
CA SER B 198 20.32 25.95 40.11
C SER B 198 19.94 26.74 41.37
N GLN B 199 18.67 26.72 41.74
CA GLN B 199 18.21 27.51 42.88
C GLN B 199 18.79 26.98 44.18
N LEU B 200 18.78 25.66 44.36
CA LEU B 200 19.32 25.07 45.57
C LEU B 200 20.78 25.45 45.75
N TRP B 201 21.54 25.50 44.67
CA TRP B 201 22.95 25.84 44.82
C TRP B 201 23.16 27.33 45.00
N THR B 202 22.41 28.15 44.27
CA THR B 202 22.48 29.59 44.50
C THR B 202 22.21 29.90 45.96
N LEU B 203 21.23 29.21 46.57
CA LEU B 203 20.91 29.55 47.94
C LEU B 203 21.82 28.83 48.93
N LEU B 204 22.39 27.69 48.58
CA LEU B 204 23.43 27.12 49.43
C LEU B 204 24.59 28.10 49.53
N LEU B 205 24.94 28.73 48.41
CA LEU B 205 25.98 29.73 48.46
C LEU B 205 25.49 31.01 49.12
N GLN B 206 24.19 31.29 49.05
CA GLN B 206 23.64 32.41 49.81
C GLN B 206 23.81 32.19 51.31
N TYR B 207 23.57 30.96 51.76
CA TYR B 207 23.81 30.62 53.16
C TYR B 207 25.30 30.70 53.48
N LEU B 208 26.15 30.29 52.53
CA LEU B 208 27.58 30.51 52.66
C LEU B 208 27.88 31.97 52.94
N LYS B 209 27.29 32.87 52.15
CA LYS B 209 27.59 34.29 52.26
C LYS B 209 27.07 34.87 53.57
N MET B 210 25.86 34.49 53.96
CA MET B 210 25.24 35.05 55.17
C MET B 210 26.10 34.79 56.40
N ILE B 211 26.68 33.60 56.50
CA ILE B 211 27.56 33.25 57.61
C ILE B 211 28.90 32.84 56.99
N GLU B 212 29.81 33.81 56.87
CA GLU B 212 31.14 33.54 56.31
C GLU B 212 32.29 34.14 57.10
N THR B 213 32.02 34.99 58.10
CA THR B 213 33.07 35.59 58.92
C THR B 213 32.92 35.26 60.39
N SER B 214 31.73 35.44 60.96
CA SER B 214 31.50 35.27 62.39
C SER B 214 30.82 33.94 62.65
N LYS B 215 31.39 33.15 63.55
CA LYS B 215 30.93 31.78 63.78
C LYS B 215 30.99 30.96 62.48
N MET B 216 32.04 31.18 61.71
CA MET B 216 32.15 30.56 60.39
C MET B 216 32.42 29.07 60.52
N ASP B 217 33.55 28.69 61.11
CA ASP B 217 33.96 27.29 61.16
C ASP B 217 33.91 26.66 59.77
N LEU B 218 34.60 27.34 58.83
CA LEU B 218 34.31 27.18 57.42
C LEU B 218 34.42 25.72 56.97
N VAL B 219 35.54 25.07 57.30
CA VAL B 219 35.71 23.68 56.93
C VAL B 219 34.70 22.80 57.66
N ASP B 220 34.40 23.12 58.92
CA ASP B 220 33.41 22.35 59.66
C ASP B 220 32.02 22.50 59.05
N VAL B 221 31.64 23.73 58.68
CA VAL B 221 30.37 23.94 58.02
C VAL B 221 30.32 23.19 56.70
N LEU B 222 31.44 23.16 55.98
CA LEU B 222 31.51 22.41 54.73
C LEU B 222 31.33 20.92 54.96
N HIS B 223 31.96 20.41 56.02
CA HIS B 223 31.78 19.01 56.37
C HIS B 223 30.32 18.72 56.67
N PHE B 224 29.65 19.65 57.36
CA PHE B 224 28.22 19.50 57.58
C PHE B 224 27.47 19.47 56.26
N ILE B 225 27.86 20.34 55.33
CA ILE B 225 27.21 20.39 54.02
C ILE B 225 27.35 19.06 53.29
N PHE B 226 28.54 18.49 53.34
CA PHE B 226 28.79 17.25 52.59
C PHE B 226 28.17 16.05 53.27
N MET B 227 28.19 16.01 54.61
CA MET B 227 27.44 14.98 55.31
C MET B 227 25.97 15.06 54.96
N LEU B 228 25.44 16.28 54.81
CA LEU B 228 24.05 16.43 54.38
C LEU B 228 23.86 15.89 52.98
N GLY B 229 24.78 16.20 52.07
CA GLY B 229 24.68 15.69 50.72
C GLY B 229 24.98 14.21 50.58
N ALA B 230 25.46 13.56 51.65
CA ALA B 230 25.99 12.21 51.55
C ALA B 230 24.93 11.13 51.79
N LEU B 231 24.32 11.12 52.97
CA LEU B 231 23.38 10.06 53.30
C LEU B 231 22.40 10.56 54.35
N GLU B 232 21.30 9.82 54.51
CA GLU B 232 20.34 10.12 55.56
C GLU B 232 21.02 9.98 56.90
N VAL B 233 21.18 11.10 57.61
CA VAL B 233 21.91 11.09 58.89
C VAL B 233 21.26 10.14 59.88
N GLY B 234 19.94 9.93 59.76
CA GLY B 234 19.27 8.94 60.58
C GLY B 234 19.43 9.25 62.05
N LYS B 235 19.79 8.24 62.82
CA LYS B 235 19.95 8.39 64.26
C LYS B 235 21.29 9.04 64.58
N ALA B 236 21.32 9.75 65.71
CA ALA B 236 22.53 10.27 66.33
C ALA B 236 23.26 11.32 65.50
N TYR B 237 22.72 11.66 64.32
CA TYR B 237 23.36 12.68 63.50
C TYR B 237 23.35 14.02 64.20
N LYS B 238 22.16 14.58 64.42
CA LYS B 238 22.07 15.85 65.14
C LYS B 238 22.41 15.67 66.61
N ILE B 239 22.22 14.48 67.16
CA ILE B 239 22.56 14.23 68.56
C ILE B 239 24.06 14.36 68.76
N ASP B 240 24.86 13.67 67.94
CA ASP B 240 26.30 13.60 68.16
C ASP B 240 27.13 14.16 67.01
N ALA B 241 26.89 13.70 65.78
CA ALA B 241 27.81 13.95 64.67
C ALA B 241 27.66 15.38 64.14
N LEU B 242 28.11 16.34 64.95
CA LEU B 242 28.14 17.72 64.50
C LEU B 242 28.82 18.60 65.54
N SER B 243 29.62 19.55 65.07
CA SER B 243 30.12 20.60 65.94
C SER B 243 29.01 21.59 66.26
N GLU B 244 29.15 22.27 67.39
CA GLU B 244 28.13 23.24 67.81
C GLU B 244 27.88 24.25 66.71
N THR B 245 28.93 24.69 66.02
CA THR B 245 28.74 25.56 64.87
C THR B 245 28.10 24.81 63.71
N GLN B 246 28.61 23.61 63.41
CA GLN B 246 27.96 22.78 62.40
C GLN B 246 26.54 22.42 62.83
N ARG B 247 26.33 22.25 64.14
CA ARG B 247 25.00 21.98 64.64
C ARG B 247 24.06 23.16 64.41
N ILE B 248 24.54 24.38 64.64
CA ILE B 248 23.72 25.56 64.38
C ILE B 248 23.44 25.68 62.88
N MET B 249 24.44 25.36 62.06
CA MET B 249 24.24 25.38 60.61
C MET B 249 23.17 24.37 60.20
N LEU B 250 23.21 23.18 60.80
CA LEU B 250 22.20 22.16 60.49
C LEU B 250 20.83 22.60 60.98
N GLN B 251 20.77 23.26 62.14
CA GLN B 251 19.49 23.74 62.65
C GLN B 251 18.90 24.79 61.72
N ASP B 252 19.75 25.69 61.21
CA ASP B 252 19.28 26.65 60.22
C ASP B 252 18.85 25.95 58.94
N MET B 253 19.58 24.91 58.54
CA MET B 253 19.23 24.17 57.34
C MET B 253 17.87 23.50 57.51
N ARG B 254 17.59 22.98 58.69
CA ARG B 254 16.25 22.50 58.98
C ARG B 254 15.25 23.65 58.88
N ASP B 255 15.63 24.81 59.41
CA ASP B 255 14.81 26.00 59.22
C ASP B 255 14.71 26.34 57.74
N TYR B 256 15.80 26.15 57.00
CA TYR B 256 15.79 26.27 55.56
C TYR B 256 15.27 25.01 54.87
N GLY B 257 14.70 24.08 55.63
CA GLY B 257 14.17 22.85 55.07
C GLY B 257 15.25 21.81 54.84
N LEU B 258 16.49 22.26 54.61
CA LEU B 258 17.56 21.37 54.20
C LEU B 258 17.87 20.31 55.24
N VAL B 259 17.42 20.49 56.48
CA VAL B 259 17.49 19.46 57.50
C VAL B 259 16.09 18.88 57.64
N PHE B 260 15.93 17.60 57.30
CA PHE B 260 14.64 16.93 57.41
C PHE B 260 14.48 16.19 58.73
N GLN B 261 14.70 16.91 59.83
CA GLN B 261 14.52 16.36 61.16
C GLN B 261 13.21 16.87 61.75
N LYS B 262 12.73 16.16 62.77
CA LYS B 262 11.51 16.56 63.45
C LYS B 262 11.77 17.82 64.27
N HIS B 263 10.73 18.28 64.96
CA HIS B 263 10.83 19.47 65.79
C HIS B 263 11.43 19.10 67.16
N SER B 264 11.32 20.02 68.11
CA SER B 264 11.67 19.88 69.51
C SER B 264 13.16 20.00 69.83
N ASN B 265 14.03 20.12 68.83
CA ASN B 265 15.45 20.38 69.06
C ASN B 265 16.12 19.29 69.90
N ASP B 266 15.84 18.03 69.56
CA ASP B 266 16.58 16.93 70.16
C ASP B 266 16.39 15.71 69.25
N SER B 267 17.43 15.36 68.52
CA SER B 267 17.33 14.17 67.67
C SER B 267 18.61 13.86 66.91
N ILE B 268 18.59 12.76 66.16
CA ILE B 268 19.61 12.44 65.17
C ILE B 268 19.26 13.20 63.91
N PHE B 269 20.17 13.20 62.94
CA PHE B 269 19.98 13.97 61.71
C PHE B 269 18.96 13.28 60.81
N TYR B 270 17.82 13.94 60.59
CA TYR B 270 16.83 13.42 59.65
C TYR B 270 17.24 13.83 58.25
N PRO B 271 17.69 12.89 57.42
CA PRO B 271 18.23 13.28 56.11
C PRO B 271 17.18 13.51 55.04
N THR B 272 16.63 14.73 54.96
CA THR B 272 15.67 15.04 53.91
C THR B 272 16.31 14.91 52.53
N LYS B 273 15.46 14.65 51.53
CA LYS B 273 15.93 14.43 50.17
C LYS B 273 16.53 15.69 49.54
N LEU B 274 16.31 16.86 50.14
CA LEU B 274 16.80 18.09 49.53
C LEU B 274 18.32 18.03 49.34
N ALA B 275 19.07 17.72 50.40
CA ALA B 275 20.52 17.70 50.31
C ALA B 275 21.05 16.52 49.48
N LEU B 276 20.33 15.39 49.53
CA LEU B 276 20.67 14.27 48.67
C LEU B 276 20.63 14.68 47.22
N MET B 277 19.52 15.28 46.80
CA MET B 277 19.39 15.71 45.41
C MET B 277 20.39 16.80 45.06
N LEU B 278 20.62 17.74 46.01
CA LEU B 278 21.59 18.80 45.79
C LEU B 278 22.86 18.27 45.19
N THR B 279 23.31 17.11 45.69
CA THR B 279 24.42 16.44 45.01
C THR B 279 24.01 15.55 43.84
N SER B 280 22.86 14.90 43.96
CA SER B 280 22.51 13.81 43.07
C SER B 280 22.04 14.30 41.70
N ASP B 281 21.21 15.33 41.67
CA ASP B 281 20.71 15.94 40.43
C ASP B 281 20.03 14.89 39.53
N THR B 282 18.99 14.29 40.07
CA THR B 282 18.24 13.23 39.39
C THR B 282 16.76 13.62 39.43
N LYS B 283 15.90 12.63 39.16
CA LYS B 283 14.46 12.84 39.20
C LYS B 283 14.06 13.60 40.46
N THR B 284 13.53 14.80 40.27
CA THR B 284 13.58 15.83 41.31
C THR B 284 12.34 15.87 42.21
N ILE B 285 11.38 14.98 42.03
CA ILE B 285 10.21 15.01 42.90
C ILE B 285 10.62 14.65 44.32
N ARG B 286 10.23 15.48 45.27
CA ARG B 286 10.55 15.31 46.69
C ARG B 286 10.07 13.95 47.20
N GLY B 328 -2.24 17.74 53.10
CA GLY B 328 -1.95 16.97 54.30
C GLY B 328 -1.22 15.67 54.04
N LEU B 329 -1.93 14.69 53.49
CA LEU B 329 -1.39 13.37 53.22
C LEU B 329 -1.64 12.95 51.77
N LYS B 330 -1.39 13.85 50.82
CA LYS B 330 -1.62 13.57 49.41
C LYS B 330 -0.40 13.98 48.58
N ASN B 331 -0.26 13.33 47.44
CA ASN B 331 0.81 13.62 46.49
C ASN B 331 0.47 12.95 45.17
N GLN B 332 0.55 13.69 44.07
CA GLN B 332 0.08 13.22 42.76
C GLN B 332 1.13 13.54 41.70
N ASP B 333 1.96 12.55 41.38
CA ASP B 333 2.90 12.64 40.27
C ASP B 333 2.70 11.41 39.39
N ILE B 334 3.61 11.18 38.44
CA ILE B 334 4.68 12.09 38.07
C ILE B 334 4.18 13.28 37.26
N PRO B 335 3.10 13.09 36.52
CA PRO B 335 2.64 14.13 35.59
C PRO B 335 1.98 15.31 36.27
N ASP B 336 2.19 15.46 37.58
CA ASP B 336 1.62 16.59 38.31
C ASP B 336 2.06 17.93 37.70
N GLY B 337 3.29 18.00 37.19
CA GLY B 337 3.69 19.16 36.42
C GLY B 337 2.84 19.32 35.19
N SER B 338 2.35 20.54 34.94
CA SER B 338 1.37 20.78 33.90
C SER B 338 1.74 21.98 33.06
N LEU B 339 1.38 21.89 31.78
CA LEU B 339 1.57 22.99 30.85
C LEU B 339 1.04 22.60 29.48
N ILE B 340 1.11 23.54 28.52
CA ILE B 340 0.89 23.23 27.12
C ILE B 340 1.74 24.16 26.28
N VAL B 341 2.74 23.61 25.58
CA VAL B 341 3.62 24.45 24.79
C VAL B 341 3.99 23.76 23.48
N GLU B 342 3.28 24.09 22.42
CA GLU B 342 3.54 23.55 21.09
C GLU B 342 3.78 24.70 20.14
N THR B 343 3.85 24.38 18.85
CA THR B 343 4.15 25.42 17.85
C THR B 343 2.96 26.37 17.61
N ASN B 344 1.90 26.29 18.41
CA ASN B 344 0.80 27.24 18.32
C ASN B 344 1.08 28.55 19.03
N PHE B 345 2.14 28.62 19.84
CA PHE B 345 2.46 29.81 20.63
C PHE B 345 1.28 30.13 21.55
N LYS B 346 1.01 29.20 22.45
CA LYS B 346 -0.18 29.21 23.27
C LYS B 346 0.01 28.18 24.38
N ILE B 347 -0.68 28.40 25.50
CA ILE B 347 -0.64 27.48 26.63
C ILE B 347 -1.83 26.53 26.52
N TYR B 348 -1.59 25.24 26.76
CA TYR B 348 -2.66 24.26 26.81
C TYR B 348 -2.38 23.29 27.97
N SER B 349 -2.85 23.66 29.16
CA SER B 349 -2.49 22.94 30.38
C SER B 349 -3.70 22.22 30.97
N TYR B 350 -3.47 20.97 31.39
CA TYR B 350 -4.44 20.20 32.16
C TYR B 350 -3.95 19.94 33.58
N SER B 351 -2.73 19.43 33.74
CA SER B 351 -2.18 19.31 35.07
C SER B 351 -1.70 20.68 35.56
N ASN B 352 -1.34 20.75 36.84
CA ASN B 352 -0.99 22.04 37.43
C ASN B 352 -0.07 21.86 38.63
N SER B 353 0.60 22.97 39.00
CA SER B 353 1.32 23.13 40.26
C SER B 353 1.30 24.63 40.52
N PRO B 354 0.49 25.04 41.48
CA PRO B 354 0.31 26.49 41.68
C PRO B 354 1.59 27.29 41.79
N LEU B 355 2.67 26.69 42.27
CA LEU B 355 3.97 27.31 42.10
C LEU B 355 4.33 27.38 40.62
N GLN B 356 4.22 26.26 39.90
CA GLN B 356 4.50 26.29 38.48
C GLN B 356 3.52 27.18 37.74
N ILE B 357 2.26 27.24 38.20
CA ILE B 357 1.33 28.15 37.53
C ILE B 357 1.72 29.60 37.79
N ALA B 358 2.27 29.90 38.97
CA ALA B 358 2.81 31.24 39.18
C ALA B 358 3.95 31.51 38.22
N VAL B 359 4.85 30.53 38.04
CA VAL B 359 5.96 30.68 37.11
C VAL B 359 5.44 30.95 35.71
N LEU B 360 4.41 30.21 35.30
CA LEU B 360 3.84 30.41 33.98
C LEU B 360 3.24 31.80 33.86
N SER B 361 2.46 32.22 34.86
CA SER B 361 1.86 33.55 34.86
C SER B 361 2.92 34.65 34.80
N LEU B 362 4.12 34.36 35.27
CA LEU B 362 5.18 35.37 35.21
C LEU B 362 5.39 35.85 33.78
N PHE B 363 5.70 34.93 32.87
CA PHE B 363 6.07 35.29 31.51
C PHE B 363 4.89 35.33 30.56
N VAL B 364 3.69 35.55 31.07
CA VAL B 364 2.48 35.48 30.25
C VAL B 364 1.40 36.30 30.93
N HIS B 365 0.35 36.63 30.18
CA HIS B 365 -0.84 37.26 30.73
C HIS B 365 -1.77 36.22 31.33
N LEU B 366 -2.75 36.71 32.10
CA LEU B 366 -3.72 35.85 32.75
C LEU B 366 -5.03 36.61 32.91
N LYS B 367 -6.15 35.88 32.91
CA LYS B 367 -7.41 36.55 33.21
C LYS B 367 -8.24 35.85 34.28
N ALA B 368 -8.21 34.50 34.33
CA ALA B 368 -8.98 33.79 35.34
C ALA B 368 -8.47 32.36 35.43
N ARG B 369 -8.52 31.81 36.65
CA ARG B 369 -8.10 30.43 36.89
C ARG B 369 -9.27 29.48 36.72
N PHE B 370 -9.00 28.30 36.15
CA PHE B 370 -10.07 27.35 35.82
C PHE B 370 -9.79 25.94 36.32
N VAL B 371 -10.58 24.97 35.84
CA VAL B 371 -10.58 23.58 36.31
C VAL B 371 -9.19 22.98 36.27
N ASN B 372 -8.65 22.83 35.06
CA ASN B 372 -7.34 22.24 34.86
C ASN B 372 -6.43 23.12 34.04
N MET B 373 -6.94 24.25 33.56
CA MET B 373 -6.22 25.23 32.76
C MET B 373 -6.44 26.60 33.38
N VAL B 374 -5.60 27.56 33.01
CA VAL B 374 -5.78 28.95 33.39
C VAL B 374 -5.86 29.78 32.12
N LEU B 375 -6.47 30.95 32.22
CA LEU B 375 -6.58 31.81 31.05
C LEU B 375 -5.19 32.34 30.70
N GLY B 376 -4.60 31.84 29.61
CA GLY B 376 -3.30 32.33 29.19
C GLY B 376 -2.88 31.94 27.79
N GLN B 377 -2.47 32.95 27.00
CA GLN B 377 -1.92 32.75 25.67
C GLN B 377 -0.58 33.47 25.62
N ILE B 378 0.43 32.81 25.11
CA ILE B 378 1.76 33.41 25.08
C ILE B 378 1.93 34.20 23.79
N THR B 379 2.52 35.39 23.91
CA THR B 379 2.57 36.35 22.81
C THR B 379 3.93 37.05 22.84
N ARG B 380 4.06 38.04 21.95
CA ARG B 380 5.18 38.97 22.02
C ARG B 380 5.14 39.75 23.33
N GLU B 381 3.96 40.25 23.70
CA GLU B 381 3.81 40.99 24.94
C GLU B 381 4.07 40.11 26.14
N SER B 382 3.60 38.85 26.10
CA SER B 382 3.69 37.97 27.25
C SER B 382 5.14 37.84 27.73
N ILE B 383 6.09 37.74 26.81
CA ILE B 383 7.49 37.65 27.16
C ILE B 383 8.17 39.02 27.25
N ARG B 384 7.62 40.03 26.58
CA ARG B 384 8.04 41.40 26.85
C ARG B 384 7.88 41.72 28.34
N ARG B 385 6.90 41.11 28.98
CA ARG B 385 6.78 41.19 30.44
C ARG B 385 8.08 40.80 31.12
N ALA B 386 8.54 39.58 30.89
CA ALA B 386 9.80 39.13 31.49
C ALA B 386 10.95 40.04 31.09
N LEU B 387 10.92 40.53 29.85
CA LEU B 387 11.94 41.45 29.39
C LEU B 387 11.87 42.79 30.12
N THR B 388 10.74 43.10 30.77
CA THR B 388 10.71 44.26 31.64
C THR B 388 11.56 44.02 32.88
N ASN B 389 11.50 42.83 33.43
CA ASN B 389 12.46 42.32 34.40
C ASN B 389 13.74 41.96 33.75
N GLY B 390 13.81 42.36 32.49
CA GLY B 390 14.91 41.99 31.63
C GLY B 390 15.00 40.50 31.36
N ILE B 391 14.07 39.72 31.92
CA ILE B 391 14.30 38.29 32.05
C ILE B 391 14.41 37.69 30.67
N THR B 392 15.64 37.33 30.31
CA THR B 392 15.91 36.82 28.97
C THR B 392 15.09 35.58 28.72
N ALA B 393 14.42 35.55 27.58
CA ALA B 393 13.78 34.32 27.18
C ALA B 393 14.79 33.41 26.50
N ASP B 394 15.96 33.27 27.14
CA ASP B 394 16.95 32.28 26.77
C ASP B 394 17.05 31.17 27.79
N GLN B 395 16.84 31.48 29.06
CA GLN B 395 16.54 30.44 30.03
C GLN B 395 15.26 29.71 29.66
N ILE B 396 14.24 30.46 29.27
CA ILE B 396 12.90 29.90 29.17
C ILE B 396 12.81 28.85 28.08
N ILE B 397 13.64 28.94 27.04
CA ILE B 397 13.58 27.97 25.96
C ILE B 397 13.87 26.58 26.50
N ALA B 398 15.09 26.37 26.99
CA ALA B 398 15.41 25.10 27.60
C ALA B 398 14.65 24.85 28.89
N TYR B 399 14.02 25.89 29.46
CA TYR B 399 13.16 25.70 30.62
C TYR B 399 11.89 24.95 30.24
N LEU B 400 11.23 25.41 29.18
CA LEU B 400 10.10 24.69 28.62
C LEU B 400 10.55 23.36 28.02
N GLU B 401 11.83 23.24 27.72
CA GLU B 401 12.40 21.93 27.45
C GLU B 401 12.78 21.18 28.72
N THR B 402 12.62 21.81 29.88
CA THR B 402 12.80 21.17 31.18
C THR B 402 11.49 21.10 31.94
N HIS B 403 10.84 22.25 32.10
CA HIS B 403 9.57 22.36 32.80
C HIS B 403 8.43 22.06 31.85
N ALA B 404 7.31 21.62 32.44
CA ALA B 404 6.02 21.51 31.78
C ALA B 404 5.99 20.43 30.69
N HIS B 405 7.14 19.85 30.36
CA HIS B 405 7.12 18.55 29.71
C HIS B 405 6.37 17.51 30.52
N PRO B 406 6.33 17.57 31.88
CA PRO B 406 5.40 16.73 32.64
C PRO B 406 3.95 16.80 32.18
N GLN B 407 3.62 17.71 31.26
CA GLN B 407 2.38 17.60 30.51
C GLN B 407 2.60 17.65 29.00
N MET B 408 3.85 17.79 28.55
CA MET B 408 4.18 17.76 27.11
C MET B 408 5.00 16.52 26.78
N ARG B 409 4.70 15.39 27.43
CA ARG B 409 5.45 14.18 27.13
C ARG B 409 5.26 13.72 25.69
N ARG B 410 4.01 13.57 25.24
CA ARG B 410 3.80 13.26 23.82
C ARG B 410 4.31 14.38 22.93
N LEU B 411 4.28 15.61 23.43
CA LEU B 411 4.74 16.74 22.62
C LEU B 411 6.23 16.59 22.31
N ALA B 412 7.04 16.41 23.33
CA ALA B 412 8.47 16.25 23.11
C ALA B 412 8.83 14.87 22.57
N GLU B 413 7.93 13.89 22.61
CA GLU B 413 8.22 12.61 21.97
C GLU B 413 7.85 12.59 20.50
N GLU B 414 6.85 13.39 20.11
CA GLU B 414 6.50 13.63 18.72
C GLU B 414 7.48 14.59 18.06
N LYS B 415 8.02 15.55 18.82
CA LYS B 415 8.86 16.59 18.25
C LYS B 415 10.34 16.41 18.55
N LEU B 416 10.70 15.56 19.51
CA LEU B 416 12.05 15.02 19.54
C LEU B 416 12.21 13.96 18.45
N GLU B 417 11.24 13.05 18.36
CA GLU B 417 11.15 12.01 17.33
C GLU B 417 12.35 11.07 17.34
N LYS B 418 13.23 11.19 18.32
CA LYS B 418 14.55 10.58 18.24
C LYS B 418 15.19 10.90 16.90
N LYS B 419 15.24 12.19 16.58
CA LYS B 419 15.81 12.70 15.34
C LYS B 419 17.30 12.98 15.51
N LEU B 420 18.03 11.97 15.97
CA LEU B 420 19.47 12.10 16.19
C LEU B 420 20.26 11.16 15.30
N GLU B 421 19.96 9.86 15.33
CA GLU B 421 20.48 8.96 14.30
C GLU B 421 19.95 9.35 12.94
N LEU B 422 18.70 9.81 12.89
CA LEU B 422 18.08 10.30 11.66
C LEU B 422 18.52 11.71 11.31
N ASP B 423 19.29 12.38 12.18
CA ASP B 423 19.75 13.73 11.88
C ASP B 423 20.57 13.81 10.60
N PRO B 424 21.57 12.93 10.35
CA PRO B 424 22.25 12.96 9.05
C PRO B 424 21.57 12.10 7.99
N ASN B 425 20.81 11.08 8.42
CA ASN B 425 20.10 10.24 7.46
C ASN B 425 19.07 11.06 6.68
N CYS B 426 18.06 11.56 7.39
CA CYS B 426 17.17 12.59 6.85
C CYS B 426 17.65 13.92 7.42
N LYS B 427 18.22 14.77 6.56
CA LYS B 427 19.08 15.84 7.03
C LYS B 427 18.34 16.82 7.93
N GLU B 428 17.17 17.28 7.50
CA GLU B 428 16.47 18.32 8.22
C GLU B 428 15.96 17.79 9.56
N PRO B 429 16.34 18.40 10.69
CA PRO B 429 15.75 17.98 11.97
C PRO B 429 14.25 18.25 12.01
N LEU B 430 13.53 17.38 12.71
CA LEU B 430 12.07 17.35 12.69
C LEU B 430 11.50 18.09 13.89
N GLN B 431 11.67 19.41 13.89
CA GLN B 431 11.13 20.28 14.95
C GLN B 431 11.68 19.87 16.31
N VAL B 432 12.95 19.45 16.34
CA VAL B 432 13.62 19.00 17.55
C VAL B 432 14.77 19.97 17.82
N LEU B 433 14.58 20.86 18.78
CA LEU B 433 13.31 21.09 19.44
C LEU B 433 12.59 22.10 18.57
N PRO B 434 11.32 22.44 18.93
CA PRO B 434 10.63 23.32 18.07
C PRO B 434 11.33 24.65 17.78
N PRO B 435 11.75 24.85 16.44
CA PRO B 435 12.48 26.07 16.15
C PRO B 435 11.64 27.23 15.64
N THR B 436 10.38 27.00 15.29
CA THR B 436 9.49 28.13 15.03
C THR B 436 9.22 28.90 16.32
N VAL B 437 9.04 28.16 17.41
CA VAL B 437 8.86 28.79 18.72
C VAL B 437 10.09 29.60 19.08
N VAL B 438 11.27 28.98 18.99
CA VAL B 438 12.51 29.69 19.26
C VAL B 438 12.68 30.83 18.29
N ASP B 439 12.18 30.67 17.07
CA ASP B 439 12.35 31.69 16.05
C ASP B 439 11.59 32.96 16.41
N GLN B 440 10.31 32.81 16.77
CA GLN B 440 9.54 34.00 17.13
C GLN B 440 10.00 34.56 18.47
N ILE B 441 10.43 33.69 19.37
CA ILE B 441 10.93 34.15 20.67
C ILE B 441 12.20 34.94 20.41
N ARG B 442 13.20 34.25 19.84
CA ARG B 442 14.49 34.85 19.50
C ARG B 442 14.29 36.14 18.72
N LEU B 443 13.49 36.06 17.65
CA LEU B 443 13.16 37.22 16.82
C LEU B 443 12.67 38.36 17.69
N TRP B 444 11.70 38.07 18.58
CA TRP B 444 11.17 39.08 19.49
C TRP B 444 12.29 39.72 20.32
N GLN B 445 13.21 38.90 20.83
CA GLN B 445 14.34 39.42 21.58
C GLN B 445 15.15 40.40 20.72
N LEU B 446 15.40 40.01 19.47
CA LEU B 446 16.14 40.86 18.54
C LEU B 446 15.43 42.20 18.39
N GLU B 447 14.11 42.13 18.19
CA GLU B 447 13.27 43.31 18.05
C GLU B 447 13.48 44.07 19.34
N LEU B 448 13.24 43.39 20.45
CA LEU B 448 13.40 43.99 21.77
C LEU B 448 14.88 44.21 22.08
N ASP B 449 15.73 43.96 21.09
CA ASP B 449 17.17 44.13 21.25
C ASP B 449 17.66 45.40 20.57
N ARG B 450 16.74 46.33 20.33
CA ARG B 450 17.08 47.59 19.67
C ARG B 450 18.18 48.29 20.46
N VAL B 451 17.99 48.40 21.77
CA VAL B 451 18.98 49.03 22.64
C VAL B 451 19.66 47.95 23.47
N ILE B 452 20.09 46.88 22.80
CA ILE B 452 20.75 45.76 23.46
C ILE B 452 21.92 46.22 24.33
N THR B 453 21.98 45.69 25.55
CA THR B 453 23.03 46.04 26.48
C THR B 453 23.98 44.87 26.74
N TYR B 454 25.20 45.18 27.16
CA TYR B 454 26.20 44.17 27.44
C TYR B 454 26.65 44.21 28.90
N GLU B 455 27.12 43.08 29.40
CA GLU B 455 27.58 42.96 30.78
C GLU B 455 29.09 43.04 30.85
N GLY B 456 29.60 43.35 32.04
CA GLY B 456 31.03 43.36 32.30
C GLY B 456 31.60 44.74 32.39
N SER B 457 32.67 44.99 31.65
CA SER B 457 33.35 46.29 31.64
C SER B 457 34.40 46.28 30.54
N LEU B 458 34.85 47.48 30.17
CA LEU B 458 35.73 47.68 29.02
C LEU B 458 37.20 47.59 29.43
N TYR B 459 37.88 46.54 28.97
CA TYR B 459 39.26 46.27 29.35
C TYR B 459 40.23 47.06 28.49
N SER B 460 41.45 47.19 28.97
CA SER B 460 42.40 48.14 28.38
C SER B 460 43.82 47.59 28.52
N ASP B 461 44.80 48.49 28.34
CA ASP B 461 46.25 48.21 28.40
C ASP B 461 46.65 47.01 27.52
N PHE B 462 46.16 47.00 26.29
CA PHE B 462 46.61 46.04 25.29
C PHE B 462 47.66 46.71 24.41
N GLU B 463 48.82 46.04 24.27
CA GLU B 463 49.98 46.64 23.62
C GLU B 463 50.40 45.91 22.35
N THR B 464 50.46 44.58 22.34
CA THR B 464 50.99 43.83 21.21
C THR B 464 49.95 42.86 20.67
N SER B 465 50.09 42.54 19.38
CA SER B 465 49.23 41.55 18.76
C SER B 465 49.67 40.14 19.03
N GLN B 466 50.81 39.92 19.69
CA GLN B 466 51.16 38.55 20.03
C GLN B 466 50.25 38.05 21.13
N GLU B 467 50.29 38.68 22.30
CA GLU B 467 49.36 38.30 23.34
C GLU B 467 47.95 38.75 23.03
N TYR B 468 47.76 39.67 22.11
CA TYR B 468 46.37 39.92 21.77
C TYR B 468 45.81 38.88 20.83
N ASN B 469 46.58 38.46 19.83
CA ASN B 469 46.19 37.27 19.09
C ASN B 469 45.95 36.11 20.04
N LEU B 470 46.84 35.95 21.01
CA LEU B 470 46.75 34.85 21.95
C LEU B 470 45.48 34.94 22.78
N LEU B 471 45.30 36.05 23.49
CA LEU B 471 44.15 36.26 24.35
C LEU B 471 42.85 36.32 23.54
N SER B 472 42.92 36.80 22.31
CA SER B 472 41.74 36.87 21.46
C SER B 472 41.29 35.47 21.03
N LYS B 473 42.24 34.63 20.61
CA LYS B 473 41.85 33.27 20.27
C LYS B 473 41.43 32.49 21.51
N TYR B 474 42.12 32.69 22.63
CA TYR B 474 41.73 32.00 23.86
C TYR B 474 40.41 32.53 24.41
N ALA B 475 39.96 33.64 23.92
CA ALA B 475 38.64 34.07 24.27
C ALA B 475 37.59 33.62 23.23
N GLN B 476 38.02 33.35 22.00
CA GLN B 476 37.28 32.49 21.10
C GLN B 476 37.18 31.06 21.63
N ASP B 477 38.03 30.70 22.60
CA ASP B 477 38.14 29.34 23.12
C ASP B 477 37.43 29.12 24.45
N ILE B 478 37.68 29.97 25.46
CA ILE B 478 36.93 29.85 26.72
C ILE B 478 35.62 30.61 26.65
N GLY B 479 35.36 31.34 25.58
CA GLY B 479 34.12 32.04 25.42
C GLY B 479 33.93 33.21 26.36
N VAL B 480 35.01 33.91 26.71
CA VAL B 480 34.88 35.15 27.47
C VAL B 480 34.54 36.33 26.58
N LEU B 481 34.68 36.18 25.26
CA LEU B 481 34.54 37.30 24.33
C LEU B 481 33.15 37.33 23.71
N LEU B 482 32.57 38.53 23.68
CA LEU B 482 31.39 38.80 22.87
C LEU B 482 31.76 39.57 21.61
N TRP B 483 32.35 40.75 21.78
CA TRP B 483 32.98 41.51 20.71
C TRP B 483 34.29 42.07 21.24
N LYS B 484 35.24 42.30 20.34
CA LYS B 484 36.49 42.92 20.70
C LYS B 484 37.04 43.66 19.49
N ASP B 485 38.18 44.32 19.70
CA ASP B 485 39.04 44.73 18.60
C ASP B 485 40.41 45.19 19.13
N ASP B 486 41.49 44.64 18.58
CA ASP B 486 42.80 45.16 18.81
C ASP B 486 42.93 46.58 18.35
N LYS B 487 42.23 46.89 17.27
CA LYS B 487 42.33 48.23 16.70
C LYS B 487 42.02 49.28 17.76
N LYS B 488 40.91 49.09 18.48
CA LYS B 488 40.64 49.94 19.63
C LYS B 488 41.42 49.51 20.85
N LYS B 489 41.97 48.29 20.86
CA LYS B 489 42.40 47.66 22.10
C LYS B 489 41.27 47.73 23.12
N LYS B 490 40.07 47.34 22.69
CA LYS B 490 38.88 47.53 23.50
C LYS B 490 37.93 46.35 23.36
N PHE B 491 37.25 46.04 24.46
CA PHE B 491 36.10 45.16 24.51
C PHE B 491 35.52 45.21 25.92
N PHE B 492 34.21 44.99 26.00
CA PHE B 492 33.43 45.13 27.23
C PHE B 492 32.84 43.76 27.55
N ILE B 493 33.60 42.94 28.29
CA ILE B 493 33.22 41.57 28.58
C ILE B 493 33.45 41.27 30.07
N SER B 494 33.30 40.01 30.46
CA SER B 494 33.68 39.60 31.80
C SER B 494 35.19 39.37 31.88
N LYS B 495 35.67 39.12 33.11
CA LYS B 495 37.10 39.14 33.41
C LYS B 495 37.75 37.77 33.31
N GLU B 496 37.24 36.88 32.46
CA GLU B 496 37.77 35.53 32.43
C GLU B 496 39.11 35.53 31.73
N GLY B 497 39.15 35.88 30.43
CA GLY B 497 40.34 36.26 29.70
C GLY B 497 41.37 36.96 30.56
N ASN B 498 40.84 37.93 31.27
CA ASN B 498 41.60 38.62 32.29
C ASN B 498 41.99 37.66 33.41
N SER B 499 41.08 36.80 33.84
CA SER B 499 41.42 35.90 34.94
C SER B 499 42.53 34.93 34.55
N GLN B 500 42.40 34.29 33.39
CA GLN B 500 43.34 33.24 33.07
C GLN B 500 44.69 33.98 32.63
N VAL B 501 44.65 35.19 32.07
CA VAL B 501 45.86 35.90 31.68
C VAL B 501 46.50 36.53 32.92
N LEU B 502 45.64 36.87 33.89
CA LEU B 502 46.10 37.47 35.13
C LEU B 502 46.78 36.41 35.99
N ASP B 503 46.27 35.18 35.91
CA ASP B 503 46.85 34.09 36.68
C ASP B 503 48.12 33.59 36.01
N PHE B 504 48.10 33.49 34.68
CA PHE B 504 49.30 33.05 33.97
C PHE B 504 50.44 34.02 34.14
N ALA B 505 50.15 35.33 34.11
CA ALA B 505 51.22 36.31 34.23
C ALA B 505 51.79 36.34 35.65
N LYS B 506 50.96 36.15 36.67
CA LYS B 506 51.47 36.36 38.02
C LYS B 506 52.00 35.09 38.68
N ARG B 507 51.34 33.94 38.50
CA ARG B 507 51.80 32.72 39.19
C ARG B 507 51.71 31.48 38.30
N MET C 1 -12.98 -42.72 0.50
CA MET C 1 -13.96 -43.14 1.49
C MET C 1 -14.73 -44.36 1.02
N LYS C 2 -15.10 -45.22 1.96
CA LYS C 2 -16.13 -46.25 1.72
C LYS C 2 -17.02 -46.25 2.97
N PHE C 3 -18.05 -45.41 2.94
CA PHE C 3 -18.96 -45.22 4.06
C PHE C 3 -20.37 -45.54 3.62
N TYR C 4 -21.31 -45.38 4.55
CA TYR C 4 -22.67 -45.84 4.31
C TYR C 4 -23.68 -44.78 4.71
N ILE C 5 -24.90 -44.94 4.19
CA ILE C 5 -26.04 -44.09 4.50
C ILE C 5 -27.07 -44.98 5.20
N ASP C 6 -26.56 -45.90 6.01
CA ASP C 6 -27.22 -47.00 6.71
C ASP C 6 -27.55 -48.13 5.75
N ASP C 7 -27.40 -47.97 4.45
CA ASP C 7 -27.78 -49.05 3.54
C ASP C 7 -26.82 -49.31 2.40
N LEU C 8 -25.97 -48.35 2.01
CA LEU C 8 -25.17 -48.51 0.81
C LEU C 8 -23.74 -48.02 1.04
N PRO C 9 -22.73 -48.80 0.68
CA PRO C 9 -21.36 -48.29 0.73
C PRO C 9 -21.21 -47.14 -0.25
N VAL C 10 -20.35 -46.18 0.10
CA VAL C 10 -20.15 -44.99 -0.71
C VAL C 10 -18.67 -44.82 -0.95
N LEU C 11 -18.23 -45.01 -2.19
CA LEU C 11 -16.81 -44.90 -2.54
C LEU C 11 -16.51 -43.45 -2.93
N PHE C 12 -16.58 -42.58 -1.95
CA PHE C 12 -16.34 -41.17 -2.20
C PHE C 12 -14.88 -40.98 -2.60
N PRO C 13 -14.59 -40.43 -3.78
CA PRO C 13 -13.20 -40.33 -4.23
C PRO C 13 -12.37 -39.30 -3.49
N TYR C 14 -12.96 -38.52 -2.63
CA TYR C 14 -12.11 -37.70 -1.83
C TYR C 14 -12.10 -38.20 -0.41
N PRO C 15 -10.93 -38.30 0.24
CA PRO C 15 -10.94 -38.60 1.67
C PRO C 15 -11.78 -37.59 2.42
N LYS C 16 -11.81 -36.33 1.96
CA LYS C 16 -12.54 -35.23 2.58
C LYS C 16 -13.98 -35.20 2.10
N ILE C 17 -14.79 -34.43 2.81
CA ILE C 17 -16.22 -34.30 2.53
C ILE C 17 -16.64 -32.89 2.93
N TYR C 18 -17.92 -32.57 2.75
CA TYR C 18 -18.52 -31.48 3.48
C TYR C 18 -19.86 -31.95 4.03
N PRO C 19 -20.23 -31.46 5.22
CA PRO C 19 -21.48 -31.95 5.85
C PRO C 19 -22.71 -31.76 4.98
N GLU C 20 -22.77 -30.63 4.28
CA GLU C 20 -23.85 -30.40 3.33
C GLU C 20 -23.94 -31.54 2.33
N GLN C 21 -22.79 -32.12 1.95
CA GLN C 21 -22.81 -33.22 0.99
C GLN C 21 -23.52 -34.44 1.56
N TYR C 22 -23.28 -34.75 2.83
CA TYR C 22 -23.98 -35.88 3.42
C TYR C 22 -25.46 -35.59 3.56
N ASN C 23 -25.81 -34.34 3.90
CA ASN C 23 -27.22 -33.94 3.87
C ASN C 23 -27.82 -34.24 2.51
N TYR C 24 -27.10 -33.86 1.46
CA TYR C 24 -27.53 -34.05 0.09
C TYR C 24 -27.76 -35.51 -0.22
N MET C 25 -26.77 -36.35 0.06
CA MET C 25 -26.87 -37.77 -0.24
C MET C 25 -27.99 -38.41 0.53
N CYS C 26 -28.12 -38.06 1.81
CA CYS C 26 -29.19 -38.63 2.62
C CYS C 26 -30.55 -38.34 2.01
N ASP C 27 -30.84 -37.07 1.75
CA ASP C 27 -32.17 -36.73 1.26
C ASP C 27 -32.40 -37.26 -0.15
N ILE C 28 -31.36 -37.27 -0.99
CA ILE C 28 -31.55 -37.75 -2.36
C ILE C 28 -31.81 -39.24 -2.37
N LYS C 29 -31.11 -40.01 -1.53
CA LYS C 29 -31.41 -41.43 -1.44
C LYS C 29 -32.81 -41.64 -0.88
N LYS C 30 -33.11 -40.99 0.24
CA LYS C 30 -34.45 -41.07 0.81
C LYS C 30 -35.50 -40.83 -0.25
N THR C 31 -35.24 -39.93 -1.18
CA THR C 31 -36.08 -39.84 -2.36
C THR C 31 -36.03 -41.15 -3.12
N LEU C 32 -34.86 -41.49 -3.66
CA LEU C 32 -34.76 -42.52 -4.69
C LEU C 32 -35.45 -43.81 -4.27
N ASP C 33 -35.36 -44.16 -2.99
CA ASP C 33 -36.06 -45.34 -2.51
C ASP C 33 -37.55 -45.24 -2.76
N VAL C 34 -38.12 -44.04 -2.62
CA VAL C 34 -39.47 -43.77 -3.09
C VAL C 34 -39.35 -42.83 -4.28
N GLY C 35 -39.26 -43.42 -5.47
CA GLY C 35 -38.95 -42.63 -6.64
C GLY C 35 -39.88 -41.47 -6.84
N GLY C 36 -39.32 -40.27 -6.96
CA GLY C 36 -40.14 -39.08 -7.02
C GLY C 36 -39.42 -37.98 -7.75
N ASN C 37 -39.80 -36.74 -7.46
CA ASN C 37 -39.19 -35.58 -8.07
C ASN C 37 -38.39 -34.75 -7.07
N SER C 38 -39.03 -34.28 -6.00
CA SER C 38 -38.36 -33.81 -4.78
C SER C 38 -37.33 -32.71 -5.11
N ILE C 39 -37.86 -31.57 -5.53
CA ILE C 39 -37.03 -30.41 -5.83
C ILE C 39 -36.14 -30.08 -4.63
N LEU C 40 -34.87 -29.77 -4.92
CA LEU C 40 -33.88 -29.50 -3.89
C LEU C 40 -33.02 -28.32 -4.31
N GLU C 41 -32.21 -27.84 -3.37
CA GLU C 41 -31.13 -26.91 -3.67
C GLU C 41 -29.81 -27.52 -3.26
N MET C 42 -28.85 -27.52 -4.18
CA MET C 42 -27.47 -27.87 -3.85
C MET C 42 -26.55 -26.78 -4.34
N PRO C 43 -25.81 -26.12 -3.47
CA PRO C 43 -24.91 -25.04 -3.90
C PRO C 43 -23.81 -25.58 -4.81
N SER C 44 -23.59 -24.87 -5.92
CA SER C 44 -22.52 -25.23 -6.84
C SER C 44 -21.14 -24.94 -6.27
N GLY C 45 -21.05 -24.10 -5.25
CA GLY C 45 -19.76 -23.85 -4.62
C GLY C 45 -19.10 -25.12 -4.17
N THR C 46 -19.88 -26.07 -3.69
CA THR C 46 -19.46 -27.46 -3.61
C THR C 46 -19.84 -28.13 -4.92
N GLY C 47 -18.96 -28.99 -5.43
CA GLY C 47 -19.30 -29.62 -6.68
C GLY C 47 -20.20 -30.79 -6.41
N LYS C 48 -21.51 -30.55 -6.53
CA LYS C 48 -22.48 -31.60 -6.29
C LYS C 48 -22.31 -32.73 -7.26
N THR C 49 -21.62 -32.49 -8.37
CA THR C 49 -21.33 -33.53 -9.35
C THR C 49 -20.87 -34.80 -8.67
N VAL C 50 -19.88 -34.69 -7.79
CA VAL C 50 -19.27 -35.87 -7.19
C VAL C 50 -20.25 -36.55 -6.24
N SER C 51 -20.95 -35.75 -5.43
CA SER C 51 -21.99 -36.30 -4.59
C SER C 51 -22.95 -37.15 -5.42
N LEU C 52 -23.52 -36.53 -6.44
CA LEU C 52 -24.41 -37.21 -7.37
C LEU C 52 -23.80 -38.52 -7.82
N LEU C 53 -22.68 -38.44 -8.52
CA LEU C 53 -22.15 -39.61 -9.23
C LEU C 53 -21.77 -40.71 -8.25
N SER C 54 -21.13 -40.36 -7.14
CA SER C 54 -20.76 -41.35 -6.15
C SER C 54 -21.98 -42.08 -5.62
N LEU C 55 -22.99 -41.33 -5.15
CA LEU C 55 -24.18 -41.99 -4.62
C LEU C 55 -24.88 -42.80 -5.70
N THR C 56 -24.91 -42.28 -6.91
CA THR C 56 -25.61 -42.98 -7.98
C THR C 56 -24.94 -44.29 -8.31
N ILE C 57 -23.61 -44.30 -8.38
CA ILE C 57 -22.93 -45.57 -8.63
C ILE C 57 -23.17 -46.51 -7.48
N ALA C 58 -23.10 -45.99 -6.24
CA ALA C 58 -23.37 -46.84 -5.09
C ALA C 58 -24.76 -47.45 -5.18
N TYR C 59 -25.75 -46.65 -5.56
CA TYR C 59 -27.13 -47.12 -5.59
C TYR C 59 -27.36 -48.10 -6.72
N GLN C 60 -26.83 -47.79 -7.90
CA GLN C 60 -27.05 -48.63 -9.06
C GLN C 60 -26.30 -49.95 -8.93
N MET C 61 -25.04 -49.92 -8.49
CA MET C 61 -24.32 -51.16 -8.28
C MET C 61 -24.90 -51.95 -7.11
N HIS C 62 -25.36 -51.25 -6.08
CA HIS C 62 -25.77 -51.88 -4.83
C HIS C 62 -27.15 -52.50 -4.95
N TYR C 63 -28.17 -51.68 -5.15
CA TYR C 63 -29.48 -52.22 -5.45
C TYR C 63 -29.50 -52.75 -6.87
N PRO C 64 -30.06 -53.94 -7.10
CA PRO C 64 -30.05 -54.54 -8.44
C PRO C 64 -31.23 -54.20 -9.34
N GLU C 65 -32.02 -53.18 -9.01
CA GLU C 65 -33.22 -52.89 -9.79
C GLU C 65 -32.96 -51.90 -10.93
N HIS C 66 -32.49 -50.69 -10.61
CA HIS C 66 -32.26 -49.65 -11.61
C HIS C 66 -30.83 -49.75 -12.10
N ARG C 67 -30.63 -50.45 -13.21
CA ARG C 67 -29.31 -50.56 -13.80
C ARG C 67 -28.99 -49.40 -14.72
N LYS C 68 -29.93 -48.49 -14.91
CA LYS C 68 -29.77 -47.38 -15.83
C LYS C 68 -30.09 -46.08 -15.11
N ILE C 69 -29.30 -45.05 -15.40
CA ILE C 69 -29.44 -43.74 -14.80
C ILE C 69 -29.43 -42.69 -15.91
N ILE C 70 -30.27 -41.68 -15.77
CA ILE C 70 -30.27 -40.55 -16.68
C ILE C 70 -29.82 -39.32 -15.92
N TYR C 71 -28.81 -38.65 -16.44
CA TYR C 71 -28.33 -37.40 -15.87
C TYR C 71 -28.36 -36.38 -17.00
N CYS C 72 -29.27 -35.44 -16.92
CA CYS C 72 -29.41 -34.42 -17.95
C CYS C 72 -28.74 -33.15 -17.47
N SER C 73 -27.66 -32.77 -18.13
CA SER C 73 -27.11 -31.45 -17.94
C SER C 73 -27.80 -30.49 -18.91
N ARG C 74 -27.41 -29.23 -18.85
CA ARG C 74 -27.98 -28.27 -19.79
C ARG C 74 -27.26 -28.32 -21.12
N THR C 75 -25.95 -28.48 -21.10
CA THR C 75 -25.15 -28.32 -22.31
C THR C 75 -24.10 -29.41 -22.36
N MET C 76 -23.41 -29.45 -23.51
CA MET C 76 -22.40 -30.46 -23.71
C MET C 76 -21.24 -30.29 -22.76
N SER C 77 -20.92 -29.02 -22.39
CA SER C 77 -19.76 -28.72 -21.53
C SER C 77 -19.99 -29.18 -20.10
N GLU C 78 -21.17 -28.93 -19.59
CA GLU C 78 -21.56 -29.51 -18.33
C GLU C 78 -21.42 -31.04 -18.39
N ILE C 79 -21.86 -31.62 -19.51
CA ILE C 79 -21.78 -33.07 -19.66
C ILE C 79 -20.34 -33.53 -19.55
N GLU C 80 -19.43 -32.89 -20.27
CA GLU C 80 -18.05 -33.38 -20.29
C GLU C 80 -17.32 -33.14 -18.97
N LYS C 81 -17.62 -32.03 -18.30
CA LYS C 81 -17.09 -31.84 -16.95
C LYS C 81 -17.55 -32.98 -16.05
N ALA C 82 -18.85 -33.31 -16.12
CA ALA C 82 -19.34 -34.45 -15.38
C ALA C 82 -18.69 -35.74 -15.87
N LEU C 83 -18.32 -35.80 -17.14
CA LEU C 83 -17.74 -37.02 -17.70
C LEU C 83 -16.37 -37.30 -17.10
N VAL C 84 -15.50 -36.30 -17.13
CA VAL C 84 -14.19 -36.49 -16.51
C VAL C 84 -14.37 -36.67 -15.00
N GLU C 85 -15.35 -36.00 -14.41
CA GLU C 85 -15.61 -36.14 -12.98
C GLU C 85 -15.97 -37.59 -12.64
N LEU C 86 -16.89 -38.17 -13.40
CA LEU C 86 -17.25 -39.56 -13.20
C LEU C 86 -16.07 -40.46 -13.50
N GLU C 87 -15.23 -40.09 -14.46
CA GLU C 87 -14.07 -40.89 -14.76
C GLU C 87 -13.16 -40.97 -13.54
N ASN C 88 -12.96 -39.84 -12.88
CA ASN C 88 -12.19 -39.83 -11.64
C ASN C 88 -12.89 -40.67 -10.58
N LEU C 89 -14.20 -40.54 -10.48
CA LEU C 89 -14.95 -41.38 -9.55
C LEU C 89 -14.70 -42.84 -9.83
N MET C 90 -14.69 -43.22 -11.09
CA MET C 90 -14.56 -44.62 -11.49
C MET C 90 -13.15 -45.12 -11.24
N ASP C 91 -12.15 -44.28 -11.56
CA ASP C 91 -10.77 -44.67 -11.33
C ASP C 91 -10.49 -44.83 -9.84
N TYR C 92 -11.02 -43.92 -9.02
CA TYR C 92 -10.90 -44.07 -7.58
C TYR C 92 -11.63 -45.32 -7.09
N ARG C 93 -12.81 -45.58 -7.65
CA ARG C 93 -13.58 -46.74 -7.23
C ARG C 93 -12.81 -48.02 -7.52
N THR C 94 -12.21 -48.11 -8.69
CA THR C 94 -11.35 -49.24 -9.02
C THR C 94 -10.15 -49.31 -8.09
N LYS C 95 -9.51 -48.15 -7.83
CA LYS C 95 -8.33 -48.12 -6.99
C LYS C 95 -8.64 -48.65 -5.59
N GLU C 96 -9.73 -48.17 -5.00
CA GLU C 96 -10.10 -48.62 -3.65
C GLU C 96 -10.52 -50.08 -3.67
N LEU C 97 -11.42 -50.47 -4.57
CA LEU C 97 -12.06 -51.77 -4.53
C LEU C 97 -11.44 -52.80 -5.46
N GLY C 98 -10.46 -52.42 -6.28
CA GLY C 98 -9.94 -53.36 -7.25
C GLY C 98 -10.61 -53.21 -8.60
N TYR C 99 -11.58 -54.09 -8.89
CA TYR C 99 -12.34 -53.99 -10.14
C TYR C 99 -13.72 -54.61 -9.88
N GLN C 100 -14.69 -53.76 -9.57
CA GLN C 100 -16.09 -54.17 -9.51
C GLN C 100 -16.92 -53.43 -10.54
N GLU C 101 -16.28 -52.66 -11.42
CA GLU C 101 -16.96 -51.65 -12.20
C GLU C 101 -17.88 -52.26 -13.26
N ASP C 102 -17.31 -53.01 -14.20
CA ASP C 102 -18.02 -53.48 -15.39
C ASP C 102 -18.95 -52.39 -15.93
N PHE C 103 -18.48 -51.15 -15.98
CA PHE C 103 -19.33 -49.99 -16.06
C PHE C 103 -19.10 -49.22 -17.35
N ARG C 104 -20.19 -48.85 -18.00
CA ARG C 104 -20.16 -48.08 -19.24
C ARG C 104 -21.26 -47.03 -19.19
N GLY C 105 -20.87 -45.77 -19.05
CA GLY C 105 -21.83 -44.69 -19.09
C GLY C 105 -21.36 -43.52 -19.94
N LEU C 106 -22.11 -43.17 -20.99
CA LEU C 106 -21.63 -42.24 -21.99
C LEU C 106 -22.65 -41.16 -22.29
N GLY C 107 -22.13 -40.02 -22.76
CA GLY C 107 -22.94 -38.94 -23.26
C GLY C 107 -22.96 -38.88 -24.76
N LEU C 108 -23.67 -37.87 -25.27
CA LEU C 108 -23.87 -37.72 -26.71
C LEU C 108 -24.37 -36.31 -27.00
N THR C 109 -23.78 -35.64 -27.99
CA THR C 109 -24.36 -34.35 -28.34
C THR C 109 -24.80 -34.26 -29.80
N SER C 110 -23.94 -34.41 -30.82
CA SER C 110 -24.37 -34.27 -32.21
C SER C 110 -23.17 -34.41 -33.14
N ARG C 111 -23.46 -34.54 -34.43
CA ARG C 111 -22.39 -34.55 -35.42
C ARG C 111 -21.60 -33.26 -35.38
N LYS C 112 -22.30 -32.14 -35.19
CA LYS C 112 -21.65 -30.83 -35.18
C LYS C 112 -20.46 -30.81 -34.24
N ASN C 113 -20.61 -31.42 -33.07
CA ASN C 113 -19.50 -31.56 -32.15
C ASN C 113 -18.85 -32.94 -32.19
N LEU C 114 -19.32 -33.85 -33.04
CA LEU C 114 -18.78 -35.19 -33.04
C LEU C 114 -18.54 -35.79 -34.43
N CYS C 115 -18.71 -35.06 -35.51
CA CYS C 115 -18.52 -35.67 -36.83
C CYS C 115 -17.04 -35.87 -37.10
N LEU C 116 -16.54 -37.09 -36.90
CA LEU C 116 -15.12 -37.35 -37.10
C LEU C 116 -14.71 -37.29 -38.56
N HIS C 117 -15.65 -37.14 -39.47
CA HIS C 117 -15.28 -36.96 -40.86
C HIS C 117 -14.72 -35.56 -41.07
N PRO C 118 -13.55 -35.42 -41.69
CA PRO C 118 -12.91 -34.11 -41.78
C PRO C 118 -13.63 -33.13 -42.71
N GLU C 119 -14.00 -33.57 -43.90
CA GLU C 119 -14.67 -32.67 -44.84
C GLU C 119 -15.96 -32.13 -44.26
N VAL C 120 -16.77 -33.03 -43.69
CA VAL C 120 -17.98 -32.59 -43.00
C VAL C 120 -17.63 -31.69 -41.83
N SER C 121 -16.56 -32.04 -41.11
CA SER C 121 -16.19 -31.27 -39.93
C SER C 121 -15.86 -29.83 -40.27
N LYS C 122 -15.29 -29.57 -41.44
CA LYS C 122 -14.91 -28.21 -41.80
C LYS C 122 -16.10 -27.28 -42.00
N GLU C 123 -17.31 -27.84 -42.14
CA GLU C 123 -18.50 -27.01 -42.23
C GLU C 123 -18.86 -26.45 -40.85
N ARG C 124 -19.71 -25.44 -40.84
CA ARG C 124 -20.01 -24.68 -39.63
C ARG C 124 -21.45 -24.76 -39.17
N LYS C 125 -22.41 -25.01 -40.07
CA LYS C 125 -23.83 -25.00 -39.72
C LYS C 125 -24.30 -26.42 -39.47
N GLY C 126 -24.78 -26.67 -38.25
CA GLY C 126 -25.06 -28.04 -37.82
C GLY C 126 -26.13 -28.73 -38.62
N THR C 127 -27.05 -27.97 -39.22
CA THR C 127 -28.09 -28.58 -40.04
C THR C 127 -27.49 -29.21 -41.29
N VAL C 128 -26.61 -28.46 -41.97
CA VAL C 128 -25.96 -29.00 -43.16
C VAL C 128 -25.06 -30.16 -42.79
N VAL C 129 -24.43 -30.10 -41.62
CA VAL C 129 -23.63 -31.24 -41.15
C VAL C 129 -24.51 -32.46 -40.95
N ASP C 130 -25.69 -32.26 -40.35
CA ASP C 130 -26.61 -33.36 -40.16
C ASP C 130 -26.99 -33.99 -41.49
N GLU C 131 -27.45 -33.16 -42.43
CA GLU C 131 -27.85 -33.66 -43.74
C GLU C 131 -26.69 -34.31 -44.47
N LYS C 132 -25.48 -33.79 -44.29
CA LYS C 132 -24.32 -34.26 -45.03
C LYS C 132 -23.82 -35.59 -44.48
N CYS C 133 -23.86 -35.77 -43.16
CA CYS C 133 -23.56 -37.09 -42.62
C CYS C 133 -24.68 -38.07 -42.95
N ARG C 134 -25.91 -37.57 -43.08
CA ARG C 134 -26.96 -38.42 -43.58
C ARG C 134 -26.48 -38.90 -44.93
N ARG C 135 -26.43 -38.00 -45.92
CA ARG C 135 -26.13 -38.38 -47.33
C ARG C 135 -24.85 -39.20 -47.39
N MET C 136 -23.87 -38.81 -46.64
CA MET C 136 -22.59 -39.48 -46.69
C MET C 136 -22.72 -40.91 -46.17
N THR C 137 -23.48 -41.11 -45.11
CA THR C 137 -23.72 -42.46 -44.61
C THR C 137 -25.23 -42.62 -44.49
N ASN C 138 -25.85 -42.95 -45.63
CA ASN C 138 -27.29 -43.09 -45.73
C ASN C 138 -27.63 -44.53 -46.09
N GLY C 139 -28.73 -45.01 -45.51
CA GLY C 139 -29.26 -46.29 -45.92
C GLY C 139 -29.55 -46.37 -47.40
N GLN C 140 -29.70 -45.21 -48.06
CA GLN C 140 -29.84 -45.17 -49.51
C GLN C 140 -28.49 -45.08 -50.20
N ALA C 141 -27.60 -44.23 -49.69
CA ALA C 141 -26.28 -44.07 -50.29
C ALA C 141 -25.61 -45.41 -50.48
N LYS C 142 -25.64 -46.25 -49.44
CA LYS C 142 -25.02 -47.57 -49.51
C LYS C 142 -25.61 -48.39 -50.65
N ARG C 143 -26.93 -48.32 -50.84
CA ARG C 143 -27.53 -49.19 -51.84
C ARG C 143 -27.04 -48.76 -53.20
N LYS C 144 -27.46 -47.59 -53.69
CA LYS C 144 -27.09 -47.14 -55.03
C LYS C 144 -25.60 -47.16 -55.25
N LEU C 145 -24.84 -47.08 -54.18
CA LEU C 145 -23.41 -47.27 -54.27
C LEU C 145 -23.07 -48.73 -54.54
N GLU C 146 -23.83 -49.66 -53.95
CA GLU C 146 -23.46 -51.07 -54.01
C GLU C 146 -23.98 -51.78 -55.25
N GLU C 147 -25.22 -51.50 -55.66
CA GLU C 147 -25.67 -52.01 -56.96
C GLU C 147 -24.89 -51.33 -58.08
N ASP C 148 -24.62 -50.05 -57.94
CA ASP C 148 -23.89 -49.27 -58.94
C ASP C 148 -22.65 -48.70 -58.29
N PRO C 149 -21.50 -49.34 -58.42
CA PRO C 149 -20.26 -48.75 -57.93
C PRO C 149 -19.89 -47.48 -58.69
N GLU C 150 -19.91 -46.35 -58.01
CA GLU C 150 -19.66 -45.07 -58.67
C GLU C 150 -19.08 -44.09 -57.66
N ALA C 151 -18.38 -43.09 -58.18
CA ALA C 151 -17.83 -42.00 -57.38
C ALA C 151 -18.89 -41.00 -56.98
N ASN C 152 -20.13 -41.18 -57.44
CA ASN C 152 -21.22 -40.31 -57.01
C ASN C 152 -21.44 -40.42 -55.51
N VAL C 153 -21.37 -41.63 -54.98
CA VAL C 153 -21.68 -41.91 -53.59
C VAL C 153 -20.39 -42.07 -52.79
N GLU C 154 -20.42 -41.63 -51.54
CA GLU C 154 -19.28 -41.76 -50.64
C GLU C 154 -19.80 -42.07 -49.24
N LEU C 155 -18.86 -42.18 -48.30
CA LEU C 155 -19.20 -42.36 -46.90
C LEU C 155 -18.09 -41.83 -46.03
N CYS C 156 -18.43 -41.57 -44.76
CA CYS C 156 -17.38 -41.18 -43.81
C CYS C 156 -16.39 -42.32 -43.62
N GLU C 157 -16.84 -43.56 -43.82
CA GLU C 157 -16.11 -44.79 -43.55
C GLU C 157 -16.02 -44.97 -42.05
N TYR C 158 -16.32 -43.91 -41.31
CA TYR C 158 -16.48 -44.05 -39.87
C TYR C 158 -17.73 -44.84 -39.55
N HIS C 159 -18.81 -44.59 -40.30
CA HIS C 159 -19.96 -45.48 -40.27
C HIS C 159 -19.59 -46.88 -40.73
N GLU C 160 -18.63 -46.99 -41.66
CA GLU C 160 -18.27 -48.32 -42.13
C GLU C 160 -17.62 -49.14 -41.03
N ASN C 161 -16.56 -48.61 -40.41
CA ASN C 161 -15.94 -49.35 -39.31
C ASN C 161 -16.90 -49.52 -38.15
N LEU C 162 -17.82 -48.56 -37.95
CA LEU C 162 -18.89 -48.76 -36.98
C LEU C 162 -19.65 -50.04 -37.29
N TYR C 163 -20.29 -50.09 -38.46
CA TYR C 163 -20.99 -51.28 -38.90
C TYR C 163 -20.13 -52.53 -38.72
N ASN C 164 -18.86 -52.44 -39.05
CA ASN C 164 -18.00 -53.62 -39.09
C ASN C 164 -17.78 -54.17 -37.68
N ILE C 165 -17.18 -53.39 -36.80
CA ILE C 165 -16.75 -53.88 -35.50
C ILE C 165 -17.68 -53.42 -34.39
N GLU C 166 -18.08 -52.14 -34.42
CA GLU C 166 -18.78 -51.58 -33.30
C GLU C 166 -20.14 -52.23 -33.15
N VAL C 167 -20.93 -52.31 -34.25
CA VAL C 167 -22.26 -52.83 -34.14
C VAL C 167 -22.30 -54.36 -34.17
N GLU C 168 -21.63 -54.93 -33.17
CA GLU C 168 -21.85 -56.28 -32.67
C GLU C 168 -21.54 -56.33 -31.17
N ASP C 169 -20.90 -55.28 -30.66
CA ASP C 169 -20.16 -55.27 -29.41
C ASP C 169 -20.24 -53.84 -28.88
N TYR C 170 -19.35 -53.49 -27.95
CA TYR C 170 -19.27 -52.12 -27.44
C TYR C 170 -17.82 -51.71 -27.28
N LEU C 171 -17.62 -50.48 -26.80
CA LEU C 171 -16.30 -49.98 -26.47
C LEU C 171 -15.65 -50.91 -25.44
N PRO C 172 -14.31 -50.84 -25.23
CA PRO C 172 -13.64 -51.86 -24.42
C PRO C 172 -14.06 -51.95 -23.01
N LYS C 173 -13.80 -50.92 -22.14
CA LYS C 173 -14.53 -50.72 -20.86
C LYS C 173 -14.76 -49.28 -20.42
N GLY C 174 -14.19 -48.36 -21.12
CA GLY C 174 -13.98 -47.05 -20.54
C GLY C 174 -15.20 -46.17 -20.54
N VAL C 175 -15.20 -45.22 -19.61
CA VAL C 175 -16.16 -44.11 -19.65
C VAL C 175 -15.52 -43.05 -20.54
N PHE C 176 -15.65 -43.27 -21.84
CA PHE C 176 -14.92 -42.46 -22.81
C PHE C 176 -15.58 -41.10 -22.92
N SER C 177 -15.02 -40.12 -22.20
CA SER C 177 -15.49 -38.75 -22.29
C SER C 177 -15.09 -38.15 -23.63
N PHE C 178 -15.64 -36.97 -23.93
CA PHE C 178 -15.44 -36.36 -25.23
C PHE C 178 -13.97 -36.33 -25.60
N GLU C 179 -13.12 -35.98 -24.63
CA GLU C 179 -11.68 -36.18 -24.81
C GLU C 179 -11.36 -37.64 -25.11
N LYS C 180 -11.65 -38.52 -24.14
CA LYS C 180 -11.28 -39.92 -24.31
C LYS C 180 -12.07 -40.57 -25.43
N LEU C 181 -13.36 -40.26 -25.53
CA LEU C 181 -14.18 -40.85 -26.59
C LEU C 181 -13.67 -40.44 -27.97
N LEU C 182 -13.43 -39.14 -28.17
CA LEU C 182 -12.99 -38.69 -29.48
C LEU C 182 -11.59 -39.21 -29.79
N LYS C 183 -10.69 -39.18 -28.80
CA LYS C 183 -9.35 -39.74 -29.00
C LYS C 183 -9.44 -41.20 -29.42
N TYR C 184 -10.16 -42.01 -28.63
CA TYR C 184 -10.23 -43.43 -28.88
C TYR C 184 -10.87 -43.73 -30.22
N CYS C 185 -11.96 -43.04 -30.54
CA CYS C 185 -12.64 -43.28 -31.81
C CYS C 185 -11.76 -42.87 -32.98
N GLU C 186 -11.00 -41.78 -32.85
CA GLU C 186 -10.09 -41.40 -33.92
C GLU C 186 -9.00 -42.46 -34.07
N GLU C 187 -8.46 -42.95 -32.95
CA GLU C 187 -7.49 -44.04 -33.01
C GLU C 187 -8.10 -45.27 -33.64
N LYS C 188 -9.41 -45.41 -33.56
CA LYS C 188 -10.11 -46.44 -34.29
C LYS C 188 -10.82 -45.85 -35.52
N THR C 189 -10.59 -44.60 -35.85
CA THR C 189 -11.22 -43.91 -36.99
C THR C 189 -12.70 -44.25 -37.11
N LEU C 190 -13.42 -43.91 -36.07
CA LEU C 190 -14.82 -44.30 -35.91
C LEU C 190 -15.73 -43.08 -35.94
N CYS C 191 -17.03 -43.34 -36.10
CA CYS C 191 -18.03 -42.27 -36.06
C CYS C 191 -18.66 -42.23 -34.68
N PRO C 192 -18.13 -41.40 -33.77
CA PRO C 192 -18.63 -41.44 -32.38
C PRO C 192 -20.12 -41.18 -32.27
N TYR C 193 -20.67 -40.41 -33.21
CA TYR C 193 -22.10 -40.15 -33.22
C TYR C 193 -22.90 -41.43 -33.35
N PHE C 194 -22.71 -42.17 -34.44
CA PHE C 194 -23.41 -43.43 -34.60
C PHE C 194 -23.00 -44.41 -33.52
N ILE C 195 -21.76 -44.30 -33.01
CA ILE C 195 -21.31 -45.20 -31.95
C ILE C 195 -22.21 -45.07 -30.75
N VAL C 196 -22.39 -43.85 -30.25
CA VAL C 196 -23.25 -43.69 -29.09
C VAL C 196 -24.70 -43.99 -29.45
N ARG C 197 -25.12 -43.62 -30.65
CA ARG C 197 -26.51 -43.84 -31.04
C ARG C 197 -26.87 -45.31 -30.97
N ARG C 198 -26.00 -46.17 -31.49
CA ARG C 198 -26.21 -47.61 -31.35
C ARG C 198 -25.98 -48.07 -29.91
N MET C 199 -24.96 -47.51 -29.25
CA MET C 199 -24.57 -47.93 -27.92
C MET C 199 -25.66 -47.72 -26.90
N ILE C 200 -26.59 -46.82 -27.19
CA ILE C 200 -27.65 -46.40 -26.28
C ILE C 200 -28.25 -47.57 -25.53
N SER C 201 -28.41 -48.70 -26.21
CA SER C 201 -29.09 -49.83 -25.59
C SER C 201 -28.23 -50.59 -24.57
N LEU C 202 -27.05 -50.09 -24.19
CA LEU C 202 -26.20 -50.83 -23.26
C LEU C 202 -25.59 -50.00 -22.13
N CYS C 203 -25.46 -48.69 -22.29
CA CYS C 203 -24.78 -47.88 -21.28
C CYS C 203 -25.53 -47.94 -19.96
N ASN C 204 -24.78 -48.04 -18.86
CA ASN C 204 -25.40 -48.18 -17.54
C ASN C 204 -25.87 -46.84 -16.99
N ILE C 205 -25.14 -45.76 -17.26
CA ILE C 205 -25.68 -44.42 -17.11
C ILE C 205 -25.60 -43.77 -18.47
N ILE C 206 -26.42 -42.75 -18.67
CA ILE C 206 -26.33 -41.92 -19.86
C ILE C 206 -26.47 -40.47 -19.47
N ILE C 207 -25.89 -39.61 -20.30
CA ILE C 207 -25.91 -38.17 -20.12
C ILE C 207 -26.14 -37.55 -21.49
N TYR C 208 -26.75 -36.36 -21.48
CA TYR C 208 -27.00 -35.62 -22.72
C TYR C 208 -27.61 -34.27 -22.35
N SER C 209 -27.78 -33.43 -23.35
CA SER C 209 -28.38 -32.12 -23.13
C SER C 209 -29.84 -32.29 -22.71
N TYR C 210 -30.39 -31.23 -22.14
CA TYR C 210 -31.82 -31.23 -21.87
C TYR C 210 -32.61 -31.51 -23.14
N HIS C 211 -32.17 -30.93 -24.25
CA HIS C 211 -32.94 -30.98 -25.49
C HIS C 211 -33.21 -32.42 -25.92
N TYR C 212 -32.18 -33.26 -25.90
CA TYR C 212 -32.37 -34.66 -26.26
C TYR C 212 -33.44 -35.33 -25.42
N LEU C 213 -33.75 -34.78 -24.25
CA LEU C 213 -34.91 -35.24 -23.50
C LEU C 213 -36.11 -34.33 -23.67
N LEU C 214 -35.96 -33.23 -24.36
CA LEU C 214 -37.02 -32.22 -24.41
C LEU C 214 -37.59 -31.99 -25.79
N ASP C 215 -36.75 -31.90 -26.81
CA ASP C 215 -37.24 -31.70 -28.17
C ASP C 215 -37.71 -33.03 -28.76
N PRO C 216 -39.01 -33.26 -28.87
CA PRO C 216 -39.49 -34.59 -29.28
C PRO C 216 -39.01 -35.00 -30.65
N LYS C 217 -38.67 -34.04 -31.51
CA LYS C 217 -38.08 -34.38 -32.79
C LYS C 217 -36.74 -35.06 -32.62
N ILE C 218 -36.01 -34.74 -31.56
CA ILE C 218 -34.83 -35.49 -31.18
C ILE C 218 -35.09 -36.37 -29.95
N ALA C 219 -35.92 -35.92 -29.01
CA ALA C 219 -36.36 -36.76 -27.90
C ALA C 219 -37.44 -37.72 -28.39
N GLU C 220 -37.05 -38.56 -29.35
CA GLU C 220 -37.94 -39.54 -29.93
C GLU C 220 -37.40 -40.97 -29.85
N ARG C 221 -36.11 -41.16 -30.08
CA ARG C 221 -35.53 -42.50 -30.17
C ARG C 221 -35.30 -43.12 -28.80
N VAL C 222 -35.84 -42.52 -27.74
CA VAL C 222 -35.71 -43.09 -26.42
C VAL C 222 -36.32 -44.48 -26.39
N SER C 223 -35.53 -45.45 -25.96
CA SER C 223 -36.02 -46.81 -25.75
C SER C 223 -36.55 -46.94 -24.32
N ASN C 224 -37.35 -47.98 -24.11
CA ASN C 224 -37.84 -48.25 -22.76
C ASN C 224 -36.71 -48.65 -21.83
N GLU C 225 -35.76 -49.44 -22.33
CA GLU C 225 -34.60 -49.79 -21.54
C GLU C 225 -33.92 -48.54 -20.98
N VAL C 226 -33.67 -47.56 -21.85
CA VAL C 226 -33.14 -46.30 -21.36
C VAL C 226 -34.19 -45.49 -20.61
N SER C 227 -35.46 -45.88 -20.71
CA SER C 227 -36.54 -45.13 -20.07
C SER C 227 -37.16 -45.86 -18.89
N LYS C 228 -37.62 -47.11 -19.09
CA LYS C 228 -38.56 -47.77 -18.19
C LYS C 228 -38.25 -47.55 -16.72
N ASP C 229 -37.09 -47.99 -16.27
CA ASP C 229 -36.71 -47.90 -14.87
C ASP C 229 -35.31 -47.33 -14.73
N SER C 230 -35.05 -46.26 -15.46
CA SER C 230 -33.83 -45.50 -15.22
C SER C 230 -34.07 -44.55 -14.05
N ILE C 231 -33.01 -43.84 -13.66
CA ILE C 231 -33.11 -42.81 -12.65
C ILE C 231 -32.61 -41.51 -13.25
N VAL C 232 -33.38 -40.45 -13.06
CA VAL C 232 -33.28 -39.25 -13.89
C VAL C 232 -32.95 -38.05 -13.00
N ILE C 233 -31.86 -37.37 -13.32
CA ILE C 233 -31.44 -36.17 -12.61
C ILE C 233 -31.39 -35.02 -13.61
N PHE C 234 -31.66 -33.82 -13.11
CA PHE C 234 -31.42 -32.59 -13.84
C PHE C 234 -30.49 -31.71 -13.02
N ASP C 235 -29.42 -31.23 -13.62
CA ASP C 235 -28.52 -30.31 -12.95
C ASP C 235 -28.49 -28.99 -13.70
N GLU C 236 -28.54 -27.90 -12.92
CA GLU C 236 -28.70 -26.54 -13.46
C GLU C 236 -29.95 -26.45 -14.33
N ALA C 237 -31.00 -27.13 -13.88
CA ALA C 237 -32.29 -27.08 -14.52
C ALA C 237 -33.04 -25.79 -14.22
N HIS C 238 -32.37 -24.78 -13.71
CA HIS C 238 -33.07 -23.54 -13.40
C HIS C 238 -33.62 -22.88 -14.65
N ASN C 239 -32.77 -22.68 -15.65
CA ASN C 239 -33.20 -22.05 -16.91
C ASN C 239 -33.70 -23.12 -17.87
N ILE C 240 -34.82 -23.73 -17.50
CA ILE C 240 -35.38 -24.82 -18.27
C ILE C 240 -36.60 -24.38 -19.07
N ASP C 241 -37.49 -23.61 -18.45
CA ASP C 241 -38.71 -23.21 -19.14
C ASP C 241 -38.39 -22.46 -20.41
N ASN C 242 -37.26 -21.75 -20.45
CA ASN C 242 -36.78 -21.20 -21.71
C ASN C 242 -36.70 -22.28 -22.76
N VAL C 243 -36.03 -23.38 -22.42
CA VAL C 243 -35.86 -24.48 -23.38
C VAL C 243 -37.20 -25.11 -23.71
N CYS C 244 -38.08 -25.25 -22.73
CA CYS C 244 -39.39 -25.83 -22.99
C CYS C 244 -40.15 -25.02 -24.04
N ILE C 245 -40.42 -23.74 -23.73
CA ILE C 245 -41.23 -22.94 -24.62
C ILE C 245 -40.49 -22.66 -25.93
N GLU C 246 -39.16 -22.78 -25.93
CA GLU C 246 -38.42 -22.72 -27.18
C GLU C 246 -38.65 -23.96 -28.02
N SER C 247 -38.58 -25.13 -27.39
CA SER C 247 -38.86 -26.38 -28.07
C SER C 247 -40.26 -26.37 -28.67
N LEU C 248 -41.18 -25.67 -28.04
CA LEU C 248 -42.52 -25.48 -28.59
C LEU C 248 -42.70 -24.09 -29.19
N SER C 249 -41.69 -23.59 -29.89
CA SER C 249 -41.72 -22.26 -30.47
C SER C 249 -41.53 -22.34 -31.98
N LEU C 250 -42.12 -21.37 -32.69
CA LEU C 250 -41.94 -21.27 -34.13
C LEU C 250 -42.23 -19.84 -34.58
N ASP C 251 -41.21 -19.09 -34.91
CA ASP C 251 -41.46 -17.77 -35.46
C ASP C 251 -41.32 -17.87 -37.00
N LEU C 252 -41.68 -16.79 -37.68
CA LEU C 252 -41.68 -16.81 -39.13
C LEU C 252 -41.31 -15.44 -39.68
N THR C 253 -41.03 -15.42 -40.98
CA THR C 253 -40.75 -14.24 -41.78
C THR C 253 -40.75 -14.68 -43.24
N THR C 254 -41.19 -13.80 -44.14
CA THR C 254 -41.60 -14.23 -45.46
C THR C 254 -40.47 -14.40 -46.46
N ASP C 255 -39.25 -13.97 -46.14
CA ASP C 255 -38.11 -14.37 -46.97
C ASP C 255 -37.99 -15.88 -46.99
N ALA C 256 -38.19 -16.51 -45.83
CA ALA C 256 -38.32 -17.95 -45.83
C ALA C 256 -39.51 -18.42 -46.65
N LEU C 257 -40.59 -17.61 -46.72
CA LEU C 257 -41.72 -18.01 -47.56
C LEU C 257 -41.34 -18.01 -49.03
N ARG C 258 -40.47 -17.08 -49.45
CA ARG C 258 -39.96 -17.15 -50.81
C ARG C 258 -39.08 -18.38 -51.00
N ARG C 259 -38.24 -18.68 -50.01
CA ARG C 259 -37.42 -19.89 -50.08
C ARG C 259 -38.30 -21.12 -50.21
N ALA C 260 -39.44 -21.11 -49.56
CA ALA C 260 -40.33 -22.25 -49.58
C ALA C 260 -41.12 -22.30 -50.88
N THR C 261 -41.44 -21.16 -51.47
CA THR C 261 -41.93 -21.18 -52.83
C THR C 261 -40.91 -21.84 -53.74
N ARG C 262 -39.63 -21.49 -53.57
CA ARG C 262 -38.57 -22.12 -54.36
C ARG C 262 -38.58 -23.62 -54.18
N GLY C 263 -38.58 -24.08 -52.93
CA GLY C 263 -38.58 -25.50 -52.66
C GLY C 263 -39.80 -26.20 -53.21
N ALA C 264 -40.97 -25.61 -53.04
CA ALA C 264 -42.18 -26.30 -53.46
C ALA C 264 -42.34 -26.32 -54.96
N ASN C 265 -41.90 -25.27 -55.65
CA ASN C 265 -41.79 -25.36 -57.10
C ASN C 265 -40.81 -26.45 -57.50
N ALA C 266 -39.68 -26.53 -56.81
CA ALA C 266 -38.74 -27.61 -57.08
C ALA C 266 -39.39 -28.97 -56.87
N LEU C 267 -40.33 -29.04 -55.95
CA LEU C 267 -41.04 -30.31 -55.72
C LEU C 267 -42.01 -30.58 -56.85
N ASP C 268 -42.66 -29.54 -57.36
CA ASP C 268 -43.38 -29.69 -58.62
C ASP C 268 -42.47 -30.28 -59.68
N GLU C 269 -41.23 -29.79 -59.74
CA GLU C 269 -40.29 -30.27 -60.74
C GLU C 269 -39.97 -31.73 -60.53
N ARG C 270 -39.70 -32.12 -59.28
CA ARG C 270 -39.32 -33.50 -59.01
C ARG C 270 -40.47 -34.45 -59.26
N ILE C 271 -41.67 -34.10 -58.80
CA ILE C 271 -42.82 -34.96 -59.05
C ILE C 271 -43.05 -35.06 -60.54
N SER C 272 -42.91 -33.96 -61.28
CA SER C 272 -43.08 -34.01 -62.73
C SER C 272 -42.11 -34.99 -63.36
N GLU C 273 -40.82 -34.82 -63.09
CA GLU C 273 -39.82 -35.63 -63.78
C GLU C 273 -39.96 -37.09 -63.40
N VAL C 274 -40.13 -37.39 -62.12
CA VAL C 274 -40.23 -38.79 -61.70
C VAL C 274 -41.51 -39.42 -62.26
N ARG C 275 -42.64 -38.75 -62.08
CA ARG C 275 -43.92 -39.34 -62.47
C ARG C 275 -43.97 -39.59 -63.97
N LYS C 276 -43.41 -38.68 -64.76
CA LYS C 276 -43.30 -38.95 -66.20
C LYS C 276 -42.39 -40.13 -66.44
N VAL C 277 -41.23 -40.12 -65.80
CA VAL C 277 -40.29 -41.23 -65.98
C VAL C 277 -40.86 -42.49 -65.36
N ASP C 278 -41.38 -42.40 -64.13
CA ASP C 278 -41.98 -43.55 -63.46
C ASP C 278 -42.84 -43.06 -62.31
N SER C 279 -44.12 -43.36 -62.36
CA SER C 279 -44.99 -43.19 -61.22
C SER C 279 -45.28 -44.49 -60.52
N GLN C 280 -44.78 -45.62 -61.05
CA GLN C 280 -45.17 -46.96 -60.57
C GLN C 280 -44.86 -47.13 -59.09
N LYS C 281 -43.61 -46.86 -58.71
CA LYS C 281 -43.29 -46.92 -57.31
C LYS C 281 -44.09 -45.91 -56.56
N LEU C 282 -44.43 -44.75 -57.15
CA LEU C 282 -45.30 -43.80 -56.47
C LEU C 282 -46.64 -44.44 -56.13
N GLN C 283 -47.18 -45.26 -57.03
CA GLN C 283 -48.39 -46.00 -56.70
C GLN C 283 -48.12 -47.07 -55.65
N ASP C 284 -46.93 -47.68 -55.68
CA ASP C 284 -46.56 -48.59 -54.61
C ASP C 284 -46.69 -47.90 -53.26
N GLU C 285 -46.19 -46.67 -53.19
CA GLU C 285 -46.36 -45.86 -52.00
C GLU C 285 -47.82 -45.42 -51.81
N TYR C 286 -48.61 -45.36 -52.88
CA TYR C 286 -50.03 -45.08 -52.73
C TYR C 286 -50.71 -46.20 -51.95
N GLU C 287 -50.42 -47.44 -52.35
CA GLU C 287 -50.92 -48.56 -51.57
C GLU C 287 -50.25 -48.64 -50.20
N LYS C 288 -49.05 -48.14 -50.06
CA LYS C 288 -48.44 -48.10 -48.74
C LYS C 288 -49.12 -47.07 -47.84
N LEU C 289 -49.66 -46.00 -48.42
CA LEU C 289 -50.54 -45.13 -47.65
C LEU C 289 -51.84 -45.84 -47.35
N VAL C 290 -52.38 -46.53 -48.35
CA VAL C 290 -53.68 -47.21 -48.21
C VAL C 290 -53.63 -48.26 -47.13
N GLN C 291 -52.45 -48.79 -46.81
CA GLN C 291 -52.37 -49.70 -45.67
C GLN C 291 -52.22 -48.97 -44.34
N GLY C 292 -51.90 -47.68 -44.37
CA GLY C 292 -51.96 -46.88 -43.17
C GLY C 292 -50.78 -45.95 -43.01
N LEU C 293 -50.44 -45.66 -41.74
CA LEU C 293 -49.34 -44.78 -41.42
C LEU C 293 -48.01 -45.27 -41.98
N HIS C 294 -47.94 -46.51 -42.43
CA HIS C 294 -46.78 -47.04 -43.14
C HIS C 294 -45.56 -47.12 -42.23
N SER C 295 -45.79 -47.50 -40.97
CA SER C 295 -44.68 -47.82 -40.08
C SER C 295 -43.75 -48.85 -40.70
N ALA C 296 -44.22 -49.56 -41.72
CA ALA C 296 -43.37 -50.48 -42.46
C ALA C 296 -42.13 -49.78 -43.01
N ASP C 297 -42.29 -48.54 -43.49
CA ASP C 297 -41.10 -47.75 -43.80
C ASP C 297 -41.30 -46.27 -43.48
N ILE C 298 -42.28 -45.90 -42.66
CA ILE C 298 -42.31 -44.55 -42.11
C ILE C 298 -41.64 -44.52 -40.74
N LEU C 299 -41.54 -45.65 -40.07
CA LEU C 299 -40.85 -45.75 -38.80
C LEU C 299 -39.77 -46.83 -38.82
N THR C 300 -39.89 -47.80 -39.70
CA THR C 300 -38.90 -48.87 -39.85
C THR C 300 -37.78 -48.40 -40.78
N ASP C 301 -37.06 -47.40 -40.31
CA ASP C 301 -36.10 -46.67 -41.14
C ASP C 301 -34.80 -46.51 -40.35
N GLN C 302 -33.88 -47.45 -40.57
CA GLN C 302 -32.62 -47.46 -39.82
C GLN C 302 -31.78 -46.22 -40.10
N GLU C 303 -31.94 -45.61 -41.28
CA GLU C 303 -31.32 -44.32 -41.56
C GLU C 303 -32.21 -43.38 -42.35
N GLU C 304 -33.39 -43.81 -42.76
CA GLU C 304 -34.22 -43.07 -43.71
C GLU C 304 -34.95 -41.83 -43.16
N PRO C 305 -35.51 -41.84 -41.92
CA PRO C 305 -36.57 -40.87 -41.59
C PRO C 305 -36.16 -39.43 -41.86
N PHE C 306 -36.84 -38.79 -42.80
CA PHE C 306 -36.38 -37.50 -43.30
C PHE C 306 -36.74 -36.37 -42.34
N VAL C 307 -38.03 -36.17 -42.10
CA VAL C 307 -38.49 -35.10 -41.23
C VAL C 307 -38.71 -35.67 -39.85
N GLU C 308 -38.05 -35.06 -38.86
CA GLU C 308 -38.22 -35.45 -37.47
C GLU C 308 -39.58 -34.95 -36.97
N THR C 309 -39.89 -35.24 -35.70
CA THR C 309 -41.25 -35.11 -35.20
C THR C 309 -41.41 -33.88 -34.32
N PRO C 310 -41.92 -32.77 -34.84
CA PRO C 310 -42.20 -31.62 -33.97
C PRO C 310 -43.20 -31.93 -32.89
N VAL C 311 -44.15 -32.81 -33.17
CA VAL C 311 -45.16 -33.19 -32.18
C VAL C 311 -44.50 -33.98 -31.05
N LEU C 312 -45.17 -33.98 -29.89
CA LEU C 312 -44.81 -34.77 -28.71
C LEU C 312 -44.69 -36.23 -29.13
N PRO C 313 -44.06 -37.14 -28.31
CA PRO C 313 -43.53 -38.37 -28.88
C PRO C 313 -44.61 -39.25 -29.42
N GLN C 314 -45.14 -38.89 -30.59
CA GLN C 314 -46.10 -39.65 -31.38
C GLN C 314 -47.42 -39.84 -30.64
N ASP C 315 -47.54 -39.23 -29.45
CA ASP C 315 -48.77 -39.36 -28.68
C ASP C 315 -49.95 -38.70 -29.39
N LEU C 316 -49.74 -37.51 -29.95
CA LEU C 316 -50.82 -36.78 -30.61
C LEU C 316 -50.86 -37.12 -32.10
N LEU C 317 -51.14 -38.40 -32.38
CA LEU C 317 -51.06 -38.92 -33.74
C LEU C 317 -52.19 -39.88 -34.02
N THR C 318 -52.44 -40.09 -35.32
CA THR C 318 -53.24 -41.18 -35.83
C THR C 318 -52.47 -41.89 -36.94
N GLU C 319 -53.12 -42.79 -37.67
CA GLU C 319 -52.41 -43.63 -38.63
C GLU C 319 -53.05 -43.67 -40.01
N ALA C 320 -54.23 -43.08 -40.19
CA ALA C 320 -54.96 -43.24 -41.42
C ALA C 320 -54.26 -42.53 -42.58
N ILE C 321 -54.80 -42.74 -43.78
CA ILE C 321 -54.38 -41.97 -44.94
C ILE C 321 -54.74 -40.51 -44.66
N PRO C 322 -54.03 -39.56 -45.21
CA PRO C 322 -54.52 -38.17 -45.15
C PRO C 322 -55.60 -37.92 -46.18
N GLY C 323 -56.53 -38.87 -46.30
CA GLY C 323 -57.60 -38.73 -47.26
C GLY C 323 -57.07 -38.62 -48.69
N ASN C 324 -57.35 -37.48 -49.31
CA ASN C 324 -57.00 -37.26 -50.70
C ASN C 324 -55.51 -37.09 -50.93
N ILE C 325 -54.78 -36.66 -49.90
CA ILE C 325 -53.35 -36.39 -50.05
C ILE C 325 -52.57 -37.62 -50.48
N ARG C 326 -53.23 -38.78 -50.56
CA ARG C 326 -52.64 -39.96 -51.17
C ARG C 326 -51.93 -39.60 -52.47
N ARG C 327 -52.50 -38.69 -53.24
CA ARG C 327 -51.80 -38.18 -54.40
C ARG C 327 -50.80 -37.12 -53.97
N ALA C 328 -49.52 -37.39 -54.24
CA ALA C 328 -48.49 -36.43 -53.90
C ALA C 328 -48.69 -35.10 -54.59
N GLU C 329 -49.40 -35.10 -55.71
CA GLU C 329 -49.67 -33.84 -56.39
C GLU C 329 -50.73 -33.04 -55.64
N HIS C 330 -51.79 -33.71 -55.17
CA HIS C 330 -52.69 -33.07 -54.21
C HIS C 330 -51.90 -32.56 -53.03
N PHE C 331 -50.91 -33.35 -52.61
CA PHE C 331 -50.07 -32.97 -51.50
C PHE C 331 -49.42 -31.62 -51.77
N VAL C 332 -48.70 -31.49 -52.89
CA VAL C 332 -48.04 -30.22 -53.20
C VAL C 332 -49.06 -29.10 -53.34
N SER C 333 -50.24 -29.44 -53.85
CA SER C 333 -51.30 -28.45 -53.96
C SER C 333 -51.58 -27.84 -52.60
N PHE C 334 -51.80 -28.70 -51.59
CA PHE C 334 -52.10 -28.20 -50.24
C PHE C 334 -50.89 -27.58 -49.59
N LEU C 335 -49.70 -28.01 -50.01
CA LEU C 335 -48.48 -27.31 -49.62
C LEU C 335 -48.57 -25.85 -50.02
N LYS C 336 -49.04 -25.59 -51.24
CA LYS C 336 -49.16 -24.22 -51.68
C LYS C 336 -50.32 -23.52 -51.00
N ARG C 337 -51.43 -24.24 -50.80
CA ARG C 337 -52.51 -23.76 -49.94
C ARG C 337 -51.89 -23.11 -48.71
N LEU C 338 -51.08 -23.88 -48.02
CA LEU C 338 -50.43 -23.40 -46.81
C LEU C 338 -49.55 -22.22 -47.14
N ILE C 339 -48.46 -22.46 -47.87
CA ILE C 339 -47.44 -21.46 -47.95
C ILE C 339 -48.08 -20.10 -48.27
N GLU C 340 -48.99 -20.07 -49.25
CA GLU C 340 -49.44 -18.75 -49.67
C GLU C 340 -50.63 -18.25 -48.87
N TYR C 341 -51.34 -19.12 -48.17
CA TYR C 341 -52.22 -18.62 -47.12
C TYR C 341 -51.42 -17.99 -46.00
N LEU C 342 -50.28 -18.60 -45.66
CA LEU C 342 -49.35 -17.96 -44.76
C LEU C 342 -48.93 -16.61 -45.29
N LYS C 343 -48.65 -16.54 -46.59
CA LYS C 343 -48.25 -15.26 -47.18
C LYS C 343 -49.36 -14.22 -47.05
N THR C 344 -50.61 -14.60 -47.30
CA THR C 344 -51.67 -13.61 -47.14
C THR C 344 -51.87 -13.24 -45.68
N ARG C 345 -51.55 -14.14 -44.77
CA ARG C 345 -51.54 -13.78 -43.35
C ARG C 345 -50.26 -13.05 -42.96
N MET C 346 -49.32 -12.88 -43.88
CA MET C 346 -48.00 -12.38 -43.55
C MET C 346 -47.97 -10.86 -43.42
N LYS C 347 -48.85 -10.13 -44.10
CA LYS C 347 -48.74 -8.67 -44.18
C LYS C 347 -49.95 -7.96 -43.58
N VAL C 348 -50.42 -8.41 -42.41
CA VAL C 348 -51.39 -7.62 -41.67
C VAL C 348 -50.79 -6.25 -41.36
N LEU C 349 -51.64 -5.22 -41.32
CA LEU C 349 -51.13 -3.87 -41.04
C LEU C 349 -50.52 -3.79 -39.65
N HIS C 350 -51.09 -4.51 -38.68
CA HIS C 350 -50.64 -4.43 -37.30
C HIS C 350 -50.43 -5.82 -36.69
N VAL C 351 -50.21 -5.85 -35.38
CA VAL C 351 -49.97 -7.10 -34.67
C VAL C 351 -51.29 -7.87 -34.51
N ILE C 352 -51.22 -9.18 -34.66
CA ILE C 352 -52.34 -10.06 -34.34
C ILE C 352 -51.80 -11.37 -33.80
N SER C 353 -52.32 -11.78 -32.64
CA SER C 353 -52.02 -13.10 -32.08
C SER C 353 -53.16 -14.04 -32.35
N GLU C 354 -52.81 -15.29 -32.55
CA GLU C 354 -53.84 -16.26 -32.89
C GLU C 354 -53.73 -17.49 -32.03
N THR C 355 -54.86 -17.93 -31.51
CA THR C 355 -54.96 -19.31 -31.06
C THR C 355 -54.98 -20.18 -32.31
N PRO C 356 -54.34 -21.39 -32.20
CA PRO C 356 -54.40 -22.35 -33.35
C PRO C 356 -55.78 -22.64 -33.90
N LYS C 357 -56.73 -22.75 -33.04
CA LYS C 357 -58.05 -23.08 -33.49
C LYS C 357 -58.77 -21.87 -34.04
N SER C 358 -58.58 -20.70 -33.43
CA SER C 358 -59.27 -19.51 -33.92
C SER C 358 -58.88 -19.23 -35.37
N PHE C 359 -57.59 -18.99 -35.59
CA PHE C 359 -57.12 -18.84 -36.96
C PHE C 359 -57.38 -20.05 -37.79
N LEU C 360 -57.48 -21.22 -37.17
CA LEU C 360 -57.67 -22.47 -37.90
C LEU C 360 -59.05 -22.50 -38.54
N GLN C 361 -60.08 -22.25 -37.75
CA GLN C 361 -61.41 -22.08 -38.29
C GLN C 361 -61.43 -20.92 -39.28
N HIS C 362 -60.68 -19.86 -39.00
CA HIS C 362 -60.56 -18.78 -39.97
C HIS C 362 -60.11 -19.30 -41.31
N LEU C 363 -59.03 -20.07 -41.33
CA LEU C 363 -58.50 -20.58 -42.58
C LEU C 363 -59.52 -21.45 -43.28
N LYS C 364 -60.18 -22.33 -42.53
CA LYS C 364 -61.18 -23.19 -43.15
C LYS C 364 -62.24 -22.34 -43.85
N GLN C 365 -62.69 -21.27 -43.21
CA GLN C 365 -63.57 -20.34 -43.91
C GLN C 365 -62.91 -19.78 -45.16
N LEU C 366 -61.66 -19.32 -45.02
CA LEU C 366 -60.92 -18.81 -46.17
C LEU C 366 -60.61 -19.93 -47.15
N THR C 367 -60.04 -21.02 -46.65
CA THR C 367 -59.67 -22.17 -47.47
C THR C 367 -60.06 -23.42 -46.70
N PHE C 368 -61.11 -24.10 -47.15
CA PHE C 368 -61.64 -25.23 -46.41
C PHE C 368 -60.68 -26.42 -46.55
N ILE C 369 -59.58 -26.34 -45.80
CA ILE C 369 -58.61 -27.41 -45.68
C ILE C 369 -58.63 -27.90 -44.24
N GLU C 370 -58.35 -29.19 -44.03
CA GLU C 370 -58.76 -29.85 -42.80
C GLU C 370 -57.59 -30.30 -41.94
N ARG C 371 -57.84 -30.33 -40.63
CA ARG C 371 -56.80 -30.44 -39.63
C ARG C 371 -56.13 -31.81 -39.66
N LYS C 372 -56.92 -32.88 -39.61
CA LYS C 372 -56.32 -34.21 -39.52
C LYS C 372 -55.46 -34.53 -40.74
N PRO C 373 -55.88 -34.27 -41.97
CA PRO C 373 -54.92 -34.39 -43.07
C PRO C 373 -53.75 -33.44 -42.89
N LEU C 374 -54.03 -32.26 -42.35
CA LEU C 374 -53.00 -31.23 -42.22
C LEU C 374 -51.87 -31.70 -41.33
N ARG C 375 -52.18 -32.47 -40.30
CA ARG C 375 -51.14 -32.95 -39.40
C ARG C 375 -50.15 -33.83 -40.16
N PHE C 376 -50.63 -34.59 -41.14
CA PHE C 376 -49.80 -35.54 -41.84
C PHE C 376 -48.82 -34.87 -42.78
N CYS C 377 -48.81 -33.53 -42.75
CA CYS C 377 -47.91 -32.76 -43.60
C CYS C 377 -46.47 -33.26 -43.49
N SER C 378 -45.94 -33.25 -42.27
CA SER C 378 -44.52 -33.53 -42.08
C SER C 378 -44.19 -34.95 -42.51
N GLU C 379 -44.95 -35.92 -42.03
CA GLU C 379 -44.64 -37.31 -42.33
C GLU C 379 -44.77 -37.60 -43.81
N ARG C 380 -45.84 -37.12 -44.43
CA ARG C 380 -46.03 -37.33 -45.86
C ARG C 380 -44.90 -36.69 -46.63
N LEU C 381 -44.51 -35.48 -46.24
CA LEU C 381 -43.40 -34.81 -46.87
C LEU C 381 -42.14 -35.66 -46.80
N SER C 382 -41.83 -36.15 -45.61
CA SER C 382 -40.59 -36.91 -45.41
C SER C 382 -40.60 -38.16 -46.27
N LEU C 383 -41.72 -38.87 -46.27
CA LEU C 383 -41.80 -40.10 -47.04
C LEU C 383 -41.64 -39.82 -48.52
N LEU C 384 -42.29 -38.77 -49.01
CA LEU C 384 -42.21 -38.47 -50.43
C LEU C 384 -40.80 -38.05 -50.79
N VAL C 385 -40.13 -37.32 -49.91
CA VAL C 385 -38.75 -36.93 -50.16
C VAL C 385 -37.87 -38.16 -50.29
N ARG C 386 -38.04 -39.11 -49.37
CA ARG C 386 -37.26 -40.34 -49.46
C ARG C 386 -37.55 -41.07 -50.76
N THR C 387 -38.83 -41.21 -51.10
CA THR C 387 -39.19 -41.87 -52.34
C THR C 387 -38.65 -41.14 -53.56
N LEU C 388 -38.28 -39.88 -53.39
CA LEU C 388 -37.55 -39.15 -54.42
C LEU C 388 -36.05 -39.24 -54.27
N GLU C 389 -35.56 -39.92 -53.23
CA GLU C 389 -34.13 -40.13 -52.97
C GLU C 389 -33.32 -38.88 -53.31
N VAL C 390 -33.69 -37.79 -52.65
CA VAL C 390 -33.28 -36.47 -53.12
C VAL C 390 -31.79 -36.25 -52.89
N THR C 391 -31.26 -35.26 -53.60
CA THR C 391 -29.87 -34.92 -53.56
C THR C 391 -29.59 -33.62 -52.82
N GLU C 392 -30.62 -32.86 -52.44
CA GLU C 392 -30.40 -31.59 -51.75
C GLU C 392 -31.60 -31.26 -50.88
N VAL C 393 -31.36 -30.46 -49.83
CA VAL C 393 -32.38 -30.14 -48.84
C VAL C 393 -32.46 -28.64 -48.54
N GLU C 394 -31.47 -27.86 -48.97
CA GLU C 394 -31.43 -26.44 -48.59
C GLU C 394 -32.69 -25.70 -49.07
N ASP C 395 -33.15 -25.99 -50.28
CA ASP C 395 -34.39 -25.46 -50.78
C ASP C 395 -35.57 -25.92 -49.93
N PHE C 396 -35.38 -26.98 -49.16
CA PHE C 396 -36.46 -27.63 -48.45
C PHE C 396 -36.32 -27.53 -46.94
N THR C 397 -35.32 -26.81 -46.44
CA THR C 397 -35.30 -26.46 -45.03
C THR C 397 -36.58 -25.72 -44.66
N ALA C 398 -36.95 -24.75 -45.47
CA ALA C 398 -38.21 -24.06 -45.25
C ALA C 398 -39.37 -25.05 -45.29
N LEU C 399 -39.30 -26.05 -46.16
CA LEU C 399 -40.41 -26.97 -46.30
C LEU C 399 -40.55 -27.84 -45.06
N LYS C 400 -39.44 -28.29 -44.51
CA LYS C 400 -39.54 -29.07 -43.27
C LYS C 400 -39.96 -28.18 -42.12
N ASP C 401 -39.53 -26.92 -42.11
CA ASP C 401 -39.99 -26.01 -41.07
C ASP C 401 -41.50 -25.82 -41.15
N ILE C 402 -42.01 -25.64 -42.35
CA ILE C 402 -43.44 -25.44 -42.50
C ILE C 402 -44.18 -26.73 -42.17
N ALA C 403 -43.58 -27.88 -42.49
CA ALA C 403 -44.15 -29.14 -42.06
C ALA C 403 -44.30 -29.16 -40.55
N THR C 404 -43.22 -28.83 -39.84
CA THR C 404 -43.26 -28.68 -38.40
C THR C 404 -44.39 -27.74 -37.98
N PHE C 405 -44.48 -26.60 -38.65
CA PHE C 405 -45.45 -25.57 -38.32
C PHE C 405 -46.86 -26.11 -38.42
N ALA C 406 -47.21 -26.57 -39.60
CA ALA C 406 -48.55 -27.08 -39.84
C ALA C 406 -48.86 -28.22 -38.90
N THR C 407 -47.89 -29.10 -38.66
CA THR C 407 -48.14 -30.24 -37.79
C THR C 407 -48.49 -29.78 -36.39
N LEU C 408 -47.72 -28.84 -35.85
CA LEU C 408 -47.99 -28.38 -34.49
C LEU C 408 -49.32 -27.65 -34.43
N ILE C 409 -49.56 -26.75 -35.37
CA ILE C 409 -50.75 -25.90 -35.29
C ILE C 409 -52.01 -26.74 -35.49
N SER C 410 -51.95 -27.67 -36.44
CA SER C 410 -53.01 -28.65 -36.58
C SER C 410 -53.07 -29.56 -35.39
N THR C 411 -52.01 -29.66 -34.60
CA THR C 411 -51.93 -30.58 -33.49
C THR C 411 -52.22 -29.93 -32.16
N TYR C 412 -51.56 -28.82 -31.87
CA TYR C 412 -51.62 -28.21 -30.56
C TYR C 412 -52.56 -27.01 -30.55
N GLU C 413 -53.24 -26.82 -29.43
CA GLU C 413 -54.25 -25.78 -29.31
C GLU C 413 -54.38 -25.36 -27.86
N GLU C 414 -55.00 -24.19 -27.67
CA GLU C 414 -55.46 -23.63 -26.39
C GLU C 414 -54.39 -23.62 -25.30
N GLY C 415 -53.13 -23.84 -25.67
CA GLY C 415 -52.04 -23.64 -24.74
C GLY C 415 -50.98 -22.76 -25.37
N PHE C 416 -51.00 -22.73 -26.69
CA PHE C 416 -49.99 -22.04 -27.49
C PHE C 416 -50.54 -20.69 -27.93
N LEU C 417 -49.79 -19.98 -28.77
CA LEU C 417 -50.31 -18.72 -29.30
C LEU C 417 -49.53 -18.34 -30.55
N LEU C 418 -50.22 -18.36 -31.69
CA LEU C 418 -49.71 -17.69 -32.88
C LEU C 418 -49.76 -16.19 -32.66
N ILE C 419 -48.78 -15.49 -33.22
CA ILE C 419 -48.79 -14.03 -33.18
C ILE C 419 -48.12 -13.52 -34.45
N ILE C 420 -48.70 -12.46 -35.02
CA ILE C 420 -48.29 -11.96 -36.33
C ILE C 420 -48.00 -10.48 -36.19
N GLU C 421 -46.73 -10.13 -36.00
CA GLU C 421 -46.29 -8.74 -35.99
C GLU C 421 -45.79 -8.35 -37.36
N PRO C 422 -46.33 -7.29 -37.96
CA PRO C 422 -46.01 -6.96 -39.36
C PRO C 422 -44.64 -6.34 -39.56
N TYR C 423 -43.82 -6.26 -38.53
CA TYR C 423 -42.52 -5.65 -38.64
C TYR C 423 -41.76 -5.89 -37.33
N GLU C 424 -40.47 -5.58 -37.34
CA GLU C 424 -39.71 -5.40 -36.11
C GLU C 424 -39.68 -3.92 -35.84
N ILE C 425 -40.30 -3.51 -34.74
CA ILE C 425 -40.26 -2.13 -34.33
C ILE C 425 -38.83 -1.70 -34.05
N GLU C 426 -37.96 -2.65 -33.69
CA GLU C 426 -36.56 -2.33 -33.46
C GLU C 426 -35.92 -1.68 -34.69
N ASN C 427 -36.44 -1.98 -35.88
CA ASN C 427 -36.17 -1.25 -37.09
C ASN C 427 -37.49 -0.86 -37.74
N ALA C 428 -38.36 -0.22 -36.96
CA ALA C 428 -39.74 0.01 -37.35
C ALA C 428 -39.85 0.76 -38.67
N ALA C 429 -41.07 0.76 -39.21
CA ALA C 429 -41.38 1.38 -40.49
C ALA C 429 -40.56 0.78 -41.63
N VAL C 430 -40.16 -0.48 -41.48
CA VAL C 430 -39.62 -1.26 -42.59
C VAL C 430 -40.34 -2.60 -42.62
N PRO C 431 -40.32 -3.28 -43.75
CA PRO C 431 -40.93 -4.62 -43.79
C PRO C 431 -40.06 -5.66 -43.11
N ASN C 432 -40.47 -6.07 -41.91
CA ASN C 432 -39.95 -7.31 -41.32
C ASN C 432 -41.07 -8.01 -40.54
N PRO C 433 -42.16 -8.36 -41.24
CA PRO C 433 -43.24 -9.04 -40.54
C PRO C 433 -42.81 -10.38 -40.02
N ILE C 434 -43.44 -10.80 -38.92
CA ILE C 434 -43.07 -12.04 -38.25
C ILE C 434 -44.33 -12.78 -37.85
N MET C 435 -44.48 -14.00 -38.34
CA MET C 435 -45.55 -14.90 -37.94
C MET C 435 -45.07 -15.86 -36.86
N ARG C 436 -44.69 -15.28 -35.73
CA ARG C 436 -44.20 -16.09 -34.62
C ARG C 436 -45.34 -16.87 -33.99
N PHE C 437 -45.00 -18.07 -33.50
CA PHE C 437 -45.95 -18.90 -32.79
C PHE C 437 -45.19 -19.77 -31.80
N THR C 438 -45.77 -19.98 -30.63
CA THR C 438 -45.13 -20.80 -29.63
C THR C 438 -46.14 -21.22 -28.58
N CYS C 439 -45.69 -22.09 -27.70
CA CYS C 439 -46.42 -22.53 -26.53
C CYS C 439 -46.43 -21.48 -25.45
N LEU C 440 -47.12 -21.79 -24.35
CA LEU C 440 -47.04 -20.99 -23.14
C LEU C 440 -46.95 -21.83 -21.87
N ASP C 441 -47.01 -23.16 -21.96
CA ASP C 441 -47.05 -24.03 -20.79
C ASP C 441 -45.90 -25.01 -20.86
N ALA C 442 -44.90 -24.82 -19.99
CA ALA C 442 -43.80 -25.76 -19.92
C ALA C 442 -44.25 -27.09 -19.32
N SER C 443 -45.15 -27.06 -18.33
CA SER C 443 -45.61 -28.29 -17.71
C SER C 443 -46.15 -29.25 -18.75
N ILE C 444 -46.76 -28.72 -19.81
CA ILE C 444 -47.21 -29.56 -20.91
C ILE C 444 -46.04 -30.33 -21.48
N ALA C 445 -45.01 -29.61 -21.91
CA ALA C 445 -43.86 -30.26 -22.56
C ALA C 445 -43.20 -31.25 -21.63
N ILE C 446 -43.14 -30.94 -20.33
CA ILE C 446 -42.50 -31.83 -19.39
C ILE C 446 -43.34 -33.07 -19.15
N LYS C 447 -44.66 -32.92 -19.13
CA LYS C 447 -45.55 -33.97 -18.68
C LYS C 447 -45.28 -35.38 -19.23
N PRO C 448 -44.96 -35.53 -20.52
CA PRO C 448 -44.61 -36.91 -20.97
C PRO C 448 -43.45 -37.50 -20.21
N VAL C 449 -42.40 -36.71 -19.94
CA VAL C 449 -41.23 -37.27 -19.29
C VAL C 449 -41.54 -37.60 -17.83
N PHE C 450 -42.33 -36.77 -17.16
CA PHE C 450 -42.80 -37.14 -15.82
C PHE C 450 -43.64 -38.39 -15.88
N GLU C 451 -44.49 -38.49 -16.90
CA GLU C 451 -45.40 -39.62 -16.99
C GLU C 451 -44.63 -40.93 -17.13
N ARG C 452 -43.57 -40.92 -17.93
CA ARG C 452 -42.77 -42.13 -18.07
C ARG C 452 -42.10 -42.51 -16.75
N PHE C 453 -41.60 -41.52 -16.01
CA PHE C 453 -40.61 -41.77 -14.97
C PHE C 453 -41.04 -41.22 -13.62
N SER C 454 -40.76 -41.99 -12.58
CA SER C 454 -41.03 -41.57 -11.21
C SER C 454 -39.80 -40.92 -10.58
N SER C 455 -38.67 -41.65 -10.54
CA SER C 455 -37.48 -41.23 -9.80
C SER C 455 -36.74 -40.12 -10.56
N VAL C 456 -37.38 -38.96 -10.58
CA VAL C 456 -36.86 -37.78 -11.29
C VAL C 456 -36.22 -36.86 -10.28
N ILE C 457 -35.09 -36.25 -10.64
CA ILE C 457 -34.38 -35.40 -9.69
C ILE C 457 -34.04 -34.07 -10.34
N ILE C 458 -34.43 -32.99 -9.67
CA ILE C 458 -34.23 -31.64 -10.15
C ILE C 458 -33.28 -30.94 -9.20
N THR C 459 -32.22 -30.36 -9.73
CA THR C 459 -31.26 -29.64 -8.89
C THR C 459 -30.54 -28.59 -9.72
N SER C 460 -30.65 -27.33 -9.34
CA SER C 460 -29.93 -26.26 -9.99
C SER C 460 -29.18 -25.44 -8.96
N GLY C 461 -28.10 -24.81 -9.40
CA GLY C 461 -27.35 -23.93 -8.54
C GLY C 461 -27.99 -22.57 -8.39
N THR C 462 -29.28 -22.45 -8.68
CA THR C 462 -29.98 -21.18 -8.55
C THR C 462 -31.33 -21.25 -7.87
N ILE C 463 -31.98 -22.43 -7.85
CA ILE C 463 -33.42 -22.57 -7.65
C ILE C 463 -33.93 -21.81 -6.42
N SER C 464 -34.81 -20.85 -6.67
CA SER C 464 -35.59 -20.18 -5.64
C SER C 464 -36.72 -19.42 -6.33
N PRO C 465 -37.96 -19.58 -5.87
CA PRO C 465 -38.33 -20.47 -4.77
C PRO C 465 -38.46 -21.91 -5.23
N LEU C 466 -38.40 -22.85 -4.30
CA LEU C 466 -38.58 -24.24 -4.65
C LEU C 466 -40.04 -24.57 -4.91
N ASP C 467 -40.89 -23.55 -4.98
CA ASP C 467 -42.31 -23.71 -5.23
C ASP C 467 -42.74 -23.18 -6.59
N MET C 468 -42.02 -22.18 -7.11
CA MET C 468 -42.34 -21.65 -8.43
C MET C 468 -42.43 -22.77 -9.45
N TYR C 469 -41.41 -23.61 -9.50
CA TYR C 469 -41.38 -24.70 -10.47
C TYR C 469 -42.52 -25.68 -10.25
N PRO C 470 -42.81 -26.16 -9.04
CA PRO C 470 -44.01 -26.99 -8.88
C PRO C 470 -45.27 -26.32 -9.38
N ARG C 471 -45.38 -24.99 -9.26
CA ARG C 471 -46.50 -24.29 -9.88
C ARG C 471 -46.43 -24.39 -11.40
N MET C 472 -45.39 -23.83 -12.00
CA MET C 472 -45.31 -23.72 -13.46
C MET C 472 -45.41 -25.09 -14.12
N LEU C 473 -44.59 -26.02 -13.67
CA LEU C 473 -44.48 -27.34 -14.27
C LEU C 473 -45.35 -28.35 -13.56
N ASN C 474 -46.19 -27.89 -12.62
CA ASN C 474 -47.35 -28.63 -12.11
C ASN C 474 -46.99 -30.08 -11.77
N PHE C 475 -46.09 -30.24 -10.81
CA PHE C 475 -45.59 -31.57 -10.50
C PHE C 475 -45.44 -31.77 -9.00
N LYS C 476 -45.43 -33.05 -8.62
CA LYS C 476 -45.31 -33.46 -7.23
C LYS C 476 -43.85 -33.60 -6.85
N THR C 477 -43.51 -33.04 -5.70
CA THR C 477 -42.21 -33.24 -5.14
C THR C 477 -42.39 -33.50 -3.62
N VAL C 478 -41.33 -33.90 -2.93
CA VAL C 478 -41.46 -34.25 -1.52
C VAL C 478 -40.54 -33.44 -0.64
N LEU C 479 -39.23 -33.57 -0.85
CA LEU C 479 -38.22 -32.98 0.03
C LEU C 479 -37.69 -31.72 -0.65
N GLN C 480 -38.30 -30.58 -0.36
CA GLN C 480 -37.96 -29.31 -0.96
C GLN C 480 -37.16 -28.50 0.06
N LYS C 481 -35.86 -28.75 0.12
CA LYS C 481 -34.99 -28.09 1.07
C LYS C 481 -33.88 -27.35 0.34
N SER C 482 -33.50 -26.21 0.92
CA SER C 482 -32.35 -25.45 0.46
C SER C 482 -31.23 -25.57 1.49
N TYR C 483 -30.02 -25.77 1.01
CA TYR C 483 -28.87 -26.06 1.87
C TYR C 483 -28.09 -24.78 2.10
N ALA C 484 -28.25 -24.21 3.30
CA ALA C 484 -27.46 -23.06 3.70
C ALA C 484 -25.99 -23.45 3.79
N MET C 485 -25.13 -22.60 3.26
CA MET C 485 -23.72 -22.93 3.18
C MET C 485 -23.09 -22.85 4.56
N THR C 486 -22.96 -24.00 5.21
CA THR C 486 -22.25 -24.06 6.49
C THR C 486 -20.78 -23.75 6.23
N LEU C 487 -20.36 -22.55 6.62
CA LEU C 487 -18.96 -22.17 6.57
C LEU C 487 -18.65 -21.32 7.80
N ALA C 488 -17.52 -21.61 8.44
CA ALA C 488 -17.04 -20.83 9.58
C ALA C 488 -16.24 -19.61 9.15
N LYS C 489 -16.39 -19.18 7.92
CA LYS C 489 -15.62 -18.06 7.39
C LYS C 489 -16.42 -17.42 6.24
N LYS C 490 -16.24 -16.12 6.05
CA LYS C 490 -17.08 -15.40 5.10
C LYS C 490 -16.94 -15.92 3.68
N SER C 491 -15.74 -15.74 3.09
CA SER C 491 -15.35 -16.26 1.77
C SER C 491 -16.14 -15.72 0.59
N PHE C 492 -17.08 -14.80 0.84
CA PHE C 492 -17.77 -14.14 -0.26
C PHE C 492 -18.52 -12.92 0.26
N LEU C 493 -18.41 -11.78 -0.41
CA LEU C 493 -19.11 -10.57 0.00
C LEU C 493 -20.02 -10.12 -1.14
N PRO C 494 -21.26 -10.58 -1.16
CA PRO C 494 -22.27 -9.93 -1.99
C PRO C 494 -22.68 -8.60 -1.38
N MET C 495 -22.83 -7.58 -2.24
CA MET C 495 -23.21 -6.26 -1.76
C MET C 495 -24.06 -5.55 -2.79
N ILE C 496 -25.02 -4.77 -2.31
CA ILE C 496 -26.00 -4.08 -3.14
C ILE C 496 -25.58 -2.62 -3.24
N ILE C 497 -25.05 -2.23 -4.41
CA ILE C 497 -24.61 -0.85 -4.63
C ILE C 497 -25.79 -0.11 -5.23
N THR C 498 -26.69 0.34 -4.35
CA THR C 498 -27.75 1.25 -4.78
C THR C 498 -27.22 2.66 -4.93
N LYS C 499 -26.31 3.06 -4.05
CA LYS C 499 -25.70 4.38 -4.07
C LYS C 499 -24.37 4.30 -4.78
N GLY C 500 -24.21 5.11 -5.81
CA GLY C 500 -22.90 5.34 -6.38
C GLY C 500 -22.12 6.30 -5.52
N SER C 501 -21.10 6.93 -6.12
CA SER C 501 -20.37 7.97 -5.41
C SER C 501 -21.29 9.11 -5.03
N ASP C 502 -22.05 9.62 -6.00
CA ASP C 502 -23.06 10.64 -5.80
C ASP C 502 -24.30 10.09 -5.12
N GLN C 503 -24.26 8.85 -4.66
CA GLN C 503 -25.37 8.20 -3.96
C GLN C 503 -26.63 8.14 -4.82
N VAL C 504 -26.48 8.33 -6.13
CA VAL C 504 -27.63 8.27 -7.02
C VAL C 504 -28.20 6.87 -7.03
N ALA C 505 -29.50 6.76 -6.75
CA ALA C 505 -30.18 5.48 -6.97
C ALA C 505 -30.03 5.10 -8.43
N ILE C 506 -29.58 3.88 -8.67
CA ILE C 506 -29.11 3.51 -10.00
C ILE C 506 -29.90 2.31 -10.50
N SER C 507 -29.94 2.17 -11.81
CA SER C 507 -30.54 1.05 -12.52
C SER C 507 -30.34 1.27 -14.01
N SER C 508 -30.45 0.19 -14.76
CA SER C 508 -30.61 0.31 -16.21
C SER C 508 -32.06 0.35 -16.63
N ARG C 509 -32.99 0.13 -15.70
CA ARG C 509 -34.40 0.13 -16.04
C ARG C 509 -34.92 1.53 -16.36
N PHE C 510 -34.13 2.57 -16.08
CA PHE C 510 -34.51 3.89 -16.53
C PHE C 510 -34.75 3.88 -18.03
N GLU C 511 -33.86 3.22 -18.80
CA GLU C 511 -33.91 3.18 -20.26
C GLU C 511 -32.78 2.29 -20.78
N ILE C 512 -32.81 2.07 -22.12
CA ILE C 512 -31.77 1.28 -22.78
C ILE C 512 -30.64 2.15 -23.29
N ARG C 513 -30.73 3.46 -23.08
CA ARG C 513 -29.78 4.44 -23.60
C ARG C 513 -29.10 5.13 -22.44
N ASN C 514 -28.41 6.23 -22.74
CA ASN C 514 -27.54 6.89 -21.79
C ASN C 514 -28.27 7.98 -21.00
N ASP C 515 -27.66 8.32 -19.86
CA ASP C 515 -28.10 9.36 -18.92
C ASP C 515 -26.92 9.70 -18.03
N PRO C 516 -25.98 10.53 -18.51
CA PRO C 516 -24.61 10.53 -17.97
C PRO C 516 -24.47 10.50 -16.45
N SER C 517 -25.54 10.80 -15.73
CA SER C 517 -25.55 10.58 -14.29
C SER C 517 -25.19 9.13 -13.99
N ILE C 518 -26.06 8.21 -14.39
CA ILE C 518 -25.81 6.79 -14.15
C ILE C 518 -24.62 6.31 -14.95
N VAL C 519 -24.40 6.90 -16.13
CA VAL C 519 -23.29 6.52 -16.97
C VAL C 519 -21.97 6.67 -16.22
N ARG C 520 -21.69 7.89 -15.75
CA ARG C 520 -20.43 8.10 -15.06
C ARG C 520 -20.45 7.45 -13.70
N ASN C 521 -21.63 7.34 -13.08
CA ASN C 521 -21.71 6.54 -11.88
C ASN C 521 -21.03 5.22 -12.16
N TYR C 522 -21.54 4.48 -13.15
CA TYR C 522 -21.06 3.11 -13.41
C TYR C 522 -19.62 3.10 -13.89
N GLY C 523 -19.23 4.13 -14.63
CA GLY C 523 -17.84 4.21 -15.06
C GLY C 523 -16.90 4.33 -13.89
N SER C 524 -17.26 5.18 -12.92
CA SER C 524 -16.46 5.32 -11.71
C SER C 524 -16.40 4.01 -10.94
N MET C 525 -17.54 3.36 -10.74
CA MET C 525 -17.55 2.06 -10.08
C MET C 525 -16.62 1.09 -10.80
N LEU C 526 -16.77 0.99 -12.11
CA LEU C 526 -15.97 0.07 -12.88
C LEU C 526 -14.49 0.35 -12.68
N VAL C 527 -14.07 1.57 -12.97
CA VAL C 527 -12.64 1.87 -12.98
C VAL C 527 -12.06 1.73 -11.58
N GLU C 528 -12.82 2.04 -10.54
CA GLU C 528 -12.29 1.88 -9.20
C GLU C 528 -12.02 0.42 -8.90
N PHE C 529 -12.92 -0.47 -9.33
CA PHE C 529 -12.56 -1.89 -9.28
C PHE C 529 -11.34 -2.17 -10.13
N ALA C 530 -11.32 -1.61 -11.35
CA ALA C 530 -10.27 -1.90 -12.31
C ALA C 530 -8.90 -1.68 -11.71
N LYS C 531 -8.72 -0.58 -11.00
CA LYS C 531 -7.51 -0.40 -10.21
C LYS C 531 -7.42 -1.46 -9.12
N ILE C 532 -8.36 -1.44 -8.17
CA ILE C 532 -8.15 -2.18 -6.94
C ILE C 532 -8.19 -3.69 -7.18
N THR C 533 -8.94 -4.12 -8.16
CA THR C 533 -9.15 -5.55 -8.32
C THR C 533 -7.92 -6.23 -8.94
N PRO C 534 -7.64 -7.47 -8.52
CA PRO C 534 -6.62 -8.26 -9.22
C PRO C 534 -7.18 -9.05 -10.39
N ASP C 535 -6.32 -9.85 -11.02
CA ASP C 535 -6.68 -10.50 -12.27
C ASP C 535 -7.90 -11.40 -12.11
N GLY C 536 -8.82 -11.30 -13.06
CA GLY C 536 -10.03 -12.09 -13.06
C GLY C 536 -11.19 -11.28 -12.54
N MET C 537 -12.00 -10.74 -13.44
CA MET C 537 -13.14 -9.92 -13.03
C MET C 537 -14.07 -9.76 -14.22
N VAL C 538 -15.32 -10.18 -14.07
CA VAL C 538 -16.32 -10.04 -15.12
C VAL C 538 -17.58 -9.48 -14.51
N VAL C 539 -18.17 -8.49 -15.16
CA VAL C 539 -19.44 -7.92 -14.76
C VAL C 539 -20.45 -8.28 -15.83
N PHE C 540 -21.71 -8.43 -15.42
CA PHE C 540 -22.75 -8.88 -16.33
C PHE C 540 -23.81 -7.79 -16.47
N PHE C 541 -24.41 -7.73 -17.66
CA PHE C 541 -25.27 -6.64 -18.07
C PHE C 541 -26.65 -7.13 -18.44
N PRO C 542 -27.67 -6.26 -18.38
CA PRO C 542 -29.03 -6.70 -18.68
C PRO C 542 -29.26 -7.08 -20.14
N SER C 543 -28.57 -6.47 -21.09
CA SER C 543 -28.90 -6.67 -22.48
C SER C 543 -27.72 -6.25 -23.36
N TYR C 544 -27.44 -7.07 -24.39
CA TYR C 544 -26.36 -6.76 -25.29
C TYR C 544 -26.58 -5.41 -25.97
N LEU C 545 -27.81 -5.11 -26.37
CA LEU C 545 -28.05 -3.82 -27.00
C LEU C 545 -27.87 -2.68 -25.99
N TYR C 546 -28.35 -2.88 -24.76
CA TYR C 546 -28.13 -1.88 -23.73
C TYR C 546 -26.65 -1.74 -23.39
N MET C 547 -26.00 -2.87 -23.12
CA MET C 547 -24.57 -2.87 -22.88
C MET C 547 -23.84 -2.23 -24.05
N GLU C 548 -24.40 -2.35 -25.25
CA GLU C 548 -23.75 -1.82 -26.44
C GLU C 548 -23.82 -0.30 -26.48
N SER C 549 -25.00 0.24 -26.21
CA SER C 549 -25.12 1.70 -26.12
C SER C 549 -24.17 2.23 -25.04
N ILE C 550 -24.17 1.58 -23.88
CA ILE C 550 -23.34 2.03 -22.76
C ILE C 550 -21.87 1.95 -23.11
N VAL C 551 -21.44 0.84 -23.71
CA VAL C 551 -20.03 0.63 -24.01
C VAL C 551 -19.57 1.61 -25.09
N SER C 552 -20.39 1.82 -26.11
CA SER C 552 -20.03 2.79 -27.13
C SER C 552 -19.82 4.16 -26.50
N MET C 553 -20.80 4.63 -25.73
CA MET C 553 -20.63 5.94 -25.14
C MET C 553 -19.57 5.96 -24.04
N TRP C 554 -19.13 4.81 -23.56
CA TRP C 554 -18.03 4.76 -22.61
C TRP C 554 -16.68 4.77 -23.28
N GLN C 555 -16.57 4.13 -24.44
CA GLN C 555 -15.44 4.39 -25.31
C GLN C 555 -15.35 5.88 -25.60
N THR C 556 -16.50 6.52 -25.79
CA THR C 556 -16.52 7.98 -25.88
C THR C 556 -15.90 8.59 -24.64
N MET C 557 -16.16 8.01 -23.47
CA MET C 557 -15.46 8.44 -22.28
C MET C 557 -14.03 7.91 -22.28
N GLY C 558 -13.18 8.56 -21.50
CA GLY C 558 -11.88 7.98 -21.26
C GLY C 558 -11.91 6.81 -20.31
N ILE C 559 -13.11 6.45 -19.83
CA ILE C 559 -13.27 5.45 -18.79
C ILE C 559 -12.63 4.12 -19.16
N LEU C 560 -12.42 3.89 -20.47
CA LEU C 560 -11.72 2.69 -20.90
C LEU C 560 -10.23 2.78 -20.64
N ASP C 561 -9.68 3.99 -20.57
CA ASP C 561 -8.23 4.14 -20.67
C ASP C 561 -7.52 3.64 -19.43
N GLU C 562 -8.09 3.87 -18.24
CA GLU C 562 -7.38 3.46 -17.03
C GLU C 562 -7.36 1.95 -16.89
N VAL C 563 -8.48 1.29 -17.17
CA VAL C 563 -8.48 -0.16 -17.17
C VAL C 563 -7.56 -0.68 -18.26
N TRP C 564 -7.47 0.03 -19.38
CA TRP C 564 -6.50 -0.37 -20.39
C TRP C 564 -5.08 -0.25 -19.87
N LYS C 565 -4.83 0.72 -19.01
CA LYS C 565 -3.53 0.79 -18.36
C LYS C 565 -3.30 -0.42 -17.47
N HIS C 566 -4.33 -0.81 -16.70
CA HIS C 566 -4.12 -1.88 -15.73
C HIS C 566 -4.39 -3.27 -16.32
N LYS C 567 -5.62 -3.52 -16.73
CA LYS C 567 -6.11 -4.86 -17.03
C LYS C 567 -6.42 -5.00 -18.51
N LEU C 568 -7.00 -6.15 -18.86
CA LEU C 568 -7.39 -6.47 -20.23
C LEU C 568 -8.90 -6.50 -20.32
N ILE C 569 -9.45 -5.72 -21.24
CA ILE C 569 -10.87 -5.77 -21.54
C ILE C 569 -11.16 -6.95 -22.45
N LEU C 570 -12.25 -7.65 -22.16
CA LEU C 570 -12.86 -8.53 -23.14
C LEU C 570 -14.33 -8.20 -23.16
N VAL C 571 -14.87 -8.04 -24.36
CA VAL C 571 -16.25 -7.68 -24.54
C VAL C 571 -16.99 -8.85 -25.17
N GLU C 572 -18.31 -8.82 -25.09
CA GLU C 572 -19.13 -9.84 -25.72
C GLU C 572 -19.44 -9.47 -27.16
N THR C 573 -19.65 -10.50 -27.99
CA THR C 573 -19.92 -10.32 -29.39
C THR C 573 -20.86 -11.42 -29.87
N PRO C 574 -21.77 -11.11 -30.80
CA PRO C 574 -22.79 -12.10 -31.19
C PRO C 574 -22.22 -13.37 -31.81
N ASP C 575 -21.07 -13.29 -32.46
CA ASP C 575 -20.53 -14.47 -33.13
C ASP C 575 -20.03 -15.48 -32.09
N ALA C 576 -20.56 -16.69 -32.15
CA ALA C 576 -20.23 -17.68 -31.14
C ALA C 576 -18.73 -17.96 -31.10
N GLN C 577 -18.13 -18.16 -32.28
CA GLN C 577 -16.72 -18.53 -32.32
C GLN C 577 -15.83 -17.42 -31.78
N GLU C 578 -16.12 -16.16 -32.15
CA GLU C 578 -15.21 -15.13 -31.69
C GLU C 578 -15.46 -14.78 -30.24
N THR C 579 -16.71 -14.87 -29.79
CA THR C 579 -16.97 -14.83 -28.36
C THR C 579 -16.12 -15.88 -27.63
N SER C 580 -16.11 -17.10 -28.15
CA SER C 580 -15.36 -18.17 -27.49
C SER C 580 -13.86 -17.91 -27.53
N LEU C 581 -13.36 -17.38 -28.63
CA LEU C 581 -11.94 -17.09 -28.69
C LEU C 581 -11.58 -16.01 -27.69
N ALA C 582 -12.42 -14.99 -27.58
CA ALA C 582 -12.25 -14.01 -26.50
C ALA C 582 -12.25 -14.73 -25.16
N LEU C 583 -13.13 -15.71 -24.99
CA LEU C 583 -13.23 -16.38 -23.69
C LEU C 583 -11.93 -17.08 -23.34
N GLU C 584 -11.41 -17.86 -24.28
CA GLU C 584 -10.21 -18.64 -23.98
C GLU C 584 -9.02 -17.71 -23.80
N THR C 585 -8.94 -16.64 -24.59
CA THR C 585 -7.84 -15.71 -24.43
C THR C 585 -7.92 -14.99 -23.09
N TYR C 586 -9.13 -14.61 -22.67
CA TYR C 586 -9.36 -14.11 -21.32
C TYR C 586 -8.79 -15.07 -20.31
N ARG C 587 -9.14 -16.34 -20.42
CA ARG C 587 -8.71 -17.31 -19.44
C ARG C 587 -7.19 -17.39 -19.40
N LYS C 588 -6.57 -17.46 -20.57
CA LYS C 588 -5.12 -17.57 -20.62
C LYS C 588 -4.46 -16.34 -20.01
N ALA C 589 -5.00 -15.16 -20.29
CA ALA C 589 -4.40 -13.93 -19.77
C ALA C 589 -4.52 -13.87 -18.26
N CYS C 590 -5.71 -14.16 -17.73
CA CYS C 590 -5.92 -14.05 -16.28
C CYS C 590 -5.11 -15.10 -15.53
N SER C 591 -5.06 -16.33 -16.04
CA SER C 591 -4.15 -17.31 -15.45
C SER C 591 -2.71 -16.88 -15.60
N ASN C 592 -2.40 -16.17 -16.68
CA ASN C 592 -1.12 -15.49 -16.84
C ASN C 592 -1.16 -14.22 -16.00
N GLY C 593 -0.16 -13.35 -16.18
CA GLY C 593 -0.08 -12.15 -15.38
C GLY C 593 -1.16 -11.12 -15.64
N ARG C 594 -1.15 -10.55 -16.85
CA ARG C 594 -2.00 -9.43 -17.18
C ARG C 594 -3.47 -9.76 -16.90
N GLY C 595 -4.06 -9.03 -15.96
CA GLY C 595 -5.45 -9.28 -15.61
C GLY C 595 -6.37 -8.98 -16.77
N ALA C 596 -7.45 -9.75 -16.87
CA ALA C 596 -8.36 -9.63 -17.98
C ALA C 596 -9.78 -9.51 -17.47
N ILE C 597 -10.59 -8.72 -18.17
CA ILE C 597 -11.98 -8.45 -17.82
C ILE C 597 -12.87 -8.88 -18.98
N LEU C 598 -13.91 -9.64 -18.66
CA LEU C 598 -15.02 -9.79 -19.59
C LEU C 598 -16.20 -9.02 -19.03
N LEU C 599 -17.20 -8.86 -19.88
CA LEU C 599 -18.42 -8.17 -19.50
C LEU C 599 -19.49 -8.61 -20.48
N SER C 600 -20.69 -8.75 -19.95
CA SER C 600 -21.56 -9.58 -20.69
C SER C 600 -23.03 -9.49 -20.29
N VAL C 601 -23.89 -10.26 -21.04
CA VAL C 601 -25.32 -10.29 -20.70
C VAL C 601 -25.56 -11.42 -19.72
N ALA C 602 -26.40 -11.17 -18.71
CA ALA C 602 -26.88 -12.24 -17.85
C ALA C 602 -27.52 -13.35 -18.69
N ARG C 603 -28.15 -12.98 -19.79
CA ARG C 603 -28.62 -13.91 -20.79
C ARG C 603 -27.51 -14.45 -21.67
N GLY C 604 -26.30 -13.89 -21.56
CA GLY C 604 -25.24 -14.25 -22.48
C GLY C 604 -24.94 -15.74 -22.50
N LYS C 605 -24.42 -16.19 -23.64
CA LYS C 605 -24.30 -17.63 -23.86
C LYS C 605 -23.26 -18.26 -22.96
N VAL C 606 -22.19 -17.55 -22.62
CA VAL C 606 -21.16 -18.13 -21.76
C VAL C 606 -21.71 -18.38 -20.37
N SER C 607 -22.55 -17.47 -19.87
CA SER C 607 -23.20 -17.64 -18.58
C SER C 607 -24.09 -18.87 -18.53
N GLU C 608 -24.28 -19.55 -19.66
CA GLU C 608 -24.98 -20.83 -19.64
C GLU C 608 -24.06 -21.96 -19.22
N GLY C 609 -22.92 -22.10 -19.91
CA GLY C 609 -22.12 -23.30 -19.75
C GLY C 609 -20.73 -23.19 -19.17
N ILE C 610 -20.29 -22.00 -18.77
CA ILE C 610 -18.90 -21.80 -18.36
C ILE C 610 -18.85 -21.38 -16.90
N ASP C 611 -18.15 -22.18 -16.09
CA ASP C 611 -17.92 -21.91 -14.67
C ASP C 611 -16.60 -21.19 -14.50
N PHE C 612 -16.41 -20.59 -13.32
CA PHE C 612 -15.28 -19.72 -13.05
C PHE C 612 -14.50 -20.20 -11.83
N ASP C 613 -13.20 -20.35 -11.99
CA ASP C 613 -12.34 -20.70 -10.86
C ASP C 613 -12.04 -19.45 -10.05
N HIS C 614 -11.12 -19.61 -9.10
CA HIS C 614 -10.60 -18.47 -8.39
C HIS C 614 -9.92 -17.49 -9.32
N GLN C 615 -9.07 -18.01 -10.20
CA GLN C 615 -8.26 -17.17 -11.08
C GLN C 615 -9.14 -16.30 -11.96
N TYR C 616 -9.99 -16.92 -12.77
CA TYR C 616 -10.79 -16.17 -13.73
C TYR C 616 -11.89 -15.37 -13.05
N GLY C 617 -12.34 -15.81 -11.88
CA GLY C 617 -13.43 -15.12 -11.22
C GLY C 617 -13.06 -14.58 -9.86
N ARG C 618 -13.02 -13.25 -9.74
CA ARG C 618 -12.85 -12.58 -8.46
C ARG C 618 -14.00 -11.63 -8.14
N THR C 619 -14.39 -10.78 -9.09
CA THR C 619 -15.35 -9.73 -8.81
C THR C 619 -16.39 -9.69 -9.94
N VAL C 620 -17.58 -10.18 -9.63
CA VAL C 620 -18.69 -10.11 -10.56
C VAL C 620 -19.56 -8.94 -10.17
N LEU C 621 -20.26 -8.38 -11.15
CA LEU C 621 -21.07 -7.18 -10.95
C LEU C 621 -22.32 -7.27 -11.80
N MET C 622 -23.48 -7.29 -11.17
CA MET C 622 -24.76 -7.38 -11.86
C MET C 622 -25.29 -5.96 -12.02
N ILE C 623 -24.93 -5.32 -13.13
CA ILE C 623 -25.31 -3.93 -13.37
C ILE C 623 -26.79 -3.90 -13.70
N GLY C 624 -27.57 -3.21 -12.86
CA GLY C 624 -29.00 -3.34 -13.04
C GLY C 624 -29.42 -4.77 -12.82
N ILE C 625 -30.51 -5.16 -13.48
CA ILE C 625 -31.09 -6.47 -13.24
C ILE C 625 -31.62 -7.05 -14.55
N PRO C 626 -31.42 -8.35 -14.84
CA PRO C 626 -31.81 -8.89 -16.14
C PRO C 626 -33.31 -9.03 -16.38
N PHE C 627 -33.93 -7.92 -16.75
CA PHE C 627 -35.31 -7.92 -17.24
C PHE C 627 -35.30 -7.91 -18.76
N GLN C 628 -36.49 -8.12 -19.36
CA GLN C 628 -36.57 -8.28 -20.79
C GLN C 628 -37.68 -7.52 -21.48
N TYR C 629 -38.68 -7.00 -20.76
CA TYR C 629 -39.79 -6.43 -21.54
C TYR C 629 -39.43 -5.08 -22.19
N THR C 630 -38.14 -4.76 -22.19
CA THR C 630 -37.59 -4.02 -23.33
C THR C 630 -38.17 -4.61 -24.60
N GLU C 631 -38.23 -5.94 -24.65
CA GLU C 631 -38.65 -6.72 -25.80
C GLU C 631 -40.13 -7.13 -25.69
N SER C 632 -40.52 -8.07 -26.55
CA SER C 632 -41.86 -8.13 -27.10
C SER C 632 -42.89 -8.67 -26.13
N ARG C 633 -44.09 -8.57 -26.58
CA ARG C 633 -45.31 -8.88 -25.91
C ARG C 633 -45.65 -10.38 -25.91
N ILE C 634 -44.88 -11.18 -26.62
CA ILE C 634 -44.98 -12.60 -26.43
C ILE C 634 -44.91 -12.93 -24.95
N LEU C 635 -44.06 -12.23 -24.22
CA LEU C 635 -44.03 -12.36 -22.78
C LEU C 635 -45.28 -11.74 -22.15
N LYS C 636 -45.86 -10.72 -22.79
CA LYS C 636 -47.09 -10.15 -22.25
C LYS C 636 -48.22 -11.16 -22.25
N ALA C 637 -48.47 -11.79 -23.40
CA ALA C 637 -49.48 -12.82 -23.44
C ALA C 637 -49.05 -14.04 -22.64
N ARG C 638 -47.73 -14.27 -22.55
CA ARG C 638 -47.24 -15.34 -21.71
C ARG C 638 -47.73 -15.13 -20.30
N LEU C 639 -47.57 -13.88 -19.80
CA LEU C 639 -48.07 -13.51 -18.47
C LEU C 639 -49.55 -13.52 -18.39
N GLU C 640 -50.18 -13.25 -19.49
CA GLU C 640 -51.64 -13.29 -19.50
C GLU C 640 -52.11 -14.70 -19.19
N PHE C 641 -51.60 -15.68 -19.94
CA PHE C 641 -51.91 -17.07 -19.66
C PHE C 641 -51.46 -17.44 -18.26
N MET C 642 -50.30 -16.95 -17.85
CA MET C 642 -49.79 -17.19 -16.50
C MET C 642 -50.85 -16.85 -15.48
N ARG C 643 -51.27 -15.58 -15.46
CA ARG C 643 -52.24 -15.11 -14.48
C ARG C 643 -53.54 -15.90 -14.57
N GLU C 644 -54.12 -15.99 -15.76
CA GLU C 644 -55.40 -16.66 -15.87
C GLU C 644 -55.29 -18.15 -15.60
N ASN C 645 -54.09 -18.68 -15.52
CA ASN C 645 -53.86 -20.09 -15.27
C ASN C 645 -53.08 -20.34 -13.99
N TYR C 646 -52.07 -19.53 -13.70
CA TYR C 646 -51.28 -19.61 -12.49
C TYR C 646 -51.53 -18.36 -11.65
N ARG C 647 -51.48 -18.52 -10.33
CA ARG C 647 -51.71 -17.40 -9.44
C ARG C 647 -50.44 -16.58 -9.28
N ILE C 648 -49.87 -16.15 -10.41
CA ILE C 648 -48.65 -15.36 -10.47
C ILE C 648 -48.91 -14.18 -11.38
N ARG C 649 -48.67 -12.97 -10.88
CA ARG C 649 -48.83 -11.78 -11.70
C ARG C 649 -47.50 -11.38 -12.32
N GLU C 650 -47.53 -10.35 -13.15
CA GLU C 650 -46.40 -9.95 -13.97
C GLU C 650 -45.14 -9.70 -13.16
N ASN C 651 -45.19 -8.66 -12.33
CA ASN C 651 -44.01 -8.20 -11.61
C ASN C 651 -43.38 -9.33 -10.80
N ASP C 652 -44.23 -10.19 -10.22
CA ASP C 652 -43.72 -11.32 -9.47
C ASP C 652 -42.77 -12.15 -10.32
N PHE C 653 -43.22 -12.54 -11.51
CA PHE C 653 -42.39 -13.41 -12.32
C PHE C 653 -41.26 -12.66 -12.99
N LEU C 654 -41.47 -11.40 -13.36
CA LEU C 654 -40.37 -10.60 -13.87
C LEU C 654 -39.22 -10.58 -12.87
N SER C 655 -39.52 -10.28 -11.62
CA SER C 655 -38.52 -10.34 -10.58
C SER C 655 -37.95 -11.73 -10.44
N PHE C 656 -38.81 -12.75 -10.43
CA PHE C 656 -38.37 -14.11 -10.23
C PHE C 656 -37.32 -14.52 -11.26
N ASP C 657 -37.64 -14.31 -12.54
CA ASP C 657 -36.74 -14.77 -13.59
C ASP C 657 -35.52 -13.87 -13.72
N ALA C 658 -35.67 -12.57 -13.48
CA ALA C 658 -34.51 -11.69 -13.49
C ALA C 658 -33.51 -12.13 -12.42
N MET C 659 -33.98 -12.36 -11.20
CA MET C 659 -33.08 -12.84 -10.15
C MET C 659 -32.59 -14.26 -10.44
N ARG C 660 -33.37 -15.05 -11.17
CA ARG C 660 -32.91 -16.36 -11.60
C ARG C 660 -31.66 -16.22 -12.45
N HIS C 661 -31.73 -15.39 -13.49
CA HIS C 661 -30.57 -15.15 -14.34
C HIS C 661 -29.43 -14.55 -13.52
N ALA C 662 -29.77 -13.68 -12.59
CA ALA C 662 -28.77 -13.07 -11.72
C ALA C 662 -27.95 -14.14 -10.99
N ALA C 663 -28.61 -14.95 -10.16
CA ALA C 663 -27.91 -15.97 -9.41
C ALA C 663 -27.26 -16.99 -10.34
N GLN C 664 -27.88 -17.21 -11.51
CA GLN C 664 -27.30 -18.10 -12.51
C GLN C 664 -25.91 -17.65 -12.91
N CYS C 665 -25.76 -16.38 -13.23
CA CYS C 665 -24.44 -15.86 -13.56
C CYS C 665 -23.55 -15.75 -12.32
N LEU C 666 -24.16 -15.54 -11.16
CA LEU C 666 -23.39 -15.42 -9.93
C LEU C 666 -22.59 -16.68 -9.65
N GLY C 667 -23.24 -17.84 -9.78
CA GLY C 667 -22.69 -19.08 -9.22
C GLY C 667 -21.32 -19.47 -9.74
N ARG C 668 -20.88 -18.90 -10.86
CA ARG C 668 -19.70 -19.39 -11.55
C ARG C 668 -18.43 -19.25 -10.72
N VAL C 669 -18.30 -18.13 -10.00
CA VAL C 669 -17.00 -17.74 -9.44
C VAL C 669 -16.42 -18.82 -8.54
N LEU C 670 -17.28 -19.57 -7.85
CA LEU C 670 -16.88 -20.51 -6.81
C LEU C 670 -16.60 -21.90 -7.35
N ARG C 671 -15.48 -22.49 -6.95
CA ARG C 671 -15.14 -23.85 -7.39
C ARG C 671 -15.13 -24.86 -6.24
N GLY C 672 -14.31 -24.62 -5.22
CA GLY C 672 -14.23 -25.48 -4.04
C GLY C 672 -14.09 -24.62 -2.82
N LYS C 673 -14.03 -25.25 -1.66
CA LYS C 673 -14.09 -24.43 -0.46
C LYS C 673 -12.79 -23.70 -0.19
N ASP C 674 -11.89 -23.66 -1.17
CA ASP C 674 -10.85 -22.68 -1.20
C ASP C 674 -11.16 -21.57 -2.18
N ASP C 675 -12.48 -21.45 -2.60
CA ASP C 675 -13.00 -20.45 -3.54
C ASP C 675 -13.66 -19.24 -2.88
N TYR C 676 -13.56 -18.12 -3.61
CA TYR C 676 -14.02 -16.84 -3.04
C TYR C 676 -14.08 -15.77 -4.10
N GLY C 677 -14.47 -14.58 -3.68
CA GLY C 677 -14.38 -13.41 -4.52
C GLY C 677 -15.49 -12.42 -4.22
N VAL C 678 -15.67 -11.48 -5.12
CA VAL C 678 -16.63 -10.40 -4.97
C VAL C 678 -17.90 -10.72 -5.74
N MET C 679 -19.02 -10.26 -5.22
CA MET C 679 -20.31 -10.33 -5.89
C MET C 679 -21.00 -9.00 -5.65
N VAL C 680 -21.15 -8.18 -6.67
CA VAL C 680 -21.81 -6.89 -6.50
C VAL C 680 -23.00 -6.81 -7.43
N LEU C 681 -24.04 -6.14 -6.95
CA LEU C 681 -25.19 -5.78 -7.74
C LEU C 681 -25.29 -4.27 -7.75
N ALA C 682 -25.73 -3.70 -8.85
CA ALA C 682 -25.76 -2.26 -9.00
C ALA C 682 -27.14 -1.81 -9.46
N ASP C 683 -28.06 -1.66 -8.51
CA ASP C 683 -29.39 -1.11 -8.75
C ASP C 683 -30.12 -1.02 -7.42
N ARG C 684 -31.14 -0.16 -7.40
CA ARG C 684 -31.93 0.09 -6.19
C ARG C 684 -32.75 -1.12 -5.78
N ARG C 685 -33.31 -1.85 -6.76
CA ARG C 685 -34.40 -2.80 -6.51
C ARG C 685 -33.98 -4.02 -5.70
N PHE C 686 -32.68 -4.28 -5.54
CA PHE C 686 -32.22 -5.53 -4.94
C PHE C 686 -32.52 -5.63 -3.44
N SER C 687 -32.91 -4.52 -2.82
CA SER C 687 -33.26 -4.58 -1.40
C SER C 687 -34.60 -5.25 -1.19
N ARG C 688 -35.62 -4.87 -1.98
CA ARG C 688 -36.95 -5.46 -1.83
C ARG C 688 -36.90 -6.96 -2.03
N LYS C 689 -36.08 -7.42 -2.97
CA LYS C 689 -36.01 -8.83 -3.32
C LYS C 689 -34.81 -9.54 -2.69
N ARG C 690 -34.27 -9.00 -1.60
CA ARG C 690 -33.29 -9.74 -0.80
C ARG C 690 -33.71 -11.18 -0.48
N SER C 691 -35.00 -11.42 -0.24
CA SER C 691 -35.45 -12.75 0.17
C SER C 691 -35.61 -13.73 -0.98
N GLN C 692 -35.62 -13.25 -2.21
CA GLN C 692 -35.72 -14.13 -3.37
C GLN C 692 -34.37 -14.68 -3.79
N LEU C 693 -33.31 -14.30 -3.11
CA LEU C 693 -31.95 -14.76 -3.38
C LEU C 693 -31.72 -16.07 -2.64
N PRO C 694 -31.13 -17.08 -3.30
CA PRO C 694 -31.03 -18.42 -2.71
C PRO C 694 -30.39 -18.43 -1.32
N LYS C 695 -30.58 -19.54 -0.61
CA LYS C 695 -30.39 -19.56 0.83
C LYS C 695 -29.00 -19.08 1.23
N TRP C 696 -27.97 -19.82 0.80
CA TRP C 696 -26.60 -19.44 1.12
C TRP C 696 -26.30 -18.02 0.69
N ILE C 697 -26.78 -17.64 -0.49
CA ILE C 697 -26.54 -16.30 -1.00
C ILE C 697 -27.16 -15.26 -0.08
N ALA C 698 -28.39 -15.51 0.35
CA ALA C 698 -29.03 -14.59 1.29
C ALA C 698 -28.30 -14.57 2.63
N GLN C 699 -27.76 -15.72 3.06
CA GLN C 699 -26.97 -15.74 4.29
C GLN C 699 -25.77 -14.82 4.17
N GLY C 700 -25.10 -14.87 3.03
CA GLY C 700 -24.03 -13.93 2.77
C GLY C 700 -24.47 -12.49 2.67
N LEU C 701 -25.78 -12.26 2.58
CA LEU C 701 -26.33 -10.91 2.60
C LEU C 701 -26.83 -10.62 4.01
N SER C 702 -26.04 -9.86 4.76
CA SER C 702 -26.54 -9.22 5.97
C SER C 702 -27.15 -7.87 5.60
N ASP C 703 -28.20 -7.49 6.33
CA ASP C 703 -28.88 -6.23 6.01
C ASP C 703 -27.90 -5.05 6.06
N ALA C 704 -26.83 -5.18 6.83
CA ALA C 704 -25.80 -4.16 6.85
C ALA C 704 -25.07 -4.03 5.53
N ASP C 705 -25.23 -4.98 4.61
CA ASP C 705 -24.66 -4.89 3.28
C ASP C 705 -25.59 -4.20 2.28
N LEU C 706 -26.74 -3.71 2.74
CA LEU C 706 -27.74 -3.17 1.84
C LEU C 706 -27.43 -1.74 1.44
N ASN C 707 -27.75 -1.40 0.19
CA ASN C 707 -27.69 -0.06 -0.38
C ASN C 707 -26.43 0.70 0.02
N LEU C 708 -25.32 0.00 0.10
CA LEU C 708 -24.06 0.65 0.41
C LEU C 708 -23.70 1.68 -0.66
N SER C 709 -22.86 2.63 -0.28
CA SER C 709 -22.21 3.45 -1.28
C SER C 709 -21.17 2.63 -2.02
N THR C 710 -20.63 3.21 -3.09
CA THR C 710 -19.60 2.49 -3.83
C THR C 710 -18.23 2.65 -3.18
N ASP C 711 -17.98 3.76 -2.48
CA ASP C 711 -16.69 3.96 -1.84
C ASP C 711 -16.54 3.05 -0.62
N MET C 712 -17.58 2.99 0.21
CA MET C 712 -17.56 2.04 1.31
C MET C 712 -17.43 0.62 0.79
N ALA C 713 -18.06 0.32 -0.34
CA ALA C 713 -17.91 -1.01 -0.95
C ALA C 713 -16.49 -1.24 -1.41
N ILE C 714 -15.86 -0.21 -1.97
CA ILE C 714 -14.45 -0.31 -2.35
C ILE C 714 -13.66 -0.70 -1.13
N SER C 715 -13.99 -0.12 0.02
CA SER C 715 -13.30 -0.45 1.27
C SER C 715 -13.59 -1.90 1.65
N ASN C 716 -14.80 -2.26 1.46
CA ASN C 716 -15.22 -3.59 1.84
C ASN C 716 -14.38 -4.62 1.12
N THR C 717 -14.28 -4.49 -0.20
CA THR C 717 -13.51 -5.47 -0.95
C THR C 717 -12.02 -5.34 -0.66
N LYS C 718 -11.56 -4.12 -0.35
CA LYS C 718 -10.18 -3.95 0.06
C LYS C 718 -9.85 -4.91 1.20
N GLN C 719 -10.51 -4.71 2.34
CA GLN C 719 -10.23 -5.57 3.50
C GLN C 719 -10.56 -7.02 3.18
N PHE C 720 -11.60 -7.23 2.37
CA PHE C 720 -12.04 -8.58 2.04
C PHE C 720 -10.91 -9.38 1.41
N LEU C 721 -10.30 -8.84 0.36
CA LEU C 721 -9.28 -9.61 -0.31
C LEU C 721 -7.99 -9.62 0.49
N ARG C 722 -7.73 -8.56 1.25
CA ARG C 722 -6.63 -8.62 2.21
C ARG C 722 -6.73 -9.88 3.04
N THR C 723 -7.93 -10.12 3.59
CA THR C 723 -8.16 -11.34 4.35
C THR C 723 -7.99 -12.57 3.46
N MET C 724 -8.60 -12.54 2.28
CA MET C 724 -8.73 -13.76 1.47
C MET C 724 -7.38 -14.31 1.07
N ALA C 725 -6.41 -13.44 0.84
CA ALA C 725 -5.10 -13.99 0.54
C ALA C 725 -4.44 -14.67 1.73
N GLN C 726 -5.06 -14.65 2.90
CA GLN C 726 -4.30 -15.09 4.05
C GLN C 726 -4.65 -16.53 4.43
N PRO C 727 -3.63 -17.29 4.84
CA PRO C 727 -3.80 -18.72 5.18
C PRO C 727 -4.32 -18.91 6.60
N THR C 728 -5.48 -18.33 6.88
CA THR C 728 -6.14 -18.55 8.18
C THR C 728 -6.72 -19.97 8.13
N ASP C 729 -5.84 -20.93 8.38
CA ASP C 729 -6.18 -22.35 8.32
C ASP C 729 -5.83 -22.99 9.65
N PRO C 730 -6.65 -22.75 10.68
CA PRO C 730 -6.43 -23.47 11.94
C PRO C 730 -6.55 -24.97 11.78
N LYS C 731 -7.42 -25.43 10.88
CA LYS C 731 -7.64 -26.83 10.54
C LYS C 731 -8.20 -27.62 11.72
N ASP C 732 -8.31 -26.96 12.88
CA ASP C 732 -9.08 -27.48 14.00
C ASP C 732 -10.49 -26.90 14.03
N GLN C 733 -10.69 -25.77 13.37
CA GLN C 733 -12.00 -25.25 13.06
C GLN C 733 -12.53 -25.76 11.73
N GLU C 734 -11.68 -26.44 10.95
CA GLU C 734 -12.12 -27.00 9.69
C GLU C 734 -12.78 -28.36 9.85
N GLY C 735 -12.53 -29.06 10.95
CA GLY C 735 -13.17 -30.34 11.14
C GLY C 735 -14.69 -30.26 11.16
N VAL C 736 -15.22 -29.25 11.88
CA VAL C 736 -16.67 -29.19 12.04
C VAL C 736 -17.35 -28.77 10.73
N SER C 737 -16.70 -27.95 9.92
CA SER C 737 -17.28 -27.49 8.66
C SER C 737 -16.65 -28.16 7.44
N VAL C 738 -15.79 -29.16 7.65
CA VAL C 738 -15.36 -30.03 6.56
C VAL C 738 -15.53 -31.51 6.89
N TRP C 739 -15.63 -31.88 8.17
CA TRP C 739 -15.92 -33.27 8.56
C TRP C 739 -14.86 -34.22 8.02
N SER C 740 -13.67 -34.07 8.61
CA SER C 740 -12.47 -34.71 8.13
C SER C 740 -12.61 -36.20 7.98
N TYR C 741 -11.63 -36.75 7.30
CA TYR C 741 -11.77 -37.99 6.65
C TYR C 741 -12.20 -39.12 7.62
N GLU C 742 -13.29 -39.83 7.26
CA GLU C 742 -13.66 -41.13 7.80
C GLU C 742 -14.00 -41.05 9.28
N ASP C 743 -13.79 -39.89 9.90
CA ASP C 743 -13.96 -39.80 11.35
C ASP C 743 -15.06 -38.83 11.75
N LEU C 744 -14.93 -37.54 11.42
CA LEU C 744 -15.93 -36.60 11.90
C LEU C 744 -17.27 -36.87 11.24
N ILE C 745 -17.25 -37.36 10.00
CA ILE C 745 -18.48 -37.93 9.45
C ILE C 745 -18.90 -39.12 10.28
N LYS C 746 -18.01 -40.11 10.45
CA LYS C 746 -18.36 -41.29 11.22
C LYS C 746 -18.73 -40.89 12.64
N HIS C 747 -17.86 -40.14 13.30
CA HIS C 747 -18.08 -39.73 14.68
C HIS C 747 -19.41 -39.03 14.80
N GLN C 748 -19.55 -37.86 14.18
CA GLN C 748 -20.76 -37.07 14.36
C GLN C 748 -21.99 -37.84 13.91
N ASN C 749 -21.98 -38.34 12.68
CA ASN C 749 -23.18 -38.91 12.09
C ASN C 749 -23.63 -40.17 12.82
N SER C 750 -22.73 -41.13 13.02
CA SER C 750 -23.09 -42.30 13.78
C SER C 750 -23.54 -41.92 15.19
N ARG C 751 -23.00 -40.83 15.74
CA ARG C 751 -23.64 -40.24 16.91
C ARG C 751 -24.90 -39.49 16.52
N LYS C 752 -24.87 -38.73 15.43
CA LYS C 752 -26.01 -37.91 15.00
C LYS C 752 -27.21 -38.76 14.59
N ASP C 753 -27.12 -40.07 14.74
CA ASP C 753 -28.29 -40.92 14.52
C ASP C 753 -29.39 -40.65 15.54
N GLN C 754 -29.18 -39.70 16.44
CA GLN C 754 -30.24 -39.23 17.33
C GLN C 754 -31.39 -38.62 16.53
N SER D 168 21.40 -17.26 -24.44
CA SER D 168 21.79 -16.58 -25.67
C SER D 168 23.24 -16.13 -25.63
N LEU D 169 23.78 -15.95 -24.44
CA LEU D 169 25.16 -15.49 -24.24
C LEU D 169 25.98 -16.63 -23.64
N SER D 170 26.95 -17.11 -24.39
CA SER D 170 27.85 -18.17 -23.97
C SER D 170 29.25 -17.61 -23.73
N LYS D 171 30.13 -18.48 -23.21
CA LYS D 171 31.48 -18.06 -22.87
C LYS D 171 32.21 -17.50 -24.08
N GLU D 172 32.44 -18.34 -25.09
CA GLU D 172 33.03 -17.85 -26.33
C GLU D 172 32.12 -16.86 -27.04
N LYS D 173 30.80 -16.94 -26.81
CA LYS D 173 29.88 -16.00 -27.41
C LYS D 173 30.09 -14.59 -26.85
N LEU D 174 30.26 -14.48 -25.54
CA LEU D 174 30.66 -13.20 -24.97
C LEU D 174 32.08 -12.84 -25.38
N LEU D 175 32.92 -13.84 -25.63
CA LEU D 175 34.31 -13.58 -26.01
C LEU D 175 34.41 -12.87 -27.35
N THR D 176 33.80 -13.45 -28.38
CA THR D 176 33.94 -12.88 -29.72
C THR D 176 33.27 -11.53 -29.86
N ASN D 177 32.57 -11.05 -28.83
CA ASN D 177 31.84 -9.79 -28.94
C ASN D 177 32.79 -8.62 -28.92
N LEU D 178 33.62 -8.51 -29.96
CA LEU D 178 34.62 -7.45 -30.04
C LEU D 178 34.00 -6.07 -29.81
N LYS D 179 32.99 -5.74 -30.63
CA LYS D 179 32.41 -4.41 -30.55
C LYS D 179 31.68 -4.21 -29.24
N LEU D 180 31.22 -5.28 -28.61
CA LEU D 180 30.66 -5.14 -27.27
C LEU D 180 31.75 -4.84 -26.25
N GLN D 181 32.86 -5.57 -26.33
CA GLN D 181 34.01 -5.29 -25.47
C GLN D 181 34.42 -3.83 -25.60
N GLN D 182 34.47 -3.33 -26.82
CA GLN D 182 34.92 -1.96 -27.05
C GLN D 182 33.84 -0.92 -26.80
N SER D 183 32.56 -1.31 -26.87
CA SER D 183 31.49 -0.46 -26.37
C SER D 183 31.63 -0.26 -24.86
N LEU D 184 31.99 -1.32 -24.15
CA LEU D 184 32.26 -1.15 -22.72
C LEU D 184 33.56 -0.39 -22.48
N LEU D 185 34.51 -0.50 -23.40
CA LEU D 185 35.67 0.39 -23.37
C LEU D 185 35.22 1.84 -23.40
N LYS D 186 34.31 2.16 -24.32
CA LYS D 186 33.63 3.45 -24.29
C LYS D 186 32.86 3.64 -22.99
N GLY D 187 32.52 2.54 -22.32
CA GLY D 187 31.75 2.65 -21.09
C GLY D 187 32.51 3.34 -19.97
N ASN D 188 33.71 2.88 -19.65
CA ASN D 188 34.43 3.37 -18.48
C ASN D 188 35.79 3.94 -18.86
N LYS D 189 36.12 5.07 -18.22
CA LYS D 189 37.47 5.61 -18.30
C LYS D 189 38.48 4.67 -17.67
N VAL D 190 38.17 4.18 -16.46
CA VAL D 190 39.16 3.40 -15.73
C VAL D 190 39.45 2.09 -16.43
N LEU D 191 38.41 1.43 -16.92
CA LEU D 191 38.60 0.15 -17.58
C LEU D 191 39.33 0.32 -18.91
N MET D 192 38.98 1.36 -19.68
CA MET D 192 39.73 1.61 -20.91
C MET D 192 41.17 1.92 -20.59
N LYS D 193 41.40 2.66 -19.51
CA LYS D 193 42.76 2.92 -19.08
C LYS D 193 43.40 1.55 -18.90
N VAL D 194 43.02 0.79 -17.88
CA VAL D 194 43.70 -0.47 -17.57
C VAL D 194 43.86 -1.33 -18.79
N PHE D 195 42.93 -1.23 -19.71
CA PHE D 195 42.98 -2.04 -20.91
C PHE D 195 44.11 -1.60 -21.83
N GLN D 196 44.24 -0.29 -22.06
CA GLN D 196 45.33 0.18 -22.89
C GLN D 196 46.66 -0.05 -22.19
N GLU D 197 46.74 0.36 -20.93
CA GLU D 197 47.97 0.14 -20.26
C GLU D 197 48.22 -1.39 -19.92
N THR D 198 47.44 -2.27 -20.51
CA THR D 198 47.74 -3.69 -20.59
C THR D 198 48.10 -4.13 -22.00
N VAL D 199 47.25 -3.82 -22.97
CA VAL D 199 47.43 -4.29 -24.33
C VAL D 199 48.22 -3.30 -25.17
N ILE D 200 47.98 -2.00 -25.00
CA ILE D 200 48.83 -0.99 -25.60
C ILE D 200 50.24 -1.05 -25.01
N ASN D 201 50.42 -1.84 -23.95
CA ASN D 201 51.72 -2.02 -23.31
C ASN D 201 52.38 -3.33 -23.72
N ALA D 202 52.25 -3.69 -25.00
CA ALA D 202 52.91 -4.85 -25.59
C ALA D 202 52.58 -6.14 -24.86
N GLY D 203 51.52 -6.11 -24.06
CA GLY D 203 51.21 -7.22 -23.20
C GLY D 203 50.07 -8.08 -23.69
N LEU D 204 48.91 -7.88 -23.11
CA LEU D 204 47.96 -8.97 -23.14
C LEU D 204 47.22 -9.05 -24.47
N PRO D 205 47.01 -10.25 -24.99
CA PRO D 205 45.87 -10.50 -25.84
C PRO D 205 44.60 -10.16 -25.08
N PRO D 206 43.92 -9.19 -25.51
CA PRO D 206 42.81 -8.73 -24.79
C PRO D 206 41.79 -9.87 -24.43
N SER D 207 41.82 -10.95 -25.18
CA SER D 207 40.88 -12.05 -24.97
C SER D 207 40.84 -12.51 -23.51
N GLU D 208 42.01 -12.72 -22.90
CA GLU D 208 42.01 -13.17 -21.51
C GLU D 208 41.66 -12.05 -20.54
N PHE D 209 41.98 -10.80 -20.89
CA PHE D 209 41.49 -9.66 -20.14
C PHE D 209 39.98 -9.76 -19.98
N TRP D 210 39.29 -9.97 -21.10
CA TRP D 210 37.85 -10.19 -21.03
C TRP D 210 37.51 -11.54 -20.41
N SER D 211 38.42 -12.51 -20.43
CA SER D 211 38.16 -13.77 -19.72
C SER D 211 38.00 -13.52 -18.23
N THR D 212 38.82 -12.62 -17.70
CA THR D 212 38.57 -12.10 -16.36
C THR D 212 37.26 -11.33 -16.32
N ARG D 213 37.00 -10.53 -17.34
CA ARG D 213 35.93 -9.54 -17.29
C ARG D 213 34.54 -10.09 -17.59
N ILE D 214 34.39 -11.38 -17.89
CA ILE D 214 33.14 -11.89 -18.45
C ILE D 214 31.88 -11.42 -17.71
N PRO D 215 31.76 -11.47 -16.39
CA PRO D 215 30.46 -11.21 -15.76
C PRO D 215 29.88 -9.84 -16.12
N LEU D 216 30.71 -8.81 -16.17
CA LEU D 216 30.19 -7.49 -16.53
C LEU D 216 29.84 -7.42 -18.00
N LEU D 217 30.56 -8.15 -18.85
CA LEU D 217 30.19 -8.24 -20.26
C LEU D 217 28.81 -8.85 -20.41
N ARG D 218 28.57 -9.95 -19.72
CA ARG D 218 27.27 -10.61 -19.69
C ARG D 218 26.21 -9.61 -19.23
N UNK D 219 26.53 -8.91 -18.15
CA UNK D 219 25.63 -7.92 -17.58
C UNK D 219 25.22 -6.88 -18.61
N PHE D 220 26.20 -6.34 -19.32
CA PHE D 220 25.94 -5.28 -20.29
C PHE D 220 25.12 -5.81 -21.44
N ALA D 221 25.51 -6.97 -21.96
CA ALA D 221 24.77 -7.56 -23.06
C ALA D 221 23.33 -7.86 -22.67
N LEU D 222 23.09 -8.09 -21.38
CA LEU D 222 21.73 -8.28 -20.90
C LEU D 222 20.99 -6.95 -20.85
N UNK D 223 21.67 -5.95 -20.30
CA UNK D 223 21.08 -4.62 -20.14
C UNK D 223 20.63 -4.06 -21.49
N UNK D 224 21.46 -4.25 -22.50
CA UNK D 224 21.15 -3.75 -23.83
C UNK D 224 19.97 -4.49 -24.45
N SER D 225 20.14 -5.78 -24.65
CA SER D 225 19.09 -6.60 -25.25
C SER D 225 17.96 -6.89 -24.26
N GLN D 226 17.26 -5.84 -23.86
CA GLN D 226 16.11 -5.96 -22.96
C GLN D 226 14.89 -5.58 -23.77
N LYS D 227 14.29 -6.57 -24.43
CA LYS D 227 13.04 -6.37 -25.13
C LYS D 227 12.01 -5.83 -24.13
N UNK D 228 11.26 -4.82 -24.55
CA UNK D 228 10.26 -4.25 -23.66
C UNK D 228 8.93 -4.93 -23.94
N GLY D 229 8.15 -5.16 -22.90
CA GLY D 229 6.81 -5.69 -23.09
C GLY D 229 6.04 -4.66 -23.88
N PRO D 230 5.34 -5.10 -24.92
CA PRO D 230 4.60 -4.15 -25.76
C PRO D 230 3.40 -3.60 -25.01
N UNK D 231 2.29 -4.32 -25.06
CA UNK D 231 1.19 -4.10 -24.14
C UNK D 231 0.63 -2.67 -24.12
N UNK D 232 0.38 -2.21 -22.90
CA UNK D 232 -0.37 -0.98 -22.67
C UNK D 232 0.28 0.22 -23.33
N VAL D 233 1.55 0.50 -23.07
CA VAL D 233 2.18 1.69 -23.64
C VAL D 233 1.98 1.78 -25.15
N UNK D 234 2.20 0.68 -25.85
CA UNK D 234 1.99 0.62 -27.28
C UNK D 234 0.52 0.86 -27.61
N UNK D 235 -0.37 0.30 -26.80
CA UNK D 235 -1.79 0.62 -26.93
C UNK D 235 -1.98 2.09 -26.64
N UNK D 236 -2.26 2.41 -25.38
CA UNK D 236 -2.07 3.73 -24.75
C UNK D 236 -1.40 4.81 -25.59
N UNK D 237 -0.41 4.41 -26.37
CA UNK D 237 0.12 5.31 -27.36
C UNK D 237 -1.01 5.76 -28.27
N UNK D 238 -1.98 4.89 -28.51
CA UNK D 238 -3.17 5.29 -29.25
C UNK D 238 -4.17 5.98 -28.31
N PRO D 239 -4.76 5.29 -27.31
CA PRO D 239 -5.67 6.09 -26.48
C PRO D 239 -4.97 7.12 -25.59
N UNK D 240 -4.31 6.69 -24.52
CA UNK D 240 -3.70 7.61 -23.57
C UNK D 240 -2.61 8.47 -24.21
N UNK D 241 -3.03 9.32 -25.13
CA UNK D 241 -2.14 10.23 -25.83
C UNK D 241 -2.99 11.23 -26.58
N UNK D 242 -3.85 11.92 -25.84
CA UNK D 242 -4.79 12.87 -26.42
C UNK D 242 -4.74 14.19 -25.65
N UNK D 243 -3.60 14.88 -25.73
CA UNK D 243 -3.44 16.15 -25.03
C UNK D 243 -2.23 16.90 -25.58
N UNK D 244 -1.27 16.14 -26.11
CA UNK D 244 -0.07 16.72 -26.70
C UNK D 244 -0.36 17.20 -28.12
N UNK D 245 -0.13 18.48 -28.36
CA UNK D 245 -0.46 19.09 -29.64
C UNK D 245 0.72 19.80 -30.29
N UNK D 246 1.57 20.41 -29.47
CA UNK D 246 2.68 21.20 -29.98
C UNK D 246 3.68 20.34 -30.75
N UNK D 247 4.64 19.74 -30.05
CA UNK D 247 5.73 19.01 -30.69
C UNK D 247 5.98 17.62 -30.09
N UNK D 248 6.99 16.93 -30.64
CA UNK D 248 7.35 15.55 -30.25
C UNK D 248 7.33 15.34 -28.73
N UNK D 249 6.21 14.82 -28.25
CA UNK D 249 5.89 14.83 -26.83
C UNK D 249 6.51 13.69 -26.04
N ASN D 250 5.65 13.00 -25.29
CA ASN D 250 6.08 11.97 -24.36
C ASN D 250 6.76 10.81 -25.09
N LEU D 251 8.07 10.69 -24.93
CA LEU D 251 8.82 9.52 -25.37
C LEU D 251 8.64 9.31 -26.88
N SER D 252 9.18 10.25 -27.65
CA SER D 252 9.05 10.23 -29.10
C SER D 252 9.36 8.86 -29.68
N ARG D 253 10.61 8.42 -29.53
CA ARG D 253 11.03 7.18 -30.20
C ARG D 253 10.31 5.97 -29.62
N GLU D 254 10.20 5.89 -28.30
CA GLU D 254 9.52 4.76 -27.66
C GLU D 254 8.08 4.64 -28.17
N LYS D 255 7.34 5.75 -28.12
CA LYS D 255 5.94 5.72 -28.54
C LYS D 255 5.84 5.38 -30.02
N ILE D 256 6.67 5.98 -30.87
CA ILE D 256 6.50 5.76 -32.30
C ILE D 256 6.86 4.32 -32.67
N LEU D 257 7.93 3.78 -32.09
CA LEU D 257 8.31 2.41 -32.43
C LEU D 257 7.30 1.40 -31.88
N ASN D 258 6.75 1.65 -30.69
CA ASN D 258 5.73 0.76 -30.16
C ASN D 258 4.44 0.86 -30.96
N ILE D 259 4.13 2.05 -31.48
CA ILE D 259 3.02 2.19 -32.41
C ILE D 259 3.29 1.39 -33.68
N PHE D 260 4.52 1.45 -34.18
CA PHE D 260 4.84 0.82 -35.46
C PHE D 260 4.76 -0.69 -35.36
N GLU D 261 5.36 -1.27 -34.32
CA GLU D 261 5.19 -2.70 -34.11
C GLU D 261 3.74 -3.03 -33.76
N ASN D 262 3.08 -2.15 -33.03
CA ASN D 262 1.68 -2.36 -32.64
C ASN D 262 0.77 -2.33 -33.86
N TYR D 263 0.91 -1.29 -34.68
CA TYR D 263 0.13 -1.14 -35.90
C TYR D 263 1.11 -0.90 -37.03
N PRO D 264 1.36 -1.88 -37.90
CA PRO D 264 2.29 -1.66 -39.01
C PRO D 264 1.79 -0.63 -40.00
N ILE D 265 0.50 -0.29 -39.94
CA ILE D 265 -0.11 0.58 -40.94
C ILE D 265 0.51 1.96 -40.90
N VAL D 266 0.66 2.54 -39.70
CA VAL D 266 1.18 3.90 -39.58
C VAL D 266 2.68 3.92 -39.87
N LYS D 267 3.40 2.87 -39.49
CA LYS D 267 4.80 2.72 -39.90
C LYS D 267 4.91 2.77 -41.42
N LYS D 268 4.10 1.96 -42.12
CA LYS D 268 4.15 1.95 -43.57
C LYS D 268 3.73 3.29 -44.16
N ALA D 269 2.74 3.95 -43.55
CA ALA D 269 2.27 5.23 -44.07
C ALA D 269 3.31 6.32 -43.90
N TYR D 270 4.01 6.33 -42.77
CA TYR D 270 5.11 7.27 -42.58
C TYR D 270 6.23 7.00 -43.56
N THR D 271 6.50 5.71 -43.85
CA THR D 271 7.48 5.40 -44.89
C THR D 271 7.00 5.92 -46.24
N ASP D 272 5.70 5.80 -46.53
CA ASP D 272 5.13 6.52 -47.66
C ASP D 272 5.40 8.00 -47.55
N ASN D 273 5.41 8.52 -46.33
CA ASN D 273 5.40 9.96 -46.10
C ASN D 273 6.71 10.48 -45.51
N VAL D 274 7.79 9.71 -45.64
CA VAL D 274 9.13 10.25 -45.37
C VAL D 274 9.59 11.10 -46.56
N PRO D 275 9.52 10.61 -47.82
CA PRO D 275 9.99 11.44 -48.93
C PRO D 275 8.96 12.42 -49.46
N LYS D 276 7.68 12.22 -49.16
CA LYS D 276 6.64 13.16 -49.51
C LYS D 276 5.74 13.35 -48.29
N ASN D 277 5.18 14.54 -48.13
CA ASN D 277 4.31 14.83 -46.99
C ASN D 277 5.04 14.53 -45.67
N PHE D 278 5.98 15.43 -45.36
CA PHE D 278 7.13 15.17 -44.51
C PHE D 278 6.76 15.01 -43.03
N LYS D 279 7.76 15.17 -42.17
CA LYS D 279 7.84 14.54 -40.86
C LYS D 279 6.84 15.12 -39.87
N GLU D 280 7.06 14.80 -38.60
CA GLU D 280 6.13 14.77 -37.48
C GLU D 280 5.02 15.82 -37.52
N PRO D 281 5.31 17.13 -37.69
CA PRO D 281 4.24 18.13 -37.52
C PRO D 281 3.00 17.92 -38.37
N GLU D 282 3.09 17.95 -39.71
CA GLU D 282 1.89 17.97 -40.53
C GLU D 282 1.34 16.57 -40.78
N PHE D 283 2.23 15.60 -41.03
CA PHE D 283 1.81 14.21 -41.13
C PHE D 283 1.05 13.80 -39.88
N TRP D 284 1.62 14.11 -38.71
CA TRP D 284 0.94 13.79 -37.46
C TRP D 284 -0.28 14.66 -37.25
N ALA D 285 -0.30 15.88 -37.78
CA ALA D 285 -1.48 16.72 -37.66
C ALA D 285 -2.69 16.06 -38.30
N ARG D 286 -2.56 15.59 -39.53
CA ARG D 286 -3.70 14.92 -40.15
C ARG D 286 -3.89 13.50 -39.60
N PHE D 287 -2.80 12.84 -39.20
CA PHE D 287 -2.90 11.48 -38.68
C PHE D 287 -3.62 11.46 -37.34
N PHE D 288 -3.59 12.57 -36.59
CA PHE D 288 -4.42 12.67 -35.40
C PHE D 288 -5.88 12.35 -35.72
N SER D 289 -6.49 13.16 -36.57
CA SER D 289 -7.86 12.91 -36.98
C SER D 289 -7.99 11.51 -37.55
N SER D 290 -7.06 11.13 -38.42
CA SER D 290 -7.13 9.85 -39.11
C SER D 290 -7.26 8.68 -38.14
N LYS D 291 -6.23 8.46 -37.34
CA LYS D 291 -6.22 7.34 -36.42
C LYS D 291 -7.34 7.47 -35.40
N LEU D 292 -7.42 8.62 -34.72
CA LEU D 292 -8.30 8.70 -33.56
C LEU D 292 -9.77 8.82 -33.94
N PHE D 293 -10.10 8.96 -35.22
CA PHE D 293 -11.47 8.81 -35.69
C PHE D 293 -11.73 7.41 -36.26
N ARG D 294 -10.76 6.82 -36.95
CA ARG D 294 -10.88 5.44 -37.35
C ARG D 294 -10.69 4.52 -36.16
N LYS D 295 -9.52 4.56 -35.54
CA LYS D 295 -9.24 3.82 -34.34
C LYS D 295 -9.69 4.63 -33.12
N LEU D 296 -9.42 4.09 -31.93
CA LEU D 296 -9.87 4.72 -30.69
C LEU D 296 -11.36 4.98 -30.70
N UNK D 297 -11.72 6.22 -30.99
CA UNK D 297 -13.10 6.65 -31.03
C UNK D 297 -13.86 5.97 -32.17
N UNK D 298 -15.10 6.41 -32.36
CA UNK D 298 -15.94 5.83 -33.40
C UNK D 298 -15.70 6.51 -34.74
N UNK D 299 -16.13 5.86 -35.81
CA UNK D 299 -16.08 6.44 -37.14
C UNK D 299 -16.84 7.76 -37.17
N UNK D 300 -16.10 8.85 -37.28
CA UNK D 300 -16.67 10.19 -37.20
C UNK D 300 -17.65 10.50 -38.34
N UNK D 301 -17.57 9.73 -39.42
CA UNK D 301 -18.40 9.92 -40.61
C UNK D 301 -18.19 11.29 -41.23
N UNK D 302 -18.73 12.33 -40.59
CA UNK D 302 -18.59 13.69 -41.10
C UNK D 302 -17.71 14.53 -40.16
N UNK D 303 -18.08 15.80 -40.01
CA UNK D 303 -17.45 16.72 -39.08
C UNK D 303 -15.97 16.98 -39.38
N UNK D 304 -15.10 16.20 -38.75
CA UNK D 304 -13.66 16.37 -38.90
C UNK D 304 -13.02 15.10 -39.48
N UNK D 305 -13.45 14.72 -40.67
CA UNK D 305 -13.04 13.46 -41.30
C UNK D 305 -11.84 13.60 -42.24
N UNK D 306 -10.71 14.06 -41.71
CA UNK D 306 -9.53 14.28 -42.52
C UNK D 306 -8.77 12.99 -42.82
N UNK D 307 -9.37 11.85 -42.47
CA UNK D 307 -8.81 10.57 -42.82
C UNK D 307 -8.67 10.51 -44.33
N UNK D 308 -7.58 11.07 -44.83
CA UNK D 308 -7.36 11.21 -46.27
C UNK D 308 -5.89 11.09 -46.62
N UNK D 309 -5.59 11.12 -47.91
CA UNK D 309 -4.24 10.88 -48.43
C UNK D 309 -3.76 9.49 -48.02
N UNK D 310 -2.70 9.43 -47.22
CA UNK D 310 -2.19 8.15 -46.75
C UNK D 310 -3.08 7.60 -45.64
N UNK D 311 -3.78 8.50 -44.97
CA UNK D 311 -4.69 8.11 -43.90
C UNK D 311 -5.80 7.23 -44.43
N UNK D 312 -6.59 7.73 -45.37
CA UNK D 312 -7.69 6.96 -45.95
C UNK D 312 -7.18 5.69 -46.63
N UNK D 313 -6.02 5.78 -47.29
CA UNK D 313 -5.46 4.64 -48.01
C UNK D 313 -5.09 3.50 -47.07
N UNK D 314 -4.28 3.83 -46.06
CA UNK D 314 -3.87 2.86 -45.07
C UNK D 314 -5.09 2.37 -44.30
N LEU D 315 -6.11 3.22 -44.13
CA LEU D 315 -7.36 2.84 -43.48
C LEU D 315 -8.09 1.75 -44.26
N UNK D 316 -8.18 1.97 -45.57
CA UNK D 316 -8.83 1.03 -46.48
C UNK D 316 -8.09 -0.30 -46.44
N UNK D 317 -6.77 -0.24 -46.56
CA UNK D 317 -5.97 -1.45 -46.51
C UNK D 317 -6.10 -2.12 -45.13
N UNK D 318 -6.23 -1.31 -44.10
CA UNK D 318 -6.18 -1.77 -42.72
C UNK D 318 -7.47 -2.43 -42.24
N UNK D 319 -8.61 -2.01 -42.76
CA UNK D 319 -9.87 -2.69 -42.43
C UNK D 319 -9.71 -4.17 -42.79
N UNK D 320 -9.36 -4.40 -44.04
CA UNK D 320 -9.13 -5.73 -44.57
C UNK D 320 -7.95 -6.42 -43.90
N PHE D 321 -6.95 -5.63 -43.49
CA PHE D 321 -5.79 -6.20 -42.83
C PHE D 321 -6.15 -6.77 -41.46
N UNK D 322 -6.94 -6.02 -40.70
CA UNK D 322 -7.43 -6.47 -39.41
C UNK D 322 -8.31 -7.69 -39.60
N UNK D 323 -9.09 -7.67 -40.66
CA UNK D 323 -9.91 -8.83 -41.00
C UNK D 323 -9.05 -10.08 -41.22
N LYS D 324 -7.99 -9.95 -42.01
CA LYS D 324 -7.18 -11.11 -42.36
C LYS D 324 -6.29 -11.55 -41.20
N UNK D 325 -6.01 -10.61 -40.30
CA UNK D 325 -5.35 -10.93 -39.05
C UNK D 325 -6.33 -11.80 -38.27
N UNK D 326 -7.54 -11.35 -38.10
CA UNK D 326 -8.53 -12.18 -37.42
C UNK D 326 -8.61 -13.58 -38.04
N UNK D 327 -8.51 -13.61 -39.37
CA UNK D 327 -8.53 -14.86 -40.12
C UNK D 327 -7.40 -15.79 -39.69
N UNK D 328 -6.18 -15.44 -40.08
CA UNK D 328 -5.00 -16.25 -39.76
C UNK D 328 -4.75 -16.36 -38.26
N LEU D 329 -5.63 -15.77 -37.46
CA LEU D 329 -5.51 -15.79 -36.02
C LEU D 329 -6.42 -16.83 -35.37
N LEU D 330 -7.36 -17.37 -36.14
CA LEU D 330 -8.36 -18.26 -35.57
C LEU D 330 -7.74 -19.54 -35.05
N HIS D 331 -8.27 -20.02 -33.92
CA HIS D 331 -7.80 -21.24 -33.26
C HIS D 331 -8.90 -22.30 -33.25
N PRO D 332 -8.52 -23.58 -33.23
CA PRO D 332 -9.53 -24.65 -33.11
C PRO D 332 -9.94 -24.88 -31.67
N VAL D 333 -10.94 -24.13 -31.21
CA VAL D 333 -11.37 -24.07 -29.81
C VAL D 333 -11.39 -25.44 -29.15
N LYS D 334 -10.77 -25.54 -27.97
CA LYS D 334 -10.75 -26.81 -27.25
C LYS D 334 -12.16 -27.20 -26.83
N LYS D 335 -12.40 -28.51 -26.75
CA LYS D 335 -13.74 -28.99 -26.48
C LYS D 335 -14.03 -28.94 -24.99
N ILE D 336 -13.73 -27.77 -24.42
CA ILE D 336 -14.21 -27.37 -23.09
C ILE D 336 -15.16 -26.18 -23.22
N ILE D 337 -14.97 -25.33 -24.20
CA ILE D 337 -15.56 -24.02 -24.32
C ILE D 337 -16.51 -24.00 -25.49
N UNK D 338 -16.05 -24.47 -26.65
CA UNK D 338 -16.86 -24.59 -27.86
C UNK D 338 -18.27 -24.01 -27.83
N LEU D 339 -18.43 -22.72 -27.50
CA LEU D 339 -19.77 -22.17 -27.55
C LEU D 339 -20.26 -22.29 -28.99
N ASP D 340 -19.29 -22.33 -29.92
CA ASP D 340 -19.59 -22.59 -31.33
C ASP D 340 -20.58 -23.75 -31.46
N GLY D 341 -20.17 -24.94 -31.03
CA GLY D 341 -21.10 -26.05 -31.03
C GLY D 341 -22.26 -25.82 -30.08
N ASN D 342 -22.00 -25.19 -28.92
CA ASN D 342 -22.92 -25.21 -27.80
C ASN D 342 -24.31 -24.70 -28.19
N ILE D 343 -24.41 -23.44 -28.58
CA ILE D 343 -25.72 -22.89 -28.95
C ILE D 343 -26.10 -23.41 -30.32
N UNK D 344 -27.39 -23.37 -30.63
CA UNK D 344 -27.94 -23.52 -31.99
C UNK D 344 -27.35 -24.63 -32.86
N ASP D 345 -26.02 -24.83 -32.82
CA ASP D 345 -25.39 -25.79 -33.71
C ASP D 345 -25.64 -27.24 -33.29
N ASP D 346 -26.18 -27.45 -32.10
CA ASP D 346 -26.68 -28.78 -31.77
C ASP D 346 -28.09 -28.99 -32.32
N PRO D 347 -29.08 -28.14 -31.98
CA PRO D 347 -30.46 -28.46 -32.37
C PRO D 347 -30.88 -27.86 -33.70
N VAL D 348 -32.11 -28.16 -34.09
CA VAL D 348 -32.76 -27.52 -35.23
C VAL D 348 -34.08 -26.94 -34.67
N VAL D 349 -34.01 -25.70 -34.21
CA VAL D 349 -35.06 -25.13 -33.36
C VAL D 349 -35.45 -23.76 -33.90
N ARG D 350 -36.49 -23.18 -33.30
CA ARG D 350 -37.05 -21.92 -33.76
C ARG D 350 -37.02 -20.90 -32.64
N GLY D 351 -36.02 -20.01 -32.68
CA GLY D 351 -35.83 -19.02 -31.63
C GLY D 351 -36.73 -17.81 -31.71
N UNK D 352 -36.24 -16.68 -31.19
CA UNK D 352 -37.00 -15.42 -31.16
C UNK D 352 -36.04 -14.24 -31.27
N UNK D 353 -35.02 -14.23 -30.42
CA UNK D 353 -33.87 -13.32 -30.53
C UNK D 353 -34.19 -11.84 -30.35
N UNK D 354 -33.88 -11.31 -29.18
CA UNK D 354 -34.04 -9.89 -28.87
C UNK D 354 -33.38 -9.53 -27.54
N UNK D 355 -32.85 -8.31 -27.46
CA UNK D 355 -32.19 -7.84 -26.24
C UNK D 355 -32.12 -6.31 -26.21
N UNK D 356 -29.80 -0.21 -36.60
CA UNK D 356 -29.14 -0.32 -35.31
C UNK D 356 -27.65 -0.54 -35.48
N UNK D 357 -27.01 0.36 -36.22
CA UNK D 357 -25.62 0.16 -36.66
C UNK D 357 -24.58 0.73 -35.70
N UNK D 358 -23.32 0.49 -36.06
CA UNK D 358 -22.16 0.93 -35.29
C UNK D 358 -22.11 0.31 -33.89
N UNK D 359 -21.14 0.76 -33.10
CA UNK D 359 -20.92 0.35 -31.70
C UNK D 359 -20.37 -1.07 -31.55
N VAL D 360 -20.69 -1.99 -32.45
CA VAL D 360 -20.21 -3.35 -32.33
C VAL D 360 -18.79 -3.46 -32.91
N ASP D 361 -18.50 -2.67 -33.95
CA ASP D 361 -17.14 -2.64 -34.47
C ASP D 361 -16.20 -2.05 -33.45
N ILE D 362 -16.72 -1.17 -32.58
CA ILE D 362 -15.94 -0.76 -31.44
C ILE D 362 -15.48 -2.02 -30.71
N LEU D 363 -16.47 -2.92 -30.44
CA LEU D 363 -16.22 -4.20 -29.70
C LEU D 363 -15.18 -5.04 -30.45
N LYS D 364 -15.28 -5.11 -31.74
CA LYS D 364 -14.30 -5.85 -32.49
C LYS D 364 -12.91 -5.23 -32.33
N GLY D 365 -12.83 -3.90 -32.41
CA GLY D 365 -11.55 -3.26 -32.30
C GLY D 365 -10.88 -3.54 -30.98
N MET D 366 -11.62 -3.36 -29.88
CA MET D 366 -10.98 -3.53 -28.56
C MET D 366 -10.59 -4.97 -28.31
N ASN D 367 -11.46 -5.93 -28.65
CA ASN D 367 -11.14 -7.32 -28.36
C ASN D 367 -10.04 -7.84 -29.27
N ARG D 368 -10.08 -7.53 -30.56
CA ARG D 368 -8.99 -7.91 -31.42
C ARG D 368 -7.70 -7.22 -31.00
N LEU D 369 -7.80 -6.02 -30.44
CA LEU D 369 -6.63 -5.34 -29.91
C LEU D 369 -5.99 -6.12 -28.78
N SER D 370 -6.79 -6.48 -27.78
CA SER D 370 -6.25 -7.20 -26.64
C SER D 370 -5.70 -8.55 -27.07
N GLU D 371 -6.45 -9.28 -27.88
CA GLU D 371 -5.96 -10.57 -28.33
C GLU D 371 -4.76 -10.41 -29.25
N LYS D 372 -4.64 -9.29 -29.93
CA LYS D 372 -3.49 -9.04 -30.78
C LYS D 372 -2.24 -8.85 -29.95
N MET D 373 -2.34 -8.04 -28.91
CA MET D 373 -1.20 -7.86 -28.02
C MET D 373 -0.82 -9.16 -27.34
N ILE D 374 -1.82 -9.95 -26.93
CA ILE D 374 -1.54 -11.24 -26.32
C ILE D 374 -0.89 -12.17 -27.33
N MET D 375 -1.21 -12.02 -28.60
CA MET D 375 -0.64 -12.89 -29.60
C MET D 375 0.78 -12.48 -29.85
N UNK D 376 1.05 -11.20 -29.76
CA UNK D 376 2.42 -10.73 -29.92
C UNK D 376 3.24 -11.13 -28.70
N LEU D 377 3.01 -12.32 -28.15
CA LEU D 377 3.43 -12.56 -26.78
C LEU D 377 3.03 -14.00 -26.47
N LYS D 378 2.33 -14.59 -27.41
CA LYS D 378 2.02 -16.01 -27.34
C LYS D 378 2.83 -16.59 -28.48
N UNK D 379 3.64 -15.73 -29.07
CA UNK D 379 4.47 -16.08 -30.21
C UNK D 379 5.78 -16.71 -29.76
N UNK D 380 6.22 -16.35 -28.56
CA UNK D 380 7.55 -16.73 -28.07
C UNK D 380 8.61 -16.16 -28.99
N UNK D 381 8.62 -14.84 -29.10
CA UNK D 381 9.57 -14.14 -29.96
C UNK D 381 10.57 -13.32 -29.15
N UNK D 382 46.55 -31.13 46.78
CA UNK D 382 46.41 -32.47 46.23
C UNK D 382 44.94 -32.84 46.06
N UNK D 383 44.68 -33.72 45.09
CA UNK D 383 43.34 -34.08 44.68
C UNK D 383 42.41 -34.41 45.84
N UNK D 384 41.16 -34.01 45.71
CA UNK D 384 40.12 -34.28 46.70
C UNK D 384 40.53 -33.89 48.12
N UNK D 385 41.35 -34.74 48.72
CA UNK D 385 41.80 -34.56 50.09
C UNK D 385 42.37 -33.17 50.34
N UNK D 386 43.60 -32.96 49.93
CA UNK D 386 44.26 -31.68 50.17
C UNK D 386 43.59 -30.58 49.34
N UNK D 387 42.86 -30.96 48.29
CA UNK D 387 42.08 -30.00 47.53
C UNK D 387 41.04 -29.36 48.45
N UNK D 388 40.22 -30.21 49.06
CA UNK D 388 39.21 -29.75 49.99
C UNK D 388 39.88 -29.11 51.19
N UNK D 389 41.08 -29.56 51.52
CA UNK D 389 41.82 -28.97 52.62
C UNK D 389 42.10 -27.50 52.35
N UNK D 390 42.65 -27.22 51.18
CA UNK D 390 42.95 -25.86 50.78
C UNK D 390 41.67 -25.04 50.66
N UNK D 391 40.62 -25.66 50.12
CA UNK D 391 39.34 -24.99 49.97
C UNK D 391 38.79 -24.54 51.32
N UNK D 392 38.79 -25.46 52.27
CA UNK D 392 38.31 -25.19 53.62
C UNK D 392 39.23 -24.20 54.29
N UNK D 393 40.51 -24.24 53.95
CA UNK D 393 41.48 -23.31 54.51
C UNK D 393 41.12 -21.90 54.12
N UNK D 394 40.79 -21.73 52.84
CA UNK D 394 40.42 -20.43 52.32
C UNK D 394 39.09 -19.96 52.91
N UNK D 395 38.13 -20.88 52.96
CA UNK D 395 36.81 -20.57 53.51
C UNK D 395 36.94 -20.18 54.98
N UNK D 396 37.92 -20.77 55.65
CA UNK D 396 38.20 -20.48 57.04
C UNK D 396 38.80 -19.09 57.17
N UNK D 397 39.90 -18.87 56.45
CA UNK D 397 40.57 -17.57 56.44
C UNK D 397 39.57 -16.46 56.22
N UNK D 398 38.69 -16.63 55.24
CA UNK D 398 37.62 -15.67 55.00
C UNK D 398 36.70 -15.59 56.21
N UNK D 399 36.23 -16.74 56.65
CA UNK D 399 35.39 -16.84 57.84
C UNK D 399 36.13 -16.25 59.03
N UNK D 400 37.43 -16.54 59.10
CA UNK D 400 38.28 -15.94 60.13
C UNK D 400 38.41 -14.46 59.88
N UNK D 401 37.28 -13.76 59.90
CA UNK D 401 37.22 -12.33 59.63
C UNK D 401 37.94 -11.98 58.33
N UNK D 402 39.27 -11.95 58.40
CA UNK D 402 40.11 -11.51 57.29
C UNK D 402 39.67 -10.12 56.81
N UNK D 403 39.77 -9.90 55.51
CA UNK D 403 39.33 -8.66 54.89
C UNK D 403 40.01 -7.42 55.48
N UNK D 404 41.27 -7.23 55.13
CA UNK D 404 42.00 -6.03 55.50
C UNK D 404 42.08 -5.11 54.30
N UNK D 405 41.04 -4.31 54.13
CA UNK D 405 40.88 -3.51 52.92
C UNK D 405 41.95 -2.45 52.74
N UNK D 406 42.79 -2.28 53.75
CA UNK D 406 43.95 -1.41 53.63
C UNK D 406 45.17 -2.26 53.34
N UNK D 407 45.37 -3.31 54.14
CA UNK D 407 46.41 -4.30 53.90
C UNK D 407 46.09 -5.03 52.62
N UNK D 408 44.88 -4.79 52.11
CA UNK D 408 44.59 -5.06 50.72
C UNK D 408 45.58 -4.25 49.90
N UNK D 409 46.78 -4.80 49.72
CA UNK D 409 47.85 -4.19 48.94
C UNK D 409 48.10 -2.73 49.26
N UNK D 410 47.15 -1.88 48.88
CA UNK D 410 47.31 -0.43 48.71
C UNK D 410 48.11 -0.21 47.42
N UNK D 411 49.27 -0.84 47.36
CA UNK D 411 50.11 -0.88 46.17
C UNK D 411 51.20 -1.90 46.42
N UNK D 412 51.29 -2.31 47.67
CA UNK D 412 52.37 -3.15 48.15
C UNK D 412 53.69 -2.48 47.82
N UNK D 413 54.63 -3.24 47.28
CA UNK D 413 55.91 -2.69 46.88
C UNK D 413 55.71 -1.67 45.77
N UNK D 414 56.14 -0.44 46.02
CA UNK D 414 56.18 0.57 44.98
C UNK D 414 57.19 0.13 43.93
N UNK D 415 57.99 -0.86 44.28
CA UNK D 415 58.85 -1.55 43.32
C UNK D 415 58.02 -2.47 42.46
N UNK D 416 57.15 -3.26 43.10
CA UNK D 416 56.22 -4.10 42.37
C UNK D 416 55.30 -3.21 41.56
N UNK D 417 54.94 -2.08 42.16
CA UNK D 417 54.16 -1.06 41.46
C UNK D 417 54.91 -0.61 40.24
N UNK D 418 56.20 -0.32 40.36
CA UNK D 418 57.02 0.15 39.26
C UNK D 418 57.11 -0.89 38.15
N ARG D 419 57.20 -2.15 38.54
CA ARG D 419 57.24 -3.25 37.57
C ARG D 419 55.94 -3.28 36.76
N VAL D 420 54.83 -3.24 37.51
CA VAL D 420 53.51 -3.08 36.90
C VAL D 420 53.55 -1.93 35.90
N ILE D 421 53.94 -0.75 36.41
CA ILE D 421 53.85 0.50 35.64
C ILE D 421 54.66 0.39 34.36
N THR D 422 55.83 -0.26 34.42
CA THR D 422 56.65 -0.41 33.23
C THR D 422 55.92 -1.28 32.23
N UNK D 423 55.36 -2.39 32.69
CA UNK D 423 54.60 -3.26 31.80
C UNK D 423 53.48 -2.46 31.12
N ILE D 424 52.78 -1.69 31.94
CA ILE D 424 51.62 -0.92 31.51
C ILE D 424 52.01 0.11 30.47
N LYS D 425 53.01 0.92 30.80
CA LYS D 425 53.44 1.99 29.92
C LYS D 425 53.98 1.43 28.61
N ILE D 426 54.67 0.30 28.66
CA ILE D 426 55.19 -0.27 27.43
C ILE D 426 54.06 -0.78 26.57
N ASN D 427 53.04 -1.37 27.18
CA ASN D 427 51.86 -1.80 26.42
C ASN D 427 51.17 -0.59 25.80
N ALA D 428 51.06 0.50 26.55
CA ALA D 428 50.47 1.72 26.00
C ALA D 428 51.29 2.24 24.83
N LYS D 429 52.61 2.20 24.97
CA LYS D 429 53.50 2.63 23.90
C LYS D 429 53.25 1.82 22.64
N GLN D 430 53.28 0.49 22.76
CA GLN D 430 53.16 -0.35 21.58
C GLN D 430 51.79 -0.22 20.94
N ALA D 431 50.75 -0.11 21.75
CA ALA D 431 49.41 -0.02 21.19
C ALA D 431 49.10 1.43 20.81
N UNK D 432 50.06 2.32 21.03
CA UNK D 432 49.97 3.69 20.55
C UNK D 432 50.40 3.72 19.09
N HIS D 433 51.11 2.67 18.68
CA HIS D 433 51.57 2.56 17.31
C HIS D 433 50.50 1.92 16.43
N UNK D 434 49.46 2.69 16.15
CA UNK D 434 48.38 2.26 15.27
C UNK D 434 47.54 3.47 14.87
N UNK D 435 48.21 4.60 14.61
CA UNK D 435 47.54 5.84 14.28
C UNK D 435 46.77 5.75 12.97
N UNK D 436 45.61 5.12 13.01
CA UNK D 436 44.78 4.93 11.81
C UNK D 436 44.26 6.27 11.31
N GLU D 437 49.99 10.21 0.47
CA GLU D 437 50.98 10.73 1.41
C GLU D 437 52.37 10.72 0.78
N VAL D 438 52.48 10.06 -0.37
CA VAL D 438 53.74 10.00 -1.12
C VAL D 438 54.00 11.36 -1.75
N LYS D 439 55.22 11.56 -2.25
CA LYS D 439 55.65 12.91 -2.62
C LYS D 439 55.02 13.37 -3.93
N SER D 440 55.30 12.67 -5.02
CA SER D 440 54.90 13.12 -6.36
C SER D 440 53.55 12.50 -6.71
N THR D 441 52.52 13.34 -6.78
CA THR D 441 51.18 12.84 -7.08
C THR D 441 51.13 12.24 -8.47
N LEU D 442 51.81 12.84 -9.43
CA LEU D 442 51.96 12.21 -10.74
C LEU D 442 52.66 10.87 -10.63
N PRO D 443 53.79 10.75 -9.94
CA PRO D 443 54.35 9.40 -9.69
C PRO D 443 53.40 8.53 -8.90
N ILE D 444 52.58 9.10 -8.03
CA ILE D 444 51.59 8.31 -7.31
C ILE D 444 50.68 7.62 -8.31
N ASP D 445 50.13 8.39 -9.25
CA ASP D 445 49.26 7.79 -10.27
C ASP D 445 50.00 6.77 -11.11
N LEU D 446 51.24 7.08 -11.51
CA LEU D 446 51.98 6.19 -12.38
C LEU D 446 52.27 4.86 -11.70
N LEU D 447 52.81 4.91 -10.48
CA LEU D 447 53.15 3.67 -9.78
C LEU D 447 51.90 2.93 -9.32
N GLU D 448 50.79 3.63 -9.08
CA GLU D 448 49.54 2.94 -8.82
C GLU D 448 49.09 2.17 -10.05
N SER D 449 49.25 2.76 -11.23
CA SER D 449 48.99 2.03 -12.46
C SER D 449 49.91 0.83 -12.58
N CYS D 450 51.17 0.98 -12.17
CA CYS D 450 52.09 -0.15 -12.17
C CYS D 450 51.59 -1.26 -11.25
N ARG D 451 51.08 -0.87 -10.08
CA ARG D 451 50.51 -1.84 -9.15
C ARG D 451 49.35 -2.58 -9.78
N MET D 452 48.47 -1.85 -10.44
CA MET D 452 47.35 -2.49 -11.12
C MET D 452 47.83 -3.47 -12.18
N LEU D 453 48.84 -3.08 -12.96
CA LEU D 453 49.35 -3.95 -14.01
C LEU D 453 49.90 -5.24 -13.43
N HIS D 454 50.87 -5.12 -12.54
CA HIS D 454 51.44 -6.32 -11.95
C HIS D 454 50.35 -7.14 -11.27
N THR D 455 49.33 -6.46 -10.73
CA THR D 455 48.23 -7.16 -10.08
C THR D 455 47.49 -8.05 -11.05
N THR D 456 47.07 -7.51 -12.19
CA THR D 456 46.34 -8.35 -13.11
C THR D 456 47.23 -9.44 -13.71
N CYS D 457 48.49 -9.10 -14.01
CA CYS D 457 49.41 -10.10 -14.53
C CYS D 457 49.51 -11.28 -13.57
N CYS D 458 49.77 -10.97 -12.30
CA CYS D 458 49.79 -12.00 -11.28
C CYS D 458 48.49 -12.80 -11.30
N GLU D 459 47.37 -12.14 -11.04
CA GLU D 459 46.06 -12.79 -10.99
C GLU D 459 45.92 -13.83 -12.10
N PHE D 460 46.22 -13.41 -13.33
CA PHE D 460 46.11 -14.33 -14.44
C PHE D 460 47.04 -15.51 -14.25
N LEU D 461 48.33 -15.26 -14.01
CA LEU D 461 49.26 -16.37 -13.88
C LEU D 461 48.88 -17.29 -12.71
N LYS D 462 48.57 -16.69 -11.57
CA LYS D 462 48.09 -17.42 -10.40
C LYS D 462 47.02 -18.40 -10.80
N HIS D 463 46.04 -17.94 -11.58
CA HIS D 463 45.07 -18.88 -12.13
C HIS D 463 45.76 -19.92 -13.01
N PHE D 464 46.70 -19.47 -13.85
CA PHE D 464 47.35 -20.38 -14.80
C PHE D 464 48.39 -21.25 -14.11
N ALA D 465 49.11 -20.71 -13.14
CA ALA D 465 49.97 -21.55 -12.33
C ALA D 465 49.15 -22.60 -11.59
N ILE D 466 47.98 -22.21 -11.09
CA ILE D 466 47.03 -23.17 -10.56
C ILE D 466 46.57 -24.11 -11.67
N HIS D 467 46.29 -23.57 -12.85
CA HIS D 467 45.87 -24.39 -13.99
C HIS D 467 46.11 -23.68 -15.31
N GLN D 468 44.76 -27.90 -15.62
CA GLN D 468 45.76 -27.28 -16.46
C GLN D 468 45.93 -28.01 -17.79
N LYS D 469 45.69 -27.29 -18.88
CA LYS D 469 45.92 -27.80 -20.23
C LYS D 469 46.98 -27.02 -20.98
N GLN D 470 46.95 -25.69 -20.90
CA GLN D 470 47.96 -24.85 -21.52
C GLN D 470 48.99 -24.40 -20.49
N ALA D 471 49.78 -25.37 -20.01
CA ALA D 471 50.89 -25.02 -19.13
C ALA D 471 51.88 -24.11 -19.83
N SER D 472 52.00 -24.25 -21.16
CA SER D 472 52.82 -23.31 -21.92
C SER D 472 52.27 -21.90 -21.82
N THR D 473 50.96 -21.75 -21.64
CA THR D 473 50.41 -20.43 -21.36
C THR D 473 50.84 -19.93 -19.99
N VAL D 474 50.99 -20.83 -19.03
CA VAL D 474 51.57 -20.43 -17.74
C VAL D 474 52.98 -19.93 -17.95
N LYS D 475 53.74 -20.59 -18.83
CA LYS D 475 55.08 -20.11 -19.16
C LYS D 475 55.04 -18.73 -19.81
N LYS D 476 54.07 -18.52 -20.70
CA LYS D 476 53.96 -17.23 -21.37
C LYS D 476 53.64 -16.14 -20.38
N LEU D 477 52.71 -16.41 -19.46
CA LEU D 477 52.44 -15.47 -18.39
C LEU D 477 53.66 -15.23 -17.55
N TYR D 478 54.46 -16.28 -17.35
CA TYR D 478 55.73 -16.12 -16.63
C TYR D 478 56.63 -15.13 -17.34
N ASN D 479 56.77 -15.30 -18.65
CA ASN D 479 57.65 -14.42 -19.42
C ASN D 479 57.15 -12.98 -19.36
N HIS D 480 55.85 -12.78 -19.56
CA HIS D 480 55.32 -11.43 -19.56
C HIS D 480 55.46 -10.79 -18.18
N LEU D 481 55.04 -11.49 -17.14
CA LEU D 481 55.16 -10.94 -15.80
C LEU D 481 56.61 -10.78 -15.39
N LYS D 482 57.52 -11.54 -15.99
CA LYS D 482 58.94 -11.31 -15.78
C LYS D 482 59.36 -9.99 -16.41
N ASP D 483 58.81 -9.68 -17.59
CA ASP D 483 59.02 -8.34 -18.14
C ASP D 483 58.47 -7.28 -17.20
N CYS D 484 57.29 -7.51 -16.65
CA CYS D 484 56.68 -6.57 -15.72
C CYS D 484 57.58 -6.36 -14.50
N ILE D 485 58.07 -7.46 -13.92
CA ILE D 485 58.85 -7.38 -12.68
C ILE D 485 60.24 -6.81 -12.94
N GLU D 486 60.83 -7.14 -14.08
CA GLU D 486 62.14 -6.58 -14.42
C GLU D 486 62.03 -5.09 -14.67
N LYS D 487 61.07 -4.69 -15.49
CA LYS D 487 60.82 -3.27 -15.67
C LYS D 487 60.43 -2.60 -14.37
N LEU D 488 59.89 -3.36 -13.41
CA LEU D 488 59.55 -2.80 -12.11
C LEU D 488 60.80 -2.58 -11.26
N ASN D 489 61.73 -3.54 -11.28
CA ASN D 489 63.01 -3.33 -10.62
C ASN D 489 63.70 -2.10 -11.19
N GLU D 490 63.67 -1.96 -12.51
CA GLU D 490 64.19 -0.73 -13.13
C GLU D 490 63.34 0.48 -12.78
N LEU D 491 62.03 0.28 -12.55
CA LEU D 491 61.18 1.37 -12.12
C LEU D 491 61.66 1.91 -10.80
N PHE D 492 61.94 1.03 -9.85
CA PHE D 492 62.46 1.49 -8.56
C PHE D 492 63.87 2.04 -8.71
N GLN D 493 64.67 1.50 -9.63
CA GLN D 493 65.99 2.06 -9.87
C GLN D 493 65.90 3.51 -10.32
N ASP D 494 65.11 3.78 -11.35
CA ASP D 494 64.97 5.15 -11.84
C ASP D 494 64.21 6.01 -10.84
N VAL D 495 63.33 5.42 -10.04
CA VAL D 495 62.63 6.16 -9.00
C VAL D 495 63.62 6.65 -7.95
N LEU D 496 64.59 5.80 -7.58
CA LEU D 496 65.69 6.25 -6.73
C LEU D 496 66.51 7.31 -7.44
N ASN D 497 66.73 7.13 -8.74
CA ASN D 497 67.56 8.07 -9.50
C ASN D 497 66.93 9.47 -9.47
N GLY D 498 65.62 9.55 -9.60
CA GLY D 498 64.95 10.84 -9.63
C GLY D 498 64.59 11.39 -8.27
N ASP D 499 63.81 10.63 -7.51
CA ASP D 499 63.30 11.04 -6.20
C ASP D 499 64.34 10.95 -5.11
N GLY D 500 65.56 10.52 -5.42
CA GLY D 500 66.57 10.35 -4.41
C GLY D 500 66.24 9.20 -3.49
N GLU D 501 65.90 9.52 -2.24
CA GLU D 501 65.55 8.51 -1.25
C GLU D 501 64.15 8.69 -0.68
N SER D 502 63.77 9.92 -0.34
CA SER D 502 62.55 10.14 0.43
C SER D 502 61.33 9.60 -0.31
N MET D 503 61.01 10.20 -1.46
CA MET D 503 59.92 9.66 -2.27
C MET D 503 60.23 8.26 -2.74
N SER D 504 61.51 7.94 -2.93
CA SER D 504 61.87 6.58 -3.33
C SER D 504 61.62 5.59 -2.19
N ASN D 505 61.98 5.96 -0.95
CA ASN D 505 61.68 5.09 0.17
C ASN D 505 60.18 4.93 0.34
N THR D 506 59.43 6.02 0.16
CA THR D 506 57.97 5.92 0.19
C THR D 506 57.47 4.98 -0.91
N CYS D 507 58.12 5.02 -2.07
CA CYS D 507 57.74 4.13 -3.16
C CYS D 507 57.97 2.67 -2.81
N THR D 508 59.13 2.39 -2.21
CA THR D 508 59.39 1.03 -1.75
C THR D 508 58.36 0.59 -0.72
N ALA D 509 58.01 1.50 0.20
CA ALA D 509 57.00 1.18 1.20
C ALA D 509 55.65 0.86 0.55
N TYR D 510 55.25 1.66 -0.43
CA TYR D 510 53.98 1.44 -1.08
C TYR D 510 53.96 0.11 -1.81
N LEU D 511 55.03 -0.20 -2.54
CA LEU D 511 55.01 -1.34 -3.45
C LEU D 511 55.53 -2.62 -2.82
N LYS D 512 56.01 -2.59 -1.59
CA LYS D 512 56.51 -3.78 -0.95
C LYS D 512 55.53 -4.95 -0.94
N PRO D 513 54.23 -4.78 -0.65
CA PRO D 513 53.32 -5.94 -0.75
C PRO D 513 53.38 -6.59 -2.11
N VAL D 514 53.26 -5.76 -3.16
CA VAL D 514 53.26 -6.27 -4.52
C VAL D 514 54.59 -6.96 -4.84
N LEU D 515 55.70 -6.29 -4.50
CA LEU D 515 57.01 -6.83 -4.84
C LEU D 515 57.25 -8.15 -4.15
N ASN D 516 56.99 -8.21 -2.84
CA ASN D 516 57.15 -9.44 -2.09
C ASN D 516 56.31 -10.55 -2.69
N SER D 517 55.04 -10.25 -2.99
CA SER D 517 54.15 -11.30 -3.47
C SER D 517 54.55 -11.78 -4.85
N ILE D 518 54.95 -10.87 -5.74
CA ILE D 518 55.32 -11.29 -7.09
C ILE D 518 56.62 -12.09 -7.06
N THR D 519 57.58 -11.69 -6.22
CA THR D 519 58.78 -12.49 -6.09
C THR D 519 58.46 -13.86 -5.49
N LEU D 520 57.52 -13.89 -4.56
CA LEU D 520 57.11 -15.17 -3.98
C LEU D 520 56.47 -16.07 -5.02
N ALA D 521 55.65 -15.50 -5.89
CA ALA D 521 55.08 -16.28 -6.97
C ALA D 521 56.14 -16.70 -7.96
N THR D 522 57.17 -15.87 -8.16
CA THR D 522 58.30 -16.28 -8.99
C THR D 522 58.99 -17.49 -8.39
N HIS D 523 59.17 -17.48 -7.06
CA HIS D 523 59.77 -18.62 -6.38
C HIS D 523 58.87 -19.84 -6.48
N LYS D 524 57.55 -19.65 -6.34
CA LYS D 524 56.62 -20.75 -6.46
C LYS D 524 56.64 -21.33 -7.86
N TYR D 525 56.73 -20.46 -8.87
CA TYR D 525 56.84 -20.90 -10.25
C TYR D 525 58.13 -21.66 -10.48
N ASP D 526 59.23 -21.18 -9.89
CA ASP D 526 60.50 -21.88 -10.02
C ASP D 526 60.42 -23.27 -9.38
N GLU D 527 59.77 -23.36 -8.22
CA GLU D 527 59.60 -24.66 -7.57
C GLU D 527 58.76 -25.59 -8.43
N TYR D 528 57.67 -25.08 -9.01
CA TYR D 528 56.82 -25.91 -9.85
C TYR D 528 57.55 -26.34 -11.11
N PHE D 529 58.36 -25.45 -11.68
CA PHE D 529 59.09 -25.78 -12.91
C PHE D 529 60.21 -26.76 -12.63
N ASN D 530 60.85 -26.67 -11.48
CA ASN D 530 61.78 -27.71 -11.07
C ASN D 530 61.06 -29.03 -10.90
N GLU D 531 59.91 -29.00 -10.23
CA GLU D 531 59.15 -30.23 -10.01
C GLU D 531 58.73 -30.87 -11.32
N TYR D 532 58.37 -30.06 -12.30
CA TYR D 532 58.03 -30.59 -13.63
C TYR D 532 59.27 -31.08 -14.36
N ASN D 533 60.35 -30.31 -14.32
CA ASN D 533 61.57 -30.66 -15.04
C ASN D 533 62.43 -31.65 -14.27
N ASN D 534 62.45 -31.56 -12.94
CA ASN D 534 63.29 -32.43 -12.13
C ASN D 534 62.60 -32.80 -10.81
N SER E 22 26.86 9.33 32.79
CA SER E 22 26.75 8.05 32.11
C SER E 22 26.93 6.89 33.09
N PRO E 23 25.86 6.53 33.79
CA PRO E 23 25.93 5.35 34.66
C PRO E 23 26.21 4.10 33.84
N SER E 24 26.98 3.19 34.43
CA SER E 24 27.44 2.00 33.74
C SER E 24 27.28 0.79 34.66
N LEU E 25 27.20 -0.38 34.05
CA LEU E 25 27.06 -1.63 34.80
C LEU E 25 28.37 -2.39 34.77
N LEU E 26 28.82 -2.82 35.94
CA LEU E 26 29.99 -3.67 36.05
C LEU E 26 29.52 -5.09 36.34
N THR E 27 29.70 -5.97 35.37
CA THR E 27 29.37 -7.38 35.53
C THR E 27 30.68 -8.14 35.58
N VAL E 28 31.19 -8.34 36.77
CA VAL E 28 32.40 -9.11 36.96
C VAL E 28 32.05 -10.59 36.99
N ILE E 29 32.78 -11.38 36.21
CA ILE E 29 32.64 -12.81 36.22
C ILE E 29 33.92 -13.38 36.79
N ILE E 30 33.85 -13.84 38.03
CA ILE E 30 34.97 -14.48 38.69
C ILE E 30 34.56 -15.92 38.94
N GLU E 31 35.25 -16.84 38.29
CA GLU E 31 35.02 -18.24 38.61
C GLU E 31 35.61 -18.56 39.97
N ILE E 32 34.98 -19.49 40.67
CA ILE E 32 35.59 -20.10 41.85
C ILE E 32 35.40 -21.62 41.70
N ALA E 33 36.40 -22.26 41.14
CA ALA E 33 36.49 -23.70 41.25
C ALA E 33 37.52 -24.01 42.31
N PRO E 34 37.13 -24.57 43.45
CA PRO E 34 38.12 -25.12 44.38
C PRO E 34 39.05 -26.11 43.69
N LYS E 35 38.73 -26.52 42.47
CA LYS E 35 39.71 -27.13 41.60
C LYS E 35 40.66 -26.09 41.03
N LEU E 36 40.11 -25.05 40.39
CA LEU E 36 40.95 -23.95 39.91
C LEU E 36 41.60 -23.22 41.07
N TRP E 37 40.86 -23.01 42.17
CA TRP E 37 41.46 -22.44 43.36
C TRP E 37 42.48 -23.39 43.99
N THR E 38 42.24 -24.69 43.89
CA THR E 38 43.19 -25.66 44.39
C THR E 38 44.50 -25.56 43.61
N THR E 39 44.38 -25.37 42.30
CA THR E 39 45.57 -25.10 41.51
C THR E 39 46.17 -23.78 41.92
N PHE E 40 45.32 -22.75 42.17
CA PHE E 40 45.74 -21.40 42.58
C PHE E 40 46.70 -21.47 43.77
N ASP E 41 46.30 -22.19 44.80
CA ASP E 41 47.21 -22.46 45.89
C ASP E 41 48.35 -23.37 45.43
N GLU E 42 48.04 -24.36 44.60
CA GLU E 42 49.02 -25.36 44.20
C GLU E 42 50.16 -24.74 43.41
N GLU E 43 49.84 -23.79 42.53
CA GLU E 43 50.91 -23.05 41.86
C GLU E 43 51.63 -22.18 42.87
N GLY E 44 52.95 -22.10 42.74
CA GLY E 44 53.72 -21.37 43.71
C GLY E 44 53.60 -21.99 45.09
N ASN E 45 53.63 -21.12 46.10
CA ASN E 45 53.48 -21.54 47.47
C ASN E 45 52.01 -21.53 47.88
N GLU E 46 51.75 -22.05 49.08
CA GLU E 46 50.46 -21.81 49.73
C GLU E 46 50.55 -20.57 50.63
N LYS E 47 51.07 -19.50 50.04
CA LYS E 47 51.26 -18.22 50.73
C LYS E 47 50.19 -17.23 50.24
N GLY E 48 48.99 -17.37 50.78
CA GLY E 48 47.89 -16.51 50.38
C GLY E 48 46.93 -17.22 49.46
N SER E 49 45.68 -17.34 49.90
CA SER E 49 44.66 -17.95 49.07
C SER E 49 44.06 -16.89 48.15
N ILE E 50 43.11 -17.32 47.31
CA ILE E 50 42.34 -16.41 46.49
C ILE E 50 41.55 -15.42 47.32
N ILE E 51 41.57 -15.57 48.65
CA ILE E 51 41.00 -14.57 49.56
C ILE E 51 41.52 -13.20 49.20
N LYS E 52 42.81 -13.11 48.84
CA LYS E 52 43.37 -11.87 48.36
C LYS E 52 42.63 -11.39 47.12
N VAL E 53 42.30 -12.31 46.22
CA VAL E 53 41.60 -11.93 45.00
C VAL E 53 40.21 -11.40 45.33
N LEU E 54 39.50 -12.10 46.23
CA LEU E 54 38.23 -11.59 46.71
C LEU E 54 38.38 -10.18 47.26
N GLU E 55 39.45 -9.95 48.01
CA GLU E 55 39.63 -8.65 48.65
C GLU E 55 39.87 -7.57 47.61
N ALA E 56 40.79 -7.83 46.69
CA ALA E 56 41.08 -6.86 45.64
C ALA E 56 39.84 -6.58 44.82
N LEU E 57 39.05 -7.63 44.55
CA LEU E 57 37.82 -7.45 43.79
C LEU E 57 36.80 -6.64 44.57
N ILE E 58 36.68 -6.89 45.86
CA ILE E 58 35.74 -6.14 46.68
C ILE E 58 36.11 -4.66 46.68
N VAL E 59 37.41 -4.38 46.85
CA VAL E 59 37.87 -3.00 46.82
C VAL E 59 37.61 -2.38 45.46
N PHE E 60 37.89 -3.14 44.39
CA PHE E 60 37.69 -2.61 43.05
C PHE E 60 36.21 -2.35 42.78
N LEU E 61 35.35 -3.22 43.28
CA LEU E 61 33.93 -2.99 43.11
C LEU E 61 33.50 -1.74 43.84
N ASN E 62 34.00 -1.54 45.04
CA ASN E 62 33.73 -0.29 45.74
C ASN E 62 34.22 0.88 44.92
N ALA E 63 35.37 0.73 44.28
CA ALA E 63 35.93 1.79 43.47
C ALA E 63 35.03 2.12 42.30
N HIS E 64 34.64 1.10 41.53
CA HIS E 64 33.77 1.33 40.38
C HIS E 64 32.43 1.91 40.80
N LEU E 65 31.93 1.49 41.97
CA LEU E 65 30.68 2.05 42.45
C LEU E 65 30.84 3.52 42.78
N ALA E 66 31.97 3.88 43.39
CA ALA E 66 32.27 5.29 43.60
C ALA E 66 32.36 6.03 42.27
N PHE E 67 32.92 5.37 41.26
CA PHE E 67 33.32 6.05 40.04
C PHE E 67 32.20 6.90 39.45
N ASN E 68 31.01 6.33 39.31
CA ASN E 68 29.88 7.06 38.80
C ASN E 68 28.90 7.36 39.93
N SER E 69 27.94 8.22 39.63
CA SER E 69 26.90 8.57 40.59
C SER E 69 25.88 7.44 40.63
N ALA E 70 26.19 6.44 41.46
CA ALA E 70 25.31 5.30 41.71
C ALA E 70 24.99 4.53 40.42
N ASN E 71 26.05 3.97 39.83
CA ASN E 71 25.94 3.14 38.64
C ASN E 71 25.93 1.66 39.05
N LYS E 72 24.96 0.92 38.53
CA LYS E 72 24.73 -0.43 39.02
C LYS E 72 25.85 -1.37 38.58
N VAL E 73 25.94 -2.53 39.26
CA VAL E 73 26.94 -3.56 39.00
C VAL E 73 26.33 -4.92 39.34
N ALA E 74 27.05 -5.98 39.01
CA ALA E 74 26.67 -7.32 39.46
C ALA E 74 27.84 -8.26 39.28
N VAL E 75 27.74 -9.41 39.95
CA VAL E 75 28.76 -10.46 39.88
C VAL E 75 28.07 -11.81 40.00
N ILE E 76 28.58 -12.79 39.25
CA ILE E 76 28.21 -14.19 39.42
C ILE E 76 29.50 -15.01 39.35
N ALA E 77 29.42 -16.23 39.87
CA ALA E 77 30.52 -17.16 39.87
C ALA E 77 30.00 -18.55 39.56
N ALA E 78 30.91 -19.41 39.10
CA ALA E 78 30.56 -20.75 38.66
C ALA E 78 30.96 -21.77 39.71
N TYR E 79 29.99 -22.55 40.19
CA TYR E 79 30.34 -23.68 41.04
C TYR E 79 31.12 -24.70 40.23
N SER E 80 31.57 -25.75 40.93
CA SER E 80 31.92 -26.98 40.23
C SER E 80 30.69 -27.59 39.57
N GLN E 81 29.51 -27.31 40.12
CA GLN E 81 28.25 -27.84 39.62
C GLN E 81 27.21 -26.74 39.51
N GLY E 82 27.59 -25.59 38.99
CA GLY E 82 26.58 -24.60 38.68
C GLY E 82 27.10 -23.18 38.91
N ILE E 83 26.19 -22.31 39.33
CA ILE E 83 26.38 -20.87 39.32
C ILE E 83 25.39 -20.25 40.29
N LYS E 84 25.63 -19.01 40.69
CA LYS E 84 24.58 -18.27 41.38
C LYS E 84 24.86 -16.78 41.34
N TYR E 85 23.83 -16.01 41.05
CA TYR E 85 23.86 -14.55 41.20
C TYR E 85 24.43 -14.18 42.55
N LEU E 86 25.57 -13.47 42.54
CA LEU E 86 26.27 -13.19 43.78
C LEU E 86 25.90 -11.81 44.35
N TYR E 87 26.07 -10.76 43.57
CA TYR E 87 25.52 -9.47 44.00
C TYR E 87 24.01 -9.49 44.16
N PRO E 88 23.23 -9.98 43.20
CA PRO E 88 21.82 -9.56 43.11
C PRO E 88 20.98 -9.86 44.32
N GLU E 89 21.33 -10.83 45.17
CA GLU E 89 20.49 -11.22 46.30
C GLU E 89 19.11 -11.70 45.81
N SER E 90 19.13 -12.88 45.20
CA SER E 90 17.90 -13.55 44.81
C SER E 90 16.88 -13.52 45.94
N THR E 91 15.60 -13.61 45.59
CA THR E 91 14.54 -13.47 46.58
C THR E 91 14.70 -14.52 47.67
N SER E 92 15.14 -14.08 48.86
CA SER E 92 15.47 -14.99 49.95
C SER E 92 14.81 -14.57 51.25
N ALA E 93 14.62 -13.26 51.46
CA ALA E 93 13.76 -12.82 52.55
C ALA E 93 12.33 -13.30 52.34
N LEU E 94 11.88 -13.27 51.09
CA LEU E 94 10.64 -13.94 50.70
C LEU E 94 10.97 -15.09 49.77
N UNK E 113 31.29 0.33 56.60
CA UNK E 113 30.39 1.42 56.28
C UNK E 113 30.71 2.01 54.91
N UNK E 114 31.09 3.29 54.89
CA UNK E 114 31.46 4.01 53.66
C UNK E 114 30.28 4.14 52.71
N TYR E 115 29.73 5.34 52.62
CA TYR E 115 28.53 5.65 51.85
C TYR E 115 27.32 4.85 52.36
N ARG E 116 27.58 4.01 53.36
CA ARG E 116 26.64 3.09 53.98
C ARG E 116 26.30 1.95 53.03
N ARG E 117 26.69 2.10 51.76
CA ARG E 117 26.21 1.19 50.74
C ARG E 117 27.28 0.26 50.21
N PHE E 118 28.52 0.73 50.12
CA PHE E 118 29.60 -0.19 49.79
C PHE E 118 29.65 -1.30 50.82
N ARG E 119 29.47 -0.93 52.09
CA ARG E 119 29.35 -1.90 53.17
C ARG E 119 28.31 -2.96 52.85
N ASN E 120 27.08 -2.54 52.59
CA ASN E 120 26.01 -3.51 52.45
C ASN E 120 26.20 -4.39 51.23
N VAL E 121 26.63 -3.80 50.11
CA VAL E 121 26.86 -4.59 48.91
C VAL E 121 27.92 -5.64 49.17
N ASP E 122 29.07 -5.22 49.70
CA ASP E 122 30.16 -6.16 49.93
C ASP E 122 29.78 -7.21 50.97
N GLU E 123 29.07 -6.80 52.02
CA GLU E 123 28.76 -7.74 53.09
C GLU E 123 27.74 -8.76 52.62
N THR E 124 26.71 -8.26 51.92
CA THR E 124 25.80 -9.16 51.27
C THR E 124 26.64 -10.18 50.56
N LEU E 125 27.53 -9.70 49.64
CA LEU E 125 28.41 -10.56 48.79
C LEU E 125 29.18 -11.58 49.61
N VAL E 126 29.69 -11.17 50.75
CA VAL E 126 30.51 -12.05 51.58
C VAL E 126 29.65 -13.18 52.14
N GLU E 127 28.48 -12.84 52.67
CA GLU E 127 27.54 -13.87 53.12
C GLU E 127 27.27 -14.83 51.97
N GLU E 128 26.99 -14.28 50.79
CA GLU E 128 26.71 -15.12 49.62
C GLU E 128 27.83 -16.11 49.37
N ILE E 129 29.05 -15.61 49.27
CA ILE E 129 30.15 -16.44 48.80
C ILE E 129 30.49 -17.50 49.84
N TYR E 130 30.46 -17.14 51.11
CA TYR E 130 30.71 -18.16 52.14
C TYR E 130 29.60 -19.21 52.13
N LYS E 131 28.34 -18.77 52.03
CA LYS E 131 27.24 -19.72 51.98
C LYS E 131 27.36 -20.64 50.78
N LEU E 132 27.92 -20.13 49.67
CA LEU E 132 28.23 -20.98 48.54
C LEU E 132 29.35 -21.93 48.89
N PHE E 133 30.30 -21.45 49.69
CA PHE E 133 31.24 -22.33 50.24
C PHE E 133 30.54 -23.30 51.19
N GLU E 134 29.38 -23.14 51.64
CA GLU E 134 28.81 -24.41 52.13
C GLU E 134 28.50 -25.39 50.99
N LEU E 135 28.08 -24.86 49.85
CA LEU E 135 27.78 -25.64 48.66
C LEU E 135 29.08 -26.13 48.05
N GLU E 136 29.77 -27.01 48.77
CA GLU E 136 31.04 -27.62 48.34
C GLU E 136 31.27 -28.83 49.21
N LYS E 137 31.40 -29.99 48.58
CA LYS E 137 31.58 -31.26 49.29
C LYS E 137 32.01 -32.30 48.26
N LYS E 138 31.98 -33.57 48.67
CA LYS E 138 32.39 -34.65 47.77
C LYS E 138 31.50 -34.69 46.53
N GLN E 139 30.19 -34.49 46.70
CA GLN E 139 29.33 -34.42 45.52
C GLN E 139 29.73 -33.25 44.65
N ILE E 140 30.09 -32.12 45.27
CA ILE E 140 30.68 -31.02 44.51
C ILE E 140 32.04 -31.45 43.96
N GLU E 141 32.78 -32.23 44.72
CA GLU E 141 34.04 -32.78 44.22
C GLU E 141 33.83 -33.84 43.15
N GLN E 142 32.59 -34.08 42.75
CA GLN E 142 32.28 -35.01 41.66
C GLN E 142 32.10 -34.29 40.33
N ASN E 143 31.39 -33.17 40.33
CA ASN E 143 30.94 -32.53 39.08
C ASN E 143 32.08 -31.81 38.38
N SER E 144 33.12 -32.56 38.02
CA SER E 144 34.30 -32.02 37.36
C SER E 144 34.38 -32.43 35.90
N GLN E 145 33.23 -32.47 35.23
CA GLN E 145 33.21 -32.79 33.80
C GLN E 145 33.43 -31.56 32.94
N ARG E 146 32.63 -30.51 33.17
CA ARG E 146 32.60 -29.35 32.30
C ARG E 146 33.13 -28.12 33.03
N SER E 147 33.05 -26.98 32.33
CA SER E 147 33.42 -25.67 32.86
C SER E 147 32.26 -24.73 32.59
N THR E 148 31.56 -24.33 33.65
CA THR E 148 30.33 -23.55 33.52
C THR E 148 30.60 -22.06 33.35
N LEU E 149 31.80 -21.73 32.86
CA LEU E 149 32.14 -20.35 32.56
C LEU E 149 31.18 -19.75 31.54
N ALA E 150 30.93 -20.48 30.45
CA ALA E 150 30.15 -19.94 29.34
C ALA E 150 28.72 -19.68 29.73
N GLY E 151 28.12 -20.61 30.44
CA GLY E 151 26.74 -20.41 30.88
C GLY E 151 26.61 -19.23 31.81
N ALA E 152 27.55 -19.09 32.73
CA ALA E 152 27.55 -17.93 33.61
C ALA E 152 27.69 -16.66 32.79
N MET E 153 28.57 -16.68 31.80
CA MET E 153 28.76 -15.53 30.93
C MET E 153 27.47 -15.14 30.27
N SER E 154 26.80 -16.13 29.68
CA SER E 154 25.55 -15.86 28.99
C SER E 154 24.52 -15.31 29.95
N ALA E 155 24.34 -15.95 31.11
CA ALA E 155 23.33 -15.50 32.05
C ALA E 155 23.61 -14.09 32.53
N GLY E 156 24.89 -13.75 32.68
CA GLY E 156 25.24 -12.38 32.97
C GLY E 156 24.78 -11.46 31.86
N LEU E 157 25.07 -11.84 30.62
CA LEU E 157 24.60 -11.04 29.49
C LEU E 157 23.09 -10.89 29.55
N THR E 158 22.40 -11.97 29.93
CA THR E 158 20.94 -11.98 29.95
C THR E 158 20.42 -11.00 30.96
N TYR E 159 20.97 -11.03 32.17
CA TYR E 159 20.51 -10.10 33.20
C TYR E 159 20.88 -8.67 32.83
N VAL E 160 22.05 -8.48 32.22
CA VAL E 160 22.42 -7.15 31.73
C VAL E 160 21.36 -6.64 30.77
N ASN E 161 21.02 -7.48 29.81
CA ASN E 161 20.00 -7.11 28.84
C ASN E 161 18.66 -6.93 29.52
N ARG E 162 18.41 -7.70 30.57
CA ARG E 162 17.15 -7.56 31.28
C ARG E 162 17.04 -6.18 31.86
N ILE E 163 18.16 -5.66 32.39
CA ILE E 163 18.22 -4.25 32.78
C ILE E 163 18.07 -3.33 31.56
N SER E 164 18.94 -3.50 30.59
CA SER E 164 19.05 -2.53 29.52
C SER E 164 17.75 -2.39 28.74
N LYS E 165 17.06 -3.50 28.51
CA LYS E 165 15.73 -3.47 27.91
C LYS E 165 14.68 -3.04 28.93
N GLU E 166 14.85 -3.44 30.20
CA GLU E 166 13.98 -2.91 31.25
C GLU E 166 14.29 -1.45 31.54
N SER E 167 15.57 -1.08 31.52
CA SER E 167 15.97 0.31 31.74
C SER E 167 16.08 0.98 30.37
N VAL E 168 14.91 1.33 29.83
CA VAL E 168 14.87 2.18 28.65
C VAL E 168 15.27 3.60 29.03
N THR E 169 14.58 4.17 30.02
CA THR E 169 15.04 5.42 30.62
C THR E 169 16.32 5.16 31.42
N THR E 170 17.22 6.13 31.40
CA THR E 170 18.55 6.00 31.99
C THR E 170 19.28 4.79 31.37
N SER E 171 19.51 4.89 30.06
CA SER E 171 20.16 3.81 29.33
C SER E 171 21.60 3.65 29.82
N LEU E 172 21.88 2.50 30.41
CA LEU E 172 23.24 2.22 30.87
C LEU E 172 24.15 1.94 29.69
N LYS E 173 25.36 2.46 29.74
CA LYS E 173 26.41 2.08 28.81
C LYS E 173 27.31 1.11 29.56
N SER E 174 27.01 -0.18 29.46
CA SER E 174 27.50 -1.20 30.38
C SER E 174 28.56 -2.08 29.73
N ARG E 175 29.20 -2.89 30.57
CA ARG E 175 30.28 -3.78 30.14
C ARG E 175 30.58 -4.76 31.26
N LEU E 176 31.40 -5.77 30.94
CA LEU E 176 31.65 -6.87 31.84
C LEU E 176 33.13 -7.12 32.02
N LEU E 177 33.45 -7.94 33.02
CA LEU E 177 34.80 -8.44 33.24
C LEU E 177 34.77 -9.92 33.54
N VAL E 178 35.78 -10.63 33.06
CA VAL E 178 35.95 -12.05 33.31
C VAL E 178 37.14 -12.24 34.23
N LEU E 179 37.04 -13.20 35.13
CA LEU E 179 38.15 -13.58 35.97
C LEU E 179 38.26 -15.09 36.05
N THR E 180 39.49 -15.58 35.97
CA THR E 180 39.75 -17.02 36.02
C THR E 180 41.06 -17.27 36.76
N CYS E 181 40.97 -17.98 37.87
CA CYS E 181 42.16 -18.55 38.49
C CYS E 181 42.59 -19.73 37.62
N GLY E 182 43.43 -19.45 36.62
CA GLY E 182 43.65 -20.41 35.55
C GLY E 182 44.45 -21.61 35.99
N SER E 183 44.16 -22.75 35.35
CA SER E 183 44.75 -24.02 35.73
C SER E 183 44.84 -24.92 34.50
N GLY E 184 45.10 -26.20 34.74
CA GLY E 184 45.26 -27.21 33.68
C GLY E 184 44.35 -28.39 33.89
N SER E 185 44.91 -29.58 33.59
CA SER E 185 44.25 -30.89 33.61
C SER E 185 43.22 -31.03 32.49
N SER E 186 42.98 -29.94 31.76
CA SER E 186 42.18 -29.97 30.53
C SER E 186 42.79 -28.89 29.64
N LYS E 187 43.69 -29.29 28.74
CA LYS E 187 44.55 -28.34 28.06
C LYS E 187 43.72 -27.30 27.31
N ASP E 188 42.79 -27.75 26.46
CA ASP E 188 41.88 -26.84 25.77
C ASP E 188 40.52 -27.52 25.74
N GLU E 189 39.70 -27.24 26.74
CA GLU E 189 38.30 -27.65 26.69
C GLU E 189 37.66 -27.01 25.47
N ILE E 190 37.29 -27.82 24.48
CA ILE E 190 36.75 -27.30 23.24
C ILE E 190 35.21 -27.30 23.23
N PHE E 191 34.58 -28.03 24.15
CA PHE E 191 33.13 -28.20 24.10
C PHE E 191 32.41 -26.86 24.23
N GLN E 192 32.85 -26.02 25.15
CA GLN E 192 32.19 -24.77 25.47
C GLN E 192 32.55 -23.64 24.51
N TYR E 193 33.38 -23.91 23.51
CA TYR E 193 33.91 -22.85 22.68
C TYR E 193 32.84 -22.21 21.83
N ILE E 194 31.94 -23.01 21.28
CA ILE E 194 30.87 -22.53 20.40
C ILE E 194 30.00 -21.48 21.11
N PRO E 195 29.36 -21.81 22.21
CA PRO E 195 28.52 -20.80 22.86
C PRO E 195 29.33 -19.65 23.40
N ILE E 196 30.63 -19.85 23.59
CA ILE E 196 31.51 -18.72 23.87
C ILE E 196 31.47 -17.75 22.70
N MET E 197 31.60 -18.26 21.48
CA MET E 197 31.44 -17.39 20.31
C MET E 197 30.05 -16.76 20.28
N ASN E 198 29.05 -17.54 20.65
CA ASN E 198 27.69 -17.01 20.64
C ASN E 198 27.57 -15.82 21.58
N CYS E 199 28.17 -15.94 22.76
CA CYS E 199 28.22 -14.81 23.69
C CYS E 199 28.99 -13.65 23.08
N ILE E 200 30.05 -13.95 22.32
CA ILE E 200 30.77 -12.90 21.62
C ILE E 200 29.78 -12.05 20.83
N PHE E 201 29.05 -12.67 19.93
CA PHE E 201 28.13 -11.91 19.08
C PHE E 201 27.04 -11.27 19.90
N SER E 202 26.59 -11.94 20.96
CA SER E 202 25.58 -11.37 21.82
C SER E 202 26.02 -10.01 22.34
N ALA E 203 27.26 -9.93 22.80
CA ALA E 203 27.78 -8.66 23.31
C ALA E 203 28.00 -7.66 22.19
N THR E 204 28.58 -8.12 21.08
CA THR E 204 28.88 -7.22 19.99
C THR E 204 27.61 -6.51 19.51
N LYS E 205 26.58 -7.28 19.17
CA LYS E 205 25.31 -6.67 18.83
C LYS E 205 24.77 -5.86 20.00
N MET E 206 24.85 -6.41 21.21
CA MET E 206 24.41 -5.66 22.37
C MET E 206 25.33 -4.49 22.68
N LYS E 207 26.41 -4.33 21.93
CA LYS E 207 27.29 -3.17 22.07
C LYS E 207 27.86 -3.10 23.49
N CYS E 208 28.62 -4.12 23.86
CA CYS E 208 29.07 -4.27 25.23
C CYS E 208 30.55 -4.60 25.30
N PRO E 209 31.38 -3.75 25.88
CA PRO E 209 32.76 -4.10 26.12
C PRO E 209 32.86 -5.28 27.09
N ILE E 210 33.86 -6.13 26.87
CA ILE E 210 34.04 -7.31 27.68
C ILE E 210 35.55 -7.52 27.86
N ASP E 211 36.04 -7.22 29.06
CA ASP E 211 37.45 -7.34 29.40
C ASP E 211 37.69 -8.60 30.25
N VAL E 212 38.94 -9.03 30.29
CA VAL E 212 39.26 -10.35 30.82
C VAL E 212 40.47 -10.27 31.75
N VAL E 213 40.42 -11.06 32.83
CA VAL E 213 41.58 -11.25 33.69
C VAL E 213 41.68 -12.73 34.01
N LYS E 214 42.55 -13.43 33.29
CA LYS E 214 42.88 -14.81 33.65
C LYS E 214 44.09 -14.81 34.58
N ILE E 215 43.97 -15.52 35.67
CA ILE E 215 45.03 -15.60 36.67
C ILE E 215 45.46 -17.06 36.69
N GLY E 216 46.43 -17.41 35.85
CA GLY E 216 46.74 -18.82 35.74
C GLY E 216 48.07 -19.03 35.08
N GLY E 217 48.42 -20.31 34.94
CA GLY E 217 49.68 -20.72 34.37
C GLY E 217 49.91 -20.11 32.99
N SER E 218 51.13 -20.25 32.49
CA SER E 218 51.55 -19.54 31.30
C SER E 218 50.83 -20.11 30.08
N LYS E 219 49.53 -19.88 30.02
CA LYS E 219 48.68 -20.38 28.94
C LYS E 219 47.80 -19.25 28.47
N GLU E 220 47.89 -18.90 27.19
CA GLU E 220 47.07 -17.86 26.60
C GLU E 220 45.76 -18.49 26.16
N SER E 221 44.67 -18.16 26.86
CA SER E 221 43.38 -18.74 26.53
C SER E 221 42.89 -18.15 25.22
N THR E 222 43.29 -18.77 24.11
CA THR E 222 42.96 -18.23 22.80
C THR E 222 41.47 -18.04 22.64
N PHE E 223 40.65 -18.87 23.30
CA PHE E 223 39.22 -18.64 23.31
C PHE E 223 38.99 -17.22 23.77
N LEU E 224 39.32 -16.99 25.04
CA LEU E 224 39.12 -15.68 25.63
C LEU E 224 40.01 -14.64 24.99
N GLN E 225 41.18 -15.07 24.50
CA GLN E 225 42.07 -14.14 23.82
C GLN E 225 41.37 -13.46 22.66
N GLN E 226 40.97 -14.23 21.66
CA GLN E 226 40.26 -13.66 20.53
C GLN E 226 38.90 -13.10 20.94
N THR E 227 38.32 -13.61 22.03
CA THR E 227 37.07 -13.05 22.53
C THR E 227 37.23 -11.58 22.88
N THR E 228 38.10 -11.27 23.83
CA THR E 228 38.38 -9.88 24.14
C THR E 228 38.89 -9.14 22.91
N ASP E 229 39.67 -9.82 22.08
CA ASP E 229 40.27 -9.21 20.92
C ASP E 229 39.22 -8.56 20.05
N ALA E 230 38.30 -9.37 19.51
CA ALA E 230 37.26 -8.79 18.66
C ALA E 230 36.29 -7.97 19.49
N THR E 231 35.76 -8.54 20.56
CA THR E 231 34.72 -7.92 21.38
C THR E 231 35.25 -6.80 22.25
N ASN E 232 36.49 -6.37 22.02
CA ASN E 232 37.05 -5.16 22.61
C ASN E 232 37.11 -5.25 24.14
N GLY E 233 37.97 -6.14 24.62
CA GLY E 233 38.38 -6.05 26.00
C GLY E 233 39.87 -5.83 26.14
N VAL E 234 40.43 -6.16 27.30
CA VAL E 234 41.84 -6.03 27.58
C VAL E 234 42.33 -7.31 28.23
N TYR E 235 43.48 -7.83 27.79
CA TYR E 235 43.94 -9.15 28.17
C TYR E 235 44.81 -9.07 29.41
N LEU E 236 44.40 -9.77 30.46
CA LEU E 236 45.11 -9.83 31.72
C LEU E 236 45.50 -11.28 31.99
N HIS E 237 46.66 -11.69 31.47
CA HIS E 237 47.28 -12.94 31.85
C HIS E 237 48.34 -12.60 32.89
N VAL E 238 48.09 -13.02 34.13
CA VAL E 238 48.87 -12.52 35.25
C VAL E 238 49.49 -13.68 36.02
N GLU E 239 50.26 -13.34 37.06
CA GLU E 239 50.72 -14.29 38.05
C GLU E 239 49.86 -14.18 39.30
N SER E 240 50.11 -15.06 40.27
CA SER E 240 49.15 -15.23 41.36
C SER E 240 49.28 -14.18 42.45
N THR E 241 50.41 -14.18 43.17
CA THR E 241 50.45 -13.50 44.47
C THR E 241 50.54 -11.99 44.37
N GLU E 242 50.76 -11.42 43.18
CA GLU E 242 50.83 -9.96 43.07
C GLU E 242 49.51 -9.36 43.49
N GLY E 243 49.58 -8.28 44.26
CA GLY E 243 48.38 -7.58 44.62
C GLY E 243 47.76 -6.96 43.39
N LEU E 244 46.70 -7.58 42.90
CA LEU E 244 46.18 -7.26 41.57
C LEU E 244 45.64 -5.86 41.48
N ILE E 245 45.38 -5.22 42.63
CA ILE E 245 44.73 -3.92 42.74
C ILE E 245 45.23 -2.94 41.69
N GLN E 246 46.54 -2.92 41.45
CA GLN E 246 47.09 -2.00 40.47
C GLN E 246 46.57 -2.32 39.07
N TYR E 247 46.69 -3.58 38.65
CA TYR E 247 46.16 -3.96 37.34
C TYR E 247 44.67 -3.70 37.27
N LEU E 248 43.97 -3.94 38.37
CA LEU E 248 42.52 -3.72 38.41
C LEU E 248 42.22 -2.26 38.09
N ALA E 249 42.71 -1.37 38.95
CA ALA E 249 42.41 0.04 38.81
C ALA E 249 42.94 0.62 37.52
N THR E 250 43.97 0.03 36.93
CA THR E 250 44.49 0.58 35.70
C THR E 250 43.73 0.07 34.48
N ALA E 251 43.77 -1.24 34.25
CA ALA E 251 43.41 -1.77 32.94
C ALA E 251 41.91 -1.88 32.72
N MET E 252 41.12 -2.00 33.78
CA MET E 252 39.70 -2.26 33.64
C MET E 252 38.87 -1.10 34.18
N PHE E 253 39.29 0.12 33.86
CA PHE E 253 38.46 1.30 34.08
C PHE E 253 38.16 2.03 32.77
N ILE E 254 38.58 1.47 31.64
CA ILE E 254 38.55 2.22 30.38
C ILE E 254 37.11 2.45 29.95
N ASP E 255 36.40 1.37 29.71
CA ASP E 255 35.26 1.43 28.80
C ASP E 255 34.11 2.32 29.25
N PRO E 256 33.60 2.24 30.48
CA PRO E 256 32.17 2.55 30.74
C PRO E 256 31.55 3.63 29.88
N SER E 257 32.25 4.73 29.69
CA SER E 257 31.89 5.71 28.67
C SER E 257 33.04 6.06 27.77
N LEU E 258 34.27 5.74 28.13
CA LEU E 258 35.36 6.46 27.52
C LEU E 258 35.78 5.90 26.16
N ARG E 259 36.50 4.79 26.20
CA ARG E 259 37.30 4.21 25.12
C ARG E 259 38.01 5.18 24.17
N PRO E 260 38.62 6.29 24.62
CA PRO E 260 39.55 7.00 23.74
C PRO E 260 41.02 6.71 24.05
N ILE E 261 41.29 5.76 24.93
CA ILE E 261 42.63 5.53 25.43
C ILE E 261 43.21 4.32 24.72
N ILE E 262 44.53 4.33 24.57
CA ILE E 262 45.25 3.19 24.05
C ILE E 262 44.90 1.96 24.88
N VAL E 263 44.30 0.96 24.24
CA VAL E 263 43.97 -0.27 24.95
C VAL E 263 45.27 -0.97 25.35
N LYS E 264 45.16 -1.79 26.39
CA LYS E 264 46.30 -2.60 26.80
C LYS E 264 46.02 -4.08 26.54
N PRO E 265 46.22 -4.56 25.33
CA PRO E 265 46.16 -6.01 25.09
C PRO E 265 47.50 -6.66 25.36
N ASN E 266 47.52 -7.99 25.25
CA ASN E 266 48.77 -8.74 25.28
C ASN E 266 49.42 -8.64 23.92
N HIS E 267 50.38 -9.51 23.64
CA HIS E 267 50.94 -9.57 22.30
C HIS E 267 49.87 -10.02 21.31
N GLY E 268 50.24 -10.17 20.04
CA GLY E 268 49.31 -10.37 18.95
C GLY E 268 48.20 -11.40 19.12
N SER E 269 47.15 -11.24 18.32
CA SER E 269 45.91 -12.00 18.46
C SER E 269 45.53 -12.75 17.18
N VAL E 270 46.49 -13.52 16.65
CA VAL E 270 46.34 -14.20 15.36
C VAL E 270 45.00 -14.91 15.26
N ASP E 271 44.44 -14.89 14.05
CA ASP E 271 43.18 -15.52 13.74
C ASP E 271 43.37 -16.80 12.91
N PHE E 272 44.50 -17.46 13.05
CA PHE E 272 44.64 -18.84 12.56
C PHE E 272 43.96 -19.75 13.57
N ARG E 273 42.66 -20.01 13.34
CA ARG E 273 41.77 -20.49 14.40
C ARG E 273 41.87 -21.98 14.67
N THR E 274 40.85 -22.49 15.37
CA THR E 274 40.85 -23.85 15.89
C THR E 274 41.26 -24.86 14.83
N SER E 275 41.85 -25.95 15.30
CA SER E 275 42.51 -26.91 14.44
C SER E 275 41.50 -27.70 13.61
N CYS E 276 42.05 -28.54 12.73
CA CYS E 276 41.25 -29.58 12.10
C CYS E 276 40.61 -30.46 13.17
N TYR E 277 39.31 -30.70 13.03
CA TYR E 277 38.61 -31.49 14.04
C TYR E 277 39.22 -32.88 14.16
N LEU E 278 39.79 -33.41 13.08
CA LEU E 278 40.43 -34.71 13.15
C LEU E 278 41.88 -34.59 13.63
N THR E 279 42.68 -33.79 12.93
CA THR E 279 44.11 -33.71 13.23
C THR E 279 44.37 -33.15 14.61
N GLY E 280 43.74 -32.02 14.94
CA GLY E 280 43.98 -31.36 16.19
C GLY E 280 45.13 -30.37 16.17
N ARG E 281 45.85 -30.26 15.06
CA ARG E 281 46.91 -29.27 14.93
C ARG E 281 46.35 -28.03 14.23
N VAL E 282 46.62 -26.86 14.82
CA VAL E 282 45.97 -25.62 14.43
C VAL E 282 46.11 -25.40 12.93
N VAL E 283 44.99 -25.14 12.26
CA VAL E 283 44.94 -25.10 10.80
C VAL E 283 44.85 -23.65 10.34
N ALA E 284 45.45 -23.38 9.18
CA ALA E 284 45.60 -22.03 8.66
C ALA E 284 44.86 -21.82 7.36
N VAL E 285 45.10 -22.67 6.36
CA VAL E 285 44.41 -22.58 5.07
C VAL E 285 43.25 -23.55 5.10
N GLY E 286 42.04 -23.02 4.94
CA GLY E 286 40.86 -23.79 5.26
C GLY E 286 40.68 -24.99 4.37
N PHE E 287 40.32 -26.12 4.99
CA PHE E 287 39.74 -27.29 4.35
C PHE E 287 38.45 -27.54 5.14
N ILE E 288 37.39 -26.83 4.77
CA ILE E 288 36.19 -26.75 5.60
C ILE E 288 35.09 -27.59 4.95
N CYS E 289 34.50 -28.49 5.74
CA CYS E 289 33.78 -29.62 5.17
C CYS E 289 32.53 -29.24 4.39
N SER E 290 31.51 -28.72 5.08
CA SER E 290 30.18 -28.66 4.46
C SER E 290 29.25 -27.84 5.32
N VAL E 291 27.94 -27.95 5.07
CA VAL E 291 26.94 -27.50 6.03
C VAL E 291 27.29 -27.97 7.44
N CYS E 292 27.99 -29.08 7.56
CA CYS E 292 28.56 -29.46 8.86
C CYS E 292 29.52 -28.40 9.35
N LEU E 293 30.31 -27.83 8.44
CA LEU E 293 31.39 -26.89 8.76
C LEU E 293 32.43 -27.51 9.69
N CYS E 294 32.52 -28.83 9.71
CA CYS E 294 33.69 -29.45 10.31
C CYS E 294 34.92 -28.92 9.59
N VAL E 295 35.83 -28.34 10.36
CA VAL E 295 37.06 -27.80 9.81
C VAL E 295 38.11 -28.89 9.89
N LEU E 296 38.66 -29.25 8.73
CA LEU E 296 39.50 -30.42 8.61
C LEU E 296 40.83 -30.09 7.94
N SER E 297 41.74 -31.06 8.01
CA SER E 297 43.07 -30.96 7.41
C SER E 297 43.04 -31.56 6.00
N ILE E 298 44.22 -31.86 5.44
CA ILE E 298 44.37 -32.54 4.17
C ILE E 298 43.87 -34.03 4.29
N ILE E 299 43.32 -34.22 5.54
CA ILE E 299 42.89 -35.69 5.87
C ILE E 299 41.80 -36.19 5.02
N PRO E 300 40.73 -35.50 4.63
CA PRO E 300 39.34 -36.02 4.62
C PRO E 300 39.25 -37.48 4.20
N PRO E 301 38.47 -38.28 4.91
CA PRO E 301 38.45 -39.73 4.66
C PRO E 301 38.01 -40.12 3.26
N GLY E 302 37.83 -39.13 2.38
CA GLY E 302 37.28 -39.34 1.07
C GLY E 302 35.77 -39.31 1.04
N ASN E 303 35.14 -39.17 2.20
CA ASN E 303 33.71 -39.33 2.39
C ASN E 303 33.44 -39.02 3.86
N LYS E 304 32.19 -38.69 4.16
CA LYS E 304 31.65 -38.78 5.52
C LYS E 304 32.65 -38.19 6.53
N CYS E 305 32.82 -36.86 6.44
CA CYS E 305 33.79 -36.14 7.25
C CYS E 305 33.72 -36.60 8.70
N PRO E 306 34.84 -36.64 9.41
CA PRO E 306 34.78 -37.19 10.77
C PRO E 306 34.18 -36.22 11.77
N ALA E 307 33.14 -35.52 11.34
CA ALA E 307 32.17 -34.90 12.23
C ALA E 307 30.72 -35.09 11.80
N CYS E 308 30.44 -35.17 10.50
CA CYS E 308 29.09 -35.37 10.00
C CYS E 308 29.08 -36.53 9.01
N ASP E 309 28.08 -37.40 9.15
CA ASP E 309 27.90 -38.51 8.24
C ASP E 309 27.29 -37.96 6.94
N SER E 310 28.16 -37.43 6.10
CA SER E 310 27.74 -36.85 4.83
C SER E 310 28.87 -37.01 3.83
N GLN E 311 28.58 -37.67 2.71
CA GLN E 311 29.60 -38.00 1.74
C GLN E 311 29.98 -36.78 0.90
N PHE E 312 31.13 -36.88 0.26
CA PHE E 312 31.59 -35.90 -0.72
C PHE E 312 32.10 -36.63 -1.95
N ASP E 313 31.71 -36.13 -3.13
CA ASP E 313 32.09 -36.73 -4.39
C ASP E 313 33.58 -37.04 -4.42
N GLU E 314 33.90 -38.33 -4.65
CA GLU E 314 35.31 -38.72 -4.69
C GLU E 314 36.04 -38.04 -5.84
N HIS E 315 35.35 -37.74 -6.94
CA HIS E 315 35.94 -36.92 -7.98
C HIS E 315 36.19 -35.50 -7.46
N VAL E 316 35.30 -34.99 -6.62
CA VAL E 316 35.56 -33.73 -5.96
C VAL E 316 36.75 -33.85 -5.02
N ILE E 317 36.95 -35.03 -4.44
CA ILE E 317 38.16 -35.27 -3.64
C ILE E 317 39.38 -35.21 -4.52
N ALA E 318 39.27 -35.71 -5.76
CA ALA E 318 40.37 -35.57 -6.70
C ALA E 318 40.62 -34.11 -7.04
N LYS E 319 39.55 -33.34 -7.18
CA LYS E 319 39.69 -31.90 -7.40
C LYS E 319 40.40 -31.23 -6.23
N LEU E 320 40.10 -31.68 -5.02
CA LEU E 320 40.76 -31.13 -3.84
C LEU E 320 42.24 -31.50 -3.81
N LYS E 321 42.54 -32.79 -3.99
CA LYS E 321 43.93 -33.26 -4.04
C LYS E 321 44.61 -32.96 -5.36
N ARG E 322 44.00 -32.14 -6.21
CA ARG E 322 44.66 -31.68 -7.41
C ARG E 322 45.82 -30.75 -7.09
N LYS E 323 45.96 -30.32 -5.84
CA LYS E 323 47.10 -29.52 -5.41
C LYS E 323 48.41 -30.31 -5.54
N LYS F 107 -3.90 -19.79 25.27
CA LYS F 107 -3.95 -18.81 24.19
C LYS F 107 -2.57 -18.63 23.59
N LYS F 108 -2.23 -19.49 22.64
CA LYS F 108 -0.94 -19.49 21.99
C LYS F 108 -1.13 -19.66 20.48
N ARG F 109 -0.24 -19.02 19.71
CA ARG F 109 -0.20 -19.19 18.26
C ARG F 109 1.26 -19.48 17.93
N THR F 110 1.63 -20.75 18.05
CA THR F 110 3.04 -21.13 18.12
C THR F 110 3.34 -22.24 17.12
N ALA F 111 4.51 -22.15 16.48
CA ALA F 111 4.97 -23.20 15.60
C ALA F 111 5.13 -24.51 16.38
N LYS F 112 4.23 -25.47 16.11
CA LYS F 112 4.19 -26.69 16.91
C LYS F 112 5.47 -27.49 16.78
N LYS F 113 5.97 -27.62 15.56
CA LYS F 113 7.19 -28.35 15.29
C LYS F 113 8.21 -27.47 14.58
N ASN F 114 9.20 -27.00 15.32
CA ASN F 114 10.24 -26.14 14.77
C ASN F 114 11.37 -26.93 14.13
N ILE F 115 11.10 -27.51 12.97
CA ILE F 115 12.11 -28.29 12.25
C ILE F 115 13.26 -27.41 11.81
N THR F 116 14.45 -27.68 12.34
CA THR F 116 15.63 -26.90 11.99
C THR F 116 16.90 -27.74 12.03
N PRO F 117 16.85 -28.91 12.70
CA PRO F 117 17.99 -29.81 12.82
C PRO F 117 18.26 -30.59 11.52
N TYR F 118 18.81 -29.90 10.53
CA TYR F 118 19.11 -30.53 9.24
C TYR F 118 20.11 -29.69 8.46
N GLN F 119 19.67 -29.16 7.32
CA GLN F 119 20.51 -28.33 6.48
C GLN F 119 19.68 -27.31 5.70
N ARG F 120 19.90 -26.03 5.99
CA ARG F 120 19.16 -24.97 5.32
C ARG F 120 20.07 -24.30 4.29
N GLY F 121 19.53 -23.36 3.54
CA GLY F 121 20.33 -22.68 2.53
C GLY F 121 21.17 -21.58 3.12
N ILE F 122 22.48 -21.77 3.18
CA ILE F 122 23.35 -20.85 3.92
C ILE F 122 23.94 -19.78 3.01
N ILE F 123 24.76 -20.20 2.05
CA ILE F 123 25.39 -19.24 1.14
C ILE F 123 24.40 -18.92 0.05
N ARG F 124 23.57 -17.91 0.30
CA ARG F 124 22.46 -17.57 -0.57
C ARG F 124 22.83 -16.35 -1.40
N SER F 125 22.75 -16.50 -2.72
CA SER F 125 22.97 -15.39 -3.64
C SER F 125 21.64 -14.67 -3.77
N LEU F 126 21.37 -13.77 -2.85
CA LEU F 126 20.04 -13.19 -2.77
C LEU F 126 19.98 -11.94 -3.65
N ILE F 127 18.88 -11.77 -4.35
CA ILE F 127 18.67 -10.61 -5.19
C ILE F 127 17.26 -10.13 -4.88
N LEU F 128 17.16 -9.08 -4.08
CA LEU F 128 15.89 -8.41 -4.00
C LEU F 128 15.61 -7.75 -5.33
N THR F 129 14.36 -7.82 -5.76
CA THR F 129 13.90 -7.06 -6.90
C THR F 129 12.90 -6.02 -6.43
N LEU F 130 12.95 -4.83 -7.01
CA LEU F 130 12.05 -3.78 -6.62
C LEU F 130 11.17 -3.37 -7.79
N ASP F 131 9.99 -2.88 -7.45
CA ASP F 131 9.08 -2.29 -8.40
C ASP F 131 8.98 -0.81 -8.06
N CYS F 132 9.44 0.05 -8.95
CA CYS F 132 9.27 1.49 -8.80
C CYS F 132 8.35 1.93 -9.92
N SER F 133 7.05 1.80 -9.69
CA SER F 133 6.05 2.13 -10.67
C SER F 133 5.04 3.08 -10.05
N GLU F 134 4.11 3.56 -10.88
CA GLU F 134 3.04 4.39 -10.36
C GLU F 134 2.21 3.64 -9.32
N ALA F 135 2.26 2.30 -9.34
CA ALA F 135 1.57 1.52 -8.33
C ALA F 135 2.12 1.79 -6.93
N MET F 136 3.44 1.88 -6.81
CA MET F 136 4.04 2.10 -5.50
C MET F 136 3.77 3.47 -4.94
N LEU F 137 3.25 4.39 -5.75
CA LEU F 137 2.86 5.69 -5.23
C LEU F 137 1.66 5.58 -4.32
N GLU F 138 0.68 4.75 -4.70
CA GLU F 138 -0.71 4.96 -4.31
C GLU F 138 -0.89 5.10 -2.81
N LYS F 139 -1.95 5.81 -2.43
CA LYS F 139 -2.19 6.21 -1.05
C LYS F 139 -2.99 5.13 -0.33
N ASP F 140 -2.27 4.10 0.13
CA ASP F 140 -2.85 3.16 1.07
C ASP F 140 -1.91 2.94 2.24
N LEU F 141 -0.61 3.14 2.03
CA LEU F 141 0.33 3.09 3.13
C LEU F 141 0.64 4.50 3.62
N ARG F 142 1.17 4.56 4.83
CA ARG F 142 1.22 5.88 5.56
C ARG F 142 2.01 6.86 4.80
N PRO F 143 3.33 6.79 4.51
CA PRO F 143 3.95 7.71 3.61
C PRO F 143 3.58 7.40 2.17
N ASN F 144 3.70 6.12 1.83
CA ASN F 144 3.33 5.55 0.54
C ASN F 144 3.69 4.08 0.62
N ARG F 145 3.32 3.32 -0.42
CA ARG F 145 4.03 2.08 -0.60
C ARG F 145 5.50 2.40 -0.85
N HIS F 146 5.78 3.25 -1.84
CA HIS F 146 7.13 3.34 -2.40
C HIS F 146 8.23 3.62 -1.35
N ALA F 147 8.16 4.77 -0.70
CA ALA F 147 9.24 5.17 0.21
C ALA F 147 9.30 4.24 1.41
N MET F 148 8.15 3.80 1.90
CA MET F 148 8.15 2.81 2.97
C MET F 148 8.89 1.55 2.53
N ILE F 149 8.74 1.19 1.27
CA ILE F 149 9.43 0.00 0.76
C ILE F 149 10.92 0.26 0.72
N ILE F 150 11.32 1.45 0.29
CA ILE F 150 12.73 1.77 0.34
C ILE F 150 13.26 1.64 1.76
N GLN F 151 12.48 2.16 2.71
CA GLN F 151 12.83 2.10 4.11
C GLN F 151 13.08 0.66 4.55
N TYR F 152 12.05 -0.17 4.46
CA TYR F 152 12.16 -1.53 4.94
C TYR F 152 13.16 -2.34 4.13
N ALA F 153 13.45 -1.91 2.90
CA ALA F 153 14.50 -2.56 2.13
C ALA F 153 15.86 -2.28 2.74
N ILE F 154 16.11 -1.03 3.13
CA ILE F 154 17.35 -0.71 3.84
C ILE F 154 17.45 -1.54 5.11
N ASP F 155 16.33 -1.62 5.83
CA ASP F 155 16.26 -2.44 7.02
C ASP F 155 16.69 -3.87 6.70
N PHE F 156 16.18 -4.42 5.61
CA PHE F 156 16.55 -5.78 5.25
C PHE F 156 18.01 -5.88 4.86
N VAL F 157 18.57 -4.86 4.23
CA VAL F 157 19.99 -4.92 3.89
C VAL F 157 20.79 -5.17 5.16
N HIS F 158 20.50 -4.37 6.19
CA HIS F 158 21.24 -4.54 7.44
C HIS F 158 20.93 -5.89 8.07
N GLU F 159 19.65 -6.23 8.18
CA GLU F 159 19.24 -7.50 8.75
C GLU F 159 19.99 -8.66 8.08
N PHE F 160 19.84 -8.78 6.77
CA PHE F 160 20.45 -9.89 6.04
C PHE F 160 21.94 -9.92 6.24
N PHE F 161 22.63 -8.83 5.90
CA PHE F 161 24.08 -8.90 5.93
C PHE F 161 24.60 -9.12 7.33
N ASP F 162 23.82 -8.77 8.34
CA ASP F 162 24.12 -9.22 9.69
C ASP F 162 23.98 -10.73 9.81
N GLN F 163 22.77 -11.24 9.59
CA GLN F 163 22.48 -12.62 9.91
C GLN F 163 23.09 -13.58 8.90
N ASN F 164 23.25 -13.14 7.65
CA ASN F 164 23.88 -13.94 6.62
C ASN F 164 25.16 -13.24 6.19
N PRO F 165 26.12 -13.11 7.11
CA PRO F 165 27.27 -12.25 6.87
C PRO F 165 28.32 -12.88 5.96
N ILE F 166 27.99 -13.98 5.29
CA ILE F 166 28.89 -14.68 4.37
C ILE F 166 28.29 -14.81 2.99
N SER F 167 27.14 -14.19 2.76
CA SER F 167 26.44 -14.29 1.49
C SER F 167 26.62 -13.00 0.69
N GLN F 168 26.10 -13.02 -0.53
CA GLN F 168 26.26 -11.92 -1.46
C GLN F 168 24.89 -11.40 -1.88
N MET F 169 24.87 -10.34 -2.69
CA MET F 169 23.61 -9.68 -2.99
C MET F 169 23.77 -8.74 -4.18
N GLY F 170 22.73 -8.68 -5.00
CA GLY F 170 22.59 -7.61 -5.97
C GLY F 170 21.13 -7.21 -6.01
N ILE F 171 20.88 -5.95 -6.34
CA ILE F 171 19.54 -5.38 -6.19
C ILE F 171 19.07 -4.79 -7.51
N ILE F 172 17.80 -5.02 -7.83
CA ILE F 172 17.20 -4.64 -9.11
C ILE F 172 15.84 -4.03 -8.85
N ILE F 173 15.51 -2.97 -9.58
CA ILE F 173 14.21 -2.34 -9.48
C ILE F 173 13.50 -2.47 -10.83
N MET F 174 12.21 -2.13 -10.84
CA MET F 174 11.40 -2.18 -12.06
C MET F 174 10.64 -0.88 -12.21
N ARG F 175 10.70 -0.30 -13.42
CA ARG F 175 10.02 0.96 -13.71
C ARG F 175 9.63 1.02 -15.18
N ASN F 176 8.44 1.57 -15.45
CA ASN F 176 8.01 1.94 -16.80
C ASN F 176 8.07 0.75 -17.76
N GLY F 177 7.49 -0.36 -17.33
CA GLY F 177 7.57 -1.56 -18.15
C GLY F 177 9.01 -2.01 -18.37
N LEU F 178 9.89 -1.71 -17.43
CA LEU F 178 11.28 -2.12 -17.54
C LEU F 178 11.81 -2.39 -16.15
N ALA F 179 12.81 -3.26 -16.06
CA ALA F 179 13.46 -3.61 -14.81
C ALA F 179 14.89 -3.10 -14.79
N GLN F 180 15.34 -2.64 -13.62
CA GLN F 180 16.60 -1.91 -13.52
C GLN F 180 17.38 -2.39 -12.31
N LEU F 181 18.53 -3.00 -12.55
CA LEU F 181 19.45 -3.33 -11.46
C LEU F 181 19.99 -2.05 -10.83
N VAL F 182 20.14 -2.07 -9.51
CA VAL F 182 20.75 -0.96 -8.80
C VAL F 182 22.02 -1.36 -8.07
N SER F 183 22.38 -2.63 -8.03
CA SER F 183 23.59 -3.03 -7.32
C SER F 183 24.19 -4.26 -7.96
N GLN F 184 25.42 -4.12 -8.45
CA GLN F 184 26.25 -5.27 -8.82
C GLN F 184 26.34 -6.23 -7.64
N VAL F 185 26.71 -7.47 -7.90
CA VAL F 185 26.86 -8.44 -6.82
C VAL F 185 27.92 -7.91 -5.88
N SER F 186 27.52 -7.52 -4.66
CA SER F 186 28.38 -6.76 -3.76
C SER F 186 28.47 -7.36 -2.36
N GLY F 187 29.65 -7.37 -1.80
CA GLY F 187 29.86 -7.97 -0.50
C GLY F 187 30.17 -6.90 0.53
N ASN F 188 29.87 -5.66 0.17
CA ASN F 188 29.93 -4.55 1.10
C ASN F 188 28.54 -3.96 1.26
N PRO F 189 27.98 -3.95 2.48
CA PRO F 189 26.60 -3.49 2.63
C PRO F 189 26.39 -2.06 2.15
N GLN F 190 27.36 -1.19 2.39
CA GLN F 190 27.13 0.23 2.16
C GLN F 190 26.85 0.54 0.70
N ASP F 191 27.39 -0.25 -0.21
CA ASP F 191 27.03 -0.06 -1.62
C ASP F 191 25.53 -0.20 -1.80
N HIS F 192 24.96 -1.24 -1.22
CA HIS F 192 23.52 -1.40 -1.27
C HIS F 192 22.82 -0.25 -0.55
N ILE F 193 23.37 0.16 0.59
CA ILE F 193 22.71 1.19 1.40
C ILE F 193 22.60 2.48 0.61
N ASP F 194 23.72 2.94 0.05
CA ASP F 194 23.71 4.20 -0.66
C ASP F 194 23.01 4.07 -2.00
N ALA F 195 23.01 2.87 -2.59
CA ALA F 195 22.16 2.65 -3.75
C ALA F 195 20.71 2.91 -3.38
N LEU F 196 20.28 2.36 -2.25
CA LEU F 196 18.90 2.58 -1.82
C LEU F 196 18.62 4.05 -1.57
N LYS F 197 19.58 4.75 -0.97
CA LYS F 197 19.43 6.20 -0.82
C LYS F 197 19.20 6.86 -2.17
N SER F 198 20.13 6.60 -3.10
CA SER F 198 20.07 7.18 -4.44
C SER F 198 18.77 6.85 -5.12
N ILE F 199 18.16 5.73 -4.74
CA ILE F 199 16.87 5.36 -5.30
C ILE F 199 15.76 6.15 -4.67
N ARG F 200 15.73 6.22 -3.34
CA ARG F 200 14.58 6.82 -2.68
C ARG F 200 14.28 8.17 -3.23
N LYS F 201 15.35 8.92 -3.54
CA LYS F 201 15.10 10.25 -4.11
C LYS F 201 14.59 10.18 -5.55
N GLN F 202 15.07 9.21 -6.33
CA GLN F 202 14.43 8.96 -7.62
C GLN F 202 13.02 8.46 -7.38
N GLU F 203 12.14 8.67 -8.34
CA GLU F 203 10.74 8.40 -8.08
C GLU F 203 10.20 7.35 -9.03
N PRO F 204 9.14 6.62 -8.64
CA PRO F 204 8.63 5.53 -9.46
C PRO F 204 7.84 6.02 -10.65
N LYS F 205 7.79 5.16 -11.68
CA LYS F 205 7.01 5.47 -12.87
C LYS F 205 6.65 4.16 -13.58
N GLY F 206 5.56 4.22 -14.33
CA GLY F 206 5.19 3.10 -15.21
C GLY F 206 4.78 1.83 -14.47
N ASN F 207 5.26 0.69 -14.87
CA ASN F 207 4.71 -0.53 -14.28
C ASN F 207 5.78 -1.58 -14.41
N PRO F 208 5.63 -2.70 -13.70
CA PRO F 208 6.71 -3.70 -13.70
C PRO F 208 6.66 -4.60 -14.94
N SER F 209 7.82 -4.79 -15.57
CA SER F 209 7.97 -5.75 -16.66
C SER F 209 8.56 -7.04 -16.10
N LEU F 210 7.75 -7.70 -15.27
CA LEU F 210 8.16 -8.82 -14.45
C LEU F 210 9.11 -9.75 -15.19
N GLN F 211 8.77 -10.05 -16.45
CA GLN F 211 9.59 -10.97 -17.24
C GLN F 211 11.03 -10.49 -17.33
N ASN F 212 11.22 -9.19 -17.59
CA ASN F 212 12.57 -8.67 -17.74
C ASN F 212 13.35 -8.77 -16.44
N ALA F 213 12.69 -8.51 -15.31
CA ALA F 213 13.37 -8.67 -14.04
C ALA F 213 13.79 -10.11 -13.81
N LEU F 214 12.87 -11.04 -14.06
CA LEU F 214 13.20 -12.45 -13.93
C LEU F 214 14.39 -12.82 -14.80
N GLU F 215 14.41 -12.31 -16.03
CA GLU F 215 15.47 -12.71 -16.96
C GLU F 215 16.80 -12.07 -16.60
N MET F 216 16.77 -10.81 -16.17
CA MET F 216 17.99 -10.17 -15.71
C MET F 216 18.58 -10.94 -14.54
N ALA F 217 17.73 -11.28 -13.56
CA ALA F 217 18.20 -12.09 -12.46
C ALA F 217 18.76 -13.40 -12.95
N ARG F 218 18.06 -14.05 -13.89
CA ARG F 218 18.55 -15.31 -14.45
C ARG F 218 19.97 -15.15 -14.96
N GLY F 219 20.21 -14.10 -15.75
CA GLY F 219 21.55 -13.85 -16.23
C GLY F 219 22.53 -13.61 -15.10
N LEU F 220 22.07 -13.01 -14.02
CA LEU F 220 23.00 -12.61 -12.96
C LEU F 220 23.58 -13.81 -12.23
N LEU F 221 22.72 -14.69 -11.69
CA LEU F 221 23.16 -15.72 -10.77
C LEU F 221 23.86 -16.90 -11.43
N LEU F 222 24.17 -16.81 -12.72
CA LEU F 222 24.81 -17.95 -13.39
C LEU F 222 26.20 -18.26 -12.85
N PRO F 223 27.10 -17.28 -12.66
CA PRO F 223 28.43 -17.63 -12.14
C PRO F 223 28.45 -18.12 -10.71
N VAL F 224 27.29 -18.28 -10.07
CA VAL F 224 27.25 -18.76 -8.69
C VAL F 224 27.50 -20.28 -8.68
N PRO F 225 28.46 -20.77 -7.97
CA PRO F 225 28.71 -22.22 -7.96
C PRO F 225 27.66 -22.99 -7.19
N ALA F 226 27.87 -24.30 -6.97
CA ALA F 226 26.85 -25.12 -6.33
C ALA F 226 26.63 -24.72 -4.88
N HIS F 227 27.71 -24.74 -4.08
CA HIS F 227 27.61 -24.39 -2.67
C HIS F 227 26.98 -23.02 -2.49
N CYS F 228 27.29 -22.09 -3.38
CA CYS F 228 26.54 -20.85 -3.42
C CYS F 228 25.15 -21.16 -3.97
N THR F 229 24.13 -20.85 -3.19
CA THR F 229 22.78 -21.19 -3.60
C THR F 229 22.07 -19.96 -4.13
N ARG F 230 21.02 -20.20 -4.90
CA ARG F 230 20.39 -19.15 -5.71
C ARG F 230 18.96 -18.94 -5.25
N GLU F 231 18.67 -17.72 -4.77
CA GLU F 231 17.31 -17.31 -4.49
C GLU F 231 17.15 -15.85 -4.84
N VAL F 232 16.03 -15.53 -5.48
CA VAL F 232 15.66 -14.16 -5.76
C VAL F 232 14.63 -13.74 -4.74
N LEU F 233 14.35 -12.44 -4.68
CA LEU F 233 13.41 -11.92 -3.71
C LEU F 233 12.55 -10.87 -4.38
N ILE F 234 11.37 -11.28 -4.81
CA ILE F 234 10.44 -10.32 -5.37
C ILE F 234 9.92 -9.42 -4.26
N VAL F 235 9.61 -8.18 -4.62
CA VAL F 235 8.82 -7.29 -3.80
C VAL F 235 7.79 -6.66 -4.72
N PHE F 236 6.52 -6.97 -4.51
CA PHE F 236 5.48 -6.64 -5.47
C PHE F 236 4.34 -5.90 -4.80
N GLY F 237 3.82 -4.89 -5.50
CA GLY F 237 2.69 -4.12 -5.03
C GLY F 237 1.73 -3.73 -6.13
N SER F 238 2.03 -4.18 -7.35
CA SER F 238 1.21 -3.87 -8.52
C SER F 238 0.09 -4.89 -8.69
N LEU F 239 -0.82 -4.58 -9.61
CA LEU F 239 -1.92 -5.49 -9.94
C LEU F 239 -1.77 -6.10 -11.32
N SER F 240 -0.63 -5.87 -11.98
CA SER F 240 -0.39 -6.46 -13.29
C SER F 240 1.07 -6.25 -13.66
N THR F 241 1.49 -6.94 -14.71
CA THR F 241 2.86 -6.98 -15.20
C THR F 241 2.91 -6.44 -16.63
N THR F 242 4.07 -6.59 -17.26
CA THR F 242 4.24 -6.24 -18.67
C THR F 242 5.29 -7.18 -19.25
N ASP F 243 4.84 -8.22 -19.94
CA ASP F 243 5.97 -9.07 -20.28
C ASP F 243 6.37 -8.88 -21.74
N PRO F 244 7.66 -8.94 -22.02
CA PRO F 244 8.12 -9.04 -23.42
C PRO F 244 8.50 -10.45 -23.86
N GLY F 245 8.59 -11.38 -22.91
CA GLY F 245 8.99 -12.74 -23.22
C GLY F 245 8.07 -13.73 -22.56
N ASP F 246 7.93 -14.89 -23.20
CA ASP F 246 6.99 -15.91 -22.72
C ASP F 246 7.30 -16.27 -21.28
N ILE F 247 6.27 -16.25 -20.45
CA ILE F 247 6.49 -16.25 -19.01
C ILE F 247 6.81 -17.65 -18.51
N HIS F 248 5.88 -18.60 -18.69
CA HIS F 248 6.09 -19.92 -18.13
C HIS F 248 7.26 -20.59 -18.81
N GLN F 249 7.59 -20.17 -20.02
CA GLN F 249 8.87 -20.49 -20.64
C GLN F 249 10.03 -20.16 -19.71
N THR F 250 10.10 -18.89 -19.30
CA THR F 250 11.23 -18.47 -18.46
C THR F 250 11.13 -19.06 -17.07
N ILE F 251 9.92 -19.29 -16.56
CA ILE F 251 9.77 -19.98 -15.29
C ILE F 251 10.36 -21.37 -15.38
N ASP F 252 10.08 -22.06 -16.48
CA ASP F 252 10.66 -23.37 -16.70
C ASP F 252 12.18 -23.29 -16.69
N SER F 253 12.74 -22.33 -17.42
CA SER F 253 14.18 -22.17 -17.40
C SER F 253 14.70 -21.96 -15.98
N LEU F 254 14.02 -21.09 -15.24
CA LEU F 254 14.45 -20.70 -13.90
C LEU F 254 14.48 -21.90 -12.97
N VAL F 255 13.32 -22.48 -12.70
CA VAL F 255 13.27 -23.61 -11.78
C VAL F 255 13.95 -24.84 -12.36
N SER F 256 14.21 -24.86 -13.66
CA SER F 256 15.08 -25.90 -14.20
C SER F 256 16.53 -25.63 -13.86
N GLU F 257 16.86 -24.40 -13.52
CA GLU F 257 18.19 -24.08 -13.01
C GLU F 257 18.19 -23.82 -11.50
N LYS F 258 17.22 -24.40 -10.78
CA LYS F 258 17.32 -24.63 -9.34
C LYS F 258 17.34 -23.33 -8.52
N ILE F 259 16.34 -22.47 -8.73
CA ILE F 259 16.30 -21.17 -8.07
C ILE F 259 14.91 -20.94 -7.49
N ARG F 260 14.76 -21.18 -6.20
CA ARG F 260 13.55 -20.81 -5.48
C ARG F 260 13.52 -19.31 -5.24
N VAL F 261 12.32 -18.75 -5.14
CA VAL F 261 12.14 -17.31 -4.95
C VAL F 261 11.07 -17.08 -3.88
N LYS F 262 11.27 -16.05 -3.08
CA LYS F 262 10.28 -15.60 -2.11
C LYS F 262 9.75 -14.24 -2.55
N VAL F 263 8.42 -14.14 -2.68
CA VAL F 263 7.79 -12.92 -3.13
C VAL F 263 6.92 -12.38 -2.01
N LEU F 264 6.78 -11.06 -1.99
CA LEU F 264 6.01 -10.36 -0.97
C LEU F 264 5.12 -9.37 -1.70
N GLY F 265 3.96 -9.83 -2.09
CA GLY F 265 3.00 -8.95 -2.72
C GLY F 265 2.24 -8.14 -1.69
N LEU F 266 1.59 -7.11 -2.18
CA LEU F 266 0.81 -6.24 -1.33
C LEU F 266 -0.64 -6.72 -1.33
N SER F 267 -1.59 -5.87 -0.91
CA SER F 267 -2.91 -6.33 -0.53
C SER F 267 -3.71 -6.83 -1.72
N ALA F 268 -3.37 -8.02 -2.20
CA ALA F 268 -4.08 -8.71 -3.26
C ALA F 268 -3.63 -10.15 -3.30
N GLN F 269 -3.95 -10.92 -4.31
CA GLN F 269 -3.29 -12.17 -4.57
C GLN F 269 -3.17 -12.31 -6.09
N VAL F 270 -2.06 -12.89 -6.56
CA VAL F 270 -1.84 -13.11 -7.99
C VAL F 270 -1.36 -14.53 -8.13
N ALA F 271 -2.25 -15.44 -8.51
CA ALA F 271 -1.96 -16.86 -8.45
C ALA F 271 -0.87 -17.28 -9.42
N ILE F 272 -0.49 -16.43 -10.36
CA ILE F 272 0.71 -16.73 -11.13
C ILE F 272 1.92 -16.69 -10.20
N CYS F 273 1.91 -15.79 -9.23
CA CYS F 273 3.01 -15.77 -8.28
C CYS F 273 3.04 -17.06 -7.48
N LYS F 274 1.88 -17.52 -7.02
CA LYS F 274 1.85 -18.75 -6.24
C LYS F 274 2.25 -19.95 -7.10
N GLU F 275 1.81 -19.99 -8.35
CA GLU F 275 2.17 -21.11 -9.21
C GLU F 275 3.65 -21.10 -9.53
N LEU F 276 4.19 -19.93 -9.86
CA LEU F 276 5.61 -19.85 -10.17
C LEU F 276 6.45 -20.21 -8.96
N CYS F 277 6.04 -19.77 -7.77
CA CYS F 277 6.78 -20.11 -6.57
C CYS F 277 6.72 -21.61 -6.31
N LYS F 278 5.52 -22.18 -6.33
CA LYS F 278 5.35 -23.60 -6.14
C LYS F 278 6.24 -24.38 -7.10
N ALA F 279 6.33 -23.91 -8.34
CA ALA F 279 7.31 -24.48 -9.25
C ALA F 279 8.71 -24.36 -8.68
N THR F 280 9.14 -23.12 -8.43
CA THR F 280 10.49 -22.88 -7.91
C THR F 280 10.71 -23.59 -6.58
N ASN F 281 9.68 -23.67 -5.75
CA ASN F 281 9.80 -24.39 -4.48
C ASN F 281 9.31 -25.82 -4.58
N TYR F 282 9.80 -26.52 -5.60
CA TYR F 282 9.67 -27.98 -5.71
C TYR F 282 8.25 -28.45 -5.45
N GLY F 283 7.27 -27.65 -5.84
CA GLY F 283 5.90 -27.94 -5.47
C GLY F 283 5.46 -27.26 -4.19
N ASP F 284 5.99 -27.67 -3.06
CA ASP F 284 5.51 -27.13 -1.79
C ASP F 284 5.65 -25.62 -1.75
N GLU F 285 4.61 -24.95 -1.25
CA GLU F 285 4.50 -23.49 -1.29
C GLU F 285 4.34 -22.94 0.11
N SER F 286 5.14 -21.92 0.44
CA SER F 286 4.82 -21.01 1.53
C SER F 286 5.26 -19.58 1.23
N PHE F 287 5.66 -19.29 0.00
CA PHE F 287 6.52 -18.15 -0.32
C PHE F 287 5.77 -16.96 -0.89
N TYR F 288 4.46 -17.08 -1.10
CA TYR F 288 3.67 -15.97 -1.63
C TYR F 288 3.07 -15.16 -0.49
N LYS F 289 3.83 -15.04 0.58
CA LYS F 289 3.39 -14.23 1.71
C LYS F 289 3.12 -12.81 1.26
N ILE F 290 1.87 -12.39 1.38
CA ILE F 290 1.48 -10.99 1.24
C ILE F 290 0.94 -10.54 2.59
N LEU F 291 0.75 -9.25 2.74
CA LEU F 291 0.55 -8.64 4.06
C LEU F 291 -0.79 -7.91 4.15
N LEU F 292 -1.07 -7.43 5.36
CA LEU F 292 -2.22 -6.58 5.61
C LEU F 292 -1.90 -5.44 6.60
N ASP F 293 -0.63 -5.27 6.98
CA ASP F 293 -0.24 -4.32 8.01
C ASP F 293 1.28 -4.21 7.98
N GLU F 294 1.80 -3.12 8.56
CA GLU F 294 3.22 -2.80 8.45
C GLU F 294 4.08 -3.56 9.45
N THR F 295 3.59 -3.73 10.67
CA THR F 295 4.22 -4.69 11.57
C THR F 295 4.37 -6.01 10.85
N HIS F 296 3.25 -6.47 10.27
CA HIS F 296 3.25 -7.65 9.43
C HIS F 296 4.36 -7.57 8.41
N LEU F 297 4.54 -6.41 7.80
CA LEU F 297 5.57 -6.26 6.77
C LEU F 297 6.94 -6.58 7.32
N LYS F 298 7.31 -5.93 8.43
CA LYS F 298 8.67 -6.15 8.91
C LYS F 298 8.87 -7.59 9.34
N GLU F 299 7.84 -8.18 9.97
CA GLU F 299 8.04 -9.59 10.32
C GLU F 299 8.30 -10.36 9.06
N LEU F 300 7.56 -10.13 7.98
CA LEU F 300 7.85 -10.81 6.72
C LEU F 300 9.35 -10.72 6.39
N PHE F 301 9.90 -9.51 6.51
CA PHE F 301 11.33 -9.34 6.24
C PHE F 301 12.15 -10.26 7.14
N ASN F 302 11.90 -10.19 8.43
CA ASN F 302 12.78 -10.85 9.39
C ASN F 302 12.84 -12.35 9.13
N GLU F 303 11.70 -12.95 8.77
CA GLU F 303 11.77 -14.36 8.41
C GLU F 303 12.37 -14.56 7.03
N ALA F 304 12.27 -13.57 6.15
CA ALA F 304 12.97 -13.71 4.88
C ALA F 304 14.48 -13.76 5.08
N VAL F 305 14.97 -13.28 6.22
CA VAL F 305 16.40 -13.26 6.47
C VAL F 305 16.96 -14.68 6.61
N THR F 306 16.27 -15.56 7.33
CA THR F 306 16.87 -16.82 7.73
C THR F 306 17.08 -17.76 6.54
N PRO F 307 18.09 -18.63 6.63
CA PRO F 307 18.23 -19.72 5.66
C PRO F 307 16.99 -20.59 5.63
N LEU F 308 16.66 -21.08 4.43
CA LEU F 308 15.34 -21.65 4.16
C LEU F 308 15.38 -23.11 3.75
N PRO F 309 15.01 -24.02 4.64
CA PRO F 309 14.79 -25.42 4.26
C PRO F 309 13.32 -25.77 4.09
N VAL F 310 12.98 -26.82 3.33
CA VAL F 310 11.64 -27.40 3.43
C VAL F 310 11.72 -28.91 3.71
N ASN F 311 12.16 -29.68 2.72
CA ASN F 311 12.56 -31.07 2.82
C ASN F 311 13.56 -31.24 1.67
N LYS F 312 14.82 -31.01 1.97
CA LYS F 312 15.78 -30.67 0.93
C LYS F 312 15.86 -31.75 -0.13
N ILE F 313 15.89 -31.33 -1.39
CA ILE F 313 16.31 -32.25 -2.43
C ILE F 313 17.78 -32.56 -2.19
N ASN F 314 18.09 -33.85 -2.08
CA ASN F 314 19.43 -34.27 -1.69
C ASN F 314 20.36 -34.06 -2.88
N LYS F 315 20.82 -32.82 -3.02
CA LYS F 315 21.72 -32.43 -4.09
C LYS F 315 23.16 -32.50 -3.57
N GLY F 316 24.10 -32.08 -4.41
CA GLY F 316 25.51 -32.20 -4.08
C GLY F 316 25.94 -31.37 -2.89
N PHE F 317 26.50 -32.05 -1.88
CA PHE F 317 27.12 -31.37 -0.74
C PHE F 317 28.61 -31.26 -1.05
N THR F 318 29.04 -30.07 -1.44
CA THR F 318 30.41 -29.84 -1.86
C THR F 318 31.18 -29.10 -0.78
N LEU F 319 32.42 -29.51 -0.59
CA LEU F 319 33.32 -28.78 0.28
C LEU F 319 33.54 -27.36 -0.25
N VAL F 320 33.98 -26.48 0.63
CA VAL F 320 34.48 -25.17 0.23
C VAL F 320 35.84 -24.96 0.88
N LYS F 321 36.82 -24.58 0.07
CA LYS F 321 38.16 -24.33 0.56
C LYS F 321 38.38 -22.84 0.64
N MET F 322 39.20 -22.43 1.61
CA MET F 322 39.57 -21.04 1.77
C MET F 322 40.81 -20.97 2.66
N GLY F 323 41.16 -19.76 3.06
CA GLY F 323 42.21 -19.53 4.03
C GLY F 323 41.89 -18.28 4.82
N PHE F 324 42.79 -17.81 5.66
CA PHE F 324 42.47 -16.64 6.47
C PHE F 324 43.60 -15.64 6.43
N PRO F 325 43.30 -14.37 6.23
CA PRO F 325 44.31 -13.33 6.25
C PRO F 325 44.65 -12.94 7.69
N THR F 326 45.52 -11.93 7.81
CA THR F 326 45.99 -11.47 9.12
C THR F 326 46.11 -9.96 9.15
N ARG F 327 45.77 -9.37 10.29
CA ARG F 327 45.82 -7.92 10.44
C ARG F 327 47.25 -7.42 10.28
N ILE F 328 47.38 -6.15 9.90
CA ILE F 328 48.66 -5.57 9.57
C ILE F 328 49.22 -4.83 10.77
N PHE F 329 50.51 -4.49 10.70
CA PHE F 329 51.24 -3.85 11.79
C PHE F 329 51.60 -2.41 11.51
N GLU F 330 52.29 -2.15 10.40
CA GLU F 330 52.69 -0.79 10.07
C GLU F 330 51.47 0.09 9.83
N ASP F 331 51.56 1.35 10.28
CA ASP F 331 50.46 2.30 10.14
C ASP F 331 50.59 3.18 8.91
N THR F 332 51.74 3.84 8.76
CA THR F 332 52.04 4.72 7.63
C THR F 332 52.01 3.97 6.30
N PRO F 333 52.14 2.64 6.32
CA PRO F 333 52.43 1.89 5.09
C PRO F 333 51.27 1.80 4.13
N THR F 334 50.30 2.69 4.29
CA THR F 334 49.04 2.70 3.53
C THR F 334 49.24 2.34 2.07
N PHE F 335 48.58 1.28 1.63
CA PHE F 335 48.64 0.74 0.28
C PHE F 335 47.57 -0.33 0.15
N CYS F 336 46.85 -0.32 -0.98
CA CYS F 336 45.75 -1.25 -1.17
C CYS F 336 45.79 -1.91 -2.54
N SER F 337 45.18 -3.09 -2.63
CA SER F 337 45.03 -3.82 -3.88
C SER F 337 43.58 -4.17 -4.19
N CYS F 338 42.63 -3.85 -3.31
CA CYS F 338 41.23 -4.08 -3.59
C CYS F 338 40.47 -2.81 -3.93
N HIS F 339 40.94 -1.66 -3.47
CA HIS F 339 40.49 -0.37 -3.97
C HIS F 339 41.61 0.46 -4.56
N SER F 340 42.85 -0.01 -4.46
CA SER F 340 44.04 0.76 -4.83
C SER F 340 44.02 2.14 -4.17
N LYS F 341 43.84 2.14 -2.85
CA LYS F 341 43.86 3.37 -2.07
C LYS F 341 44.82 3.22 -0.89
N LEU F 342 44.79 4.16 0.05
CA LEU F 342 45.63 4.09 1.23
C LEU F 342 45.00 3.15 2.26
N VAL F 343 45.79 2.20 2.74
CA VAL F 343 45.33 1.19 3.71
C VAL F 343 46.35 1.14 4.84
N TYR F 344 46.08 1.88 5.92
CA TYR F 344 46.96 2.01 7.08
C TYR F 344 47.06 0.73 7.91
N GLY F 345 46.49 -0.39 7.48
CA GLY F 345 46.57 -1.62 8.23
C GLY F 345 45.32 -2.47 8.08
N GLY F 346 45.53 -3.74 7.74
CA GLY F 346 44.45 -4.63 7.39
C GLY F 346 44.96 -6.04 7.17
N TYR F 347 44.36 -6.75 6.23
CA TYR F 347 44.47 -8.19 6.17
C TYR F 347 45.31 -8.64 4.98
N PHE F 348 45.73 -9.91 5.03
CA PHE F 348 46.88 -10.39 4.27
C PHE F 348 46.61 -11.81 3.80
N CYS F 349 46.32 -11.96 2.51
CA CYS F 349 45.78 -13.24 2.02
C CYS F 349 46.69 -14.39 2.46
N PRO F 350 46.12 -15.51 2.92
CA PRO F 350 46.95 -16.57 3.51
C PRO F 350 48.01 -17.12 2.59
N ASN F 351 47.76 -17.17 1.29
CA ASN F 351 48.80 -17.55 0.33
C ASN F 351 49.16 -16.41 -0.62
N CYS F 352 48.18 -15.82 -1.30
CA CYS F 352 48.49 -14.75 -2.22
C CYS F 352 49.12 -13.56 -1.51
N HIS F 353 48.90 -13.43 -0.20
CA HIS F 353 49.62 -12.49 0.65
C HIS F 353 49.48 -11.05 0.19
N SER F 354 48.42 -10.74 -0.54
CA SER F 354 48.10 -9.36 -0.84
C SER F 354 47.47 -8.70 0.38
N LYS F 355 47.47 -7.38 0.37
CA LYS F 355 46.76 -6.61 1.38
C LYS F 355 45.33 -6.38 0.95
N VAL F 356 44.41 -6.47 1.90
CA VAL F 356 42.99 -6.26 1.63
C VAL F 356 42.41 -5.36 2.71
N CYS F 357 41.75 -4.29 2.29
CA CYS F 357 41.03 -3.46 3.23
C CYS F 357 39.89 -4.27 3.84
N SER F 358 39.53 -3.91 5.07
CA SER F 358 38.60 -4.71 5.87
C SER F 358 37.37 -5.12 5.08
N LEU F 359 37.17 -6.43 4.97
CA LEU F 359 36.04 -7.03 4.27
C LEU F 359 36.04 -8.52 4.49
N PRO F 360 34.87 -9.15 4.50
CA PRO F 360 34.81 -10.61 4.54
C PRO F 360 34.87 -11.19 3.15
N THR F 361 35.31 -10.44 2.16
CA THR F 361 35.15 -10.81 0.76
C THR F 361 35.99 -12.03 0.38
N VAL F 362 35.84 -12.44 -0.88
CA VAL F 362 36.73 -13.40 -1.52
C VAL F 362 38.02 -12.68 -1.91
N CYS F 363 39.10 -13.45 -2.02
CA CYS F 363 40.38 -12.86 -2.39
C CYS F 363 40.28 -12.15 -3.73
N PRO F 364 40.88 -10.97 -3.87
CA PRO F 364 40.97 -10.32 -5.19
C PRO F 364 42.22 -10.64 -5.98
N CYS F 365 43.06 -11.58 -5.56
CA CYS F 365 44.21 -11.97 -6.35
C CYS F 365 44.16 -13.42 -6.81
N CYS F 366 43.97 -14.36 -5.89
CA CYS F 366 43.78 -15.74 -6.22
C CYS F 366 42.33 -16.20 -6.02
N ASP F 367 41.44 -15.28 -5.65
CA ASP F 367 40.00 -15.51 -5.65
C ASP F 367 39.61 -16.68 -4.74
N LEU F 368 39.84 -16.47 -3.45
CA LEU F 368 39.37 -17.38 -2.43
C LEU F 368 38.72 -16.60 -1.29
N MET F 369 37.79 -17.25 -0.60
CA MET F 369 36.99 -16.59 0.43
C MET F 369 37.81 -16.33 1.69
N LEU F 370 37.48 -15.23 2.38
CA LEU F 370 38.23 -14.77 3.56
C LEU F 370 37.25 -14.25 4.60
N ILE F 371 37.04 -15.04 5.66
CA ILE F 371 36.35 -14.61 6.87
C ILE F 371 37.22 -15.03 8.05
N LEU F 372 36.74 -14.76 9.25
CA LEU F 372 37.59 -15.22 10.31
C LEU F 372 37.12 -16.57 10.84
N SER F 373 36.14 -16.57 11.75
CA SER F 373 35.44 -17.78 12.18
C SER F 373 34.02 -17.41 12.53
N THR F 374 33.84 -16.13 12.87
CA THR F 374 32.61 -15.65 13.48
C THR F 374 31.39 -16.04 12.66
N HIS F 375 31.54 -15.94 11.35
CA HIS F 375 30.46 -16.20 10.44
C HIS F 375 30.01 -17.66 10.49
N LEU F 376 30.97 -18.57 10.56
CA LEU F 376 30.66 -19.96 10.83
C LEU F 376 29.82 -20.09 12.10
N ALA F 377 30.17 -19.33 13.13
CA ALA F 377 29.44 -19.43 14.39
C ALA F 377 28.01 -18.94 14.25
N ARG F 378 27.79 -17.88 13.47
CA ARG F 378 26.41 -17.49 13.21
C ARG F 378 25.66 -18.62 12.51
N SER F 379 26.30 -19.26 11.54
CA SER F 379 25.66 -20.39 10.87
C SER F 379 25.32 -21.50 11.87
N TYR F 380 26.23 -21.78 12.80
CA TYR F 380 25.96 -22.81 13.81
C TYR F 380 24.77 -22.42 14.67
N HIS F 381 24.68 -21.14 15.03
CA HIS F 381 23.49 -20.66 15.70
C HIS F 381 22.27 -20.94 14.87
N HIS F 382 22.45 -21.03 13.55
CA HIS F 382 21.42 -21.55 12.65
C HIS F 382 21.61 -23.03 12.32
N LEU F 383 22.39 -23.78 13.11
CA LEU F 383 22.53 -25.20 12.86
C LEU F 383 21.66 -26.03 13.79
N MET F 384 21.79 -25.82 15.09
CA MET F 384 20.98 -26.50 16.09
C MET F 384 20.32 -25.45 16.99
N PRO F 385 19.30 -24.77 16.49
CA PRO F 385 18.41 -24.05 17.41
C PRO F 385 17.74 -25.02 18.36
N LEU F 386 17.04 -24.48 19.35
CA LEU F 386 16.70 -25.22 20.54
C LEU F 386 15.23 -25.60 20.56
N LYS F 387 14.89 -26.50 21.48
CA LYS F 387 13.49 -26.79 21.76
C LYS F 387 12.83 -25.57 22.39
N THR F 388 11.59 -25.31 21.98
CA THR F 388 10.90 -24.10 22.43
C THR F 388 10.59 -24.15 23.92
N PHE F 389 10.71 -23.00 24.56
CA PHE F 389 10.42 -22.90 25.99
C PHE F 389 8.94 -23.12 26.23
N ALA F 390 8.59 -24.26 26.81
CA ALA F 390 7.19 -24.55 27.11
C ALA F 390 6.73 -23.77 28.32
N GLU F 391 5.55 -23.15 28.20
CA GLU F 391 4.95 -22.48 29.35
C GLU F 391 4.48 -23.54 30.34
N VAL F 392 5.02 -23.48 31.56
CA VAL F 392 4.81 -24.58 32.50
C VAL F 392 3.34 -24.67 32.86
N PRO F 393 2.79 -25.86 33.07
CA PRO F 393 1.35 -25.98 33.38
C PRO F 393 1.01 -25.22 34.65
N THR F 394 -0.18 -24.61 34.63
CA THR F 394 -0.49 -23.49 35.53
C THR F 394 -0.28 -23.82 37.00
N THR F 395 -1.08 -24.74 37.54
CA THR F 395 -0.96 -25.10 38.96
C THR F 395 -0.04 -26.28 39.20
N GLU F 396 0.30 -27.03 38.15
CA GLU F 396 1.16 -28.20 38.27
C GLU F 396 2.62 -27.88 38.15
N LYS F 397 2.99 -26.63 37.89
CA LYS F 397 4.40 -26.28 37.76
C LYS F 397 5.06 -26.18 39.14
N PHE F 398 4.64 -25.21 39.94
CA PHE F 398 5.08 -25.04 41.32
C PHE F 398 6.60 -25.14 41.45
N ARG F 399 7.31 -24.35 40.64
CA ARG F 399 8.76 -24.29 40.71
C ARG F 399 9.18 -23.14 41.64
N SER F 400 10.48 -22.85 41.69
CA SER F 400 10.94 -21.71 42.46
C SER F 400 10.40 -20.43 41.85
N GLU F 401 10.07 -19.46 42.71
CA GLU F 401 9.26 -18.31 42.32
C GLU F 401 10.15 -17.12 41.93
N ASP F 402 10.87 -17.32 40.83
CA ASP F 402 11.65 -16.27 40.18
C ASP F 402 12.09 -16.80 38.82
N CYS F 403 12.86 -15.99 38.10
CA CYS F 403 13.48 -16.43 36.87
C CYS F 403 14.86 -16.99 37.15
N PHE F 404 15.30 -17.90 36.28
CA PHE F 404 16.64 -18.45 36.37
C PHE F 404 17.62 -17.69 35.50
N SER F 405 17.31 -17.55 34.21
CA SER F 405 18.23 -16.86 33.30
C SER F 405 18.41 -15.42 33.72
N CYS F 406 17.33 -14.69 33.88
CA CYS F 406 17.32 -13.45 34.64
C CYS F 406 16.81 -13.79 36.02
N GLN F 407 16.44 -12.78 36.80
CA GLN F 407 15.77 -13.01 38.08
C GLN F 407 14.48 -12.20 38.11
N SER F 408 13.36 -12.87 37.87
CA SER F 408 12.04 -12.24 37.71
C SER F 408 11.07 -12.89 38.67
N ARG F 409 10.89 -12.29 39.84
CA ARG F 409 10.05 -12.88 40.89
C ARG F 409 8.58 -12.94 40.52
N PHE F 410 8.13 -12.14 39.55
CA PHE F 410 6.73 -12.21 39.16
C PHE F 410 6.49 -13.41 38.25
N PRO F 411 5.29 -14.02 38.33
CA PRO F 411 4.76 -15.16 37.60
C PRO F 411 3.28 -15.37 37.89
N UNK F 412 2.89 -15.09 39.13
CA UNK F 412 1.50 -15.20 39.56
C UNK F 412 1.26 -14.35 40.80
N UNK F 413 0.00 -14.27 41.20
CA UNK F 413 -0.36 -13.57 42.42
C UNK F 413 -1.03 -14.57 43.34
N UNK F 414 -0.95 -15.84 42.95
CA UNK F 414 -1.55 -16.95 43.70
C UNK F 414 -3.05 -16.74 43.90
N UNK F 415 -3.82 -17.06 42.86
CA UNK F 415 -5.28 -17.00 42.88
C UNK F 415 -5.84 -15.60 43.14
N UNK F 416 -6.21 -14.93 42.06
CA UNK F 416 -7.06 -13.76 42.15
C UNK F 416 -8.32 -14.11 41.37
N UNK F 417 -8.74 -15.36 41.53
CA UNK F 417 -9.86 -15.95 40.81
C UNK F 417 -9.61 -15.98 39.30
N UNK F 418 -9.50 -14.80 38.69
CA UNK F 418 -9.36 -14.71 37.24
C UNK F 418 -7.92 -14.40 36.79
N UNK F 419 -7.35 -13.36 37.36
CA UNK F 419 -6.07 -12.82 36.90
C UNK F 419 -4.91 -13.78 37.12
N UNK F 420 -4.75 -14.28 38.35
CA UNK F 420 -3.65 -15.19 38.63
C UNK F 420 -3.87 -16.51 37.90
N UNK F 421 -5.13 -16.92 37.83
CA UNK F 421 -5.50 -18.17 37.18
C UNK F 421 -5.37 -18.06 35.66
N UNK F 422 -5.03 -16.87 35.19
CA UNK F 422 -4.74 -16.68 33.77
C UNK F 422 -3.39 -17.30 33.44
N UNK F 423 -2.39 -16.47 33.23
CA UNK F 423 -1.10 -16.95 32.73
C UNK F 423 -0.05 -17.16 33.81
N UNK F 424 -0.04 -18.34 34.43
CA UNK F 424 1.07 -18.74 35.29
C UNK F 424 2.32 -18.81 34.42
N SER F 425 2.85 -17.63 34.10
CA SER F 425 3.86 -17.50 33.06
C SER F 425 5.26 -17.87 33.55
N ARG F 426 5.63 -19.12 33.32
CA ARG F 426 6.96 -19.65 33.63
C ARG F 426 7.51 -20.38 32.43
N TYR F 427 7.51 -19.73 31.27
CA TYR F 427 7.89 -20.42 30.06
C TYR F 427 9.33 -20.91 30.20
N ARG F 428 9.48 -22.20 30.48
CA ARG F 428 10.74 -22.81 30.83
C ARG F 428 11.14 -23.80 29.75
N CYS F 429 12.45 -24.05 29.66
CA CYS F 429 12.95 -24.79 28.52
C CYS F 429 12.45 -26.23 28.55
N GLU F 430 12.74 -26.95 27.47
CA GLU F 430 12.33 -28.34 27.33
C GLU F 430 13.43 -29.31 27.75
N ASP F 431 14.59 -29.25 27.10
CA ASP F 431 15.67 -30.17 27.43
C ASP F 431 16.33 -29.82 28.75
N CYS F 432 16.26 -28.55 29.18
CA CYS F 432 16.80 -28.15 30.45
C CYS F 432 15.75 -27.91 31.53
N LYS F 433 14.51 -27.63 31.13
CA LYS F 433 13.40 -27.37 32.04
C LYS F 433 13.73 -26.26 33.02
N GLN F 434 14.73 -25.44 32.70
CA GLN F 434 15.18 -24.38 33.56
C GLN F 434 14.53 -23.09 33.10
N GLU F 435 14.07 -22.34 34.04
CA GLU F 435 13.32 -21.24 33.63
C GLU F 435 13.92 -20.12 32.94
N PHE F 436 13.00 -19.23 32.51
CA PHE F 436 13.36 -17.94 31.96
C PHE F 436 12.10 -17.14 31.70
N CYS F 437 12.04 -15.89 32.17
CA CYS F 437 10.79 -15.14 32.10
C CYS F 437 10.46 -14.79 30.66
N VAL F 438 9.30 -14.15 30.50
CA VAL F 438 8.75 -13.91 29.16
C VAL F 438 9.72 -13.09 28.33
N ASP F 439 10.23 -12.01 28.90
CA ASP F 439 11.27 -11.26 28.21
C ASP F 439 12.51 -12.11 28.02
N CYS F 440 12.84 -12.92 29.03
CA CYS F 440 14.00 -13.80 28.89
C CYS F 440 13.78 -14.82 27.78
N ASP F 441 12.59 -15.41 27.71
CA ASP F 441 12.32 -16.34 26.63
C ASP F 441 12.43 -15.63 25.28
N VAL F 442 11.82 -14.46 25.18
CA VAL F 442 11.81 -13.73 23.91
C VAL F 442 13.22 -13.38 23.48
N PHE F 443 14.05 -12.94 24.43
CA PHE F 443 15.37 -12.46 24.09
C PHE F 443 16.35 -13.60 23.87
N ILE F 444 16.24 -14.67 24.65
CA ILE F 444 17.01 -15.87 24.37
C ILE F 444 16.69 -16.35 22.96
N HIS F 445 15.44 -16.69 22.71
CA HIS F 445 15.06 -17.21 21.40
C HIS F 445 15.28 -16.20 20.30
N GLU F 446 15.39 -14.91 20.61
CA GLU F 446 15.53 -13.88 19.59
C GLU F 446 16.98 -13.64 19.22
N ILE F 447 17.79 -13.22 20.19
CA ILE F 447 19.13 -12.72 19.91
C ILE F 447 20.16 -13.78 20.22
N LEU F 448 20.26 -14.18 21.48
CA LEU F 448 21.23 -15.18 21.90
C LEU F 448 20.46 -16.44 22.27
N HIS F 449 20.23 -17.29 21.28
CA HIS F 449 19.48 -18.51 21.54
C HIS F 449 20.15 -19.31 22.64
N ASN F 450 21.45 -19.60 22.50
CA ASN F 450 22.39 -19.72 23.61
C ASN F 450 21.74 -20.24 24.88
N CYS F 451 21.14 -21.42 24.84
CA CYS F 451 20.38 -21.80 26.02
C CYS F 451 21.34 -22.13 27.14
N PRO F 452 21.52 -21.19 28.08
CA PRO F 452 22.45 -21.47 29.19
C PRO F 452 21.98 -22.62 30.05
N GLY F 453 20.70 -22.61 30.45
CA GLY F 453 20.17 -23.72 31.21
C GLY F 453 20.42 -25.05 30.54
N CYS F 454 20.30 -25.08 29.20
CA CYS F 454 20.66 -26.29 28.47
C CYS F 454 22.17 -26.39 28.27
N GLU F 455 22.85 -25.27 28.04
CA GLU F 455 24.31 -25.30 28.02
C GLU F 455 24.85 -25.66 29.40
N SER F 456 24.13 -25.30 30.46
CA SER F 456 24.54 -25.67 31.80
C SER F 456 24.32 -27.16 32.04
N LYS F 457 25.19 -27.73 32.88
CA LYS F 457 25.10 -29.13 33.26
C LYS F 457 26.05 -29.42 34.42
N ALA G 2 43.86 43.84 37.46
CA ALA G 2 42.77 43.89 36.52
C ALA G 2 42.53 45.33 36.06
N ARG G 3 42.05 45.48 34.82
CA ARG G 3 41.85 46.80 34.24
C ARG G 3 40.54 46.82 33.45
N ALA G 4 39.68 47.79 33.75
CA ALA G 4 38.41 47.95 33.05
C ALA G 4 37.74 49.23 33.53
N ARG G 5 36.59 49.54 32.91
CA ARG G 5 35.75 50.67 33.28
C ARG G 5 34.31 50.19 33.38
N LYS G 6 33.73 50.33 34.56
CA LYS G 6 32.35 49.89 34.77
C LYS G 6 31.40 50.68 33.87
N GLY G 7 30.46 49.96 33.26
CA GLY G 7 29.53 50.61 32.35
C GLY G 7 28.42 49.66 31.94
N ALA G 8 27.61 50.12 30.99
CA ALA G 8 26.51 49.33 30.41
C ALA G 8 26.67 49.36 28.90
N LEU G 9 27.43 48.40 28.37
CA LEU G 9 27.77 48.41 26.94
C LEU G 9 26.54 48.12 26.10
N VAL G 10 26.10 49.10 25.32
CA VAL G 10 24.99 48.95 24.40
C VAL G 10 25.55 48.82 22.98
N GLN G 11 25.10 47.80 22.26
CA GLN G 11 25.52 47.57 20.88
C GLN G 11 24.30 47.41 19.99
N CYS G 12 24.39 47.98 18.78
CA CYS G 12 23.31 47.95 17.81
C CYS G 12 23.90 48.34 16.46
N ASP G 13 23.04 48.40 15.44
CA ASP G 13 23.48 48.93 14.17
C ASP G 13 23.85 50.40 14.33
N PRO G 14 24.81 50.89 13.57
CA PRO G 14 25.26 52.28 13.75
C PRO G 14 24.15 53.30 13.62
N SER G 15 23.13 53.04 12.79
CA SER G 15 21.98 53.93 12.74
C SER G 15 21.29 54.01 14.09
N ILE G 16 21.02 52.84 14.69
CA ILE G 16 20.34 52.82 15.98
C ILE G 16 21.20 53.45 17.06
N LYS G 17 22.52 53.21 17.03
CA LYS G 17 23.42 53.93 17.93
C LYS G 17 23.26 55.43 17.76
N ALA G 18 23.22 55.89 16.52
CA ALA G 18 23.13 57.32 16.25
C ALA G 18 21.85 57.91 16.81
N LEU G 19 20.72 57.23 16.64
CA LEU G 19 19.48 57.68 17.18
C LEU G 19 19.47 57.71 18.69
N ILE G 20 20.03 56.64 19.27
CA ILE G 20 20.22 56.58 20.71
C ILE G 20 20.96 57.82 21.18
N LEU G 21 22.08 58.12 20.54
CA LEU G 21 22.89 59.26 20.97
C LEU G 21 22.18 60.58 20.69
N GLN G 22 21.33 60.63 19.66
CA GLN G 22 20.47 61.79 19.47
C GLN G 22 19.67 62.03 20.73
N ILE G 23 18.84 61.05 21.07
CA ILE G 23 18.02 61.13 22.26
C ILE G 23 18.86 61.34 23.51
N ASP G 24 20.13 60.94 23.44
CA ASP G 24 21.01 61.07 24.59
C ASP G 24 21.43 62.52 24.76
N ALA G 25 22.03 63.11 23.72
CA ALA G 25 22.26 64.56 23.62
C ALA G 25 21.09 65.31 24.07
N LYS G 26 19.93 64.80 23.72
CA LYS G 26 18.71 65.33 24.31
C LYS G 26 18.72 65.12 25.81
N MET G 27 18.92 63.89 26.27
CA MET G 27 18.75 63.63 27.71
C MET G 27 20.06 63.98 28.42
N SER G 28 20.59 65.16 28.16
CA SER G 28 21.86 65.59 28.75
C SER G 28 23.01 64.63 28.45
N ASP G 29 22.86 63.77 27.43
CA ASP G 29 23.97 63.00 26.89
C ASP G 29 24.62 62.11 27.96
N ILE G 30 23.88 61.07 28.36
CA ILE G 30 24.32 60.20 29.46
C ILE G 30 25.04 58.97 28.93
N VAL G 31 25.63 59.06 27.76
CA VAL G 31 26.53 58.01 27.27
C VAL G 31 27.94 58.31 27.77
N LEU G 32 28.50 57.42 28.59
CA LEU G 32 29.78 57.68 29.23
C LEU G 32 30.92 57.75 28.22
N GLU G 33 30.84 56.95 27.16
CA GLU G 33 31.82 57.05 26.07
C GLU G 33 31.27 56.29 24.87
N GLU G 34 31.94 56.48 23.74
CA GLU G 34 31.67 55.75 22.51
C GLU G 34 32.92 55.01 22.10
N LEU G 35 32.74 53.77 21.64
CA LEU G 35 33.87 53.02 21.12
C LEU G 35 33.94 53.06 19.60
N ASP G 36 32.79 52.92 18.92
CA ASP G 36 32.73 53.08 17.48
C ASP G 36 31.26 53.28 17.08
N ASP G 37 31.00 53.18 15.79
CA ASP G 37 29.63 53.29 15.28
C ASP G 37 28.74 52.16 15.77
N THR G 38 29.32 51.06 16.25
CA THR G 38 28.53 49.95 16.77
C THR G 38 28.63 49.81 18.28
N HIS G 39 29.21 50.78 18.98
CA HIS G 39 29.44 50.63 20.41
C HIS G 39 29.30 51.97 21.14
N LEU G 40 28.75 51.92 22.35
CA LEU G 40 28.57 53.07 23.23
C LEU G 40 28.73 52.60 24.67
N LEU G 41 29.10 53.55 25.55
CA LEU G 41 29.28 53.28 26.97
C LEU G 41 28.27 54.08 27.76
N VAL G 42 27.47 53.40 28.59
CA VAL G 42 26.30 53.99 29.22
C VAL G 42 26.27 53.67 30.72
N ASN G 43 25.39 54.35 31.45
CA ASN G 43 25.20 54.19 32.89
C ASN G 43 23.77 53.76 33.20
N PRO G 44 23.58 52.62 33.86
CA PRO G 44 22.23 52.13 34.16
C PRO G 44 21.50 52.99 35.17
N SER G 45 22.03 54.15 35.49
CA SER G 45 21.23 55.15 36.18
C SER G 45 20.56 56.12 35.21
N LYS G 46 20.64 55.87 33.89
CA LYS G 46 19.78 56.57 32.93
C LYS G 46 19.25 55.73 31.76
N VAL G 47 19.76 54.52 31.51
CA VAL G 47 19.41 53.84 30.25
C VAL G 47 17.96 53.39 30.19
N GLU G 48 17.30 53.22 31.33
CA GLU G 48 15.91 52.83 31.27
C GLU G 48 15.03 53.99 30.82
N PHE G 49 15.29 55.19 31.35
CA PHE G 49 14.67 56.39 30.79
C PHE G 49 15.08 56.59 29.35
N VAL G 50 16.26 56.11 29.00
CA VAL G 50 16.66 56.09 27.60
C VAL G 50 15.66 55.28 26.80
N LYS G 51 15.33 54.07 27.27
CA LYS G 51 14.29 53.30 26.61
C LYS G 51 12.96 54.03 26.64
N HIS G 52 12.70 54.78 27.70
CA HIS G 52 11.47 55.55 27.79
C HIS G 52 11.33 56.46 26.58
N GLU G 53 12.25 57.40 26.42
CA GLU G 53 12.12 58.36 25.30
C GLU G 53 12.41 57.69 23.96
N LEU G 54 13.22 56.63 23.96
CA LEU G 54 13.33 55.78 22.79
C LEU G 54 11.95 55.45 22.27
N ASN G 55 11.15 54.78 23.11
CA ASN G 55 9.80 54.40 22.73
C ASN G 55 8.97 55.63 22.42
N ARG G 56 9.14 56.70 23.20
CA ARG G 56 8.36 57.91 23.01
C ARG G 56 8.47 58.40 21.57
N LEU G 57 9.68 58.78 21.16
CA LEU G 57 9.84 59.35 19.83
C LEU G 57 9.64 58.30 18.74
N LEU G 58 10.09 57.07 18.95
CA LEU G 58 9.95 56.07 17.89
C LEU G 58 8.48 55.77 17.61
N SER G 59 7.64 55.78 18.64
CA SER G 59 6.21 55.59 18.44
C SER G 59 5.56 56.85 17.87
N LYS G 60 5.97 58.02 18.34
CA LYS G 60 5.47 59.26 17.76
C LYS G 60 5.69 59.27 16.25
N ASN G 61 6.78 58.66 15.80
CA ASN G 61 7.00 58.52 14.37
C ASN G 61 6.17 57.36 13.81
N ILE G 62 6.27 56.19 14.42
CA ILE G 62 5.62 55.01 13.85
C ILE G 62 4.12 55.06 14.08
N TYR G 63 3.69 55.05 15.34
CA TYR G 63 2.30 55.13 15.77
C TYR G 63 1.50 53.86 15.51
N ASN G 64 2.07 52.88 14.79
CA ASN G 64 1.55 51.52 14.64
C ASN G 64 0.03 51.46 14.40
N PRO G 65 -0.44 51.84 13.21
CA PRO G 65 -1.89 51.88 12.98
C PRO G 65 -2.56 50.52 12.98
N MET G 66 -1.82 49.42 12.94
CA MET G 66 -2.38 48.09 12.75
C MET G 66 -3.21 48.00 11.49
N ASP G 67 -2.92 48.86 10.52
CA ASP G 67 -3.78 49.06 9.37
C ASP G 67 -3.22 48.41 8.12
N PRO H 101 -38.51 40.49 11.41
CA PRO H 101 -37.53 39.74 10.61
C PRO H 101 -37.96 38.29 10.40
N ALA H 102 -37.63 37.73 9.24
CA ALA H 102 -37.99 36.37 8.89
C ALA H 102 -36.90 35.36 9.20
N ASP H 103 -35.77 35.79 9.74
CA ASP H 103 -34.65 34.89 10.00
C ASP H 103 -34.21 34.97 11.46
N PHE H 104 -33.11 34.31 11.78
CA PHE H 104 -32.61 34.22 13.14
C PHE H 104 -31.16 34.71 13.19
N VAL H 105 -30.72 35.03 14.40
CA VAL H 105 -29.32 35.39 14.66
C VAL H 105 -28.46 34.14 14.68
N PRO H 106 -29.00 33.00 15.12
CA PRO H 106 -28.14 31.84 15.46
C PRO H 106 -27.31 31.28 14.32
N ASP H 107 -27.65 31.57 13.06
CA ASP H 107 -26.81 31.14 11.95
C ASP H 107 -25.39 31.67 12.10
N SER H 108 -25.26 32.88 12.65
CA SER H 108 -24.00 33.41 13.15
C SER H 108 -23.97 33.46 14.67
N VAL H 109 -24.58 32.47 15.33
CA VAL H 109 -24.78 32.50 16.78
C VAL H 109 -24.11 31.32 17.49
N SER H 110 -23.03 30.83 16.91
CA SER H 110 -22.19 29.82 17.55
C SER H 110 -20.90 30.46 18.06
N GLY H 111 -19.94 29.63 18.49
CA GLY H 111 -18.60 30.07 18.76
C GLY H 111 -18.37 30.64 20.15
N MET H 112 -19.42 30.92 20.90
CA MET H 112 -19.30 31.47 22.23
C MET H 112 -19.05 30.32 23.22
N PHE H 113 -19.21 30.62 24.50
CA PHE H 113 -19.13 29.58 25.53
C PHE H 113 -17.69 29.17 25.82
N ARG H 114 -16.76 30.11 25.70
CA ARG H 114 -15.43 29.92 26.27
C ARG H 114 -15.45 30.35 27.74
N SER H 115 -16.36 29.74 28.50
CA SER H 115 -16.63 30.20 29.86
C SER H 115 -17.04 29.01 30.71
N HIS H 116 -16.12 28.56 31.56
CA HIS H 116 -16.44 27.54 32.54
C HIS H 116 -16.03 28.04 33.92
N ASP H 117 -16.09 27.16 34.92
CA ASP H 117 -15.63 27.47 36.26
C ASP H 117 -14.76 26.32 36.76
N PHE H 118 -13.98 26.58 37.79
CA PHE H 118 -13.09 25.57 38.36
C PHE H 118 -13.41 25.25 39.81
N SER H 119 -13.74 26.26 40.61
CA SER H 119 -14.21 26.02 41.96
C SER H 119 -15.60 25.39 41.95
N TYR H 120 -16.56 26.07 41.31
CA TYR H 120 -17.82 25.43 40.99
C TYR H 120 -17.64 24.32 39.97
N LEU H 121 -16.58 24.39 39.17
CA LEU H 121 -16.24 23.27 38.31
C LEU H 121 -15.77 22.10 39.17
N ARG H 122 -15.89 20.91 38.58
CA ARG H 122 -15.40 19.68 39.20
C ARG H 122 -14.29 19.15 38.30
N LEU H 123 -13.15 18.82 38.89
CA LEU H 123 -12.09 18.17 38.15
C LEU H 123 -12.77 17.04 37.40
N ARG H 124 -12.81 17.16 36.07
CA ARG H 124 -13.63 16.26 35.29
C ARG H 124 -13.23 14.82 35.59
N PRO H 125 -14.20 13.92 35.80
CA PRO H 125 -13.86 12.65 36.47
C PRO H 125 -12.96 11.71 35.69
N ASP H 126 -13.06 11.66 34.36
CA ASP H 126 -12.51 10.54 33.59
C ASP H 126 -11.10 10.79 33.06
N HIS H 127 -10.26 11.54 33.78
CA HIS H 127 -8.96 11.93 33.24
C HIS H 127 -7.92 10.82 33.34
N ALA H 128 -7.79 10.23 34.53
CA ALA H 128 -6.67 9.32 34.80
C ALA H 128 -6.66 8.15 33.81
N SER H 129 -7.80 7.55 33.57
CA SER H 129 -7.97 6.59 32.48
C SER H 129 -9.03 7.18 31.56
N ARG H 130 -8.60 8.10 30.71
CA ARG H 130 -9.48 8.72 29.73
C ARG H 130 -8.62 9.31 28.62
N PRO H 131 -8.75 8.83 27.38
CA PRO H 131 -7.92 9.38 26.30
C PRO H 131 -8.38 10.74 25.79
N LEU H 132 -9.64 11.11 25.97
CA LEU H 132 -10.21 12.29 25.35
C LEU H 132 -10.45 13.38 26.39
N TRP H 133 -10.64 14.61 25.90
CA TRP H 133 -10.90 15.75 26.77
C TRP H 133 -11.63 16.80 25.96
N ILE H 134 -12.90 17.03 26.26
CA ILE H 134 -13.68 18.10 25.66
C ILE H 134 -14.10 19.05 26.77
N SER H 135 -13.66 20.30 26.69
CA SER H 135 -13.96 21.25 27.74
C SER H 135 -15.41 21.71 27.61
N PRO H 136 -16.28 21.40 28.59
CA PRO H 136 -17.68 21.82 28.47
C PRO H 136 -17.88 23.30 28.75
N SER H 137 -17.25 23.81 29.81
CA SER H 137 -17.43 25.21 30.16
C SER H 137 -16.73 26.13 29.16
N ASP H 138 -15.43 25.92 28.95
CA ASP H 138 -14.71 26.69 27.96
C ASP H 138 -15.12 26.35 26.54
N GLY H 139 -15.90 25.28 26.34
CA GLY H 139 -16.44 24.97 25.03
C GLY H 139 -15.41 24.60 23.96
N ARG H 140 -14.55 23.62 24.24
CA ARG H 140 -13.61 23.10 23.26
C ARG H 140 -13.54 21.58 23.39
N ILE H 141 -12.80 20.94 22.50
CA ILE H 141 -12.60 19.49 22.57
C ILE H 141 -11.19 19.11 22.15
N ILE H 142 -10.34 18.76 23.12
CA ILE H 142 -9.01 18.26 22.81
C ILE H 142 -9.14 16.81 22.35
N LEU H 143 -8.23 16.37 21.47
CA LEU H 143 -8.20 15.00 20.97
C LEU H 143 -6.75 14.53 20.94
N GLU H 144 -6.31 13.91 22.05
CA GLU H 144 -4.91 13.58 22.25
C GLU H 144 -4.63 12.13 21.84
N SER H 145 -3.41 11.66 22.14
CA SER H 145 -2.99 10.33 21.70
C SER H 145 -3.83 9.23 22.35
N PHE H 146 -3.93 9.24 23.69
CA PHE H 146 -4.47 8.10 24.42
C PHE H 146 -5.88 7.74 23.96
N SER H 147 -6.62 8.72 23.46
CA SER H 147 -7.87 8.42 22.79
C SER H 147 -7.55 8.24 21.31
N PRO H 148 -7.38 7.00 20.83
CA PRO H 148 -6.98 6.80 19.44
C PRO H 148 -8.09 7.09 18.44
N LEU H 149 -9.27 7.53 18.89
CA LEU H 149 -10.42 7.71 18.02
C LEU H 149 -10.52 9.12 17.47
N ALA H 150 -9.37 9.76 17.23
CA ALA H 150 -9.38 11.13 16.72
C ALA H 150 -10.17 11.24 15.41
N GLU H 151 -10.22 10.18 14.61
CA GLU H 151 -10.91 10.25 13.34
C GLU H 151 -12.41 10.34 13.53
N GLN H 152 -13.02 9.32 14.13
CA GLN H 152 -14.47 9.31 14.32
C GLN H 152 -14.89 10.38 15.31
N ALA H 153 -14.10 10.58 16.36
CA ALA H 153 -14.39 11.65 17.32
C ALA H 153 -14.36 12.99 16.63
N GLN H 154 -13.37 13.21 15.74
CA GLN H 154 -13.30 14.46 15.00
C GLN H 154 -14.49 14.62 14.07
N ASP H 155 -14.92 13.52 13.44
CA ASP H 155 -16.10 13.59 12.59
C ASP H 155 -17.33 14.04 13.37
N PHE H 156 -17.57 13.40 14.51
CA PHE H 156 -18.71 13.76 15.34
C PHE H 156 -18.59 15.21 15.83
N LEU H 157 -17.40 15.60 16.27
CA LEU H 157 -17.21 16.94 16.80
C LEU H 157 -17.43 17.99 15.73
N VAL H 158 -16.88 17.77 14.53
CA VAL H 158 -17.10 18.70 13.43
C VAL H 158 -18.57 18.76 13.06
N THR H 159 -19.27 17.62 13.16
CA THR H 159 -20.72 17.65 12.97
C THR H 159 -21.38 18.59 13.96
N ILE H 160 -21.22 18.33 15.26
CA ILE H 160 -21.92 19.11 16.27
C ILE H 160 -21.28 20.46 16.48
N ALA H 161 -19.96 20.48 16.68
CA ALA H 161 -19.21 21.69 17.00
C ALA H 161 -18.19 21.97 15.91
N GLU H 162 -17.28 22.91 16.18
CA GLU H 162 -16.24 23.27 15.23
C GLU H 162 -14.87 22.99 15.83
N PRO H 163 -14.05 22.12 15.24
CA PRO H 163 -12.73 21.83 15.82
C PRO H 163 -11.76 23.01 15.65
N ILE H 164 -11.36 23.59 16.78
CA ILE H 164 -10.51 24.79 16.73
C ILE H 164 -9.10 24.45 16.26
N SER H 165 -8.51 23.40 16.83
CA SER H 165 -7.11 23.07 16.57
C SER H 165 -6.95 21.58 16.31
N ARG H 166 -6.03 21.25 15.41
CA ARG H 166 -5.63 19.88 15.15
C ARG H 166 -4.11 19.84 15.14
N PRO H 167 -3.48 19.93 16.31
CA PRO H 167 -2.02 20.02 16.35
C PRO H 167 -1.36 18.70 15.99
N SER H 168 -0.04 18.67 16.06
CA SER H 168 0.68 17.44 15.77
C SER H 168 0.38 16.34 16.79
N HIS H 169 -0.21 16.67 17.94
CA HIS H 169 -0.46 15.67 18.96
C HIS H 169 -1.83 15.70 19.63
N ILE H 170 -2.62 16.76 19.45
CA ILE H 170 -3.88 16.96 20.17
C ILE H 170 -4.92 17.55 19.23
N HIS H 171 -6.13 17.72 19.74
CA HIS H 171 -7.27 18.21 18.98
C HIS H 171 -7.81 19.51 19.59
N GLU H 172 -8.86 20.04 18.98
CA GLU H 172 -9.46 21.30 19.40
C GLU H 172 -10.96 21.25 19.10
N TYR H 173 -11.70 22.19 19.67
CA TYR H 173 -13.15 22.20 19.48
C TYR H 173 -13.71 23.60 19.71
N LYS H 174 -14.93 23.80 19.22
CA LYS H 174 -15.70 25.03 19.43
C LYS H 174 -17.16 24.71 19.18
N ILE H 175 -18.05 25.49 19.79
CA ILE H 175 -19.49 25.20 19.79
C ILE H 175 -20.19 26.16 18.85
N THR H 176 -20.89 25.62 17.86
CA THR H 176 -21.53 26.42 16.83
C THR H 176 -23.03 26.19 16.84
N ALA H 177 -23.79 27.27 16.60
CA ALA H 177 -25.24 27.17 16.46
C ALA H 177 -25.62 26.69 15.07
N TYR H 178 -25.08 27.34 14.04
CA TYR H 178 -25.20 26.79 12.69
C TYR H 178 -24.53 25.43 12.63
N SER H 179 -23.39 25.27 13.32
CA SER H 179 -22.79 23.96 13.48
C SER H 179 -23.69 23.01 14.25
N LEU H 180 -24.48 23.55 15.20
CA LEU H 180 -25.44 22.71 15.90
C LEU H 180 -26.51 22.17 14.96
N TYR H 181 -27.03 23.03 14.08
CA TYR H 181 -27.99 22.57 13.08
C TYR H 181 -27.35 21.56 12.14
N ALA H 182 -26.10 21.81 11.73
CA ALA H 182 -25.40 20.88 10.86
C ALA H 182 -25.22 19.51 11.53
N ALA H 183 -24.90 19.50 12.82
CA ALA H 183 -24.79 18.24 13.54
C ALA H 183 -26.14 17.55 13.64
N VAL H 184 -27.20 18.32 13.90
CA VAL H 184 -28.55 17.74 13.93
C VAL H 184 -28.92 17.14 12.58
N SER H 185 -28.33 17.66 11.50
CA SER H 185 -28.55 17.12 10.17
C SER H 185 -27.52 16.08 9.73
N VAL H 186 -26.49 15.85 10.54
CA VAL H 186 -25.42 14.93 10.12
C VAL H 186 -25.94 13.50 10.02
N GLY H 187 -26.73 13.07 10.98
CA GLY H 187 -27.22 11.71 11.04
C GLY H 187 -26.69 10.89 12.19
N LEU H 188 -26.17 11.52 13.24
CA LEU H 188 -25.62 10.82 14.40
C LEU H 188 -26.52 11.05 15.61
N GLU H 189 -26.60 10.04 16.46
CA GLU H 189 -27.47 10.09 17.64
C GLU H 189 -26.90 11.10 18.63
N THR H 190 -27.61 12.20 18.84
CA THR H 190 -27.16 13.20 19.81
C THR H 190 -27.04 12.57 21.20
N ASP H 191 -28.05 11.81 21.61
CA ASP H 191 -27.92 11.04 22.84
C ASP H 191 -26.85 9.96 22.70
N ASP H 192 -26.83 9.27 21.55
CA ASP H 192 -25.81 8.25 21.32
C ASP H 192 -24.43 8.86 21.25
N ILE H 193 -24.28 9.99 20.55
CA ILE H 193 -23.00 10.66 20.47
C ILE H 193 -22.57 11.12 21.86
N ILE H 194 -23.53 11.63 22.65
CA ILE H 194 -23.23 12.05 24.00
C ILE H 194 -22.73 10.87 24.83
N SER H 195 -23.39 9.72 24.69
CA SER H 195 -22.97 8.54 25.45
C SER H 195 -21.58 8.07 25.04
N VAL H 196 -21.31 8.03 23.75
CA VAL H 196 -20.00 7.58 23.28
C VAL H 196 -18.92 8.53 23.76
N LEU H 197 -19.15 9.84 23.59
CA LEU H 197 -18.18 10.82 24.05
C LEU H 197 -17.97 10.72 25.55
N ASP H 198 -19.05 10.57 26.32
CA ASP H 198 -18.92 10.48 27.76
C ASP H 198 -18.12 9.26 28.16
N ARG H 199 -18.34 8.14 27.48
CA ARG H 199 -17.47 7.00 27.66
C ARG H 199 -16.02 7.40 27.41
N LEU H 200 -15.79 8.19 26.37
CA LEU H 200 -14.45 8.68 26.09
C LEU H 200 -14.11 9.88 26.97
N SER H 201 -14.90 10.95 26.87
CA SER H 201 -14.55 12.21 27.51
C SER H 201 -14.54 12.08 29.03
N LYS H 202 -13.77 12.95 29.68
CA LYS H 202 -13.61 12.93 31.12
C LYS H 202 -14.01 14.22 31.81
N VAL H 203 -13.67 15.37 31.23
CA VAL H 203 -13.76 16.68 31.91
C VAL H 203 -15.21 17.06 32.17
N PRO H 204 -15.47 17.99 33.09
CA PRO H 204 -16.83 18.48 33.28
C PRO H 204 -17.39 19.04 31.97
N VAL H 205 -18.58 18.59 31.61
CA VAL H 205 -19.20 18.94 30.33
C VAL H 205 -20.20 20.05 30.52
N ALA H 206 -20.65 20.64 29.42
CA ALA H 206 -21.55 21.79 29.46
C ALA H 206 -22.97 21.33 29.81
N GLU H 207 -23.50 21.86 30.91
CA GLU H 207 -24.86 21.51 31.35
C GLU H 207 -25.90 22.36 30.63
N SER H 208 -25.85 23.67 30.79
CA SER H 208 -26.71 24.54 30.01
C SER H 208 -26.35 24.47 28.53
N ILE H 209 -25.06 24.31 28.24
CA ILE H 209 -24.68 23.89 26.90
C ILE H 209 -25.27 22.53 26.61
N ILE H 210 -25.55 21.75 27.66
CA ILE H 210 -26.32 20.52 27.47
C ILE H 210 -27.73 20.86 27.00
N ASN H 211 -28.32 21.90 27.56
CA ASN H 211 -29.61 22.35 27.06
C ASN H 211 -29.49 22.80 25.61
N PHE H 212 -28.37 23.47 25.29
CA PHE H 212 -28.11 23.86 23.92
C PHE H 212 -28.02 22.64 23.01
N ILE H 213 -27.34 21.59 23.47
CA ILE H 213 -27.18 20.39 22.64
C ILE H 213 -28.53 19.69 22.45
N LYS H 214 -29.32 19.59 23.51
CA LYS H 214 -30.62 18.94 23.40
C LYS H 214 -31.54 19.73 22.47
N GLY H 215 -31.52 21.06 22.59
CA GLY H 215 -32.35 21.87 21.71
C GLY H 215 -31.90 21.83 20.27
N ALA H 216 -30.58 21.85 20.03
CA ALA H 216 -30.07 21.78 18.67
C ALA H 216 -30.39 20.43 18.05
N THR H 217 -30.21 19.35 18.81
CA THR H 217 -30.70 18.06 18.37
C THR H 217 -32.22 18.07 18.24
N ILE H 218 -32.90 18.99 18.92
CA ILE H 218 -34.34 19.16 18.81
C ILE H 218 -34.64 20.12 17.67
N SER H 219 -34.16 21.35 17.77
CA SER H 219 -34.41 22.37 16.74
C SER H 219 -33.67 23.66 17.03
N LEU H 338 -38.11 19.41 9.23
CA LEU H 338 -36.88 19.20 8.47
C LEU H 338 -37.19 19.31 6.98
N GLU H 339 -36.31 19.99 6.25
CA GLU H 339 -36.72 20.64 5.02
C GLU H 339 -36.31 19.89 3.75
N GLU H 340 -36.91 20.32 2.66
CA GLU H 340 -36.54 20.04 1.28
C GLU H 340 -37.21 21.14 0.44
N TYR H 341 -37.19 21.00 -0.89
CA TYR H 341 -37.84 21.99 -1.75
C TYR H 341 -38.59 21.27 -2.87
N ASP H 342 -39.91 21.35 -2.81
CA ASP H 342 -40.82 20.62 -3.70
C ASP H 342 -40.76 21.22 -5.10
N PHE H 343 -39.71 20.87 -5.85
CA PHE H 343 -39.60 21.40 -7.21
C PHE H 343 -40.43 20.63 -8.21
N ARG H 344 -40.78 19.37 -7.94
CA ARG H 344 -41.75 18.70 -8.80
C ARG H 344 -43.18 18.98 -8.35
N ASN H 345 -43.39 19.25 -7.06
CA ASN H 345 -44.67 19.75 -6.56
C ASN H 345 -44.82 21.23 -6.82
N ASP H 346 -43.95 21.73 -7.68
CA ASP H 346 -44.07 23.05 -8.27
C ASP H 346 -44.93 22.95 -9.53
N HIS H 347 -46.17 22.50 -9.32
CA HIS H 347 -47.17 22.49 -10.38
C HIS H 347 -47.56 23.90 -10.79
N ARG H 348 -47.36 24.88 -9.90
CA ARG H 348 -47.67 26.26 -10.22
C ARG H 348 -46.84 26.76 -11.42
N ASN H 349 -45.60 26.28 -11.55
CA ASN H 349 -44.63 26.90 -12.47
C ASN H 349 -44.71 26.29 -13.86
N PRO H 350 -44.73 27.11 -14.91
CA PRO H 350 -44.23 26.62 -16.21
C PRO H 350 -42.72 26.58 -16.18
N ASP H 351 -42.19 25.49 -15.62
CA ASP H 351 -40.76 25.35 -15.32
C ASP H 351 -39.89 26.02 -16.36
N LEU H 352 -38.92 26.79 -15.89
CA LEU H 352 -38.12 27.60 -16.80
C LEU H 352 -37.19 26.72 -17.64
N ASP H 353 -36.54 27.36 -18.62
CA ASP H 353 -35.74 26.65 -19.62
C ASP H 353 -34.30 26.57 -19.13
N ILE H 354 -33.90 25.40 -18.67
CA ILE H 354 -32.57 25.16 -18.10
C ILE H 354 -31.93 24.02 -18.87
N ASP H 355 -30.81 24.31 -19.52
CA ASP H 355 -30.02 23.25 -20.14
C ASP H 355 -29.40 22.44 -19.01
N LEU H 356 -29.98 21.29 -18.71
CA LEU H 356 -29.52 20.45 -17.61
C LEU H 356 -28.26 19.70 -18.00
N LYS H 357 -27.27 20.39 -18.52
CA LYS H 357 -26.14 19.51 -18.79
C LYS H 357 -25.11 19.64 -17.67
N PRO H 358 -24.53 18.51 -17.25
CA PRO H 358 -23.41 18.56 -16.30
C PRO H 358 -22.03 18.55 -16.95
N SER H 359 -21.93 18.82 -18.25
CA SER H 359 -20.64 18.77 -18.94
C SER H 359 -19.64 19.77 -18.36
N THR H 360 -20.08 20.54 -17.37
CA THR H 360 -19.18 21.32 -16.54
C THR H 360 -18.40 20.39 -15.61
N GLN H 361 -17.09 20.61 -15.50
CA GLN H 361 -16.23 19.75 -14.69
C GLN H 361 -16.62 19.81 -13.21
N ILE H 362 -16.02 18.92 -12.41
CA ILE H 362 -16.44 18.69 -11.03
C ILE H 362 -15.20 18.66 -10.13
N ARG H 363 -15.44 18.91 -8.84
CA ARG H 363 -14.43 18.97 -7.80
C ARG H 363 -14.94 18.20 -6.58
N PRO H 364 -14.02 17.76 -5.68
CA PRO H 364 -14.46 16.89 -4.57
C PRO H 364 -15.48 17.55 -3.64
N TYR H 365 -15.06 18.67 -3.06
CA TYR H 365 -15.91 19.41 -2.14
C TYR H 365 -17.20 19.83 -2.82
N GLN H 366 -17.15 20.06 -4.13
CA GLN H 366 -18.36 20.47 -4.85
C GLN H 366 -19.43 19.40 -4.78
N GLU H 367 -19.09 18.16 -5.15
CA GLU H 367 -20.10 17.10 -5.10
C GLU H 367 -20.51 16.78 -3.67
N LYS H 368 -19.59 16.88 -2.71
CA LYS H 368 -19.99 16.66 -1.32
C LYS H 368 -21.01 17.72 -0.87
N SER H 369 -20.81 18.98 -1.27
CA SER H 369 -21.76 20.02 -0.92
C SER H 369 -23.08 19.86 -1.66
N LEU H 370 -23.02 19.36 -2.90
CA LEU H 370 -24.25 19.03 -3.61
C LEU H 370 -25.07 18.01 -2.83
N SER H 371 -24.41 16.94 -2.38
CA SER H 371 -25.10 15.94 -1.57
C SER H 371 -25.69 16.57 -0.31
N LYS H 372 -24.94 17.47 0.33
CA LYS H 372 -25.45 18.13 1.53
C LYS H 372 -26.71 18.91 1.22
N MET H 373 -26.67 19.80 0.23
CA MET H 373 -27.79 20.69 0.00
C MET H 373 -29.00 19.95 -0.56
N PHE H 374 -28.77 18.88 -1.32
CA PHE H 374 -29.90 18.14 -1.88
C PHE H 374 -30.74 17.50 -0.78
N GLY H 375 -30.10 16.90 0.22
CA GLY H 375 -30.83 16.21 1.27
C GLY H 375 -31.70 15.09 0.71
N ASN H 376 -32.90 14.94 1.26
CA ASN H 376 -33.86 13.93 0.85
C ASN H 376 -34.58 14.35 -0.43
N GLY H 377 -34.42 13.56 -1.49
CA GLY H 377 -35.18 13.77 -2.70
C GLY H 377 -35.07 15.19 -3.22
N ARG H 378 -36.14 15.95 -3.03
CA ARG H 378 -36.11 17.38 -3.26
C ARG H 378 -34.89 18.02 -2.64
N ALA H 379 -34.26 18.91 -3.39
CA ALA H 379 -33.21 19.75 -2.83
C ALA H 379 -33.81 20.65 -1.76
N ARG H 380 -32.99 21.42 -1.06
CA ARG H 380 -33.52 22.41 -0.14
C ARG H 380 -32.75 23.70 -0.29
N SER H 381 -33.47 24.81 -0.23
CA SER H 381 -32.82 26.11 -0.14
C SER H 381 -31.93 26.14 1.08
N GLY H 382 -30.68 26.54 0.89
CA GLY H 382 -29.71 26.43 1.97
C GLY H 382 -28.58 27.43 1.80
N ILE H 383 -27.70 27.43 2.80
CA ILE H 383 -26.55 28.31 2.84
C ILE H 383 -25.29 27.46 2.85
N ILE H 384 -24.31 27.85 2.04
CA ILE H 384 -22.99 27.24 2.07
C ILE H 384 -21.97 28.35 1.89
N VAL H 385 -20.90 28.30 2.68
CA VAL H 385 -19.76 29.19 2.51
C VAL H 385 -18.71 28.46 1.67
N LEU H 386 -18.31 29.08 0.57
CA LEU H 386 -17.43 28.44 -0.40
C LEU H 386 -16.26 29.35 -0.74
N PRO H 387 -15.12 28.77 -1.11
CA PRO H 387 -13.95 29.57 -1.50
C PRO H 387 -14.22 30.26 -2.85
N CYS H 388 -14.26 31.59 -2.81
CA CYS H 388 -14.57 32.35 -4.01
C CYS H 388 -13.44 32.22 -5.03
N GLY H 389 -13.83 32.03 -6.29
CA GLY H 389 -12.89 31.70 -7.33
C GLY H 389 -12.58 30.22 -7.44
N ALA H 390 -13.28 29.36 -6.70
CA ALA H 390 -13.01 27.94 -6.72
C ALA H 390 -14.21 27.18 -7.25
N GLY H 391 -14.77 27.67 -8.35
CA GLY H 391 -15.90 27.00 -8.95
C GLY H 391 -17.13 26.98 -8.07
N LYS H 392 -17.36 28.05 -7.33
CA LYS H 392 -18.49 28.09 -6.40
C LYS H 392 -19.81 27.87 -7.12
N THR H 393 -19.90 28.29 -8.38
CA THR H 393 -21.17 28.28 -9.09
C THR H 393 -21.42 27.00 -9.86
N LEU H 394 -20.50 26.04 -9.89
CA LEU H 394 -20.68 24.84 -10.70
C LEU H 394 -21.77 23.94 -10.11
N VAL H 395 -21.70 23.73 -8.81
CA VAL H 395 -22.72 22.96 -8.13
C VAL H 395 -24.07 23.66 -8.23
N GLY H 396 -24.09 24.98 -8.11
CA GLY H 396 -25.32 25.73 -8.31
C GLY H 396 -25.84 25.57 -9.72
N ILE H 397 -24.94 25.50 -10.69
CA ILE H 397 -25.33 25.28 -12.08
C ILE H 397 -26.08 23.96 -12.21
N THR H 398 -25.46 22.89 -11.71
CA THR H 398 -26.09 21.58 -11.83
C THR H 398 -27.37 21.50 -11.00
N ALA H 399 -27.43 22.19 -9.87
CA ALA H 399 -28.62 22.14 -9.02
C ALA H 399 -29.78 22.91 -9.62
N ALA H 400 -29.50 24.10 -10.18
CA ALA H 400 -30.52 24.83 -10.92
C ALA H 400 -30.98 24.02 -12.10
N CYS H 401 -30.04 23.38 -12.78
CA CYS H 401 -30.42 22.38 -13.73
C CYS H 401 -31.35 21.40 -13.03
N THR H 402 -31.01 20.88 -11.90
CA THR H 402 -31.78 19.73 -11.39
C THR H 402 -33.23 20.09 -11.06
N ILE H 403 -33.43 21.12 -10.23
CA ILE H 403 -34.78 21.42 -9.73
C ILE H 403 -35.70 21.81 -10.87
N LYS H 404 -35.15 22.35 -11.97
CA LYS H 404 -35.84 22.56 -13.24
C LYS H 404 -37.15 23.34 -13.04
N LYS H 405 -37.01 24.56 -12.57
CA LYS H 405 -38.13 25.50 -12.45
C LYS H 405 -37.59 26.87 -12.81
N SER H 406 -38.34 27.92 -12.47
CA SER H 406 -37.86 29.28 -12.69
C SER H 406 -36.68 29.55 -11.77
N VAL H 407 -35.51 29.80 -12.34
CA VAL H 407 -34.29 29.93 -11.56
C VAL H 407 -33.49 31.15 -12.04
N ILE H 408 -32.91 31.87 -11.09
CA ILE H 408 -32.02 32.98 -11.38
C ILE H 408 -30.70 32.73 -10.67
N VAL H 409 -29.65 33.38 -11.18
CA VAL H 409 -28.32 33.33 -10.60
C VAL H 409 -27.85 34.76 -10.38
N LEU H 410 -27.37 35.05 -9.17
CA LEU H 410 -27.02 36.42 -8.79
C LEU H 410 -25.59 36.45 -8.28
N CYS H 411 -24.78 37.23 -8.96
CA CYS H 411 -23.41 37.51 -8.58
C CYS H 411 -23.32 38.87 -7.89
N THR H 412 -22.12 39.24 -7.49
CA THR H 412 -21.92 40.48 -6.73
C THR H 412 -22.29 41.72 -7.53
N SER H 413 -21.55 42.01 -8.59
CA SER H 413 -21.72 43.22 -9.37
C SER H 413 -21.81 42.85 -10.84
N SER H 414 -22.59 43.63 -11.58
CA SER H 414 -22.75 43.35 -12.99
C SER H 414 -21.40 43.20 -13.65
N VAL H 415 -20.41 44.01 -13.26
CA VAL H 415 -19.06 43.79 -13.77
C VAL H 415 -18.57 42.39 -13.39
N SER H 416 -18.78 42.00 -12.13
CA SER H 416 -18.38 40.66 -11.70
C SER H 416 -19.27 39.61 -12.34
N VAL H 417 -20.55 39.90 -12.53
CA VAL H 417 -21.44 38.95 -13.21
C VAL H 417 -20.92 38.62 -14.60
N MET H 418 -20.57 39.65 -15.36
CA MET H 418 -20.08 39.42 -16.72
C MET H 418 -18.72 38.73 -16.70
N GLN H 419 -17.82 39.16 -15.80
CA GLN H 419 -16.58 38.41 -15.61
C GLN H 419 -16.87 36.93 -15.50
N TRP H 420 -17.77 36.57 -14.59
CA TRP H 420 -17.98 35.17 -14.25
C TRP H 420 -18.63 34.41 -15.39
N ARG H 421 -19.68 34.98 -15.99
CA ARG H 421 -20.32 34.30 -17.11
C ARG H 421 -19.32 34.09 -18.23
N GLN H 422 -18.63 35.16 -18.65
CA GLN H 422 -17.67 35.06 -19.75
C GLN H 422 -16.51 34.15 -19.42
N GLN H 423 -16.18 34.00 -18.14
CA GLN H 423 -14.98 33.27 -17.80
C GLN H 423 -15.23 31.78 -17.59
N PHE H 424 -16.43 31.41 -17.16
CA PHE H 424 -16.68 29.99 -16.97
C PHE H 424 -17.83 29.45 -17.80
N LEU H 425 -18.95 30.16 -17.87
CA LEU H 425 -20.22 29.52 -18.15
C LEU H 425 -20.36 29.01 -19.58
N GLN H 426 -19.45 29.37 -20.49
CA GLN H 426 -19.53 28.91 -21.86
C GLN H 426 -18.71 27.66 -22.10
N TRP H 427 -17.60 27.50 -21.38
CA TRP H 427 -17.06 26.18 -21.16
C TRP H 427 -18.11 25.30 -20.51
N CYS H 428 -18.90 25.89 -19.62
CA CYS H 428 -19.99 25.19 -18.96
C CYS H 428 -21.13 24.98 -19.94
N THR H 429 -22.27 24.52 -19.42
CA THR H 429 -23.29 23.84 -20.18
C THR H 429 -24.46 24.74 -20.58
N LEU H 430 -24.27 26.05 -20.53
CA LEU H 430 -25.30 27.01 -20.91
C LEU H 430 -25.03 27.57 -22.31
N GLN H 431 -26.09 28.04 -22.96
CA GLN H 431 -25.99 28.79 -24.19
C GLN H 431 -26.32 30.25 -23.93
N PRO H 432 -25.50 31.21 -24.37
CA PRO H 432 -25.62 32.59 -23.87
C PRO H 432 -26.89 33.30 -24.27
N GLU H 433 -27.72 32.70 -25.12
CA GLU H 433 -28.80 33.43 -25.76
C GLU H 433 -29.92 33.83 -24.80
N ASN H 434 -30.02 33.21 -23.63
CA ASN H 434 -31.19 33.40 -22.78
C ASN H 434 -30.95 34.27 -21.57
N CYS H 435 -29.85 34.09 -20.84
CA CYS H 435 -29.61 34.90 -19.65
C CYS H 435 -29.20 36.31 -20.06
N ALA H 436 -30.08 37.28 -19.86
CA ALA H 436 -29.82 38.66 -20.29
C ALA H 436 -29.12 39.43 -19.18
N VAL H 437 -27.88 39.84 -19.45
CA VAL H 437 -27.17 40.64 -18.45
C VAL H 437 -27.50 42.10 -18.73
N PHE H 438 -28.71 42.47 -18.36
CA PHE H 438 -29.09 43.80 -17.96
C PHE H 438 -29.77 43.66 -16.63
N THR H 439 -29.11 42.92 -15.74
CA THR H 439 -29.55 42.91 -14.36
C THR H 439 -29.79 44.34 -13.94
N SER H 440 -28.72 45.14 -13.96
CA SER H 440 -28.81 46.58 -14.09
C SER H 440 -27.94 47.06 -15.23
N ASP H 441 -27.23 46.15 -15.90
CA ASP H 441 -26.11 46.44 -16.76
C ASP H 441 -26.47 47.13 -18.07
N ASN H 442 -27.20 46.42 -18.91
CA ASN H 442 -27.43 46.78 -20.30
C ASN H 442 -28.73 47.56 -20.46
N LYS H 443 -29.30 47.49 -21.66
CA LYS H 443 -30.73 47.33 -21.83
C LYS H 443 -30.92 46.04 -22.63
N GLU H 444 -31.37 44.98 -21.95
CA GLU H 444 -31.34 43.65 -22.56
C GLU H 444 -32.71 43.00 -22.56
N MET H 445 -32.75 41.70 -22.89
CA MET H 445 -34.01 41.01 -23.13
C MET H 445 -34.64 40.60 -21.80
N PHE H 446 -35.12 41.59 -21.07
CA PHE H 446 -35.94 41.30 -19.92
C PHE H 446 -37.15 40.48 -20.35
N GLN H 447 -37.56 39.51 -19.55
CA GLN H 447 -38.86 38.97 -19.76
C GLN H 447 -39.05 38.11 -20.98
N THR H 448 -38.04 38.02 -21.83
CA THR H 448 -38.10 37.10 -22.94
C THR H 448 -37.12 35.98 -22.75
N GLU H 449 -36.41 35.93 -21.61
CA GLU H 449 -35.49 34.83 -21.37
C GLU H 449 -36.34 33.60 -21.29
N SER H 450 -36.33 32.79 -22.35
CA SER H 450 -36.95 31.48 -22.23
C SER H 450 -36.32 30.74 -21.06
N GLY H 451 -35.02 30.93 -20.87
CA GLY H 451 -34.29 30.27 -19.82
C GLY H 451 -33.99 31.17 -18.63
N LEU H 452 -32.98 30.76 -17.87
CA LEU H 452 -32.65 31.40 -16.60
C LEU H 452 -32.08 32.79 -16.84
N VAL H 453 -31.77 33.47 -15.73
CA VAL H 453 -31.13 34.79 -15.76
C VAL H 453 -29.98 34.78 -14.78
N VAL H 454 -28.83 35.29 -15.20
CA VAL H 454 -27.70 35.56 -14.33
C VAL H 454 -27.72 37.04 -13.98
N SER H 455 -27.36 37.36 -12.74
CA SER H 455 -27.75 38.65 -12.20
C SER H 455 -26.79 39.12 -11.11
N THR H 456 -27.10 40.29 -10.55
CA THR H 456 -26.35 40.97 -9.50
C THR H 456 -27.36 41.69 -8.62
N TYR H 457 -26.88 42.68 -7.86
CA TYR H 457 -27.71 43.36 -6.89
C TYR H 457 -27.83 44.86 -7.17
N SER H 458 -27.63 45.27 -8.44
CA SER H 458 -27.29 46.66 -8.76
C SER H 458 -28.43 47.52 -9.30
N MET H 459 -29.56 46.96 -9.58
CA MET H 459 -30.79 47.73 -9.63
C MET H 459 -31.90 46.98 -8.98
N VAL H 460 -31.73 45.66 -8.85
CA VAL H 460 -32.64 44.77 -8.16
C VAL H 460 -33.03 45.55 -6.92
N ALA H 461 -32.04 45.96 -6.14
CA ALA H 461 -32.13 47.22 -5.44
C ALA H 461 -30.71 47.73 -5.23
N ASN H 462 -30.22 48.47 -6.21
CA ASN H 462 -29.31 49.57 -5.93
C ASN H 462 -30.06 50.80 -6.42
N THR H 463 -30.58 51.58 -5.47
CA THR H 463 -31.70 52.47 -5.72
C THR H 463 -31.24 53.68 -6.51
N ARG H 464 -30.68 53.38 -7.66
CA ARG H 464 -30.40 54.34 -8.70
C ARG H 464 -31.08 53.93 -9.99
N ASN H 465 -32.18 53.22 -9.84
CA ASN H 465 -32.87 52.75 -11.02
C ASN H 465 -33.33 53.97 -11.84
N ARG H 466 -32.60 54.23 -12.92
CA ARG H 466 -32.80 55.39 -13.77
C ARG H 466 -33.47 55.05 -15.07
N SER H 467 -33.06 53.96 -15.68
CA SER H 467 -33.91 53.28 -16.62
C SER H 467 -35.11 52.75 -15.85
N HIS H 468 -36.05 52.18 -16.57
CA HIS H 468 -37.15 51.50 -15.93
C HIS H 468 -37.34 50.13 -16.47
N ASP H 469 -36.78 49.86 -17.63
CA ASP H 469 -36.28 48.55 -17.97
C ASP H 469 -35.51 47.96 -16.81
N SER H 470 -34.83 48.82 -16.09
CA SER H 470 -34.29 48.37 -14.86
C SER H 470 -35.45 47.90 -13.95
N GLN H 471 -36.23 48.85 -13.47
CA GLN H 471 -37.37 48.45 -12.65
C GLN H 471 -38.22 47.41 -13.32
N LYS H 472 -38.14 47.32 -14.64
CA LYS H 472 -38.92 46.31 -15.35
C LYS H 472 -38.35 44.92 -15.12
N VAL H 473 -37.02 44.78 -15.09
CA VAL H 473 -36.48 43.48 -14.74
C VAL H 473 -36.80 43.16 -13.29
N MET H 474 -36.88 44.18 -12.44
CA MET H 474 -37.36 43.96 -11.07
C MET H 474 -38.76 43.35 -11.07
N ASP H 475 -39.73 44.08 -11.63
CA ASP H 475 -41.10 43.61 -11.64
C ASP H 475 -41.26 42.31 -12.39
N PHE H 476 -40.41 42.08 -13.35
CA PHE H 476 -40.48 40.81 -14.00
C PHE H 476 -39.96 39.68 -13.15
N LEU H 477 -38.94 39.93 -12.38
CA LEU H 477 -38.54 38.95 -11.38
C LEU H 477 -39.69 38.69 -10.42
N THR H 478 -40.47 39.71 -10.11
CA THR H 478 -41.66 39.51 -9.29
C THR H 478 -42.69 38.65 -10.00
N GLY H 479 -42.89 38.89 -11.30
CA GLY H 479 -44.05 38.33 -11.97
C GLY H 479 -44.00 36.81 -12.10
N ARG H 480 -42.86 36.28 -12.48
CA ARG H 480 -42.67 34.83 -12.56
C ARG H 480 -42.09 34.34 -11.24
N GLU H 481 -42.67 33.27 -10.70
CA GLU H 481 -42.28 32.73 -9.40
C GLU H 481 -40.96 31.97 -9.57
N TRP H 482 -39.85 32.61 -9.20
CA TRP H 482 -38.53 32.01 -9.38
C TRP H 482 -38.34 30.88 -8.38
N GLY H 483 -38.50 29.65 -8.88
CA GLY H 483 -38.41 28.47 -8.02
C GLY H 483 -37.06 28.29 -7.38
N PHE H 484 -36.04 28.98 -7.85
CA PHE H 484 -34.73 28.89 -7.23
C PHE H 484 -33.97 30.15 -7.55
N ILE H 485 -33.09 30.53 -6.62
CA ILE H 485 -32.28 31.73 -6.75
C ILE H 485 -30.86 31.39 -6.33
N ILE H 486 -29.89 31.74 -7.16
CA ILE H 486 -28.48 31.46 -6.88
C ILE H 486 -27.79 32.79 -6.59
N LEU H 487 -27.26 32.92 -5.38
CA LEU H 487 -26.68 34.18 -4.91
C LEU H 487 -25.17 34.04 -4.76
N ASP H 488 -24.48 35.17 -4.85
CA ASP H 488 -23.02 35.20 -4.72
C ASP H 488 -22.62 36.43 -3.91
N GLU H 489 -22.09 36.19 -2.70
CA GLU H 489 -21.37 37.23 -1.94
C GLU H 489 -22.23 38.47 -1.70
N VAL H 490 -23.48 38.28 -1.34
CA VAL H 490 -24.36 39.41 -1.05
C VAL H 490 -23.89 40.20 0.12
N HIS H 491 -22.74 39.82 0.74
CA HIS H 491 -22.39 40.29 2.11
C HIS H 491 -22.10 41.84 2.02
N VAL H 492 -21.32 42.18 1.09
CA VAL H 492 -20.97 43.59 1.00
C VAL H 492 -22.21 44.41 0.80
N VAL H 493 -23.16 43.88 0.03
CA VAL H 493 -24.43 44.58 -0.16
C VAL H 493 -25.16 44.66 1.16
N PRO H 494 -25.77 45.78 1.50
CA PRO H 494 -26.71 45.78 2.62
C PRO H 494 -27.83 44.81 2.29
N ALA H 495 -28.20 44.02 3.29
CA ALA H 495 -29.26 43.07 3.01
C ALA H 495 -30.55 43.78 2.65
N ALA H 496 -30.81 44.93 3.26
CA ALA H 496 -32.09 45.63 3.12
C ALA H 496 -32.59 45.64 1.68
N MET H 497 -31.71 45.93 0.75
CA MET H 497 -32.12 45.90 -0.64
C MET H 497 -32.57 44.51 -1.06
N PHE H 498 -31.76 43.49 -0.76
CA PHE H 498 -32.12 42.14 -1.14
C PHE H 498 -33.38 41.68 -0.44
N ARG H 499 -33.55 42.08 0.82
CA ARG H 499 -34.78 41.73 1.52
C ARG H 499 -35.96 42.31 0.78
N ARG H 500 -35.85 43.55 0.30
CA ARG H 500 -36.92 44.14 -0.49
C ARG H 500 -37.13 43.36 -1.78
N VAL H 501 -36.05 42.93 -2.44
CA VAL H 501 -36.22 42.29 -3.74
C VAL H 501 -36.84 40.92 -3.59
N VAL H 502 -36.37 40.13 -2.62
CA VAL H 502 -36.96 38.83 -2.38
C VAL H 502 -38.38 38.97 -1.86
N SER H 503 -38.67 40.07 -1.15
CA SER H 503 -40.05 40.41 -0.84
C SER H 503 -40.86 40.63 -2.10
N THR H 504 -40.24 41.15 -3.15
CA THR H 504 -40.94 41.41 -4.40
C THR H 504 -41.15 40.15 -5.24
N ILE H 505 -40.26 39.16 -5.13
CA ILE H 505 -40.25 38.07 -6.11
C ILE H 505 -41.40 37.09 -5.91
N ALA H 506 -41.88 36.90 -4.67
CA ALA H 506 -42.93 35.92 -4.34
C ALA H 506 -42.47 34.49 -4.62
N ALA H 507 -41.16 34.27 -4.59
CA ALA H 507 -40.59 32.95 -4.79
C ALA H 507 -40.95 32.04 -3.62
N HIS H 508 -40.51 30.78 -3.73
CA HIS H 508 -40.71 29.81 -2.65
C HIS H 508 -39.43 29.07 -2.27
N ALA H 509 -38.27 29.43 -2.82
CA ALA H 509 -36.96 28.90 -2.44
C ALA H 509 -35.86 29.73 -3.03
N LYS H 510 -34.65 29.51 -2.51
CA LYS H 510 -33.50 30.32 -2.89
C LYS H 510 -32.22 29.52 -2.69
N LEU H 511 -31.08 30.21 -2.75
CA LEU H 511 -29.76 29.65 -2.43
C LEU H 511 -28.81 30.80 -2.14
N GLY H 512 -28.03 30.68 -1.07
CA GLY H 512 -27.05 31.69 -0.75
C GLY H 512 -25.63 31.16 -0.65
N LEU H 513 -24.77 31.60 -1.56
CA LEU H 513 -23.37 31.21 -1.57
C LEU H 513 -22.57 32.25 -0.82
N THR H 514 -22.15 31.91 0.39
CA THR H 514 -21.48 32.87 1.26
C THR H 514 -20.03 33.08 0.83
N ALA H 515 -19.48 34.21 1.25
CA ALA H 515 -18.08 34.54 1.02
C ALA H 515 -17.26 34.61 2.30
N THR H 516 -17.83 35.10 3.40
CA THR H 516 -17.12 35.23 4.66
C THR H 516 -17.98 34.67 5.78
N LEU H 517 -17.34 34.34 6.90
CA LEU H 517 -17.96 33.50 7.90
C LEU H 517 -19.00 34.27 8.74
N VAL H 518 -18.62 35.41 9.29
CA VAL H 518 -19.54 36.31 9.97
C VAL H 518 -19.58 37.63 9.22
N ARG H 519 -20.78 38.06 8.83
CA ARG H 519 -20.91 39.17 7.89
C ARG H 519 -21.81 40.28 8.42
N GLU H 520 -22.13 41.24 7.55
CA GLU H 520 -22.98 42.38 7.90
C GLU H 520 -24.45 42.14 7.61
N ASP H 521 -24.79 41.21 6.72
CA ASP H 521 -26.17 40.76 6.53
C ASP H 521 -26.51 39.61 7.49
N ASP H 522 -25.79 39.50 8.61
CA ASP H 522 -26.01 38.53 9.66
C ASP H 522 -26.99 39.05 10.71
N LYS H 523 -27.96 39.86 10.28
CA LYS H 523 -28.84 40.61 11.17
C LYS H 523 -29.75 39.66 11.94
N ILE H 524 -30.69 40.23 12.71
CA ILE H 524 -31.71 39.45 13.39
C ILE H 524 -32.30 38.41 12.44
N GLY H 525 -32.43 38.75 11.16
CA GLY H 525 -32.54 37.74 10.15
C GLY H 525 -31.21 37.46 9.47
N ASP H 526 -30.49 36.44 9.93
CA ASP H 526 -29.42 35.90 9.09
C ASP H 526 -30.05 35.40 7.82
N LEU H 527 -29.48 35.75 6.67
CA LEU H 527 -30.00 35.21 5.43
C LEU H 527 -29.89 33.70 5.38
N ASN H 528 -29.27 33.10 6.39
CA ASN H 528 -29.24 31.65 6.53
C ASN H 528 -30.65 31.09 6.71
N PHE H 529 -31.32 31.44 7.82
CA PHE H 529 -32.68 30.99 8.02
C PHE H 529 -33.62 31.54 6.95
N LEU H 530 -33.21 32.59 6.24
CA LEU H 530 -33.99 33.07 5.11
C LEU H 530 -33.95 32.08 3.96
N ILE H 531 -32.76 31.56 3.63
CA ILE H 531 -32.63 30.62 2.55
C ILE H 531 -32.66 29.20 3.10
N GLY H 532 -31.69 28.88 3.96
CA GLY H 532 -31.65 27.58 4.57
C GLY H 532 -30.38 27.36 5.37
N PRO H 533 -30.22 26.15 5.91
CA PRO H 533 -29.13 25.89 6.85
C PRO H 533 -27.78 25.93 6.16
N LYS H 534 -26.73 26.02 6.97
CA LYS H 534 -25.39 25.79 6.45
C LYS H 534 -25.24 24.31 6.13
N LEU H 535 -24.72 24.02 4.93
CA LEU H 535 -24.48 22.64 4.52
C LEU H 535 -23.00 22.29 4.47
N TYR H 536 -22.19 23.15 3.86
CA TYR H 536 -20.75 22.94 3.77
C TYR H 536 -20.04 24.23 4.12
N GLU H 537 -18.76 24.09 4.48
CA GLU H 537 -17.90 25.22 4.81
C GLU H 537 -16.56 25.04 4.13
N ALA H 538 -15.87 26.14 3.91
CA ALA H 538 -14.56 26.13 3.26
C ALA H 538 -13.51 25.42 4.11
N ASN H 539 -12.50 24.86 3.44
CA ASN H 539 -11.42 24.16 4.12
C ASN H 539 -10.14 24.18 3.30
N TRP H 540 -9.33 25.22 3.50
CA TRP H 540 -8.06 25.37 2.78
C TRP H 540 -7.11 24.20 3.04
N MET H 541 -6.93 23.87 4.32
CA MET H 541 -6.04 22.78 4.70
C MET H 541 -6.38 21.49 3.96
N GLU H 542 -7.59 21.43 3.41
CA GLU H 542 -8.04 20.27 2.67
C GLU H 542 -7.92 20.42 1.16
N LEU H 543 -7.66 21.64 0.68
CA LEU H 543 -7.59 21.90 -0.76
C LEU H 543 -6.24 22.46 -1.21
N SER H 544 -5.21 22.27 -0.39
CA SER H 544 -3.87 22.77 -0.73
C SER H 544 -2.79 21.94 -0.07
N GLN H 545 -2.92 20.62 -0.16
CA GLN H 545 -1.94 19.71 0.43
C GLN H 545 -2.03 18.33 -0.20
N LYS H 546 -2.77 18.24 -1.31
CA LYS H 546 -2.93 16.98 -2.02
C LYS H 546 -2.57 17.12 -3.50
N GLY H 547 -3.50 17.65 -4.29
CA GLY H 547 -3.27 17.84 -5.71
C GLY H 547 -3.83 19.16 -6.21
N HIS H 548 -4.77 19.72 -5.47
CA HIS H 548 -5.38 20.99 -5.84
C HIS H 548 -4.42 22.14 -5.60
N ILE H 549 -4.16 22.43 -4.33
CA ILE H 549 -3.24 23.51 -3.96
C ILE H 549 -2.18 23.00 -2.99
N ALA H 550 -1.56 21.88 -3.35
CA ALA H 550 -0.53 21.26 -2.50
C ALA H 550 0.79 22.04 -2.50
N ASN H 551 1.66 21.70 -1.54
CA ASN H 551 2.96 22.33 -1.40
C ASN H 551 2.88 23.85 -1.39
N VAL H 552 2.25 24.40 -0.37
CA VAL H 552 2.10 25.85 -0.23
C VAL H 552 3.02 26.38 0.87
N GLN H 553 3.93 27.27 0.49
CA GLN H 553 4.87 27.84 1.44
C GLN H 553 4.95 29.36 1.31
N CYS H 554 4.88 30.05 2.46
CA CYS H 554 4.94 31.50 2.49
C CYS H 554 6.33 31.97 2.91
N ALA H 555 6.61 33.26 2.70
CA ALA H 555 7.90 33.83 3.06
C ALA H 555 7.83 35.35 3.23
N GLU H 556 8.73 35.89 4.04
CA GLU H 556 8.79 37.33 4.29
C GLU H 556 10.26 37.74 4.33
N VAL H 557 10.80 38.09 3.17
CA VAL H 557 12.18 38.54 3.10
C VAL H 557 12.31 39.91 3.75
N TRP H 558 13.37 40.10 4.53
CA TRP H 558 13.65 41.37 5.19
C TRP H 558 14.67 42.11 4.34
N CYS H 559 14.19 42.91 3.39
CA CYS H 559 15.08 43.61 2.47
C CYS H 559 16.02 44.50 3.26
N PRO H 560 17.33 44.39 3.04
CA PRO H 560 18.30 45.08 3.91
C PRO H 560 18.02 46.56 4.00
N MET H 561 17.92 47.06 5.23
CA MET H 561 17.64 48.47 5.44
C MET H 561 18.81 49.31 4.96
N THR H 562 18.49 50.53 4.57
CA THR H 562 19.51 51.52 4.32
C THR H 562 19.03 52.83 4.94
N ALA H 563 20.00 53.61 5.42
CA ALA H 563 19.70 54.70 6.32
C ALA H 563 18.77 55.71 5.70
N GLU H 564 18.66 55.77 4.37
CA GLU H 564 17.71 56.71 3.76
C GLU H 564 16.27 56.38 4.14
N PHE H 565 15.91 55.09 4.12
CA PHE H 565 14.60 54.70 4.63
C PHE H 565 14.44 55.16 6.07
N TYR H 566 15.54 55.15 6.83
CA TYR H 566 15.46 55.48 8.23
C TYR H 566 15.35 56.97 8.46
N GLN H 567 15.87 57.78 7.55
CA GLN H 567 15.66 59.21 7.66
C GLN H 567 14.29 59.59 7.13
N GLU H 568 13.72 58.77 6.24
CA GLU H 568 12.33 58.93 5.86
C GLU H 568 11.41 58.62 7.03
N TYR H 569 11.67 57.49 7.68
CA TYR H 569 11.09 57.19 8.99
C TYR H 569 11.29 58.38 9.91
N LEU H 570 12.48 58.97 9.84
CA LEU H 570 12.82 60.14 10.64
C LEU H 570 12.12 61.38 10.12
N ARG H 571 12.09 61.56 8.80
CA ARG H 571 11.49 62.77 8.24
C ARG H 571 9.99 62.82 8.56
N GLU H 572 9.27 61.73 8.34
CA GLU H 572 7.86 61.77 8.55
C GLU H 572 7.34 60.53 9.19
N THR H 573 6.16 60.68 9.76
CA THR H 573 5.40 59.59 10.33
C THR H 573 4.16 59.28 9.50
N ALA H 574 4.10 59.77 8.26
CA ALA H 574 2.93 59.63 7.41
C ALA H 574 3.03 58.41 6.52
N ARG H 575 1.86 57.83 6.21
CA ARG H 575 1.80 56.67 5.33
C ARG H 575 2.46 56.93 4.00
N LYS H 576 2.65 58.19 3.63
CA LYS H 576 3.49 58.52 2.49
C LYS H 576 4.77 57.70 2.51
N ARG H 577 5.24 57.34 3.70
CA ARG H 577 6.40 56.46 3.88
C ARG H 577 6.19 55.07 3.34
N MET H 578 4.96 54.70 2.99
CA MET H 578 4.65 53.33 2.57
C MET H 578 5.56 52.88 1.43
N LEU H 579 5.43 53.51 0.27
CA LEU H 579 6.32 53.15 -0.84
C LEU H 579 7.75 53.56 -0.53
N LEU H 580 7.92 54.56 0.34
CA LEU H 580 9.26 55.01 0.70
C LEU H 580 10.08 53.90 1.33
N TYR H 581 9.44 52.93 1.95
CA TYR H 581 10.12 51.71 2.30
C TYR H 581 9.91 50.61 1.26
N ILE H 582 8.79 50.62 0.55
CA ILE H 582 8.53 49.59 -0.46
C ILE H 582 9.54 49.68 -1.61
N MET H 583 10.01 50.89 -1.91
CA MET H 583 10.80 51.16 -3.10
C MET H 583 12.14 50.43 -3.13
N ASN H 584 12.56 49.82 -2.02
CA ASN H 584 13.90 49.28 -1.81
C ASN H 584 14.46 48.57 -3.05
N PRO H 585 15.58 49.05 -3.59
CA PRO H 585 16.19 48.33 -4.72
C PRO H 585 16.68 46.95 -4.35
N THR H 586 17.09 46.73 -3.10
CA THR H 586 17.42 45.39 -2.65
C THR H 586 16.20 44.48 -2.71
N LYS H 587 15.01 45.05 -2.52
CA LYS H 587 13.80 44.28 -2.78
C LYS H 587 13.71 43.86 -4.24
N PHE H 588 14.02 44.78 -5.15
CA PHE H 588 14.04 44.43 -6.57
C PHE H 588 15.08 43.35 -6.84
N GLN H 589 16.19 43.40 -6.11
CA GLN H 589 17.23 42.41 -6.32
C GLN H 589 16.83 41.03 -5.80
N ALA H 590 16.20 40.99 -4.63
CA ALA H 590 15.67 39.73 -4.13
C ALA H 590 14.66 39.16 -5.11
N CYS H 591 13.69 39.97 -5.54
CA CYS H 591 12.70 39.51 -6.50
C CYS H 591 13.33 39.10 -7.81
N GLN H 592 14.41 39.78 -8.22
CA GLN H 592 15.07 39.45 -9.47
C GLN H 592 15.80 38.12 -9.37
N PHE H 593 16.39 37.83 -8.20
CA PHE H 593 16.91 36.49 -8.00
C PHE H 593 15.79 35.46 -8.05
N LEU H 594 14.64 35.80 -7.46
CA LEU H 594 13.51 34.88 -7.54
C LEU H 594 13.09 34.67 -8.99
N ILE H 595 13.16 35.72 -9.80
CA ILE H 595 12.75 35.62 -11.20
C ILE H 595 13.74 34.76 -11.98
N GLN H 596 15.04 35.06 -11.87
CA GLN H 596 16.05 34.23 -12.50
C GLN H 596 15.98 32.81 -11.97
N TYR H 597 15.55 32.65 -10.73
CA TYR H 597 15.48 31.34 -10.11
C TYR H 597 14.33 30.51 -10.67
N HIS H 598 13.16 31.12 -10.79
CA HIS H 598 11.98 30.39 -11.22
C HIS H 598 11.94 30.24 -12.73
N GLU H 599 12.52 31.18 -13.48
CA GLU H 599 12.91 30.87 -14.85
C GLU H 599 13.88 29.69 -14.86
N ARG H 600 14.85 29.71 -13.95
CA ARG H 600 15.74 28.57 -13.81
C ARG H 600 15.00 27.33 -13.31
N ARG H 601 14.04 27.50 -12.41
CA ARG H 601 13.24 26.38 -11.93
C ARG H 601 12.08 26.05 -12.85
N GLY H 602 11.84 26.85 -13.89
CA GLY H 602 10.62 26.68 -14.64
C GLY H 602 9.37 27.04 -13.87
N ASP H 603 9.51 27.66 -12.71
CA ASP H 603 8.35 28.01 -11.91
C ASP H 603 7.67 29.25 -12.47
N LYS H 604 6.48 29.51 -11.94
CA LYS H 604 5.67 30.66 -12.33
C LYS H 604 5.69 31.69 -11.20
N ILE H 605 5.84 32.96 -11.56
CA ILE H 605 6.07 34.02 -10.58
C ILE H 605 4.90 34.98 -10.61
N ILE H 606 4.25 35.15 -9.46
CA ILE H 606 3.22 36.16 -9.25
C ILE H 606 3.82 37.26 -8.39
N VAL H 607 3.63 38.51 -8.81
CA VAL H 607 4.08 39.67 -8.04
C VAL H 607 2.87 40.56 -7.79
N PHE H 608 2.58 40.84 -6.53
CA PHE H 608 1.54 41.78 -6.15
C PHE H 608 2.16 43.10 -5.76
N SER H 609 1.60 44.20 -6.26
CA SER H 609 2.10 45.53 -5.94
C SER H 609 0.97 46.52 -6.19
N ASP H 610 0.45 47.15 -5.12
CA ASP H 610 -0.61 48.13 -5.30
C ASP H 610 -0.09 49.44 -5.86
N ASN H 611 1.21 49.69 -5.76
CA ASN H 611 1.78 50.91 -6.31
C ASN H 611 1.71 50.90 -7.83
N VAL H 612 1.93 52.07 -8.41
CA VAL H 612 2.00 52.23 -9.85
C VAL H 612 3.43 52.61 -10.28
N TYR H 613 3.99 53.64 -9.64
CA TYR H 613 5.23 54.22 -10.16
C TYR H 613 6.40 53.29 -10.00
N ALA H 614 6.76 52.99 -8.74
CA ALA H 614 7.91 52.15 -8.51
C ALA H 614 7.72 50.78 -9.14
N LEU H 615 6.46 50.33 -9.25
CA LEU H 615 6.19 49.09 -9.94
C LEU H 615 6.59 49.16 -11.41
N GLN H 616 6.20 50.23 -12.09
CA GLN H 616 6.59 50.34 -13.50
C GLN H 616 8.08 50.61 -13.64
N GLU H 617 8.70 51.23 -12.64
CA GLU H 617 10.14 51.38 -12.66
C GLU H 617 10.83 50.01 -12.61
N TYR H 618 10.36 49.15 -11.70
CA TYR H 618 10.89 47.79 -11.64
C TYR H 618 10.55 47.01 -12.89
N ALA H 619 9.33 47.19 -13.41
CA ALA H 619 8.90 46.48 -14.61
C ALA H 619 9.75 46.86 -15.81
N LEU H 620 10.13 48.13 -15.89
CA LEU H 620 11.18 48.52 -16.82
C LEU H 620 12.51 47.95 -16.40
N LYS H 621 12.80 47.97 -15.09
CA LYS H 621 14.07 47.43 -14.59
C LYS H 621 14.23 45.95 -14.93
N MET H 622 13.13 45.19 -14.87
CA MET H 622 13.18 43.80 -15.33
C MET H 622 12.93 43.69 -16.82
N GLY H 623 11.89 44.37 -17.31
CA GLY H 623 11.65 44.46 -18.75
C GLY H 623 11.22 43.20 -19.47
N LYS H 624 10.36 42.38 -18.87
CA LYS H 624 9.63 41.36 -19.61
C LYS H 624 8.24 41.87 -19.90
N PRO H 625 7.50 41.26 -20.83
CA PRO H 625 6.07 41.57 -20.91
C PRO H 625 5.45 41.41 -19.54
N PHE H 626 5.08 42.54 -18.96
CA PHE H 626 4.75 42.62 -17.55
C PHE H 626 3.36 43.19 -17.40
N ILE H 627 2.79 43.02 -16.22
CA ILE H 627 1.43 43.43 -15.93
C ILE H 627 1.45 44.62 -14.99
N TYR H 628 0.57 45.60 -15.25
CA TYR H 628 0.47 46.81 -14.45
C TYR H 628 -1.01 47.18 -14.36
N GLY H 629 -1.31 48.30 -13.71
CA GLY H 629 -2.66 48.79 -13.62
C GLY H 629 -3.10 49.46 -14.91
N SER H 630 -4.27 50.09 -14.87
CA SER H 630 -4.70 51.03 -15.91
C SER H 630 -4.74 50.41 -17.30
N THR H 631 -4.79 49.11 -17.39
CA THR H 631 -4.51 48.50 -18.67
C THR H 631 -5.80 48.32 -19.47
N PRO H 632 -5.79 48.56 -20.78
CA PRO H 632 -6.57 47.71 -21.69
C PRO H 632 -5.89 46.36 -21.83
N GLN H 633 -6.65 45.31 -22.13
CA GLN H 633 -6.35 44.01 -21.54
C GLN H 633 -6.06 42.84 -22.46
N GLN H 634 -6.23 42.95 -23.78
CA GLN H 634 -5.87 41.81 -24.63
C GLN H 634 -4.39 41.48 -24.50
N GLU H 635 -3.56 42.46 -24.17
CA GLU H 635 -2.18 42.17 -23.81
C GLU H 635 -2.09 41.48 -22.46
N ARG H 636 -3.05 41.71 -21.56
CA ARG H 636 -3.06 40.90 -20.34
C ARG H 636 -3.42 39.46 -20.64
N MET H 637 -4.27 39.23 -21.64
CA MET H 637 -4.45 37.87 -22.15
C MET H 637 -3.14 37.34 -22.70
N ASN H 638 -2.42 38.17 -23.45
CA ASN H 638 -1.12 37.78 -24.00
C ASN H 638 -0.17 37.35 -22.89
N ILE H 639 -0.10 38.12 -21.80
CA ILE H 639 0.83 37.82 -20.72
C ILE H 639 0.29 36.72 -19.80
N LEU H 640 -1.02 36.46 -19.80
CA LEU H 640 -1.55 35.31 -19.07
C LEU H 640 -1.16 34.01 -19.77
N GLN H 641 -1.44 33.90 -21.06
CA GLN H 641 -0.99 32.74 -21.80
C GLN H 641 0.53 32.69 -21.76
N ASN H 642 1.22 33.64 -22.39
CA ASN H 642 2.68 33.68 -22.41
C ASN H 642 3.27 33.66 -21.01
N PHE H 643 2.41 33.71 -19.99
CA PHE H 643 2.76 33.35 -18.62
C PHE H 643 2.45 31.88 -18.35
N GLN H 644 1.25 31.43 -18.70
CA GLN H 644 0.94 30.01 -18.66
C GLN H 644 1.40 29.29 -19.92
N TYR H 645 2.06 29.99 -20.85
CA TYR H 645 2.46 29.42 -22.12
C TYR H 645 3.88 29.73 -22.57
N ASN H 646 4.58 30.70 -21.96
CA ASN H 646 5.92 31.09 -22.42
C ASN H 646 6.88 31.24 -21.24
N ASP H 647 8.12 30.78 -21.42
CA ASP H 647 9.14 30.80 -20.38
C ASP H 647 10.12 31.95 -20.52
N GLN H 648 10.24 32.52 -21.71
CA GLN H 648 11.08 33.69 -21.87
C GLN H 648 10.57 34.83 -21.01
N ILE H 649 9.27 35.03 -21.01
CA ILE H 649 8.60 35.97 -20.13
C ILE H 649 8.13 35.20 -18.91
N ASN H 650 8.75 35.42 -17.77
CA ASN H 650 8.35 34.74 -16.54
C ASN H 650 8.27 35.70 -15.38
N THR H 651 7.62 36.84 -15.58
CA THR H 651 7.31 37.70 -14.44
C THR H 651 6.14 38.61 -14.80
N ILE H 652 5.10 38.56 -13.96
CA ILE H 652 3.94 39.43 -14.07
C ILE H 652 3.76 40.12 -12.74
N PHE H 653 3.35 41.39 -12.79
CA PHE H 653 3.11 42.18 -11.59
C PHE H 653 1.62 42.43 -11.46
N LEU H 654 1.03 41.95 -10.37
CA LEU H 654 -0.41 42.01 -10.20
C LEU H 654 -0.78 43.27 -9.43
N SER H 655 -1.53 44.15 -10.08
CA SER H 655 -1.99 45.35 -9.42
C SER H 655 -3.21 45.03 -8.54
N LYS H 656 -3.57 45.99 -7.68
CA LYS H 656 -4.80 45.86 -6.94
C LYS H 656 -6.01 45.86 -7.87
N VAL H 657 -5.82 46.27 -9.13
CA VAL H 657 -6.83 46.08 -10.16
C VAL H 657 -7.17 44.61 -10.34
N GLY H 658 -6.30 43.71 -9.86
CA GLY H 658 -6.62 42.29 -9.93
C GLY H 658 -7.88 41.96 -9.14
N ASP H 659 -8.00 42.52 -7.94
CA ASP H 659 -9.18 42.35 -7.10
C ASP H 659 -10.08 43.57 -7.28
N THR H 660 -11.35 43.36 -7.65
CA THR H 660 -11.99 42.07 -7.93
C THR H 660 -12.90 42.24 -9.16
N SER H 661 -13.20 41.18 -9.90
CA SER H 661 -12.61 39.86 -9.74
C SER H 661 -11.94 39.52 -11.05
N ILE H 662 -10.95 38.64 -11.02
CA ILE H 662 -10.34 38.18 -12.24
C ILE H 662 -10.27 36.67 -12.22
N ASP H 663 -9.84 36.09 -13.33
CA ASP H 663 -9.57 34.66 -13.40
C ASP H 663 -8.22 34.44 -12.72
N LEU H 664 -8.26 34.36 -11.41
CA LEU H 664 -7.09 34.58 -10.62
C LEU H 664 -5.98 33.62 -11.00
N PRO H 665 -4.78 34.10 -11.27
CA PRO H 665 -3.70 33.20 -11.63
C PRO H 665 -3.42 32.22 -10.49
N GLU H 666 -3.09 31.00 -10.86
CA GLU H 666 -2.55 30.07 -9.90
C GLU H 666 -1.15 30.51 -9.50
N ALA H 667 -0.71 30.08 -8.33
CA ALA H 667 0.54 30.57 -7.75
C ALA H 667 1.58 29.46 -7.72
N THR H 668 2.71 29.71 -8.38
CA THR H 668 3.94 28.95 -8.17
C THR H 668 4.99 29.76 -7.42
N CYS H 669 4.94 31.08 -7.54
CA CYS H 669 5.81 31.98 -6.79
C CYS H 669 5.08 33.31 -6.64
N LEU H 670 4.44 33.53 -5.50
CA LEU H 670 3.68 34.75 -5.24
C LEU H 670 4.56 35.73 -4.49
N ILE H 671 4.73 36.92 -5.06
CA ILE H 671 5.42 38.04 -4.42
C ILE H 671 4.38 39.09 -4.09
N GLN H 672 4.33 39.51 -2.83
CA GLN H 672 3.44 40.57 -2.40
C GLN H 672 4.28 41.73 -1.87
N ILE H 673 4.03 42.93 -2.40
CA ILE H 673 4.79 44.12 -2.03
C ILE H 673 3.95 45.04 -1.16
N SER H 674 2.81 45.51 -1.67
CA SER H 674 1.91 46.32 -0.88
C SER H 674 1.33 45.48 0.26
N SER H 675 1.39 46.05 1.47
CA SER H 675 1.10 45.34 2.68
C SER H 675 0.05 45.91 3.57
N HIS H 676 -0.62 46.97 3.15
CA HIS H 676 -1.77 47.42 3.91
C HIS H 676 -2.99 46.58 3.57
N TYR H 677 -3.44 46.66 2.31
CA TYR H 677 -4.52 45.86 1.76
C TYR H 677 -5.64 45.63 2.76
N GLY H 678 -6.01 46.66 3.52
CA GLY H 678 -7.06 46.53 4.50
C GLY H 678 -8.35 46.16 3.84
N SER H 679 -9.02 45.09 4.27
CA SER H 679 -8.76 44.50 5.59
C SER H 679 -7.97 43.18 5.61
N ARG H 680 -7.87 42.61 6.82
CA ARG H 680 -7.24 41.31 7.00
C ARG H 680 -7.95 40.24 6.17
N ARG H 681 -9.28 40.26 6.20
CA ARG H 681 -10.03 39.34 5.37
C ARG H 681 -9.94 39.70 3.89
N GLN H 682 -9.69 40.96 3.58
CA GLN H 682 -9.39 41.32 2.20
C GLN H 682 -8.17 40.57 1.72
N GLU H 683 -7.09 40.62 2.51
CA GLU H 683 -5.92 39.79 2.23
C GLU H 683 -6.31 38.34 2.17
N ALA H 684 -7.23 37.92 3.02
CA ALA H 684 -7.64 36.51 3.05
C ALA H 684 -8.20 36.10 1.70
N GLN H 685 -9.22 36.80 1.23
CA GLN H 685 -9.80 36.50 -0.06
C GLN H 685 -8.76 36.64 -1.17
N ARG H 686 -7.91 37.67 -1.05
CA ARG H 686 -6.86 37.88 -2.02
C ARG H 686 -5.98 36.65 -2.17
N LEU H 687 -5.56 36.06 -1.06
CA LEU H 687 -4.66 34.91 -1.11
C LEU H 687 -5.40 33.64 -1.52
N GLY H 688 -6.57 33.40 -0.93
CA GLY H 688 -7.38 32.27 -1.34
C GLY H 688 -7.81 32.32 -2.77
N ARG H 689 -7.60 33.46 -3.42
CA ARG H 689 -7.77 33.62 -4.84
C ARG H 689 -6.45 33.49 -5.61
N ILE H 690 -5.36 34.07 -5.10
CA ILE H 690 -4.08 34.10 -5.82
C ILE H 690 -3.46 32.70 -5.87
N LEU H 691 -3.51 31.96 -4.77
CA LEU H 691 -3.01 30.59 -4.76
C LEU H 691 -4.05 29.65 -5.39
N ARG H 692 -4.40 29.96 -6.64
CA ARG H 692 -5.42 29.21 -7.34
C ARG H 692 -4.93 27.78 -7.59
N ALA H 693 -5.88 26.90 -7.89
CA ALA H 693 -5.58 25.47 -7.96
C ALA H 693 -4.46 25.22 -8.93
N LYS H 694 -3.24 24.93 -8.48
CA LYS H 694 -2.05 24.91 -9.32
C LYS H 694 -1.56 23.47 -9.49
N ARG H 695 -1.57 22.97 -10.73
CA ARG H 695 -1.14 21.59 -11.00
C ARG H 695 0.29 21.57 -11.54
N ARG H 696 1.23 21.86 -10.65
CA ARG H 696 2.64 21.60 -10.88
C ARG H 696 3.22 21.07 -9.59
N ASN H 697 3.89 19.92 -9.66
CA ASN H 697 4.41 19.26 -8.47
C ASN H 697 5.91 19.03 -8.53
N ASP H 698 6.60 19.69 -9.47
CA ASP H 698 8.03 19.41 -9.65
C ASP H 698 8.85 19.80 -8.42
N GLU H 699 8.48 20.91 -7.77
CA GLU H 699 9.21 21.39 -6.60
C GLU H 699 8.66 20.73 -5.33
N GLY H 700 9.55 20.49 -4.37
CA GLY H 700 9.11 19.97 -3.09
C GLY H 700 8.11 20.88 -2.41
N PHE H 701 8.16 22.18 -2.72
CA PHE H 701 7.19 23.16 -2.25
C PHE H 701 6.78 24.00 -3.46
N ASN H 702 5.79 23.49 -4.22
CA ASN H 702 5.44 24.06 -5.53
C ASN H 702 4.93 25.48 -5.47
N ALA H 703 4.46 25.95 -4.32
CA ALA H 703 3.82 27.26 -4.24
C ALA H 703 4.55 28.11 -3.21
N PHE H 704 5.34 29.08 -3.70
CA PHE H 704 6.10 29.98 -2.86
C PHE H 704 5.34 31.30 -2.72
N PHE H 705 5.05 31.69 -1.49
CA PHE H 705 4.50 33.01 -1.20
C PHE H 705 5.63 33.90 -0.68
N TYR H 706 5.79 35.07 -1.27
CA TYR H 706 6.84 36.00 -0.90
C TYR H 706 6.24 37.32 -0.48
N SER H 707 6.82 37.91 0.57
CA SER H 707 6.42 39.22 1.08
C SER H 707 7.68 40.05 1.24
N LEU H 708 8.10 40.71 0.16
CA LEU H 708 9.30 41.54 0.18
C LEU H 708 8.99 42.79 1.00
N VAL H 709 9.49 42.81 2.25
CA VAL H 709 9.31 43.95 3.14
C VAL H 709 10.69 44.45 3.54
N SER H 710 10.95 45.73 3.30
CA SER H 710 12.24 46.32 3.66
C SER H 710 12.45 46.22 5.15
N LYS H 711 13.57 45.64 5.58
CA LYS H 711 13.80 45.43 7.00
C LYS H 711 14.08 46.75 7.72
N ASP H 712 13.89 46.74 9.03
CA ASP H 712 14.11 47.92 9.88
C ASP H 712 13.28 49.10 9.39
N THR H 713 11.97 48.90 9.33
CA THR H 713 11.10 49.88 8.69
C THR H 713 9.80 50.02 9.45
N GLN H 714 8.92 50.84 8.89
CA GLN H 714 7.58 51.03 9.42
C GLN H 714 6.76 49.74 9.34
N GLU H 715 6.88 49.03 8.22
CA GLU H 715 6.05 47.88 7.93
C GLU H 715 6.56 46.59 8.57
N MET H 716 7.52 46.66 9.49
CA MET H 716 7.94 45.47 10.19
C MET H 716 6.79 44.86 10.98
N TYR H 717 6.04 45.71 11.69
CA TYR H 717 4.88 45.25 12.43
C TYR H 717 3.84 44.64 11.51
N TYR H 718 3.60 45.27 10.35
CA TYR H 718 2.60 44.77 9.43
C TYR H 718 3.02 43.44 8.81
N SER H 719 4.30 43.27 8.49
CA SER H 719 4.77 41.99 7.98
C SER H 719 4.69 40.90 9.05
N THR H 720 4.99 41.24 10.30
CA THR H 720 4.82 40.27 11.38
C THR H 720 3.37 39.87 11.53
N LYS H 721 2.46 40.84 11.50
CA LYS H 721 1.02 40.54 11.51
C LYS H 721 0.63 39.70 10.31
N ARG H 722 1.26 39.97 9.17
CA ARG H 722 0.97 39.23 7.95
C ARG H 722 1.31 37.75 8.12
N GLN H 723 2.51 37.46 8.62
CA GLN H 723 2.87 36.06 8.83
C GLN H 723 2.06 35.44 9.96
N ALA H 724 1.67 36.25 10.95
CA ALA H 724 0.81 35.74 12.01
C ALA H 724 -0.51 35.24 11.44
N PHE H 725 -1.18 36.08 10.65
CA PHE H 725 -2.44 35.66 10.03
C PHE H 725 -2.20 34.53 9.02
N LEU H 726 -1.07 34.56 8.32
CA LEU H 726 -0.69 33.46 7.44
C LEU H 726 -0.80 32.13 8.16
N VAL H 727 -0.01 31.98 9.23
CA VAL H 727 -0.01 30.72 9.97
C VAL H 727 -1.27 30.54 10.80
N ASP H 728 -2.07 31.60 10.95
CA ASP H 728 -3.40 31.45 11.54
C ASP H 728 -4.28 30.52 10.74
N GLN H 729 -3.97 30.30 9.46
CA GLN H 729 -4.89 29.62 8.56
C GLN H 729 -4.24 28.53 7.73
N GLY H 730 -3.00 28.12 8.03
CA GLY H 730 -2.53 26.81 7.64
C GLY H 730 -1.25 26.66 6.83
N TYR H 731 -0.98 27.57 5.90
CA TYR H 731 0.08 27.33 4.93
C TYR H 731 1.46 27.45 5.55
N ALA H 732 2.38 26.63 5.06
CA ALA H 732 3.75 26.64 5.56
C ALA H 732 4.39 28.01 5.33
N PHE H 733 5.16 28.45 6.32
CA PHE H 733 5.80 29.76 6.27
C PHE H 733 7.27 29.64 6.67
N LYS H 734 8.10 30.52 6.10
CA LYS H 734 9.53 30.55 6.39
C LYS H 734 10.06 31.94 6.01
N VAL H 735 11.36 32.13 6.23
CA VAL H 735 12.08 33.31 5.74
C VAL H 735 13.50 32.87 5.39
N ILE H 736 13.93 33.15 4.16
CA ILE H 736 15.33 33.00 3.77
C ILE H 736 15.83 34.40 3.44
N THR H 737 16.40 35.07 4.44
CA THR H 737 16.99 36.38 4.24
C THR H 737 18.43 36.29 3.77
N HIS H 738 18.93 35.07 3.56
CA HIS H 738 20.30 34.85 3.10
C HIS H 738 20.23 34.54 1.61
N LEU H 739 20.24 35.59 0.80
CA LEU H 739 20.17 35.43 -0.65
C LEU H 739 21.48 34.91 -1.19
N HIS H 740 21.42 33.84 -1.96
CA HIS H 740 22.61 33.25 -2.59
C HIS H 740 23.10 34.19 -3.68
N GLY H 741 24.17 34.92 -3.39
CA GLY H 741 24.65 35.93 -4.32
C GLY H 741 23.67 37.05 -4.50
N MET H 742 23.17 37.59 -3.38
CA MET H 742 22.23 38.70 -3.41
C MET H 742 22.71 39.82 -4.33
N GLU H 743 24.02 40.03 -4.38
CA GLU H 743 24.60 41.00 -5.29
C GLU H 743 25.22 40.37 -6.53
N ASN H 744 25.34 39.04 -6.56
CA ASN H 744 25.71 38.37 -7.78
C ASN H 744 24.58 38.39 -8.80
N ILE H 745 23.38 38.79 -8.40
CA ILE H 745 22.26 38.90 -9.34
C ILE H 745 22.58 39.98 -10.36
N PRO H 746 22.20 39.82 -11.62
CA PRO H 746 22.44 40.86 -12.62
C PRO H 746 21.46 42.00 -12.41
N ASN H 747 21.66 43.07 -13.18
CA ASN H 747 20.80 44.25 -13.10
C ASN H 747 20.68 44.72 -11.65
N LEU H 748 21.84 44.98 -11.05
CA LEU H 748 21.89 45.47 -9.68
C LEU H 748 21.49 46.94 -9.65
N ALA H 749 20.27 47.22 -10.12
CA ALA H 749 19.87 48.60 -10.34
C ALA H 749 19.59 49.29 -9.01
N TYR H 750 20.21 50.46 -8.83
CA TYR H 750 20.03 51.30 -7.65
C TYR H 750 20.49 50.62 -6.36
N ALA H 751 21.39 49.64 -6.48
CA ALA H 751 21.97 49.01 -5.30
C ALA H 751 22.69 50.02 -4.43
N SER H 752 23.24 51.06 -5.04
CA SER H 752 23.94 52.06 -4.28
C SER H 752 22.99 52.77 -3.32
N PRO H 753 23.38 52.95 -2.05
CA PRO H 753 22.52 53.67 -1.12
C PRO H 753 22.24 55.04 -1.64
N ARG H 754 23.16 55.49 -2.35
CA ARG H 754 22.94 56.58 -2.93
C ARG H 754 21.79 56.41 -4.13
N GLU H 755 21.85 55.39 -4.95
CA GLU H 755 20.87 55.37 -5.95
C GLU H 755 19.54 55.05 -5.31
N ARG H 756 19.61 54.34 -4.20
CA ARG H 756 18.45 54.15 -3.35
C ARG H 756 17.88 55.48 -2.93
N ARG H 757 18.75 56.45 -2.64
CA ARG H 757 18.28 57.78 -2.24
C ARG H 757 17.57 58.48 -3.37
N GLU H 758 18.12 58.39 -4.58
CA GLU H 758 17.43 59.00 -5.73
C GLU H 758 16.08 58.33 -5.96
N LEU H 759 16.04 57.01 -5.79
CA LEU H 759 14.78 56.28 -5.92
C LEU H 759 13.76 56.78 -4.91
N LEU H 760 14.21 57.03 -3.68
CA LEU H 760 13.28 57.55 -2.67
C LEU H 760 12.86 58.97 -2.99
N GLN H 761 13.76 59.77 -3.54
CA GLN H 761 13.34 61.09 -4.01
C GLN H 761 12.16 60.95 -4.97
N GLU H 762 12.33 60.08 -5.97
CA GLU H 762 11.28 59.91 -6.95
C GLU H 762 10.01 59.36 -6.34
N VAL H 763 10.14 58.50 -5.34
CA VAL H 763 8.92 57.99 -4.72
C VAL H 763 8.27 59.05 -3.84
N LEU H 764 9.06 59.94 -3.24
CA LEU H 764 8.49 61.14 -2.65
C LEU H 764 7.71 61.92 -3.68
N LEU H 765 8.23 61.97 -4.90
CA LEU H 765 7.53 62.56 -6.02
C LEU H 765 6.44 61.65 -6.58
N LYS H 766 6.28 60.46 -6.01
CA LYS H 766 5.25 59.53 -6.46
C LYS H 766 4.64 58.76 -5.31
#